data_7NUP
#
_entry.id   7NUP
#
_cell.length_a   74.273
_cell.length_b   127.186
_cell.length_c   133.412
_cell.angle_alpha   90.920
_cell.angle_beta   90.080
_cell.angle_gamma   90.870
#
_symmetry.space_group_name_H-M   'P 1'
#
loop_
_entity.id
_entity.type
_entity.pdbx_description
1 polymer 'Endoplasmic reticulum aminopeptidase 2'
2 branched alpha-D-mannopyranose-(1-3)-beta-D-mannopyranose-(1-4)-2-acetamido-2-deoxy-beta-D-glucopyranose-(1-4)-2-acetamido-2-deoxy-beta-D-glucopyranose
3 branched 2-acetamido-2-deoxy-beta-D-glucopyranose-(1-4)-2-acetamido-2-deoxy-beta-D-glucopyranose
4 branched beta-D-mannopyranose-(1-4)-2-acetamido-2-deoxy-beta-D-glucopyranose-(1-4)-2-acetamido-2-deoxy-beta-D-glucopyranose
5 branched alpha-D-mannopyranose-(1-3)-[alpha-D-mannopyranose-(1-6)]beta-D-mannopyranose-(1-4)-2-acetamido-2-deoxy-beta-D-glucopyranose-(1-4)-2-acetamido-2-deoxy-beta-D-glucopyranose
6 non-polymer 'ZINC ION'
7 non-polymer 2-acetamido-2-deoxy-beta-D-glucopyranose
8 non-polymer (3~{S})-4-(4-hydroxyphenyl)-~{N}-oxidanyl-3-[5-[[(5-phenylthiophen-2-yl)sulfonylamino]methyl]-1,2,3-triazol-1-yl]butanamide
9 non-polymer 'TRIETHYLENE GLYCOL'
10 non-polymer 1,2-ETHANEDIOL
11 non-polymer 'BROMIDE ION'
12 water water
#
_entity_poly.entity_id   1
_entity_poly.type   'polypeptide(L)'
_entity_poly.pdbx_seq_one_letter_code
;MFHSSAMVNSHRKPMFNIHRGFYCLTAILPQICICSQFSVPSSYHFTEDPGAFPVATNGERFPWQELRLPSVVIPLHYDL
FVHPNLTSLDFVASEKIEVLVSNATQFIILHSKDLEITNATLQSEEDSRYMKPGKELKVLSYPAHEQIALLVPEKLTPHL
KYYVAMDFQAKLGDGFEGFYKSTYRTLGGETRILAVTDFEPTQARMAFPCFDEPLFKANFSIKIRRESRHIALSNMPKVK
TIELEGGLLEDHFETTVKMSTYLVAYIVCDFHSLSGFTSSGVKVSIYASPDKRNQTHYALQASLKLLDFYEKYFDIYYPL
SKLDLIAIPDFAPGAMENWGLITYRETSLLFDPKTSSASDKLWVTRVIAHELAHQWFGNLVTMEWWNDIWLNEGFAKYME
LIAVNATYPELQFDDYFLNVCFEVITKDSLNSSRPISKPAETPTQIQEMFDEVSYNKGACILNMLKDFLGEEKFQKGIIQ
YLKKFSYRNAKNDDLWSSLSNSCLESDFTSGGVCHSDPKMTSNMLAFLGENAEVKEMMTTWTLQKGIPLLVVKQDGCSLR
LQQERFLQGVFQEDPEWRALQERYLWHIPLTYSTSSSNVIHRHILKSKTDTLDLPEKTSWVKFNVDSNGYYIVHYEGHGW
DQLITQLNQNHTLLRPKDRVGLIHDVFQLVGAGRLTLDKALDMTYYLQHETSSPALLEGLSYLESFYHMMDRRNISDISE
NLKRYLLQYFKPVIDRQSWSDKGSVWDRMLRSALLKLACDLNHAPCIQKAAELFSQWMESSGKLNIPTDVLKIVYSVGAQ
TTAGWNYLLEQYELSMSSAEQNKILYALSTSKHQEKLLKLIELGMEGKVIKTQNLAALLHAIARRPKGQQLAWDFVRENW
THLLKKFDLGSYDIRMIISGTTAHFSSKDKLQEVKLFFESLEAQGSHLDIFQTVLETITKNIKWLEKNLPTLRTWLMVNT
RHHHHH
;
_entity_poly.pdbx_strand_id   A,B,C,D
#
# COMPACT_ATOMS: atom_id res chain seq x y z
N ASP A 49 50.56 45.71 -26.37
CA ASP A 49 49.26 45.05 -26.54
C ASP A 49 48.59 45.57 -27.85
N PRO A 50 47.40 45.04 -28.24
CA PRO A 50 46.76 45.51 -29.47
C PRO A 50 46.15 46.92 -29.45
N GLY A 51 46.39 47.72 -28.40
CA GLY A 51 45.70 49.00 -28.21
C GLY A 51 44.18 48.87 -28.22
N ALA A 52 43.66 47.66 -28.00
CA ALA A 52 42.29 47.35 -28.38
C ALA A 52 41.28 48.09 -27.52
N PHE A 53 41.44 48.00 -26.21
CA PHE A 53 40.52 48.60 -25.25
C PHE A 53 41.30 49.04 -24.04
N PRO A 54 40.66 49.79 -23.12
CA PRO A 54 39.48 50.64 -23.29
C PRO A 54 39.84 52.09 -22.98
N VAL A 55 38.99 53.06 -23.34
CA VAL A 55 39.39 54.46 -23.33
C VAL A 55 39.08 55.12 -21.98
N ALA A 56 40.09 55.77 -21.40
CA ALA A 56 39.98 56.43 -20.11
C ALA A 56 39.50 57.87 -20.26
N THR A 57 38.84 58.36 -19.21
CA THR A 57 38.70 59.80 -19.12
C THR A 57 40.07 60.41 -19.34
N ASN A 58 40.10 61.37 -20.29
CA ASN A 58 41.27 62.05 -20.88
C ASN A 58 41.60 61.44 -22.25
N GLY A 59 41.13 60.24 -22.54
CA GLY A 59 41.19 59.73 -23.89
C GLY A 59 42.34 58.80 -24.18
N GLU A 60 43.14 58.47 -23.20
CA GLU A 60 44.19 57.48 -23.41
C GLU A 60 43.67 56.12 -23.00
N ARG A 61 44.31 55.08 -23.52
CA ARG A 61 43.89 53.73 -23.19
C ARG A 61 44.24 53.40 -21.76
N PHE A 62 43.42 52.56 -21.15
CA PHE A 62 43.58 52.01 -19.80
C PHE A 62 44.22 50.64 -19.89
N PRO A 63 45.24 50.37 -19.11
CA PRO A 63 45.97 49.13 -19.31
C PRO A 63 45.30 47.97 -18.61
N TRP A 64 44.02 48.09 -18.32
CA TRP A 64 43.33 47.05 -17.56
C TRP A 64 41.88 47.01 -17.97
N GLN A 65 41.32 45.81 -18.06
CA GLN A 65 39.92 45.71 -18.44
C GLN A 65 39.17 44.66 -17.63
N GLU A 66 39.72 44.24 -16.49
CA GLU A 66 39.03 43.35 -15.56
C GLU A 66 38.31 44.16 -14.48
N LEU A 67 37.20 43.62 -14.01
CA LEU A 67 36.45 44.27 -12.94
C LEU A 67 37.12 44.04 -11.59
N ARG A 68 37.64 42.83 -11.39
CA ARG A 68 38.50 42.54 -10.25
C ARG A 68 39.86 43.19 -10.45
N LEU A 69 40.42 43.71 -9.37
CA LEU A 69 41.79 44.21 -9.40
C LEU A 69 42.79 43.10 -9.72
N PRO A 70 43.86 43.42 -10.44
CA PRO A 70 45.00 42.50 -10.53
C PRO A 70 45.65 42.35 -9.17
N SER A 71 46.33 41.22 -8.98
CA SER A 71 46.87 40.86 -7.68
C SER A 71 48.39 40.98 -7.63
N VAL A 72 49.02 41.48 -8.70
CA VAL A 72 50.47 41.57 -8.73
C VAL A 72 51.01 42.65 -7.80
N VAL A 73 50.20 43.63 -7.41
CA VAL A 73 50.61 44.66 -6.46
C VAL A 73 49.73 44.49 -5.23
N ILE A 74 50.36 44.31 -4.07
CA ILE A 74 49.70 43.92 -2.83
C ILE A 74 49.91 45.03 -1.81
N PRO A 75 48.87 45.51 -1.12
CA PRO A 75 49.05 46.58 -0.13
C PRO A 75 49.33 46.08 1.27
N LEU A 76 50.26 46.77 1.91
CA LEU A 76 50.70 46.46 3.27
C LEU A 76 50.20 47.46 4.29
N HIS A 77 50.34 48.75 4.01
CA HIS A 77 50.06 49.74 5.03
C HIS A 77 49.62 51.04 4.35
N TYR A 78 48.36 51.39 4.57
CA TYR A 78 47.80 52.66 4.15
C TYR A 78 48.06 53.73 5.21
N ASP A 79 48.46 54.89 4.74
CA ASP A 79 48.88 55.98 5.58
C ASP A 79 47.95 57.11 5.16
N LEU A 80 46.84 57.23 5.87
CA LEU A 80 45.73 58.06 5.43
C LEU A 80 45.62 59.33 6.30
N PHE A 81 45.31 60.45 5.65
CA PHE A 81 45.15 61.74 6.30
C PHE A 81 43.95 62.43 5.69
N VAL A 82 42.98 62.77 6.53
CA VAL A 82 41.67 63.23 6.11
C VAL A 82 41.41 64.54 6.82
N HIS A 83 41.04 65.57 6.07
CA HIS A 83 40.83 66.92 6.61
C HIS A 83 39.54 67.46 6.05
N PRO A 84 38.41 67.20 6.73
CA PRO A 84 37.10 67.70 6.27
C PRO A 84 36.76 69.04 6.88
N ASN A 85 35.91 69.86 6.25
CA ASN A 85 35.57 71.14 6.88
C ASN A 85 34.22 71.17 7.60
N LEU A 86 33.13 70.81 6.92
CA LEU A 86 31.76 70.70 7.47
C LEU A 86 31.12 72.06 7.52
N THR A 87 31.80 73.09 7.06
CA THR A 87 31.08 74.25 6.57
C THR A 87 31.26 74.45 5.07
N SER A 88 32.44 74.13 4.53
CA SER A 88 32.59 73.84 3.11
C SER A 88 31.76 72.63 2.69
N LEU A 89 31.60 71.65 3.60
CA LEU A 89 31.03 70.33 3.30
C LEU A 89 31.86 69.60 2.25
N ASP A 90 33.15 69.55 2.51
CA ASP A 90 34.07 68.92 1.59
C ASP A 90 35.26 68.43 2.38
N PHE A 91 36.20 67.81 1.67
CA PHE A 91 37.42 67.39 2.31
C PHE A 91 38.58 67.37 1.33
N VAL A 92 39.76 67.68 1.85
CA VAL A 92 41.05 67.41 1.24
C VAL A 92 41.75 66.28 2.01
N ALA A 93 42.69 65.61 1.34
CA ALA A 93 43.25 64.37 1.89
C ALA A 93 44.48 63.92 1.12
N SER A 94 45.25 63.04 1.78
CA SER A 94 46.52 62.49 1.28
C SER A 94 46.64 61.05 1.76
N GLU A 95 47.25 60.19 0.94
CA GLU A 95 47.48 58.79 1.34
C GLU A 95 48.81 58.27 0.84
N LYS A 96 49.50 57.49 1.67
CA LYS A 96 50.75 56.81 1.30
C LYS A 96 50.51 55.32 1.50
N ILE A 97 50.38 54.57 0.41
CA ILE A 97 50.12 53.15 0.48
C ILE A 97 51.45 52.42 0.31
N GLU A 98 51.85 51.62 1.29
CA GLU A 98 53.10 50.90 1.21
C GLU A 98 52.80 49.54 0.59
N VAL A 99 53.36 49.25 -0.59
CA VAL A 99 52.91 48.13 -1.41
C VAL A 99 54.05 47.21 -1.81
N LEU A 100 53.77 45.90 -1.82
CA LEU A 100 54.71 44.88 -2.28
C LEU A 100 54.37 44.48 -3.71
N VAL A 101 55.36 44.60 -4.61
CA VAL A 101 55.25 44.19 -6.01
C VAL A 101 55.85 42.80 -6.13
N SER A 102 55.17 41.89 -6.83
CA SER A 102 55.71 40.54 -6.97
C SER A 102 55.94 40.15 -8.42
N ASN A 103 54.94 40.23 -9.29
CA ASN A 103 55.20 40.13 -10.71
C ASN A 103 55.52 41.54 -11.21
N ALA A 104 56.56 41.67 -12.02
CA ALA A 104 56.99 43.01 -12.41
C ALA A 104 56.00 43.65 -13.36
N THR A 105 55.68 44.92 -13.13
CA THR A 105 54.73 45.63 -13.98
C THR A 105 55.18 47.06 -14.25
N GLN A 106 54.52 47.71 -15.21
CA GLN A 106 54.74 49.13 -15.44
C GLN A 106 53.49 49.97 -15.13
N PHE A 107 52.51 49.40 -14.43
CA PHE A 107 51.37 50.20 -14.00
C PHE A 107 50.69 49.53 -12.81
N ILE A 108 50.09 50.35 -11.95
CA ILE A 108 49.33 49.89 -10.79
C ILE A 108 47.86 50.18 -11.03
N ILE A 109 46.98 49.21 -10.72
CA ILE A 109 45.54 49.42 -10.74
C ILE A 109 44.99 49.34 -9.32
N LEU A 110 44.17 50.31 -8.96
CA LEU A 110 43.48 50.36 -7.67
C LEU A 110 42.19 51.16 -7.88
N HIS A 111 41.27 51.05 -6.91
CA HIS A 111 39.95 51.66 -7.05
C HIS A 111 39.99 53.11 -6.61
N SER A 112 39.23 53.96 -7.31
CA SER A 112 38.94 55.30 -6.82
C SER A 112 37.69 55.80 -7.49
N LYS A 113 36.69 56.18 -6.73
CA LYS A 113 35.44 56.62 -7.33
C LYS A 113 35.13 58.01 -6.85
N ASP A 114 34.79 58.90 -7.78
CA ASP A 114 34.30 60.25 -7.50
C ASP A 114 35.28 61.01 -6.60
N LEU A 115 36.56 60.85 -6.88
CA LEU A 115 37.64 61.47 -6.13
C LEU A 115 38.57 62.20 -7.08
N GLU A 116 38.84 63.46 -6.79
CA GLU A 116 39.78 64.25 -7.59
C GLU A 116 41.21 63.94 -7.16
N ILE A 117 41.91 63.09 -7.91
CA ILE A 117 43.30 62.78 -7.59
C ILE A 117 44.17 63.82 -8.26
N THR A 118 45.05 64.46 -7.47
CA THR A 118 45.87 65.56 -7.97
C THR A 118 47.34 65.51 -7.62
N ASN A 119 47.92 64.37 -7.20
CA ASN A 119 49.38 64.43 -7.17
C ASN A 119 50.03 63.14 -7.64
N ALA A 120 49.95 62.08 -6.85
CA ALA A 120 50.53 60.79 -7.22
C ALA A 120 52.04 60.80 -7.50
N THR A 121 52.84 60.58 -6.46
CA THR A 121 54.27 60.30 -6.55
C THR A 121 54.55 58.85 -6.15
N LEU A 122 55.72 58.34 -6.53
CA LEU A 122 56.13 57.01 -6.11
C LEU A 122 57.55 57.06 -5.57
N GLN A 123 57.72 56.72 -4.29
CA GLN A 123 59.02 56.59 -3.65
C GLN A 123 59.26 55.13 -3.28
N SER A 124 60.53 54.74 -3.17
CA SER A 124 60.89 53.40 -2.72
C SER A 124 62.06 53.45 -1.76
N GLU A 125 62.10 52.49 -0.84
CA GLU A 125 63.23 52.31 0.06
C GLU A 125 64.28 51.38 -0.53
N GLU A 126 63.84 50.44 -1.35
CA GLU A 126 64.66 49.35 -1.81
C GLU A 126 65.02 49.45 -3.28
N ASP A 127 64.06 49.87 -4.14
CA ASP A 127 64.33 50.22 -5.54
C ASP A 127 64.76 51.68 -5.58
N SER A 128 66.09 51.91 -5.60
CA SER A 128 66.62 53.24 -5.37
C SER A 128 66.53 54.16 -6.57
N ARG A 129 65.95 53.70 -7.68
CA ARG A 129 65.57 54.64 -8.73
C ARG A 129 64.46 55.57 -8.26
N TYR A 130 63.60 55.09 -7.36
CA TYR A 130 62.55 55.89 -6.76
C TYR A 130 62.86 56.30 -5.33
N MET A 131 64.13 56.52 -5.02
CA MET A 131 64.44 57.05 -3.71
C MET A 131 63.81 58.43 -3.56
N LYS A 132 63.38 58.75 -2.32
CA LYS A 132 62.85 60.07 -1.97
C LYS A 132 63.66 61.13 -2.70
N PRO A 133 63.03 62.13 -3.31
CA PRO A 133 61.66 62.64 -3.33
C PRO A 133 60.66 61.77 -4.10
N GLY A 134 61.22 60.83 -4.87
CA GLY A 134 60.44 59.96 -5.72
C GLY A 134 60.15 60.56 -7.09
N LYS A 135 59.48 59.77 -7.92
CA LYS A 135 59.07 60.16 -9.26
C LYS A 135 57.56 60.35 -9.30
N GLU A 136 57.09 61.07 -10.32
CA GLU A 136 55.67 61.30 -10.47
C GLU A 136 55.04 60.22 -11.35
N LEU A 137 53.78 59.94 -11.09
CA LEU A 137 53.03 58.98 -11.87
C LEU A 137 51.93 59.68 -12.64
N LYS A 138 51.83 59.37 -13.95
CA LYS A 138 50.64 59.70 -14.74
C LYS A 138 49.43 58.91 -14.24
N VAL A 139 48.30 59.60 -14.07
CA VAL A 139 47.08 59.03 -13.52
C VAL A 139 45.99 58.98 -14.58
N LEU A 140 45.31 57.84 -14.66
CA LEU A 140 44.19 57.63 -15.58
C LEU A 140 42.98 57.16 -14.79
N SER A 141 41.81 57.73 -15.04
CA SER A 141 40.59 57.25 -14.40
C SER A 141 39.71 56.54 -15.43
N TYR A 142 39.41 55.27 -15.16
CA TYR A 142 38.40 54.49 -15.87
C TYR A 142 37.15 54.38 -14.99
N PRO A 143 36.29 55.41 -14.95
CA PRO A 143 35.18 55.40 -14.00
C PRO A 143 34.28 54.21 -14.13
N ALA A 144 34.15 53.68 -15.34
CA ALA A 144 33.19 52.60 -15.60
C ALA A 144 33.42 51.39 -14.70
N HIS A 145 34.66 51.17 -14.27
CA HIS A 145 35.00 50.09 -13.36
C HIS A 145 35.40 50.61 -11.99
N GLU A 146 35.12 51.90 -11.74
CA GLU A 146 35.52 52.61 -10.53
C GLU A 146 37.03 52.48 -10.28
N GLN A 147 37.80 52.20 -11.34
CA GLN A 147 39.23 51.94 -11.23
C GLN A 147 40.03 53.19 -11.63
N ILE A 148 41.30 53.19 -11.21
CA ILE A 148 42.29 54.16 -11.69
C ILE A 148 43.59 53.42 -11.97
N ALA A 149 44.39 54.00 -12.87
CA ALA A 149 45.69 53.44 -13.26
C ALA A 149 46.78 54.46 -13.02
N LEU A 150 47.80 54.07 -12.24
CA LEU A 150 48.98 54.91 -12.01
C LEU A 150 50.11 54.44 -12.90
N LEU A 151 50.70 55.35 -13.68
CA LEU A 151 51.62 54.97 -14.75
C LEU A 151 53.08 55.22 -14.35
N VAL A 152 53.85 54.14 -14.25
CA VAL A 152 55.23 54.19 -13.77
C VAL A 152 56.16 54.65 -14.88
N PRO A 153 57.29 55.30 -14.56
CA PRO A 153 58.28 55.59 -15.60
C PRO A 153 59.25 54.45 -15.91
N GLU A 154 59.28 53.40 -15.07
CA GLU A 154 60.19 52.28 -15.26
C GLU A 154 59.57 51.05 -14.61
N LYS A 155 59.61 49.90 -15.30
CA LYS A 155 59.02 48.67 -14.77
C LYS A 155 59.45 48.43 -13.33
N LEU A 156 58.52 47.97 -12.50
CA LEU A 156 58.81 47.77 -11.09
C LEU A 156 59.49 46.44 -10.84
N THR A 157 60.45 46.46 -9.96
CA THR A 157 61.22 45.26 -9.73
C THR A 157 60.47 44.36 -8.75
N PRO A 158 60.30 43.09 -9.08
CA PRO A 158 59.62 42.16 -8.17
C PRO A 158 60.30 42.09 -6.81
N HIS A 159 59.49 41.82 -5.78
CA HIS A 159 59.95 41.55 -4.42
C HIS A 159 60.56 42.77 -3.73
N LEU A 160 60.17 43.98 -4.13
CA LEU A 160 60.60 45.21 -3.49
C LEU A 160 59.38 46.05 -3.09
N LYS A 161 59.40 46.61 -1.89
CA LYS A 161 58.29 47.44 -1.43
C LYS A 161 58.40 48.86 -1.95
N TYR A 162 57.30 49.44 -2.41
CA TYR A 162 57.27 50.83 -2.85
C TYR A 162 56.24 51.60 -2.02
N TYR A 163 56.31 52.92 -2.05
CA TYR A 163 55.33 53.75 -1.34
C TYR A 163 54.60 54.64 -2.33
N VAL A 164 53.34 54.28 -2.59
CA VAL A 164 52.48 54.98 -3.53
C VAL A 164 51.76 56.09 -2.77
N ALA A 165 51.76 57.29 -3.32
CA ALA A 165 51.32 58.45 -2.57
C ALA A 165 50.54 59.40 -3.47
N MET A 166 49.26 59.60 -3.19
CA MET A 166 48.44 60.57 -3.91
C MET A 166 47.79 61.57 -2.96
N ASP A 167 47.54 62.76 -3.48
CA ASP A 167 46.70 63.74 -2.82
C ASP A 167 45.38 63.75 -3.55
N PHE A 168 44.30 64.02 -2.82
CA PHE A 168 42.98 63.97 -3.43
C PHE A 168 42.00 64.79 -2.60
N GLN A 169 40.82 65.02 -3.16
CA GLN A 169 39.85 65.90 -2.57
C GLN A 169 38.49 65.60 -3.20
N ALA A 170 37.43 65.84 -2.43
CA ALA A 170 36.07 65.64 -2.92
C ALA A 170 35.14 66.41 -2.00
N LYS A 171 33.96 66.77 -2.52
CA LYS A 171 32.89 67.24 -1.65
C LYS A 171 32.39 66.11 -0.77
N LEU A 172 31.97 66.46 0.44
CA LEU A 172 31.35 65.46 1.32
C LEU A 172 30.11 64.90 0.63
N GLY A 173 30.07 63.57 0.48
CA GLY A 173 28.91 62.96 -0.13
C GLY A 173 27.64 63.24 0.65
N ASP A 174 26.52 63.12 -0.01
CA ASP A 174 25.25 63.42 0.63
C ASP A 174 24.26 62.32 0.27
N GLY A 175 24.60 61.10 0.61
CA GLY A 175 23.71 60.04 0.26
C GLY A 175 23.99 58.70 0.92
N PHE A 176 24.46 58.72 2.16
CA PHE A 176 24.58 57.51 2.97
C PHE A 176 25.55 56.49 2.37
N GLU A 177 26.50 56.94 1.56
CA GLU A 177 27.60 56.12 1.06
C GLU A 177 28.90 56.90 1.10
N GLY A 178 30.01 56.18 1.26
CA GLY A 178 31.34 56.79 1.29
C GLY A 178 31.55 57.64 2.52
N PHE A 179 32.36 58.67 2.38
CA PHE A 179 32.48 59.66 3.44
C PHE A 179 31.39 60.70 3.21
N TYR A 180 30.34 60.68 4.04
CA TYR A 180 29.16 61.50 3.76
C TYR A 180 28.72 62.36 4.94
N LYS A 181 27.87 63.32 4.61
CA LYS A 181 27.28 64.30 5.49
C LYS A 181 25.97 63.76 6.06
N SER A 182 25.69 64.13 7.30
CA SER A 182 24.53 63.62 8.02
C SER A 182 24.26 64.58 9.17
N THR A 183 22.99 64.76 9.52
CA THR A 183 22.59 65.79 10.46
C THR A 183 21.71 65.25 11.57
N TYR A 184 21.55 66.06 12.61
CA TYR A 184 20.70 65.71 13.72
C TYR A 184 20.14 66.96 14.39
N ARG A 185 18.91 66.85 14.87
CA ARG A 185 18.26 67.94 15.57
C ARG A 185 18.53 67.80 17.07
N THR A 186 18.93 68.89 17.72
CA THR A 186 19.11 69.01 19.15
C THR A 186 17.74 69.21 19.80
N LEU A 187 17.71 69.14 21.14
CA LEU A 187 16.49 69.44 21.90
C LEU A 187 16.09 70.90 21.75
N GLY A 188 17.07 71.80 21.55
CA GLY A 188 16.77 73.20 21.30
C GLY A 188 16.19 73.52 19.94
N GLY A 189 16.18 72.57 19.03
CA GLY A 189 15.85 72.85 17.65
C GLY A 189 17.05 73.11 16.76
N GLU A 190 18.24 73.00 17.31
CA GLU A 190 19.42 73.21 16.50
C GLU A 190 19.62 72.00 15.61
N THR A 191 19.95 72.24 14.35
CA THR A 191 20.39 71.17 13.47
C THR A 191 21.90 71.24 13.44
N ARG A 192 22.55 70.08 13.63
CA ARG A 192 24.01 69.96 13.64
C ARG A 192 24.41 68.99 12.53
N ILE A 193 25.59 69.20 11.95
CA ILE A 193 26.12 68.34 10.90
C ILE A 193 27.22 67.48 11.47
N LEU A 194 27.17 66.19 11.16
CA LEU A 194 28.27 65.28 11.37
C LEU A 194 28.70 64.69 10.03
N ALA A 195 29.94 64.22 9.97
CA ALA A 195 30.49 63.64 8.75
C ALA A 195 30.99 62.24 9.08
N VAL A 196 30.42 61.25 8.41
CA VAL A 196 30.55 59.86 8.83
C VAL A 196 30.81 59.01 7.59
N THR A 197 31.40 57.81 7.80
CA THR A 197 31.80 56.93 6.72
C THR A 197 31.11 55.59 6.83
N ASP A 198 30.45 55.18 5.74
CA ASP A 198 29.90 53.83 5.59
C ASP A 198 30.44 53.25 4.30
N PHE A 199 31.22 52.17 4.41
CA PHE A 199 31.94 51.65 3.25
C PHE A 199 31.49 50.28 2.75
N GLU A 200 30.94 49.39 3.58
CA GLU A 200 30.60 48.09 3.02
C GLU A 200 29.52 48.24 1.96
N PRO A 201 29.65 47.54 0.81
CA PRO A 201 30.79 46.64 0.51
C PRO A 201 31.94 47.24 -0.35
N THR A 202 31.62 48.12 -1.29
CA THR A 202 32.61 48.63 -2.22
C THR A 202 32.62 50.16 -2.26
N GLN A 203 32.41 50.82 -1.13
CA GLN A 203 32.30 52.27 -1.10
C GLN A 203 33.47 52.97 -0.44
N ALA A 204 34.42 52.22 0.16
CA ALA A 204 35.68 52.82 0.65
C ALA A 204 36.35 53.65 -0.42
N ARG A 205 36.36 53.13 -1.66
CA ARG A 205 36.91 53.78 -2.83
C ARG A 205 36.30 55.14 -3.08
N MET A 206 35.17 55.46 -2.44
CA MET A 206 34.58 56.76 -2.64
C MET A 206 35.23 57.84 -1.80
N ALA A 207 36.02 57.44 -0.79
CA ALA A 207 36.59 58.35 0.18
C ALA A 207 38.10 58.35 0.20
N PHE A 208 38.76 57.29 -0.25
CA PHE A 208 40.18 57.34 -0.56
C PHE A 208 40.47 56.29 -1.61
N PRO A 209 41.29 56.60 -2.60
CA PRO A 209 41.68 55.58 -3.57
C PRO A 209 42.32 54.41 -2.84
N CYS A 210 41.96 53.19 -3.21
CA CYS A 210 42.55 52.07 -2.48
C CYS A 210 42.29 50.79 -3.23
N PHE A 211 42.93 49.72 -2.77
CA PHE A 211 42.65 48.37 -3.26
C PHE A 211 41.44 47.85 -2.50
N ASP A 212 40.27 48.04 -3.07
CA ASP A 212 38.98 47.95 -2.38
C ASP A 212 38.33 46.57 -2.57
N GLU A 213 39.14 45.52 -2.52
CA GLU A 213 38.60 44.18 -2.49
C GLU A 213 39.03 43.52 -1.20
N PRO A 214 38.14 42.76 -0.57
CA PRO A 214 38.31 42.43 0.85
C PRO A 214 39.48 41.53 1.13
N LEU A 215 40.01 40.86 0.10
CA LEU A 215 41.20 40.05 0.28
C LEU A 215 42.48 40.91 0.49
N PHE A 216 42.55 42.10 -0.12
CA PHE A 216 43.67 43.00 0.09
C PHE A 216 43.74 43.58 1.50
N LYS A 217 44.02 42.77 2.54
CA LYS A 217 44.00 43.30 3.91
C LYS A 217 45.26 44.09 4.20
N ALA A 218 45.14 45.06 5.11
CA ALA A 218 46.28 45.95 5.32
C ALA A 218 46.18 46.58 6.70
N ASN A 219 47.28 47.21 7.14
CA ASN A 219 47.22 48.13 8.27
C ASN A 219 46.90 49.52 7.74
N PHE A 220 46.13 50.27 8.54
CA PHE A 220 45.77 51.65 8.26
C PHE A 220 46.27 52.51 9.41
N SER A 221 46.82 53.66 9.08
CA SER A 221 47.14 54.66 10.09
C SER A 221 46.36 55.93 9.71
N ILE A 222 45.36 56.27 10.54
CA ILE A 222 44.41 57.33 10.23
C ILE A 222 44.75 58.58 11.04
N LYS A 223 44.91 59.70 10.33
CA LYS A 223 45.08 61.02 10.94
C LYS A 223 43.94 61.89 10.47
N ILE A 224 43.26 62.58 11.41
CA ILE A 224 42.13 63.46 11.12
C ILE A 224 42.47 64.89 11.55
N ARG A 225 41.81 65.86 10.91
CA ARG A 225 41.97 67.27 11.21
C ARG A 225 40.62 67.89 11.48
N ARG A 226 40.53 68.72 12.52
CA ARG A 226 39.21 69.11 12.98
C ARG A 226 39.27 70.45 13.71
N GLU A 227 38.18 71.23 13.59
CA GLU A 227 38.03 72.37 14.47
C GLU A 227 37.99 71.89 15.91
N SER A 228 38.23 72.83 16.83
CA SER A 228 38.26 72.47 18.24
C SER A 228 36.89 72.10 18.76
N ARG A 229 35.82 72.45 18.02
CA ARG A 229 34.45 72.19 18.45
C ARG A 229 33.97 70.79 18.13
N HIS A 230 34.72 70.04 17.33
CA HIS A 230 34.36 68.68 16.97
C HIS A 230 35.30 67.67 17.63
N ILE A 231 34.83 66.43 17.73
CA ILE A 231 35.72 65.33 18.08
C ILE A 231 35.88 64.49 16.83
N ALA A 232 36.93 63.68 16.83
CA ALA A 232 37.22 62.79 15.72
C ALA A 232 37.37 61.38 16.24
N LEU A 233 36.63 60.46 15.62
CA LEU A 233 36.76 59.04 15.92
C LEU A 233 37.22 58.29 14.68
N SER A 234 37.94 57.19 14.90
CA SER A 234 38.25 56.24 13.85
C SER A 234 38.31 54.87 14.52
N ASN A 235 38.90 53.90 13.80
CA ASN A 235 38.86 52.50 14.23
C ASN A 235 39.64 52.28 15.53
N MET A 236 40.89 52.75 15.56
CA MET A 236 41.76 52.55 16.72
C MET A 236 41.62 53.73 17.68
N PRO A 237 42.14 53.60 18.94
CA PRO A 237 42.11 54.76 19.86
C PRO A 237 43.05 55.86 19.41
N LYS A 238 43.08 56.96 20.15
CA LYS A 238 43.72 58.19 19.69
C LYS A 238 45.02 58.40 20.46
N VAL A 239 46.15 58.24 19.76
CA VAL A 239 47.47 58.33 20.39
C VAL A 239 47.75 59.77 20.83
N LYS A 240 47.82 60.68 19.88
CA LYS A 240 48.22 62.03 20.19
C LYS A 240 47.27 62.97 19.47
N THR A 241 47.09 64.17 20.01
CA THR A 241 46.50 65.25 19.21
C THR A 241 47.36 66.51 19.37
N ILE A 242 47.74 67.09 18.23
CA ILE A 242 48.69 68.18 18.20
C ILE A 242 47.92 69.45 17.84
N GLU A 243 48.12 70.52 18.57
CA GLU A 243 47.43 71.75 18.17
C GLU A 243 48.27 72.44 17.13
N LEU A 244 47.61 72.98 16.12
CA LEU A 244 48.26 73.46 14.92
C LEU A 244 48.19 74.99 14.85
N GLU A 245 48.72 75.51 13.74
CA GLU A 245 48.97 76.94 13.62
C GLU A 245 47.71 77.78 13.82
N GLY A 246 46.61 77.36 13.22
CA GLY A 246 45.41 78.17 13.27
C GLY A 246 44.39 77.71 14.28
N GLY A 247 44.88 77.13 15.38
CA GLY A 247 43.99 76.55 16.37
C GLY A 247 43.27 75.30 15.93
N LEU A 248 43.52 74.82 14.71
CA LEU A 248 42.99 73.55 14.27
C LEU A 248 43.74 72.42 14.96
N LEU A 249 43.01 71.36 15.31
CA LEU A 249 43.61 70.18 15.92
C LEU A 249 43.74 69.07 14.88
N GLU A 250 44.75 68.22 15.08
CA GLU A 250 45.00 67.07 14.26
C GLU A 250 45.08 65.88 15.20
N ASP A 251 44.19 64.90 14.98
CA ASP A 251 44.07 63.70 15.81
C ASP A 251 44.81 62.54 15.14
N HIS A 252 45.58 61.80 15.94
CA HIS A 252 46.52 60.79 15.47
C HIS A 252 46.11 59.45 16.08
N PHE A 253 45.51 58.58 15.28
CA PHE A 253 44.99 57.31 15.79
C PHE A 253 46.05 56.20 15.72
N GLU A 254 46.06 55.35 16.75
CA GLU A 254 46.89 54.15 16.83
C GLU A 254 46.80 53.42 15.49
N THR A 255 47.82 52.65 15.09
CA THR A 255 47.77 51.99 13.79
C THR A 255 46.92 50.73 13.84
N THR A 256 45.98 50.63 12.92
CA THR A 256 45.05 49.51 12.87
C THR A 256 45.79 48.19 12.69
N VAL A 257 45.11 47.09 13.02
CA VAL A 257 45.64 45.77 12.73
C VAL A 257 45.32 45.47 11.27
N LYS A 258 45.85 44.37 10.75
CA LYS A 258 45.51 43.99 9.39
C LYS A 258 43.99 43.75 9.27
N MET A 259 43.40 44.37 8.26
CA MET A 259 42.00 44.74 8.22
C MET A 259 41.65 44.91 6.75
N SER A 260 40.38 44.73 6.41
CA SER A 260 39.94 45.04 5.06
C SER A 260 39.42 46.47 5.00
N THR A 261 39.71 47.15 3.89
CA THR A 261 39.22 48.50 3.58
C THR A 261 37.78 48.80 4.00
N TYR A 262 36.82 47.92 3.66
CA TYR A 262 35.44 48.34 3.83
C TYR A 262 35.05 48.54 5.27
N LEU A 263 35.99 48.30 6.22
CA LEU A 263 35.80 48.40 7.67
C LEU A 263 36.40 49.67 8.27
N VAL A 264 37.24 50.37 7.52
CA VAL A 264 37.78 51.66 7.94
C VAL A 264 36.62 52.56 8.31
N ALA A 265 36.74 53.25 9.43
CA ALA A 265 35.77 54.30 9.72
C ALA A 265 36.50 55.54 10.21
N TYR A 266 35.87 56.70 10.01
CA TYR A 266 36.22 57.91 10.72
C TYR A 266 35.02 58.83 10.79
N ILE A 267 34.72 59.30 11.99
CA ILE A 267 33.59 60.20 12.21
C ILE A 267 34.11 61.50 12.76
N VAL A 268 33.49 62.59 12.33
CA VAL A 268 33.73 63.91 12.86
C VAL A 268 32.38 64.47 13.29
N CYS A 269 32.23 64.74 14.58
CA CYS A 269 30.95 65.16 15.13
C CYS A 269 31.22 65.78 16.50
N ASP A 270 30.17 65.85 17.32
CA ASP A 270 30.28 66.48 18.63
C ASP A 270 29.49 65.72 19.69
N PHE A 271 29.32 64.42 19.49
CA PHE A 271 28.52 63.59 20.39
C PHE A 271 29.14 63.53 21.78
N HIS A 272 28.35 63.05 22.74
CA HIS A 272 28.85 62.74 24.06
C HIS A 272 28.81 61.22 24.26
N SER A 273 29.72 60.70 25.09
CA SER A 273 29.79 59.27 25.29
C SER A 273 29.43 58.87 26.72
N LEU A 274 29.30 57.55 26.90
CA LEU A 274 29.19 56.88 28.20
C LEU A 274 30.08 55.65 28.16
N SER A 275 30.87 55.47 29.21
CA SER A 275 31.96 54.52 29.18
C SER A 275 31.90 53.50 30.32
N GLY A 276 32.46 52.35 30.04
CA GLY A 276 32.63 51.30 31.00
C GLY A 276 33.74 50.41 30.48
N PHE A 277 34.14 49.45 31.29
CA PHE A 277 35.22 48.56 30.93
C PHE A 277 34.74 47.12 31.05
N THR A 278 35.25 46.27 30.16
CA THR A 278 34.84 44.88 30.21
C THR A 278 35.74 44.15 31.19
N SER A 279 35.37 42.89 31.47
CA SER A 279 36.26 42.01 32.23
C SER A 279 37.64 42.00 31.64
N SER A 280 37.72 42.01 30.30
CA SER A 280 38.97 41.99 29.54
C SER A 280 39.70 43.34 29.46
N GLY A 281 39.04 44.45 29.78
CA GLY A 281 39.72 45.72 29.72
C GLY A 281 39.50 46.46 28.43
N VAL A 282 38.36 46.26 27.78
CA VAL A 282 38.01 47.01 26.59
C VAL A 282 37.23 48.24 27.03
N LYS A 283 37.61 49.42 26.52
CA LYS A 283 36.88 50.64 26.87
C LYS A 283 35.71 50.80 25.90
N VAL A 284 34.58 50.20 26.27
CA VAL A 284 33.35 50.36 25.52
C VAL A 284 32.78 51.74 25.77
N SER A 285 32.35 52.42 24.69
CA SER A 285 31.72 53.72 24.82
C SER A 285 30.50 53.82 23.92
N ILE A 286 29.35 54.19 24.48
CA ILE A 286 28.15 54.41 23.69
C ILE A 286 28.07 55.90 23.36
N TYR A 287 28.18 56.24 22.08
CA TYR A 287 28.30 57.61 21.62
C TYR A 287 26.97 58.08 21.01
N ALA A 288 26.58 59.32 21.31
CA ALA A 288 25.26 59.75 20.88
C ALA A 288 25.14 61.26 20.97
N SER A 289 24.27 61.81 20.12
CA SER A 289 23.87 63.22 20.15
C SER A 289 23.63 63.65 21.59
N PRO A 290 24.18 64.80 22.03
CA PRO A 290 24.44 64.96 23.47
C PRO A 290 23.19 64.98 24.32
N ASP A 291 22.05 65.43 23.79
CA ASP A 291 20.78 65.42 24.51
C ASP A 291 20.19 64.03 24.63
N LYS A 292 20.78 63.02 23.99
CA LYS A 292 20.24 61.68 24.09
C LYS A 292 21.16 60.77 24.88
N ARG A 293 22.17 61.34 25.53
CA ARG A 293 23.12 60.54 26.28
C ARG A 293 22.41 59.67 27.30
N ASN A 294 21.34 60.18 27.87
CA ASN A 294 20.75 59.34 28.90
C ASN A 294 19.98 58.17 28.31
N GLN A 295 19.87 58.08 26.97
CA GLN A 295 19.28 56.93 26.28
C GLN A 295 20.30 55.85 25.94
N THR A 296 21.55 55.98 26.38
CA THR A 296 22.59 55.03 25.99
C THR A 296 22.86 53.98 27.06
N HIS A 297 22.24 54.06 28.24
CA HIS A 297 22.67 53.22 29.36
C HIS A 297 22.52 51.74 29.06
N TYR A 298 21.35 51.33 28.54
CA TYR A 298 21.12 49.93 28.24
C TYR A 298 22.20 49.38 27.33
N ALA A 299 22.34 50.01 26.16
CA ALA A 299 23.38 49.72 25.17
C ALA A 299 24.73 49.41 25.81
N LEU A 300 25.23 50.33 26.65
CA LEU A 300 26.47 50.08 27.37
C LEU A 300 26.38 48.81 28.19
N GLN A 301 25.40 48.73 29.08
CA GLN A 301 25.22 47.55 29.90
C GLN A 301 25.32 46.29 29.05
N ALA A 302 24.47 46.20 28.04
CA ALA A 302 24.37 44.97 27.24
C ALA A 302 25.64 44.68 26.47
N SER A 303 26.30 45.72 25.95
CA SER A 303 27.49 45.46 25.16
C SER A 303 28.65 45.06 26.05
N LEU A 304 28.75 45.64 27.25
CA LEU A 304 29.68 45.10 28.25
C LEU A 304 29.45 43.61 28.45
N LYS A 305 28.22 43.23 28.82
CA LYS A 305 27.84 41.83 29.01
C LYS A 305 28.10 41.01 27.76
N LEU A 306 27.65 41.51 26.62
CA LEU A 306 27.83 40.76 25.39
C LEU A 306 29.31 40.63 25.05
N LEU A 307 30.04 41.75 24.91
CA LEU A 307 31.45 41.68 24.56
C LEU A 307 32.23 40.72 25.45
N ASP A 308 31.85 40.65 26.73
CA ASP A 308 32.43 39.64 27.60
C ASP A 308 32.10 38.25 27.08
N PHE A 309 30.80 37.93 26.95
CA PHE A 309 30.38 36.58 26.53
C PHE A 309 31.10 36.11 25.29
N TYR A 310 31.12 36.95 24.24
CA TYR A 310 31.82 36.60 23.02
C TYR A 310 33.27 36.20 23.32
N GLU A 311 34.01 37.06 24.03
CA GLU A 311 35.41 36.79 24.31
C GLU A 311 35.58 35.40 24.88
N LYS A 312 34.83 35.09 25.94
CA LYS A 312 34.97 33.78 26.55
C LYS A 312 34.54 32.68 25.58
N TYR A 313 33.41 32.88 24.88
CA TYR A 313 32.82 31.83 24.04
C TYR A 313 33.70 31.50 22.84
N PHE A 314 34.34 32.51 22.26
CA PHE A 314 35.29 32.33 21.16
C PHE A 314 36.70 31.96 21.65
N ASP A 315 37.04 32.21 22.91
CA ASP A 315 38.39 31.99 23.42
C ASP A 315 39.42 32.83 22.68
N ILE A 316 39.04 34.03 22.30
CA ILE A 316 39.88 34.94 21.56
C ILE A 316 39.56 36.33 22.09
N TYR A 317 40.45 36.89 22.89
CA TYR A 317 40.30 38.27 23.31
C TYR A 317 40.01 39.16 22.10
N TYR A 318 38.97 39.97 22.23
CA TYR A 318 38.75 41.07 21.32
C TYR A 318 40.04 41.90 21.24
N PRO A 319 40.61 42.06 20.09
CA PRO A 319 42.02 42.49 20.05
C PRO A 319 42.23 43.92 20.47
N LEU A 320 41.43 44.87 19.98
CA LEU A 320 41.69 46.29 20.12
C LEU A 320 41.49 46.78 21.56
N SER A 321 42.09 47.94 21.87
CA SER A 321 42.00 48.49 23.22
C SER A 321 40.59 49.02 23.53
N LYS A 322 40.01 49.84 22.65
CA LYS A 322 38.66 50.35 22.85
C LYS A 322 37.68 49.71 21.88
N LEU A 323 36.41 49.97 22.14
CA LEU A 323 35.37 49.70 21.17
C LEU A 323 34.28 50.74 21.36
N ASP A 324 33.87 51.37 20.27
CA ASP A 324 32.91 52.46 20.29
C ASP A 324 31.70 52.06 19.48
N LEU A 325 30.53 52.26 20.07
CA LEU A 325 29.25 52.14 19.39
C LEU A 325 28.59 53.52 19.37
N ILE A 326 28.30 54.01 18.19
CA ILE A 326 27.80 55.35 17.99
C ILE A 326 26.44 55.27 17.29
N ALA A 327 25.49 56.05 17.79
CA ALA A 327 24.13 56.10 17.28
C ALA A 327 24.01 57.30 16.35
N ILE A 328 23.90 57.04 15.05
CA ILE A 328 23.83 58.08 14.02
C ILE A 328 22.40 58.21 13.52
N PRO A 329 21.90 59.42 13.21
CA PRO A 329 20.49 59.54 12.83
C PRO A 329 20.21 59.30 11.35
N ASP A 330 21.08 59.83 10.47
CA ASP A 330 20.97 59.63 9.02
C ASP A 330 21.73 58.37 8.57
N PHE A 331 21.28 57.21 9.06
CA PHE A 331 22.00 55.97 8.84
C PHE A 331 21.12 54.97 8.09
N ALA A 332 21.35 54.85 6.80
CA ALA A 332 20.58 53.97 5.93
C ALA A 332 20.73 52.49 6.26
N PRO A 333 21.93 52.00 6.56
CA PRO A 333 22.05 50.61 7.07
C PRO A 333 21.60 50.57 8.52
N GLY A 334 21.16 49.38 8.98
CA GLY A 334 20.73 49.29 10.36
C GLY A 334 21.86 49.50 11.35
N ALA A 335 23.08 49.14 10.93
CA ALA A 335 24.28 49.20 11.74
C ALA A 335 25.46 48.59 11.00
N MET A 336 26.63 49.25 11.12
CA MET A 336 27.84 48.91 10.40
C MET A 336 28.92 48.52 11.40
N GLU A 337 29.46 47.32 11.21
CA GLU A 337 30.32 46.63 12.17
C GLU A 337 31.78 47.06 12.05
N ASN A 338 32.04 48.31 11.65
CA ASN A 338 33.41 48.82 11.60
C ASN A 338 34.13 48.53 12.91
N TRP A 339 35.18 47.71 12.84
CA TRP A 339 36.10 47.43 13.93
C TRP A 339 36.40 48.65 14.78
N GLY A 340 36.01 48.58 16.06
CA GLY A 340 36.19 49.66 17.02
C GLY A 340 35.26 50.85 16.87
N LEU A 341 34.35 50.85 15.92
CA LEU A 341 33.61 52.04 15.63
C LEU A 341 32.28 51.66 14.99
N ILE A 342 31.55 50.78 15.65
CA ILE A 342 30.32 50.27 15.07
C ILE A 342 29.28 51.36 15.13
N THR A 343 28.75 51.74 13.97
CA THR A 343 27.74 52.79 13.84
C THR A 343 26.34 52.16 13.72
N TYR A 344 25.43 52.57 14.60
CA TYR A 344 24.03 52.14 14.58
C TYR A 344 23.10 53.31 14.29
N ARG A 345 21.99 53.03 13.64
CA ARG A 345 20.93 54.02 13.63
C ARG A 345 20.24 53.97 14.99
N GLU A 346 20.01 55.16 15.57
CA GLU A 346 19.49 55.42 16.92
C GLU A 346 18.43 54.43 17.35
N THR A 347 17.57 54.07 16.41
CA THR A 347 16.54 53.13 16.77
C THR A 347 17.11 51.73 17.02
N SER A 348 18.33 51.45 16.60
CA SER A 348 18.92 50.12 16.76
C SER A 348 19.84 50.02 17.94
N LEU A 349 19.98 51.07 18.76
CA LEU A 349 20.97 51.15 19.83
C LEU A 349 20.40 51.85 21.06
N LEU A 350 19.75 52.98 20.85
CA LEU A 350 19.25 53.73 21.98
C LEU A 350 17.99 53.08 22.53
N PHE A 351 17.60 53.52 23.71
CA PHE A 351 16.48 52.90 24.42
C PHE A 351 15.97 53.88 25.46
N ASP A 352 14.79 54.42 25.24
CA ASP A 352 14.13 55.28 26.22
C ASP A 352 13.06 54.44 26.92
N PRO A 353 13.19 54.13 28.21
CA PRO A 353 12.24 53.18 28.81
C PRO A 353 10.81 53.70 28.88
N LYS A 354 10.63 55.03 28.82
CA LYS A 354 9.30 55.63 28.75
C LYS A 354 8.58 55.34 27.42
N THR A 355 9.32 55.21 26.32
CA THR A 355 8.72 55.10 25.00
C THR A 355 9.16 53.87 24.20
N SER A 356 10.26 53.23 24.57
CA SER A 356 10.72 52.00 23.93
C SER A 356 9.92 50.79 24.41
N SER A 357 9.39 50.02 23.46
CA SER A 357 8.70 48.76 23.72
C SER A 357 9.64 47.75 24.37
N ALA A 358 9.05 46.67 24.89
CA ALA A 358 9.86 45.49 25.28
C ALA A 358 10.52 44.85 24.08
N SER A 359 9.76 44.71 22.99
CA SER A 359 10.32 44.19 21.74
C SER A 359 11.37 45.12 21.18
N ASP A 360 11.21 46.44 21.38
CA ASP A 360 12.25 47.41 21.03
C ASP A 360 13.58 47.05 21.71
N LYS A 361 13.53 46.75 23.02
CA LYS A 361 14.71 46.32 23.76
C LYS A 361 15.36 45.08 23.13
N LEU A 362 14.56 44.03 22.92
CA LEU A 362 15.09 42.83 22.32
C LEU A 362 15.76 43.14 20.99
N TRP A 363 15.17 44.08 20.22
CA TRP A 363 15.75 44.47 18.93
C TRP A 363 17.11 45.11 19.13
N VAL A 364 17.20 46.06 20.07
CA VAL A 364 18.50 46.67 20.38
C VAL A 364 19.48 45.61 20.87
N THR A 365 19.02 44.71 21.75
CA THR A 365 19.93 43.66 22.19
C THR A 365 20.40 42.81 21.02
N ARG A 366 19.48 42.41 20.15
CA ARG A 366 19.87 41.61 19.00
C ARG A 366 20.89 42.32 18.15
N VAL A 367 20.64 43.59 17.82
CA VAL A 367 21.55 44.28 16.92
C VAL A 367 22.93 44.44 17.55
N ILE A 368 22.98 44.74 18.85
CA ILE A 368 24.27 44.91 19.53
C ILE A 368 25.06 43.61 19.52
N ALA A 369 24.41 42.48 19.80
CA ALA A 369 25.10 41.21 19.63
C ALA A 369 25.52 41.00 18.18
N HIS A 370 24.62 41.30 17.23
CA HIS A 370 24.93 41.05 15.83
C HIS A 370 26.17 41.78 15.40
N GLU A 371 26.29 43.05 15.81
CA GLU A 371 27.49 43.83 15.51
C GLU A 371 28.69 43.29 16.27
N LEU A 372 28.55 43.10 17.58
CA LEU A 372 29.63 42.54 18.35
C LEU A 372 30.18 41.29 17.68
N ALA A 373 29.33 40.28 17.48
CA ALA A 373 29.72 39.07 16.76
C ALA A 373 30.63 39.31 15.55
N HIS A 374 30.38 40.39 14.78
CA HIS A 374 31.13 40.62 13.55
C HIS A 374 32.58 40.92 13.84
N GLN A 375 32.86 41.45 15.03
CA GLN A 375 34.23 41.71 15.41
C GLN A 375 35.07 40.49 15.15
N TRP A 376 34.52 39.30 15.42
CA TRP A 376 35.22 38.08 15.05
C TRP A 376 34.80 37.69 13.64
N PHE A 377 33.51 37.36 13.47
CA PHE A 377 32.99 36.81 12.22
C PHE A 377 32.77 37.94 11.23
N GLY A 378 33.81 38.19 10.46
CA GLY A 378 33.79 39.33 9.59
C GLY A 378 35.08 40.10 9.67
N ASN A 379 35.57 40.39 10.88
CA ASN A 379 36.68 41.34 11.03
C ASN A 379 38.02 40.68 11.37
N LEU A 380 38.07 39.86 12.41
CA LEU A 380 39.19 38.95 12.57
C LEU A 380 39.32 38.05 11.34
N VAL A 381 38.25 37.32 11.01
CA VAL A 381 38.19 36.45 9.85
C VAL A 381 37.20 37.05 8.86
N THR A 382 37.59 37.14 7.59
CA THR A 382 36.82 37.87 6.59
C THR A 382 36.65 37.00 5.35
N MET A 383 35.60 37.22 4.59
CA MET A 383 35.43 36.37 3.42
C MET A 383 36.49 36.70 2.40
N GLU A 384 36.95 35.68 1.68
CA GLU A 384 37.80 35.91 0.53
C GLU A 384 37.13 36.87 -0.45
N TRP A 385 35.90 36.54 -0.85
CA TRP A 385 35.15 37.37 -1.79
C TRP A 385 33.69 37.40 -1.36
N TRP A 386 32.96 38.34 -1.96
CA TRP A 386 31.57 38.58 -1.58
C TRP A 386 30.67 37.40 -1.92
N ASN A 387 31.13 36.51 -2.79
CA ASN A 387 30.40 35.31 -3.08
C ASN A 387 30.15 34.48 -1.81
N ASP A 388 31.05 34.58 -0.84
CA ASP A 388 30.94 33.87 0.43
C ASP A 388 30.64 34.83 1.58
N ILE A 389 29.73 35.79 1.32
CA ILE A 389 29.39 36.82 2.29
C ILE A 389 28.70 36.23 3.50
N TRP A 390 28.02 35.10 3.36
CA TRP A 390 27.27 34.58 4.49
C TRP A 390 28.21 34.09 5.60
N LEU A 391 29.43 33.68 5.26
CA LEU A 391 30.43 33.44 6.29
C LEU A 391 30.58 34.62 7.22
N ASN A 392 30.15 35.82 6.80
CA ASN A 392 30.21 37.02 7.62
C ASN A 392 28.90 37.24 8.35
N GLU A 393 27.81 37.43 7.60
CA GLU A 393 26.52 37.81 8.17
C GLU A 393 25.75 36.62 8.68
N GLY A 394 25.79 35.49 7.99
CA GLY A 394 25.03 34.33 8.45
C GLY A 394 25.54 33.76 9.75
N PHE A 395 26.81 34.01 10.07
CA PHE A 395 27.30 33.66 11.40
C PHE A 395 26.86 34.70 12.41
N ALA A 396 27.12 35.97 12.12
CA ALA A 396 26.63 37.03 13.00
C ALA A 396 25.15 36.83 13.34
N LYS A 397 24.36 36.29 12.41
CA LYS A 397 22.94 36.18 12.71
C LYS A 397 22.64 34.95 13.54
N TYR A 398 23.39 33.87 13.32
CA TYR A 398 23.28 32.75 14.23
C TYR A 398 23.77 33.14 15.63
N MET A 399 24.85 33.90 15.72
CA MET A 399 25.40 34.17 17.04
C MET A 399 24.46 34.96 17.91
N GLU A 400 23.66 35.85 17.34
CA GLU A 400 22.85 36.67 18.23
C GLU A 400 21.87 35.77 18.97
N LEU A 401 21.58 34.58 18.44
CA LEU A 401 20.76 33.64 19.21
C LEU A 401 21.55 33.16 20.42
N ILE A 402 22.59 32.38 20.17
CA ILE A 402 23.59 31.94 21.14
C ILE A 402 23.86 33.00 22.20
N ALA A 403 24.18 34.22 21.76
CA ALA A 403 24.73 35.23 22.66
C ALA A 403 23.64 35.81 23.55
N VAL A 404 22.54 36.25 22.94
CA VAL A 404 21.39 36.76 23.70
C VAL A 404 20.88 35.69 24.65
N ASN A 405 20.71 34.47 24.14
CA ASN A 405 20.25 33.36 24.97
C ASN A 405 21.18 33.09 26.15
N ALA A 406 22.44 33.48 26.02
CA ALA A 406 23.40 33.29 27.10
C ALA A 406 23.45 34.46 28.07
N THR A 407 23.11 35.65 27.61
CA THR A 407 23.29 36.83 28.44
C THR A 407 21.99 37.44 28.91
N TYR A 408 20.94 37.30 28.12
CA TYR A 408 19.60 37.76 28.50
C TYR A 408 18.64 36.61 28.30
N PRO A 409 18.82 35.51 29.02
CA PRO A 409 17.79 34.47 28.98
C PRO A 409 16.43 35.03 29.33
N GLU A 410 16.43 36.10 30.12
CA GLU A 410 15.20 36.84 30.42
C GLU A 410 14.43 37.21 29.16
N LEU A 411 15.14 37.49 28.07
CA LEU A 411 14.47 37.98 26.85
C LEU A 411 13.82 36.88 26.03
N GLN A 412 13.95 35.62 26.44
CA GLN A 412 13.26 34.48 25.79
C GLN A 412 13.47 34.47 24.28
N PHE A 413 14.67 34.82 23.84
CA PHE A 413 14.89 34.96 22.40
C PHE A 413 15.06 33.62 21.69
N ASP A 414 15.39 32.56 22.41
CA ASP A 414 15.43 31.24 21.80
C ASP A 414 14.04 30.81 21.34
N ASP A 415 13.00 31.29 22.02
CA ASP A 415 11.66 30.94 21.57
C ASP A 415 11.24 31.74 20.35
N TYR A 416 12.05 32.69 19.89
CA TYR A 416 11.69 33.53 18.77
C TYR A 416 12.55 33.28 17.54
N PHE A 417 13.60 32.48 17.66
CA PHE A 417 14.55 32.32 16.56
C PHE A 417 13.95 31.56 15.38
N LEU A 418 12.86 30.80 15.56
CA LEU A 418 12.32 30.04 14.43
C LEU A 418 11.72 30.95 13.36
N ASN A 419 11.30 32.16 13.74
CA ASN A 419 10.80 33.09 12.73
C ASN A 419 11.87 33.39 11.70
N VAL A 420 13.13 33.51 12.15
CA VAL A 420 14.25 33.79 11.26
C VAL A 420 14.32 32.78 10.11
N CYS A 421 13.96 31.55 10.36
CA CYS A 421 13.97 30.53 9.31
C CYS A 421 12.65 30.48 8.56
N PHE A 422 11.53 30.50 9.27
CA PHE A 422 10.26 30.51 8.59
C PHE A 422 10.20 31.65 7.58
N GLU A 423 10.76 32.81 7.93
CA GLU A 423 10.79 33.93 7.00
C GLU A 423 11.48 33.54 5.70
N VAL A 424 12.68 32.99 5.79
CA VAL A 424 13.45 32.73 4.59
C VAL A 424 12.82 31.62 3.77
N ILE A 425 12.22 30.63 4.44
CA ILE A 425 11.70 29.45 3.73
C ILE A 425 10.67 29.86 2.69
N THR A 426 9.80 30.80 3.05
CA THR A 426 8.85 31.30 2.08
C THR A 426 9.53 31.78 0.81
N LYS A 427 10.81 32.17 0.89
CA LYS A 427 11.53 32.57 -0.30
C LYS A 427 12.45 31.49 -0.84
N ASP A 428 12.98 30.62 0.00
CA ASP A 428 13.69 29.46 -0.52
C ASP A 428 12.74 28.47 -1.18
N SER A 429 11.43 28.64 -0.99
CA SER A 429 10.43 27.77 -1.60
C SER A 429 10.02 28.20 -2.99
N LEU A 430 10.84 29.02 -3.64
CA LEU A 430 10.53 29.52 -4.97
C LEU A 430 11.73 29.23 -5.84
N ASN A 431 11.46 28.94 -7.12
CA ASN A 431 12.55 28.76 -8.06
C ASN A 431 13.49 29.97 -8.04
N SER A 432 12.94 31.14 -7.75
CA SER A 432 13.68 32.41 -7.65
C SER A 432 14.74 32.41 -6.59
N SER A 433 14.85 31.33 -5.83
CA SER A 433 15.83 31.37 -4.77
C SER A 433 17.22 31.13 -5.34
N ARG A 434 18.23 31.61 -4.61
CA ARG A 434 19.65 31.43 -4.90
C ARG A 434 20.32 30.53 -3.85
N PRO A 435 21.47 29.94 -4.18
CA PRO A 435 22.24 29.19 -3.18
C PRO A 435 22.88 30.15 -2.18
N ILE A 436 23.29 29.59 -1.04
CA ILE A 436 23.81 30.46 0.02
C ILE A 436 24.95 31.29 -0.51
N SER A 437 25.89 30.65 -1.20
CA SER A 437 26.95 31.38 -1.88
C SER A 437 26.75 31.20 -3.37
N LYS A 438 26.70 32.33 -4.08
CA LYS A 438 26.51 32.43 -5.52
C LYS A 438 27.51 33.45 -6.06
N PRO A 439 28.05 33.23 -7.25
CA PRO A 439 28.96 34.23 -7.84
C PRO A 439 28.32 35.60 -7.94
N ALA A 440 29.11 36.65 -7.64
CA ALA A 440 28.71 38.05 -7.77
C ALA A 440 29.91 38.92 -8.11
N GLU A 441 29.74 39.83 -9.10
CA GLU A 441 30.81 40.67 -9.65
C GLU A 441 30.54 42.18 -9.71
N THR A 442 29.36 42.60 -10.17
CA THR A 442 29.01 44.02 -10.16
C THR A 442 28.90 44.51 -8.72
N PRO A 443 29.08 45.82 -8.49
CA PRO A 443 28.65 46.36 -7.18
C PRO A 443 27.23 45.98 -6.84
N THR A 444 26.34 46.02 -7.83
CA THR A 444 24.93 45.70 -7.56
C THR A 444 24.77 44.23 -7.21
N GLN A 445 25.41 43.34 -7.98
CA GLN A 445 25.27 41.93 -7.69
C GLN A 445 25.74 41.64 -6.27
N ILE A 446 26.75 42.37 -5.78
CA ILE A 446 27.22 42.24 -4.40
C ILE A 446 26.09 42.66 -3.45
N GLN A 447 25.79 43.97 -3.40
CA GLN A 447 24.66 44.47 -2.63
C GLN A 447 23.56 43.42 -2.59
N GLU A 448 23.11 43.00 -3.76
CA GLU A 448 22.13 41.93 -3.91
C GLU A 448 22.35 40.73 -3.00
N MET A 449 23.61 40.42 -2.67
CA MET A 449 23.93 39.21 -1.91
C MET A 449 23.61 39.33 -0.43
N PHE A 450 23.23 40.51 0.04
CA PHE A 450 22.81 40.64 1.42
C PHE A 450 21.30 40.48 1.57
N ASP A 451 20.68 39.51 0.89
CA ASP A 451 19.29 39.25 1.19
C ASP A 451 19.20 38.19 2.27
N GLU A 452 18.02 37.62 2.42
CA GLU A 452 17.75 36.80 3.59
C GLU A 452 18.35 35.43 3.46
N VAL A 453 18.75 35.05 2.26
CA VAL A 453 19.42 33.79 2.07
C VAL A 453 20.77 33.79 2.78
N SER A 454 21.53 34.88 2.67
CA SER A 454 22.82 34.93 3.34
C SER A 454 22.64 35.07 4.86
N TYR A 455 21.90 36.09 5.30
CA TYR A 455 21.59 36.19 6.72
C TYR A 455 20.85 34.97 7.24
N ASN A 456 19.59 34.75 6.82
CA ASN A 456 18.75 33.77 7.48
C ASN A 456 19.11 32.30 7.15
N LYS A 457 19.02 31.88 5.89
CA LYS A 457 19.30 30.47 5.60
C LYS A 457 20.66 30.07 6.12
N GLY A 458 21.67 30.94 5.97
CA GLY A 458 22.95 30.71 6.62
C GLY A 458 22.81 30.49 8.11
N ALA A 459 21.99 31.30 8.77
CA ALA A 459 21.81 31.13 10.22
C ALA A 459 21.17 29.81 10.55
N CYS A 460 20.20 29.37 9.74
CA CYS A 460 19.40 28.21 10.13
C CYS A 460 20.16 26.93 9.90
N ILE A 461 20.93 26.86 8.81
CA ILE A 461 21.71 25.65 8.58
C ILE A 461 22.79 25.52 9.62
N LEU A 462 23.34 26.64 10.11
CA LEU A 462 24.27 26.55 11.23
C LEU A 462 23.59 25.95 12.45
N ASN A 463 22.46 26.55 12.90
CA ASN A 463 21.71 25.96 14.02
C ASN A 463 21.36 24.51 13.74
N MET A 464 21.02 24.18 12.50
CA MET A 464 20.84 22.78 12.15
C MET A 464 22.11 21.98 12.39
N LEU A 465 23.20 22.39 11.75
CA LEU A 465 24.50 21.76 11.99
C LEU A 465 24.76 21.62 13.48
N LYS A 466 24.71 22.73 14.22
CA LYS A 466 25.00 22.68 15.66
C LYS A 466 24.16 21.63 16.37
N ASP A 467 22.88 21.52 16.04
CA ASP A 467 22.09 20.49 16.70
C ASP A 467 22.49 19.10 16.22
N PHE A 468 23.19 19.01 15.10
CA PHE A 468 23.74 17.73 14.71
C PHE A 468 24.93 17.36 15.61
N LEU A 469 25.73 18.35 16.01
CA LEU A 469 27.00 18.09 16.68
C LEU A 469 26.96 18.37 18.17
N GLY A 470 25.95 19.09 18.65
CA GLY A 470 25.92 19.43 20.06
C GLY A 470 26.88 20.55 20.36
N GLU A 471 26.47 21.49 21.22
CA GLU A 471 27.13 22.78 21.20
C GLU A 471 28.59 22.73 21.64
N GLU A 472 29.01 21.73 22.41
CA GLU A 472 30.43 21.78 22.79
C GLU A 472 31.33 21.37 21.63
N LYS A 473 30.91 20.43 20.79
CA LYS A 473 31.70 20.14 19.59
C LYS A 473 31.58 21.25 18.58
N PHE A 474 30.47 21.99 18.61
CA PHE A 474 30.19 23.01 17.61
C PHE A 474 30.87 24.31 17.95
N GLN A 475 31.07 24.58 19.23
CA GLN A 475 31.87 25.72 19.65
C GLN A 475 33.36 25.46 19.46
N LYS A 476 33.82 24.25 19.75
CA LYS A 476 35.25 23.97 19.56
C LYS A 476 35.62 24.08 18.10
N GLY A 477 34.67 23.79 17.20
CA GLY A 477 34.91 23.97 15.78
C GLY A 477 34.90 25.43 15.36
N ILE A 478 34.13 26.27 16.05
CA ILE A 478 34.11 27.69 15.74
C ILE A 478 35.40 28.37 16.18
N ILE A 479 35.95 27.95 17.32
CA ILE A 479 37.23 28.49 17.79
C ILE A 479 38.36 28.08 16.86
N GLN A 480 38.43 26.78 16.50
CA GLN A 480 39.54 26.31 15.68
C GLN A 480 39.58 27.00 14.32
N TYR A 481 38.52 27.71 13.94
CA TYR A 481 38.37 28.41 12.66
C TYR A 481 38.69 29.89 12.79
N LEU A 482 38.16 30.57 13.82
CA LEU A 482 38.54 31.95 14.08
C LEU A 482 40.01 32.07 14.43
N LYS A 483 40.55 31.05 15.06
CA LYS A 483 41.96 31.10 15.37
C LYS A 483 42.77 30.88 14.11
N LYS A 484 42.35 29.91 13.28
CA LYS A 484 43.14 29.54 12.12
C LYS A 484 43.13 30.62 11.06
N PHE A 485 42.10 31.45 11.03
CA PHE A 485 41.99 32.48 10.00
C PHE A 485 42.06 33.89 10.53
N SER A 486 42.41 34.05 11.80
CA SER A 486 42.73 35.36 12.36
C SER A 486 43.55 36.18 11.35
N TYR A 487 43.07 37.38 11.06
CA TYR A 487 43.80 38.34 10.25
C TYR A 487 44.00 37.84 8.81
N ARG A 488 43.19 36.89 8.38
CA ARG A 488 43.24 36.42 7.01
C ARG A 488 41.80 36.33 6.50
N ASN A 489 41.64 35.61 5.40
CA ASN A 489 40.35 35.41 4.80
C ASN A 489 40.04 33.93 4.73
N ALA A 490 38.75 33.62 4.67
CA ALA A 490 38.30 32.25 4.50
C ALA A 490 37.27 32.20 3.39
N LYS A 491 37.24 31.08 2.67
CA LYS A 491 36.14 30.82 1.76
C LYS A 491 35.29 29.69 2.32
N ASN A 492 34.12 29.53 1.70
CA ASN A 492 33.09 28.58 2.11
C ASN A 492 33.68 27.24 2.52
N ASP A 493 34.52 26.67 1.65
CA ASP A 493 35.17 25.40 1.92
C ASP A 493 35.96 25.47 3.21
N ASP A 494 36.69 26.56 3.42
CA ASP A 494 37.56 26.68 4.59
C ASP A 494 36.78 26.46 5.88
N LEU A 495 35.54 26.91 5.90
CA LEU A 495 34.76 26.79 7.11
C LEU A 495 34.31 25.37 7.33
N TRP A 496 33.67 24.77 6.33
CA TRP A 496 33.15 23.40 6.47
C TRP A 496 34.25 22.42 6.87
N SER A 497 35.44 22.57 6.31
CA SER A 497 36.56 21.80 6.82
C SER A 497 36.74 22.03 8.32
N SER A 498 36.79 23.28 8.77
CA SER A 498 37.17 23.54 10.16
C SER A 498 36.06 23.23 11.16
N LEU A 499 34.78 23.20 10.73
CA LEU A 499 33.70 22.70 11.59
C LEU A 499 33.61 21.19 11.53
N SER A 500 33.67 20.64 10.31
CA SER A 500 33.67 19.20 10.13
C SER A 500 34.69 18.54 11.05
N ASN A 501 35.89 19.09 11.11
CA ASN A 501 37.00 18.46 11.81
C ASN A 501 37.12 19.00 13.23
N SER A 502 36.00 18.88 13.95
CA SER A 502 35.81 19.28 15.34
C SER A 502 36.74 18.53 16.29
N CYS A 503 36.69 18.92 17.57
CA CYS A 503 37.43 18.25 18.64
C CYS A 503 36.70 18.56 19.95
N LEU A 504 36.28 17.52 20.67
CA LEU A 504 35.38 17.74 21.82
C LEU A 504 36.08 18.49 22.96
N GLU A 505 37.31 18.12 23.28
CA GLU A 505 38.05 18.90 24.28
C GLU A 505 39.54 18.94 23.94
N SER A 506 39.89 18.80 22.65
CA SER A 506 41.26 18.55 22.20
C SER A 506 42.02 17.70 23.21
N ASP A 507 41.39 16.60 23.66
CA ASP A 507 41.65 15.90 24.92
C ASP A 507 43.15 15.77 25.25
N PHE A 508 43.99 15.79 24.21
CA PHE A 508 45.45 15.75 24.31
C PHE A 508 45.89 14.87 25.47
N THR A 509 45.16 13.77 25.69
CA THR A 509 45.43 12.88 26.80
C THR A 509 46.60 11.98 26.44
N SER A 510 46.74 10.83 27.11
CA SER A 510 47.77 9.86 26.76
C SER A 510 47.78 9.58 25.25
N GLY A 511 46.63 9.75 24.60
CA GLY A 511 46.48 9.60 23.17
C GLY A 511 45.26 10.32 22.63
N GLY A 512 45.17 11.62 22.90
CA GLY A 512 44.05 12.41 22.44
C GLY A 512 43.80 12.32 20.95
N VAL A 513 42.53 12.13 20.57
CA VAL A 513 42.13 12.06 19.16
C VAL A 513 42.68 13.25 18.38
N CYS A 514 42.78 14.40 19.03
CA CYS A 514 43.41 15.60 18.49
C CYS A 514 44.70 15.91 19.23
N HIS A 515 45.69 16.39 18.46
CA HIS A 515 46.90 17.01 19.01
C HIS A 515 47.88 15.96 19.50
N SER A 516 49.16 16.30 19.41
CA SER A 516 50.31 15.53 19.89
C SER A 516 50.36 14.22 19.13
N ASP A 517 50.61 13.10 19.80
CA ASP A 517 50.75 11.78 19.21
C ASP A 517 49.55 10.92 19.59
N PRO A 518 48.55 10.78 18.73
CA PRO A 518 47.31 10.09 19.12
C PRO A 518 47.41 8.58 19.02
N LYS A 519 46.32 7.93 19.43
CA LYS A 519 46.16 6.48 19.41
C LYS A 519 45.26 6.12 18.23
N MET A 520 45.57 5.01 17.57
CA MET A 520 44.86 4.60 16.35
C MET A 520 43.76 3.61 16.72
N THR A 521 42.52 4.11 16.83
CA THR A 521 41.43 3.34 17.45
C THR A 521 40.21 3.24 16.55
N SER A 522 39.29 2.35 16.96
CA SER A 522 38.02 2.18 16.25
C SER A 522 37.27 3.48 16.17
N ASN A 523 37.27 4.25 17.26
CA ASN A 523 36.62 5.56 17.30
C ASN A 523 37.26 6.52 16.32
N MET A 524 38.60 6.58 16.31
CA MET A 524 39.31 7.49 15.43
C MET A 524 38.88 7.31 13.98
N LEU A 525 38.68 6.07 13.55
CA LEU A 525 38.18 5.83 12.20
C LEU A 525 36.73 6.27 12.06
N ALA A 526 35.93 6.14 13.12
CA ALA A 526 34.60 6.74 13.13
C ALA A 526 34.70 8.26 13.04
N PHE A 527 35.51 8.87 13.92
CA PHE A 527 35.78 10.31 13.89
C PHE A 527 36.06 10.80 12.47
N LEU A 528 37.07 10.24 11.81
CA LEU A 528 37.50 10.79 10.52
C LEU A 528 36.50 10.50 9.40
N GLY A 529 35.79 9.38 9.46
CA GLY A 529 34.76 9.11 8.48
C GLY A 529 33.44 9.79 8.78
N GLU A 530 33.13 10.01 10.07
CA GLU A 530 31.99 10.83 10.46
C GLU A 530 32.22 12.31 10.18
N ASN A 531 33.48 12.76 10.21
CA ASN A 531 33.81 14.16 9.91
C ASN A 531 33.64 14.45 8.42
N ALA A 532 34.27 13.64 7.56
CA ALA A 532 34.05 13.78 6.13
C ALA A 532 32.58 13.71 5.78
N GLU A 533 31.79 12.97 6.57
CA GLU A 533 30.35 12.93 6.34
C GLU A 533 29.72 14.32 6.54
N VAL A 534 30.15 15.06 7.56
CA VAL A 534 29.46 16.31 7.80
C VAL A 534 29.99 17.42 6.91
N LYS A 535 31.24 17.35 6.44
CA LYS A 535 31.64 18.30 5.41
C LYS A 535 30.96 17.99 4.08
N GLU A 536 30.93 16.71 3.71
CA GLU A 536 30.26 16.34 2.46
C GLU A 536 28.77 16.59 2.55
N MET A 537 28.25 16.84 3.76
CA MET A 537 26.83 17.10 3.96
C MET A 537 26.50 18.58 3.78
N MET A 538 27.16 19.45 4.55
CA MET A 538 26.91 20.87 4.51
C MET A 538 27.35 21.50 3.19
N THR A 539 28.12 20.77 2.39
CA THR A 539 28.47 21.30 1.09
C THR A 539 27.24 21.33 0.17
N THR A 540 26.32 20.37 0.30
CA THR A 540 25.09 20.45 -0.50
C THR A 540 24.15 21.54 0.02
N TRP A 541 24.16 21.82 1.32
CA TRP A 541 23.26 22.87 1.84
C TRP A 541 23.70 24.27 1.41
N THR A 542 24.94 24.46 1.02
CA THR A 542 25.39 25.77 0.57
C THR A 542 25.51 25.88 -0.94
N LEU A 543 25.47 24.78 -1.67
CA LEU A 543 25.56 24.89 -3.10
C LEU A 543 24.24 24.66 -3.82
N GLN A 544 23.23 24.09 -3.16
CA GLN A 544 21.91 23.91 -3.77
C GLN A 544 20.95 24.97 -3.23
N LYS A 545 20.45 25.80 -4.15
CA LYS A 545 19.28 26.63 -3.92
C LYS A 545 18.10 25.81 -3.41
N GLY A 546 17.25 26.42 -2.58
CA GLY A 546 15.96 25.82 -2.23
C GLY A 546 16.02 24.94 -0.99
N ILE A 547 14.88 24.27 -0.72
CA ILE A 547 14.67 23.59 0.56
C ILE A 547 13.90 22.28 0.42
N PRO A 548 14.40 21.19 0.99
CA PRO A 548 13.79 19.86 0.76
C PRO A 548 12.51 19.62 1.53
N LEU A 549 11.66 18.78 0.94
CA LEU A 549 10.44 18.29 1.57
C LEU A 549 10.56 16.79 1.77
N LEU A 550 10.43 16.34 3.02
CA LEU A 550 10.46 14.92 3.37
C LEU A 550 9.03 14.41 3.43
N VAL A 551 8.71 13.46 2.56
CA VAL A 551 7.44 12.74 2.60
C VAL A 551 7.62 11.51 3.47
N VAL A 552 6.60 11.22 4.28
CA VAL A 552 6.64 10.18 5.29
C VAL A 552 5.33 9.41 5.20
N LYS A 553 5.39 8.18 4.70
CA LYS A 553 4.25 7.26 4.76
C LYS A 553 4.51 6.27 5.88
N GLN A 554 3.48 5.99 6.68
CA GLN A 554 3.60 5.01 7.75
C GLN A 554 2.94 3.71 7.31
N ASP A 555 3.71 2.62 7.29
CA ASP A 555 3.27 1.33 6.76
C ASP A 555 3.32 0.27 7.87
N GLY A 556 2.52 0.46 8.91
CA GLY A 556 2.62 -0.41 10.05
C GLY A 556 3.82 -0.04 10.89
N CYS A 557 4.83 -0.93 10.93
CA CYS A 557 6.07 -0.61 11.63
C CYS A 557 7.15 -0.08 10.69
N SER A 558 6.94 -0.17 9.39
CA SER A 558 7.89 0.34 8.40
C SER A 558 7.53 1.77 8.02
N LEU A 559 8.49 2.68 8.10
CA LEU A 559 8.32 4.08 7.73
C LEU A 559 9.12 4.37 6.46
N ARG A 560 8.42 4.79 5.41
CA ARG A 560 9.05 5.12 4.14
C ARG A 560 9.28 6.62 4.04
N LEU A 561 10.43 6.99 3.48
CA LEU A 561 10.88 8.37 3.40
C LEU A 561 11.17 8.72 1.94
N GLN A 562 10.63 9.84 1.50
CA GLN A 562 11.00 10.41 0.22
C GLN A 562 11.49 11.82 0.45
N GLN A 563 12.33 12.30 -0.44
CA GLN A 563 12.85 13.65 -0.38
C GLN A 563 12.57 14.35 -1.70
N GLU A 564 12.20 15.62 -1.65
CA GLU A 564 11.99 16.36 -2.89
C GLU A 564 12.05 17.85 -2.58
N ARG A 565 12.34 18.62 -3.62
CA ARG A 565 12.43 20.06 -3.46
C ARG A 565 11.05 20.64 -3.17
N PHE A 566 10.88 21.18 -1.97
CA PHE A 566 9.61 21.84 -1.65
C PHE A 566 9.45 23.09 -2.49
N LEU A 567 8.27 23.26 -3.09
CA LEU A 567 8.01 24.39 -3.98
C LEU A 567 6.58 24.87 -3.83
N GLN A 568 6.39 26.19 -4.05
CA GLN A 568 5.07 26.80 -3.98
C GLN A 568 4.74 27.54 -5.26
N GLY A 569 3.45 27.75 -5.47
CA GLY A 569 2.93 28.18 -6.75
C GLY A 569 2.74 27.07 -7.75
N VAL A 570 3.23 25.87 -7.45
CA VAL A 570 3.32 24.75 -8.38
C VAL A 570 3.05 23.46 -7.62
N PHE A 571 2.13 22.65 -8.14
CA PHE A 571 1.79 21.38 -7.51
C PHE A 571 2.73 20.29 -7.99
N GLN A 572 2.49 19.06 -7.55
CA GLN A 572 3.26 17.92 -8.08
C GLN A 572 2.83 17.59 -9.50
N GLU A 573 1.53 17.50 -9.74
CA GLU A 573 0.94 17.12 -11.03
C GLU A 573 1.00 18.24 -12.08
N ASP A 574 1.73 19.34 -11.82
CA ASP A 574 1.91 20.43 -12.76
C ASP A 574 3.02 20.08 -13.76
N PRO A 575 2.87 20.46 -15.03
CA PRO A 575 3.90 20.13 -16.03
C PRO A 575 5.25 20.80 -15.79
N GLU A 576 5.34 21.76 -14.87
CA GLU A 576 6.58 22.47 -14.57
C GLU A 576 7.28 21.97 -13.31
N TRP A 577 6.75 20.95 -12.64
CA TRP A 577 7.29 20.46 -11.37
C TRP A 577 8.27 19.30 -11.53
N ARG A 578 8.01 18.39 -12.49
CA ARG A 578 8.98 17.33 -12.76
C ARG A 578 10.33 17.92 -13.13
N ALA A 579 10.34 19.15 -13.67
CA ALA A 579 11.54 19.80 -14.19
C ALA A 579 12.29 20.63 -13.15
N LEU A 580 11.80 20.72 -11.91
CA LEU A 580 12.47 21.46 -10.85
C LEU A 580 12.89 20.58 -9.67
N GLN A 581 12.62 19.28 -9.74
CA GLN A 581 13.05 18.31 -8.74
C GLN A 581 14.21 17.48 -9.23
N GLU A 582 14.75 17.82 -10.39
CA GLU A 582 15.55 16.89 -11.16
C GLU A 582 16.77 16.44 -10.36
N ARG A 583 17.73 17.33 -10.14
CA ARG A 583 19.00 16.93 -9.55
C ARG A 583 19.16 17.42 -8.12
N TYR A 584 18.10 17.95 -7.52
CA TYR A 584 18.19 18.37 -6.13
C TYR A 584 18.20 17.16 -5.22
N LEU A 585 19.19 17.14 -4.32
CA LEU A 585 19.36 16.05 -3.37
C LEU A 585 20.25 16.55 -2.25
N TRP A 586 19.71 16.53 -1.03
CA TRP A 586 20.40 16.95 0.17
C TRP A 586 20.80 15.75 1.03
N HIS A 587 21.73 16.02 1.95
CA HIS A 587 22.04 15.11 3.05
C HIS A 587 21.37 15.69 4.27
N ILE A 588 20.17 15.19 4.56
CA ILE A 588 19.26 15.81 5.51
C ILE A 588 19.39 15.09 6.85
N PRO A 589 19.95 15.73 7.87
CA PRO A 589 20.04 15.06 9.17
C PRO A 589 18.68 14.95 9.86
N LEU A 590 17.99 13.85 9.66
CA LEU A 590 16.67 13.68 10.23
C LEU A 590 16.76 13.44 11.73
N THR A 591 15.63 13.69 12.40
CA THR A 591 15.36 13.31 13.77
C THR A 591 13.88 13.00 13.89
N TYR A 592 13.51 12.23 14.91
CA TYR A 592 12.09 12.03 15.18
C TYR A 592 11.87 11.39 16.55
N SER A 593 10.79 11.79 17.19
CA SER A 593 10.19 11.11 18.33
C SER A 593 8.87 10.50 17.85
N THR A 594 8.24 9.72 18.73
CA THR A 594 6.97 9.10 18.39
C THR A 594 6.01 9.23 19.55
N SER A 595 4.83 8.64 19.37
CA SER A 595 3.75 8.72 20.35
C SER A 595 4.09 7.93 21.59
N SER A 596 4.97 6.96 21.46
CA SER A 596 5.25 6.05 22.55
C SER A 596 6.61 6.30 23.19
N SER A 597 7.30 7.38 22.83
CA SER A 597 8.60 7.67 23.43
C SER A 597 9.09 9.06 23.04
N ASN A 598 9.93 9.62 23.92
CA ASN A 598 10.56 10.93 23.76
C ASN A 598 12.04 10.82 23.38
N VAL A 599 12.55 9.62 23.12
CA VAL A 599 13.94 9.44 22.74
C VAL A 599 14.15 9.94 21.31
N ILE A 600 15.31 10.53 21.04
CA ILE A 600 15.51 11.34 19.84
C ILE A 600 16.27 10.48 18.83
N HIS A 601 15.52 9.73 18.05
CA HIS A 601 16.13 8.93 16.99
C HIS A 601 16.70 9.83 15.90
N ARG A 602 17.93 9.53 15.50
CA ARG A 602 18.73 10.35 14.58
C ARG A 602 19.18 9.51 13.40
N HIS A 603 18.79 9.90 12.20
CA HIS A 603 19.30 9.16 11.05
C HIS A 603 19.55 10.11 9.89
N ILE A 604 20.70 9.94 9.22
CA ILE A 604 21.03 10.74 8.04
C ILE A 604 20.39 10.12 6.81
N LEU A 605 19.87 10.97 5.93
CA LEU A 605 19.24 10.53 4.69
C LEU A 605 20.03 11.10 3.53
N LYS A 606 20.75 10.23 2.81
CA LYS A 606 21.60 10.67 1.71
C LYS A 606 21.06 10.24 0.34
N SER A 607 19.79 9.88 0.24
CA SER A 607 19.22 9.31 -0.98
C SER A 607 17.81 9.83 -1.23
N LYS A 608 17.26 9.52 -2.42
CA LYS A 608 15.95 10.01 -2.84
C LYS A 608 14.80 9.28 -2.14
N THR A 609 15.03 8.06 -1.67
CA THR A 609 14.01 7.30 -0.97
C THR A 609 14.73 6.42 0.02
N ASP A 610 14.15 6.28 1.21
CA ASP A 610 14.72 5.41 2.22
C ASP A 610 13.59 5.01 3.17
N THR A 611 13.74 3.82 3.78
CA THR A 611 12.79 3.34 4.77
C THR A 611 13.50 2.89 6.05
N LEU A 612 12.89 3.22 7.21
CA LEU A 612 13.39 2.89 8.54
C LEU A 612 12.40 1.99 9.26
N ASP A 613 12.88 0.94 9.92
CA ASP A 613 11.99 0.12 10.73
C ASP A 613 11.71 0.78 12.07
N LEU A 614 10.66 0.34 12.74
CA LEU A 614 10.30 0.97 14.01
C LEU A 614 9.74 -0.08 14.96
N PRO A 615 10.03 0.03 16.27
CA PRO A 615 9.43 -0.90 17.23
C PRO A 615 8.24 -0.25 17.95
N GLU A 616 7.46 -1.05 18.69
CA GLU A 616 6.34 -0.58 19.51
C GLU A 616 5.39 0.32 18.71
N LYS A 617 4.74 -0.30 17.72
CA LYS A 617 3.93 0.43 16.73
C LYS A 617 3.14 1.53 17.41
N THR A 618 3.42 2.76 17.01
CA THR A 618 3.01 3.95 17.73
C THR A 618 1.72 4.49 17.12
N SER A 619 1.09 5.40 17.88
CA SER A 619 -0.06 6.15 17.40
C SER A 619 0.34 7.14 16.31
N TRP A 620 1.40 7.92 16.55
CA TRP A 620 1.91 8.83 15.52
C TRP A 620 3.42 9.01 15.69
N VAL A 621 4.06 9.42 14.59
CA VAL A 621 5.48 9.78 14.61
C VAL A 621 5.62 11.26 14.23
N LYS A 622 6.51 11.96 14.95
CA LYS A 622 6.81 13.38 14.70
C LYS A 622 8.24 13.50 14.21
N PHE A 623 8.40 13.95 12.97
CA PHE A 623 9.73 14.11 12.41
C PHE A 623 10.23 15.54 12.56
N ASN A 624 11.56 15.68 12.67
CA ASN A 624 12.20 16.98 12.81
C ASN A 624 11.84 17.61 14.15
N VAL A 625 12.22 16.91 15.24
CA VAL A 625 11.93 17.40 16.59
C VAL A 625 12.33 18.86 16.71
N ASP A 626 11.51 19.64 17.43
CA ASP A 626 11.76 21.04 17.78
C ASP A 626 11.93 21.96 16.56
N SER A 627 11.73 21.43 15.36
CA SER A 627 11.87 22.20 14.11
C SER A 627 13.25 22.83 14.02
N ASN A 628 14.28 22.04 14.35
CA ASN A 628 15.64 22.53 14.20
C ASN A 628 16.18 22.28 12.82
N GLY A 629 15.52 21.41 12.05
CA GLY A 629 16.03 21.01 10.76
C GLY A 629 15.43 21.83 9.64
N TYR A 630 16.29 22.33 8.77
CA TYR A 630 15.88 23.23 7.69
C TYR A 630 15.20 22.43 6.58
N TYR A 631 13.96 22.03 6.86
CA TYR A 631 13.17 21.20 5.98
C TYR A 631 11.77 21.07 6.58
N ILE A 632 10.83 20.67 5.74
CA ILE A 632 9.42 20.50 6.08
C ILE A 632 9.10 19.02 6.02
N VAL A 633 8.21 18.57 6.91
CA VAL A 633 7.70 17.19 6.92
C VAL A 633 6.22 17.19 6.54
N HIS A 634 5.85 16.29 5.63
CA HIS A 634 4.46 16.03 5.24
C HIS A 634 4.16 14.59 5.55
N TYR A 635 3.26 14.36 6.51
CA TYR A 635 2.86 13.01 6.86
C TYR A 635 1.76 12.53 5.90
N GLU A 636 2.10 11.55 5.07
CA GLU A 636 1.14 10.91 4.18
C GLU A 636 0.24 9.96 4.96
N GLY A 637 -0.87 9.59 4.32
CA GLY A 637 -1.87 8.75 4.96
C GLY A 637 -2.60 9.47 6.08
N HIS A 638 -2.87 8.72 7.16
CA HIS A 638 -3.54 9.30 8.32
C HIS A 638 -2.58 10.09 9.21
N GLY A 639 -1.44 10.50 8.65
CA GLY A 639 -0.42 11.14 9.46
C GLY A 639 -0.84 12.51 9.93
N TRP A 640 -1.38 13.33 9.02
CA TRP A 640 -1.77 14.68 9.40
C TRP A 640 -2.99 14.66 10.28
N ASP A 641 -3.90 13.72 10.05
CA ASP A 641 -5.02 13.55 10.97
C ASP A 641 -4.53 13.20 12.36
N GLN A 642 -3.62 12.22 12.46
CA GLN A 642 -3.29 11.67 13.77
C GLN A 642 -2.59 12.69 14.67
N LEU A 643 -1.81 13.61 14.08
CA LEU A 643 -1.15 14.63 14.89
C LEU A 643 -2.16 15.66 15.39
N ILE A 644 -3.03 16.14 14.49
CA ILE A 644 -4.12 17.04 14.86
C ILE A 644 -4.96 16.46 15.99
N THR A 645 -5.17 15.14 15.98
CA THR A 645 -5.76 14.43 17.11
C THR A 645 -5.08 14.82 18.41
N GLN A 646 -3.77 14.60 18.47
CA GLN A 646 -3.02 14.85 19.69
C GLN A 646 -3.13 16.30 20.12
N LEU A 647 -2.99 17.22 19.17
CA LEU A 647 -3.11 18.65 19.46
C LEU A 647 -4.50 19.02 19.98
N ASN A 648 -5.55 18.42 19.40
CA ASN A 648 -6.92 18.70 19.85
C ASN A 648 -7.25 18.03 21.18
N GLN A 649 -6.49 17.01 21.57
CA GLN A 649 -6.66 16.36 22.86
C GLN A 649 -5.62 16.88 23.86
N ASN A 650 -4.79 15.98 24.40
CA ASN A 650 -3.90 16.37 25.49
C ASN A 650 -2.94 17.47 25.04
N HIS A 651 -2.34 17.29 23.86
CA HIS A 651 -1.61 18.34 23.13
C HIS A 651 -0.23 18.69 23.73
N THR A 652 -0.05 18.45 25.04
CA THR A 652 1.25 18.59 25.67
C THR A 652 2.19 17.46 25.30
N LEU A 653 1.65 16.36 24.80
CA LEU A 653 2.49 15.27 24.33
C LEU A 653 3.34 15.65 23.14
N LEU A 654 3.07 16.78 22.50
CA LEU A 654 3.98 17.37 21.51
C LEU A 654 4.63 18.61 22.10
N ARG A 655 6.00 18.68 22.06
CA ARG A 655 6.75 19.70 22.77
C ARG A 655 6.78 21.05 22.01
N PRO A 656 6.70 22.20 22.72
CA PRO A 656 6.16 23.43 22.08
C PRO A 656 6.81 23.82 20.74
N LYS A 657 8.12 23.61 20.59
CA LYS A 657 8.71 23.88 19.27
C LYS A 657 8.27 22.86 18.23
N ASP A 658 7.69 21.72 18.64
CA ASP A 658 7.00 20.88 17.66
C ASP A 658 5.73 21.59 17.18
N ARG A 659 4.86 21.95 18.12
CA ARG A 659 3.64 22.63 17.76
C ARG A 659 3.91 23.82 16.85
N VAL A 660 4.97 24.57 17.12
CA VAL A 660 5.28 25.72 16.28
C VAL A 660 5.60 25.26 14.87
N GLY A 661 6.43 24.22 14.76
CA GLY A 661 6.76 23.69 13.46
C GLY A 661 5.56 23.06 12.78
N LEU A 662 4.76 22.31 13.54
CA LEU A 662 3.60 21.65 12.95
C LEU A 662 2.61 22.67 12.44
N ILE A 663 2.31 23.68 13.27
CA ILE A 663 1.50 24.80 12.83
C ILE A 663 2.04 25.37 11.52
N HIS A 664 3.36 25.55 11.43
CA HIS A 664 3.98 26.11 10.24
C HIS A 664 3.87 25.17 9.04
N ASP A 665 4.33 23.94 9.20
CA ASP A 665 4.33 22.99 8.11
C ASP A 665 2.93 22.82 7.53
N VAL A 666 1.93 22.69 8.41
CA VAL A 666 0.61 22.30 7.94
C VAL A 666 0.12 23.29 6.89
N PHE A 667 0.42 24.59 7.10
CA PHE A 667 -0.08 25.65 6.22
C PHE A 667 0.70 25.73 4.92
N GLN A 668 2.03 25.58 4.99
CA GLN A 668 2.80 25.65 3.75
C GLN A 668 2.48 24.48 2.85
N LEU A 669 2.21 23.31 3.43
CA LEU A 669 1.73 22.22 2.61
C LEU A 669 0.44 22.60 1.90
N VAL A 670 -0.43 23.38 2.56
CA VAL A 670 -1.62 23.91 1.90
C VAL A 670 -1.22 24.77 0.71
N GLY A 671 -0.20 25.61 0.88
CA GLY A 671 0.34 26.34 -0.24
C GLY A 671 1.27 25.57 -1.16
N ALA A 672 1.50 24.28 -0.90
CA ALA A 672 2.22 23.39 -1.80
C ALA A 672 1.26 22.54 -2.62
N GLY A 673 -0.05 22.77 -2.46
CA GLY A 673 -1.04 21.93 -3.06
C GLY A 673 -1.19 20.56 -2.45
N ARG A 674 -0.50 20.27 -1.34
CA ARG A 674 -0.54 18.96 -0.73
C ARG A 674 -1.66 18.80 0.26
N LEU A 675 -2.09 19.86 0.93
CA LEU A 675 -3.12 19.76 1.94
C LEU A 675 -4.29 20.68 1.60
N THR A 676 -5.51 20.16 1.69
CA THR A 676 -6.67 21.04 1.58
C THR A 676 -6.65 21.99 2.76
N LEU A 677 -7.02 23.25 2.52
CA LEU A 677 -6.86 24.25 3.58
C LEU A 677 -7.51 23.80 4.88
N ASP A 678 -8.67 23.14 4.79
CA ASP A 678 -9.42 22.81 6.00
C ASP A 678 -8.61 22.01 7.01
N LYS A 679 -7.52 21.38 6.59
CA LYS A 679 -6.70 20.66 7.57
C LYS A 679 -5.92 21.63 8.43
N ALA A 680 -5.21 22.57 7.79
CA ALA A 680 -4.48 23.57 8.57
C ALA A 680 -5.43 24.42 9.42
N LEU A 681 -6.60 24.76 8.89
CA LEU A 681 -7.53 25.57 9.67
C LEU A 681 -8.04 24.79 10.89
N ASP A 682 -8.15 23.47 10.74
CA ASP A 682 -8.62 22.67 11.85
C ASP A 682 -7.58 22.56 12.95
N MET A 683 -6.32 22.78 12.62
CA MET A 683 -5.33 22.80 13.68
C MET A 683 -5.55 24.00 14.57
N THR A 684 -6.00 25.13 14.03
CA THR A 684 -6.13 26.31 14.88
C THR A 684 -7.19 26.15 15.97
N TYR A 685 -8.14 25.24 15.82
CA TYR A 685 -9.12 25.08 16.90
C TYR A 685 -8.42 24.82 18.22
N TYR A 686 -7.32 24.03 18.19
CA TYR A 686 -6.55 23.71 19.41
C TYR A 686 -5.98 24.96 20.07
N LEU A 687 -5.59 25.97 19.28
CA LEU A 687 -5.04 27.20 19.82
C LEU A 687 -5.83 27.72 21.01
N GLN A 688 -7.12 27.39 21.09
CA GLN A 688 -7.89 27.86 22.23
C GLN A 688 -7.20 27.48 23.54
N HIS A 689 -6.69 26.26 23.62
CA HIS A 689 -5.96 25.84 24.79
C HIS A 689 -4.45 26.08 24.67
N GLU A 690 -3.97 26.58 23.54
CA GLU A 690 -2.53 26.74 23.42
C GLU A 690 -2.05 27.66 24.54
N THR A 691 -1.33 27.08 25.49
CA THR A 691 -0.72 27.86 26.56
C THR A 691 0.51 28.64 26.11
N SER A 692 1.18 28.19 25.03
CA SER A 692 2.49 28.67 24.61
C SER A 692 2.36 29.86 23.67
N SER A 693 2.59 31.08 24.20
CA SER A 693 2.51 32.33 23.43
C SER A 693 3.12 32.23 22.03
N PRO A 694 4.31 31.65 21.84
CA PRO A 694 4.81 31.36 20.49
C PRO A 694 3.82 30.69 19.55
N ALA A 695 3.48 29.42 19.82
CA ALA A 695 2.61 28.71 18.88
C ALA A 695 1.27 29.39 18.75
N LEU A 696 0.75 29.96 19.86
CA LEU A 696 -0.47 30.75 19.73
C LEU A 696 -0.24 31.90 18.77
N LEU A 697 0.89 32.59 18.92
CA LEU A 697 1.10 33.79 18.12
C LEU A 697 1.32 33.47 16.65
N GLU A 698 1.80 32.26 16.36
CA GLU A 698 2.00 31.88 14.97
C GLU A 698 0.67 31.52 14.33
N GLY A 699 0.03 30.45 14.81
CA GLY A 699 -1.26 30.03 14.29
C GLY A 699 -2.15 31.23 14.10
N LEU A 700 -2.01 32.19 15.01
CA LEU A 700 -2.75 33.44 14.90
C LEU A 700 -2.35 34.24 13.67
N SER A 701 -1.06 34.25 13.32
CA SER A 701 -0.58 35.05 12.19
C SER A 701 -1.28 34.67 10.91
N TYR A 702 -1.27 33.38 10.60
CA TYR A 702 -1.93 32.89 9.38
C TYR A 702 -3.38 33.34 9.35
N LEU A 703 -4.10 33.15 10.47
CA LEU A 703 -5.51 33.51 10.53
C LEU A 703 -5.72 35.00 10.34
N GLU A 704 -4.73 35.82 10.74
CA GLU A 704 -4.76 37.26 10.53
C GLU A 704 -4.31 37.64 9.14
N SER A 705 -3.32 36.92 8.58
CA SER A 705 -2.83 37.20 7.24
C SER A 705 -3.93 37.03 6.19
N PHE A 706 -4.74 35.98 6.34
CA PHE A 706 -5.93 35.82 5.50
C PHE A 706 -6.81 37.06 5.55
N TYR A 707 -7.06 37.60 6.76
CA TYR A 707 -7.92 38.77 6.90
C TYR A 707 -7.38 39.93 6.08
N HIS A 708 -6.11 40.29 6.28
CA HIS A 708 -5.53 41.38 5.50
C HIS A 708 -5.63 41.08 4.02
N MET A 709 -5.34 39.84 3.65
CA MET A 709 -5.48 39.41 2.26
C MET A 709 -6.88 39.67 1.73
N MET A 710 -7.89 39.13 2.42
CA MET A 710 -9.27 39.31 1.99
C MET A 710 -9.64 40.78 1.97
N ASP A 711 -9.05 41.57 2.87
CA ASP A 711 -9.48 42.96 2.97
C ASP A 711 -8.96 43.77 1.81
N ARG A 712 -7.81 43.38 1.24
CA ARG A 712 -7.22 44.15 0.14
C ARG A 712 -8.05 44.06 -1.13
N ARG A 713 -8.88 43.02 -1.25
CA ARG A 713 -9.95 42.90 -2.25
C ARG A 713 -11.30 43.06 -1.54
N ASN A 714 -12.32 43.52 -2.25
CA ASN A 714 -13.54 43.76 -1.48
C ASN A 714 -14.24 42.46 -1.11
N ILE A 715 -13.48 41.51 -0.53
CA ILE A 715 -14.04 40.19 -0.19
C ILE A 715 -14.63 40.25 1.21
N SER A 716 -15.52 41.21 1.43
CA SER A 716 -16.05 41.50 2.75
C SER A 716 -16.70 40.29 3.40
N ASP A 717 -17.29 39.41 2.57
CA ASP A 717 -17.99 38.24 3.08
C ASP A 717 -17.09 37.33 3.91
N ILE A 718 -15.92 36.98 3.38
CA ILE A 718 -14.93 36.24 4.14
C ILE A 718 -14.26 37.17 5.15
N SER A 719 -14.03 38.43 4.76
CA SER A 719 -13.43 39.44 5.64
C SER A 719 -14.17 39.53 6.98
N GLU A 720 -15.49 39.71 6.93
CA GLU A 720 -16.25 39.80 8.18
C GLU A 720 -16.20 38.48 8.93
N ASN A 721 -16.39 37.36 8.22
CA ASN A 721 -16.39 36.06 8.87
C ASN A 721 -15.07 35.79 9.58
N LEU A 722 -13.96 36.19 8.96
CA LEU A 722 -12.65 35.99 9.59
C LEU A 722 -12.51 36.82 10.86
N LYS A 723 -12.92 38.10 10.80
CA LYS A 723 -13.05 38.92 12.01
C LYS A 723 -13.85 38.18 13.08
N ARG A 724 -15.08 37.76 12.74
CA ARG A 724 -15.97 37.18 13.74
C ARG A 724 -15.40 35.91 14.35
N TYR A 725 -14.64 35.11 13.58
CA TYR A 725 -14.01 33.92 14.15
C TYR A 725 -12.89 34.33 15.10
N LEU A 726 -12.13 35.37 14.71
CA LEU A 726 -10.99 35.82 15.49
C LEU A 726 -11.42 36.39 16.85
N LEU A 727 -12.40 37.28 16.85
CA LEU A 727 -12.82 37.89 18.09
C LEU A 727 -13.69 36.98 18.95
N GLN A 728 -14.30 35.94 18.36
CA GLN A 728 -15.15 35.08 19.17
C GLN A 728 -14.42 33.83 19.64
N TYR A 729 -13.51 33.28 18.84
CA TYR A 729 -12.85 32.07 19.28
C TYR A 729 -11.72 32.38 20.24
N PHE A 730 -11.09 33.55 20.08
CA PHE A 730 -9.98 33.96 20.94
C PHE A 730 -10.40 35.02 21.94
N LYS A 731 -11.71 35.18 22.13
CA LYS A 731 -12.19 36.14 23.11
C LYS A 731 -11.64 35.90 24.52
N PRO A 732 -11.53 34.67 25.03
CA PRO A 732 -11.02 34.55 26.40
C PRO A 732 -9.59 35.07 26.55
N VAL A 733 -8.72 34.84 25.58
CA VAL A 733 -7.38 35.36 25.77
C VAL A 733 -7.29 36.87 25.51
N ILE A 734 -8.02 37.39 24.50
CA ILE A 734 -8.02 38.83 24.23
C ILE A 734 -8.42 39.60 25.48
N ASP A 735 -9.48 39.13 26.14
CA ASP A 735 -10.11 39.92 27.18
C ASP A 735 -9.30 39.94 28.47
N ARG A 736 -8.42 38.97 28.67
CA ARG A 736 -7.66 38.99 29.93
C ARG A 736 -6.36 39.78 29.79
N GLN A 737 -6.04 40.25 28.60
CA GLN A 737 -4.87 41.10 28.42
C GLN A 737 -5.05 42.44 29.13
N SER A 738 -3.95 42.94 29.73
CA SER A 738 -3.91 44.19 30.47
C SER A 738 -3.36 45.32 29.62
N TRP A 739 -3.79 46.54 29.90
CA TRP A 739 -3.30 47.71 29.16
C TRP A 739 -2.12 48.36 29.86
N SER A 740 -1.05 47.59 29.99
CA SER A 740 0.04 47.91 30.92
C SER A 740 1.33 47.37 30.37
N ASP A 741 2.40 47.57 31.13
CA ASP A 741 3.72 47.12 30.73
C ASP A 741 4.14 45.85 31.46
N LYS A 742 3.24 45.20 32.18
CA LYS A 742 3.67 44.12 33.07
C LYS A 742 3.62 42.77 32.38
N GLY A 743 4.49 41.86 32.86
CA GLY A 743 4.58 40.51 32.33
C GLY A 743 5.94 40.26 31.72
N SER A 744 6.18 38.97 31.45
CA SER A 744 7.40 38.57 30.78
C SER A 744 7.39 39.05 29.34
N VAL A 745 8.53 38.88 28.66
CA VAL A 745 8.66 39.44 27.30
C VAL A 745 7.65 38.80 26.35
N TRP A 746 7.48 37.47 26.43
CA TRP A 746 6.46 36.84 25.61
C TRP A 746 5.07 37.23 26.06
N ASP A 747 4.88 37.43 27.37
CA ASP A 747 3.58 37.91 27.83
C ASP A 747 3.29 39.27 27.24
N ARG A 748 4.27 40.17 27.29
CA ARG A 748 4.08 41.51 26.72
C ARG A 748 3.77 41.43 25.22
N MET A 749 4.56 40.69 24.47
CA MET A 749 4.32 40.61 23.04
C MET A 749 2.89 40.12 22.75
N LEU A 750 2.42 39.13 23.51
CA LEU A 750 1.08 38.59 23.29
C LEU A 750 0.01 39.61 23.66
N ARG A 751 0.33 40.57 24.52
CA ARG A 751 -0.61 41.66 24.79
C ARG A 751 -0.73 42.56 23.58
N SER A 752 0.40 43.13 23.16
CA SER A 752 0.34 44.09 22.06
C SER A 752 -0.28 43.44 20.84
N ALA A 753 0.12 42.21 20.51
CA ALA A 753 -0.41 41.55 19.33
C ALA A 753 -1.93 41.48 19.38
N LEU A 754 -2.47 41.01 20.51
CA LEU A 754 -3.90 40.80 20.62
C LEU A 754 -4.65 42.12 20.70
N LEU A 755 -4.14 43.08 21.47
CA LEU A 755 -4.75 44.40 21.50
C LEU A 755 -4.74 45.07 20.14
N LYS A 756 -3.72 44.77 19.30
CA LYS A 756 -3.71 45.32 17.94
C LYS A 756 -4.74 44.64 17.05
N LEU A 757 -4.69 43.30 16.99
CA LEU A 757 -5.77 42.52 16.42
C LEU A 757 -7.17 43.07 16.75
N ALA A 758 -7.48 43.22 18.05
CA ALA A 758 -8.79 43.71 18.47
C ALA A 758 -9.11 45.09 17.93
N CYS A 759 -8.13 45.95 17.85
CA CYS A 759 -8.34 47.31 17.35
CA CYS A 759 -8.43 47.28 17.35
C CYS A 759 -8.36 47.35 15.83
N ASP A 760 -7.74 46.36 15.19
CA ASP A 760 -7.74 46.25 13.72
C ASP A 760 -9.01 45.59 13.21
N LEU A 761 -9.70 44.82 14.04
CA LEU A 761 -11.05 44.35 13.76
C LEU A 761 -12.11 45.27 14.39
N ASN A 762 -11.69 46.35 15.05
CA ASN A 762 -12.60 47.40 15.51
C ASN A 762 -13.48 46.97 16.67
N HIS A 763 -12.89 46.22 17.60
CA HIS A 763 -13.62 45.75 18.77
C HIS A 763 -13.89 46.93 19.69
N ALA A 764 -15.15 47.40 19.69
CA ALA A 764 -15.51 48.63 20.40
C ALA A 764 -14.86 48.77 21.77
N PRO A 765 -14.87 47.77 22.65
CA PRO A 765 -14.27 47.97 23.96
C PRO A 765 -12.79 48.22 23.90
N CYS A 766 -12.12 47.65 22.89
CA CYS A 766 -10.69 47.83 22.76
CA CYS A 766 -10.68 47.86 22.79
C CYS A 766 -10.35 49.12 22.03
N ILE A 767 -11.21 49.55 21.10
CA ILE A 767 -11.01 50.84 20.48
C ILE A 767 -11.30 51.95 21.49
N GLN A 768 -12.20 51.69 22.44
CA GLN A 768 -12.59 52.76 23.33
C GLN A 768 -11.50 53.08 24.35
N LYS A 769 -10.79 52.05 24.82
CA LYS A 769 -9.68 52.32 25.74
C LYS A 769 -8.61 53.14 25.04
N ALA A 770 -8.34 52.84 23.76
CA ALA A 770 -7.27 53.53 23.05
C ALA A 770 -7.67 54.95 22.73
N ALA A 771 -8.92 55.15 22.34
CA ALA A 771 -9.43 56.50 22.16
C ALA A 771 -9.22 57.32 23.43
N GLU A 772 -9.56 56.74 24.60
CA GLU A 772 -9.53 57.51 25.84
C GLU A 772 -8.09 57.78 26.29
N LEU A 773 -7.23 56.75 26.30
CA LEU A 773 -5.81 56.98 26.54
C LEU A 773 -5.25 58.02 25.59
N PHE A 774 -5.68 58.01 24.32
CA PHE A 774 -5.17 58.99 23.39
C PHE A 774 -5.63 60.39 23.79
N SER A 775 -6.91 60.54 24.11
CA SER A 775 -7.40 61.87 24.44
C SER A 775 -6.69 62.40 25.68
N GLN A 776 -6.57 61.56 26.73
CA GLN A 776 -5.80 61.98 27.91
C GLN A 776 -4.38 62.38 27.52
N TRP A 777 -3.74 61.62 26.63
CA TRP A 777 -2.40 61.97 26.20
C TRP A 777 -2.40 63.34 25.54
N MET A 778 -3.35 63.58 24.64
CA MET A 778 -3.31 64.83 23.88
C MET A 778 -3.67 66.02 24.75
N GLU A 779 -4.52 65.82 25.77
CA GLU A 779 -4.89 66.94 26.63
C GLU A 779 -3.84 67.24 27.69
N SER A 780 -2.85 66.37 27.86
CA SER A 780 -1.72 66.63 28.75
C SER A 780 -0.54 67.29 28.04
N SER A 781 -0.70 67.63 26.76
CA SER A 781 0.38 68.13 25.90
C SER A 781 1.53 67.13 25.78
N GLY A 782 1.20 65.83 25.80
CA GLY A 782 2.20 64.77 25.67
C GLY A 782 2.77 64.27 26.98
N LYS A 783 2.32 64.80 28.12
CA LYS A 783 2.99 64.53 29.39
C LYS A 783 2.62 63.15 29.94
N LEU A 784 1.36 62.73 29.78
CA LEU A 784 0.92 61.43 30.27
C LEU A 784 1.70 60.31 29.59
N ASN A 785 2.05 59.28 30.37
CA ASN A 785 2.84 58.15 29.88
C ASN A 785 1.86 57.02 29.57
N ILE A 786 1.74 56.70 28.29
CA ILE A 786 0.99 55.52 27.86
C ILE A 786 1.91 54.32 28.06
N PRO A 787 1.39 53.14 28.41
CA PRO A 787 2.25 51.96 28.47
C PRO A 787 2.89 51.74 27.12
N THR A 788 4.15 51.32 27.12
CA THR A 788 4.84 51.19 25.85
C THR A 788 4.14 50.16 24.97
N ASP A 789 3.75 49.01 25.53
CA ASP A 789 3.19 47.94 24.71
C ASP A 789 1.86 48.32 24.07
N VAL A 790 1.27 49.43 24.49
CA VAL A 790 0.04 49.96 23.95
C VAL A 790 0.28 51.22 23.12
N LEU A 791 1.54 51.65 23.01
CA LEU A 791 1.87 52.98 22.49
C LEU A 791 1.52 53.11 21.01
N LYS A 792 1.74 52.07 20.22
CA LYS A 792 1.42 52.18 18.80
C LYS A 792 -0.09 52.12 18.58
N ILE A 793 -0.77 51.17 19.24
CA ILE A 793 -2.23 51.05 19.14
C ILE A 793 -2.89 52.37 19.48
N VAL A 794 -2.43 53.04 20.54
CA VAL A 794 -3.13 54.25 20.93
C VAL A 794 -2.92 55.35 19.90
N TYR A 795 -1.74 55.41 19.28
CA TYR A 795 -1.52 56.50 18.33
C TYR A 795 -2.31 56.27 17.05
N SER A 796 -2.32 55.04 16.53
CA SER A 796 -3.01 54.82 15.27
C SER A 796 -4.54 54.81 15.44
N VAL A 797 -5.05 54.59 16.66
CA VAL A 797 -6.43 54.97 16.95
C VAL A 797 -6.57 56.49 16.90
N GLY A 798 -5.62 57.21 17.50
CA GLY A 798 -5.64 58.66 17.49
C GLY A 798 -5.45 59.24 16.11
N ALA A 799 -4.61 58.59 15.29
CA ALA A 799 -4.41 59.01 13.91
C ALA A 799 -5.69 58.93 13.08
N GLN A 800 -6.69 58.20 13.56
CA GLN A 800 -7.89 57.93 12.78
C GLN A 800 -8.78 59.13 12.60
N THR A 801 -8.59 60.16 13.41
CA THR A 801 -9.21 61.46 13.26
C THR A 801 -8.16 62.48 12.91
N THR A 802 -8.54 63.49 12.11
CA THR A 802 -7.52 64.42 11.61
C THR A 802 -6.97 65.33 12.71
N ALA A 803 -7.75 65.59 13.77
CA ALA A 803 -7.18 66.25 14.93
C ALA A 803 -6.07 65.42 15.55
N GLY A 804 -6.35 64.13 15.75
CA GLY A 804 -5.31 63.23 16.24
C GLY A 804 -4.17 63.12 15.25
N TRP A 805 -4.50 62.93 13.97
CA TRP A 805 -3.48 62.77 12.95
C TRP A 805 -2.54 63.98 12.96
N ASN A 806 -3.10 65.18 13.05
CA ASN A 806 -2.29 66.39 13.06
C ASN A 806 -1.40 66.46 14.27
N TYR A 807 -1.93 66.12 15.44
CA TYR A 807 -1.14 66.26 16.65
C TYR A 807 0.05 65.31 16.61
N LEU A 808 -0.18 64.11 16.05
CA LEU A 808 0.88 63.12 15.91
C LEU A 808 1.98 63.59 14.97
N LEU A 809 1.61 64.16 13.81
CA LEU A 809 2.62 64.71 12.91
C LEU A 809 3.40 65.87 13.56
N GLU A 810 2.71 66.74 14.32
CA GLU A 810 3.43 67.78 15.07
C GLU A 810 4.32 67.17 16.13
N GLN A 811 3.87 66.07 16.75
CA GLN A 811 4.64 65.48 17.85
C GLN A 811 5.82 64.70 17.33
N TYR A 812 5.73 64.18 16.10
CA TYR A 812 6.86 63.51 15.46
C TYR A 812 8.11 64.38 15.47
N GLU A 813 7.95 65.68 15.16
CA GLU A 813 9.10 66.56 14.96
C GLU A 813 9.78 66.93 16.27
N LEU A 814 9.06 66.82 17.38
CA LEU A 814 9.50 67.28 18.68
C LEU A 814 10.00 66.15 19.57
N SER A 815 9.91 64.90 19.13
CA SER A 815 10.25 63.75 19.96
C SER A 815 11.75 63.54 20.08
N MET A 816 12.18 63.19 21.29
CA MET A 816 13.58 62.90 21.58
C MET A 816 13.89 61.39 21.61
N SER A 817 12.95 60.54 21.13
CA SER A 817 13.20 59.10 20.98
C SER A 817 12.67 58.62 19.64
N SER A 818 13.59 58.44 18.70
CA SER A 818 13.49 57.60 17.52
C SER A 818 12.52 56.43 17.66
N ALA A 819 12.60 55.71 18.78
CA ALA A 819 11.60 54.71 19.12
C ALA A 819 10.19 55.28 19.06
N GLU A 820 9.96 56.43 19.68
CA GLU A 820 8.61 56.96 19.63
C GLU A 820 8.31 57.41 18.24
N GLN A 821 9.26 58.14 17.63
CA GLN A 821 9.05 58.68 16.29
C GLN A 821 8.55 57.61 15.37
N ASN A 822 9.15 56.42 15.48
CA ASN A 822 8.78 55.31 14.63
C ASN A 822 7.35 54.88 14.90
N LYS A 823 6.96 54.71 16.16
CA LYS A 823 5.57 54.35 16.39
C LYS A 823 4.62 55.41 15.85
N ILE A 824 4.99 56.69 15.93
CA ILE A 824 4.07 57.72 15.42
C ILE A 824 3.93 57.62 13.91
N LEU A 825 4.99 57.23 13.23
CA LEU A 825 4.93 57.16 11.77
C LEU A 825 4.03 56.02 11.31
N TYR A 826 4.07 54.87 11.99
CA TYR A 826 3.11 53.81 11.75
C TYR A 826 1.68 54.31 11.96
N ALA A 827 1.46 55.06 13.07
CA ALA A 827 0.17 55.69 13.32
C ALA A 827 -0.24 56.58 12.15
N LEU A 828 0.68 57.40 11.65
CA LEU A 828 0.31 58.28 10.56
C LEU A 828 -0.05 57.46 9.31
N SER A 829 0.69 56.38 9.03
CA SER A 829 0.36 55.58 7.85
C SER A 829 -0.98 54.86 8.00
N THR A 830 -1.54 54.87 9.19
CA THR A 830 -2.76 54.15 9.44
C THR A 830 -3.96 54.93 8.92
N SER A 831 -3.69 56.13 8.43
CA SER A 831 -4.76 57.01 8.02
C SER A 831 -5.53 56.41 6.87
N LYS A 832 -6.81 56.73 6.80
CA LYS A 832 -7.61 56.24 5.71
C LYS A 832 -7.74 57.28 4.59
N HIS A 833 -7.42 58.54 4.86
CA HIS A 833 -7.49 59.61 3.87
C HIS A 833 -6.27 59.57 2.97
N GLN A 834 -6.49 59.54 1.65
CA GLN A 834 -5.34 59.37 0.75
C GLN A 834 -4.47 60.62 0.78
N GLU A 835 -5.09 61.80 0.82
CA GLU A 835 -4.33 63.04 0.83
C GLU A 835 -3.38 63.10 2.03
N LYS A 836 -3.75 62.47 3.15
CA LYS A 836 -2.82 62.42 4.27
C LYS A 836 -1.67 61.47 3.96
N LEU A 837 -1.99 60.24 3.53
CA LEU A 837 -0.93 59.28 3.22
C LEU A 837 0.00 59.83 2.17
N LEU A 838 -0.56 60.53 1.17
CA LEU A 838 0.25 61.11 0.11
C LEU A 838 1.15 62.22 0.64
N LYS A 839 0.69 62.95 1.67
CA LYS A 839 1.55 63.94 2.30
C LYS A 839 2.74 63.27 2.97
N LEU A 840 2.49 62.15 3.66
CA LEU A 840 3.54 61.35 4.29
C LEU A 840 4.63 61.00 3.29
N ILE A 841 4.27 60.40 2.15
CA ILE A 841 5.30 60.09 1.17
C ILE A 841 5.82 61.37 0.52
N GLU A 842 5.01 62.44 0.48
CA GLU A 842 5.56 63.71 0.01
C GLU A 842 6.64 64.21 0.97
N LEU A 843 6.35 64.18 2.26
CA LEU A 843 7.36 64.56 3.25
C LEU A 843 8.59 63.65 3.18
N GLY A 844 8.40 62.37 2.85
CA GLY A 844 9.52 61.46 2.71
C GLY A 844 10.46 61.83 1.57
N MET A 845 9.92 62.32 0.47
CA MET A 845 10.79 62.71 -0.64
C MET A 845 11.59 63.98 -0.34
N GLU A 846 11.07 64.87 0.54
CA GLU A 846 11.79 66.09 0.91
C GLU A 846 12.95 65.81 1.85
N GLY A 847 12.89 64.72 2.60
CA GLY A 847 13.90 64.39 3.58
C GLY A 847 14.04 65.34 4.76
N LYS A 848 13.21 66.39 4.87
CA LYS A 848 13.37 67.29 6.00
C LYS A 848 12.52 66.84 7.19
N VAL A 849 11.19 66.84 7.03
CA VAL A 849 10.31 66.45 8.13
C VAL A 849 10.49 64.98 8.46
N ILE A 850 10.33 64.15 7.45
CA ILE A 850 10.57 62.72 7.56
C ILE A 850 11.85 62.42 6.78
N LYS A 851 12.85 61.89 7.46
CA LYS A 851 14.09 61.61 6.76
C LYS A 851 13.88 60.52 5.72
N THR A 852 14.72 60.55 4.67
CA THR A 852 14.55 59.60 3.57
C THR A 852 14.88 58.18 3.96
N GLN A 853 15.68 57.98 5.01
CA GLN A 853 16.03 56.61 5.37
C GLN A 853 14.82 55.84 5.84
N ASN A 854 13.79 56.53 6.30
CA ASN A 854 12.56 55.86 6.67
C ASN A 854 11.50 55.88 5.58
N LEU A 855 11.82 56.44 4.40
CA LEU A 855 10.88 56.54 3.29
C LEU A 855 10.55 55.19 2.68
N ALA A 856 11.55 54.33 2.48
CA ALA A 856 11.27 52.95 2.13
C ALA A 856 10.41 52.30 3.20
N ALA A 857 10.83 52.36 4.46
CA ALA A 857 9.98 51.85 5.53
C ALA A 857 8.59 52.47 5.46
N LEU A 858 8.50 53.78 5.19
CA LEU A 858 7.21 54.43 5.19
C LEU A 858 6.34 53.88 4.06
N LEU A 859 6.87 53.89 2.85
CA LEU A 859 6.10 53.41 1.71
C LEU A 859 5.50 52.07 2.04
N HIS A 860 6.32 51.21 2.64
CA HIS A 860 5.90 49.83 2.85
C HIS A 860 4.68 49.76 3.75
N ALA A 861 4.71 50.53 4.85
CA ALA A 861 3.54 50.61 5.72
C ALA A 861 2.32 50.98 4.91
N ILE A 862 2.39 52.15 4.26
CA ILE A 862 1.27 52.70 3.52
C ILE A 862 0.67 51.67 2.59
N ALA A 863 1.52 51.00 1.80
CA ALA A 863 1.09 49.99 0.84
C ALA A 863 0.50 48.74 1.50
N ARG A 864 0.92 48.40 2.73
CA ARG A 864 0.31 47.27 3.41
C ARG A 864 -1.19 47.51 3.57
N ARG A 865 -1.56 48.71 4.02
CA ARG A 865 -2.95 49.06 4.32
C ARG A 865 -3.77 49.19 3.03
N PRO A 866 -5.02 48.74 3.02
CA PRO A 866 -5.79 48.74 1.76
C PRO A 866 -6.04 50.12 1.18
N LYS A 867 -6.33 51.13 2.00
CA LYS A 867 -6.59 52.44 1.43
C LYS A 867 -5.38 52.96 0.68
N GLY A 868 -4.19 52.65 1.14
CA GLY A 868 -3.03 53.25 0.49
C GLY A 868 -2.27 52.33 -0.45
N GLN A 869 -2.86 51.21 -0.80
CA GLN A 869 -2.12 50.17 -1.52
C GLN A 869 -1.87 50.58 -2.96
N GLN A 870 -2.90 51.12 -3.61
CA GLN A 870 -2.69 51.61 -4.97
C GLN A 870 -1.86 52.87 -4.94
N LEU A 871 -2.14 53.74 -3.98
CA LEU A 871 -1.42 55.00 -3.87
C LEU A 871 0.10 54.77 -3.83
N ALA A 872 0.53 53.75 -3.08
CA ALA A 872 1.95 53.42 -3.06
C ALA A 872 2.42 52.95 -4.41
N TRP A 873 1.74 51.95 -4.96
CA TRP A 873 2.14 51.35 -6.23
C TRP A 873 2.14 52.38 -7.33
N ASP A 874 1.14 53.28 -7.33
CA ASP A 874 1.09 54.33 -8.32
C ASP A 874 2.25 55.30 -8.13
N PHE A 875 2.54 55.65 -6.88
CA PHE A 875 3.60 56.61 -6.63
C PHE A 875 4.95 56.10 -7.14
N VAL A 876 5.29 54.87 -6.76
CA VAL A 876 6.58 54.29 -7.17
C VAL A 876 6.70 54.34 -8.69
N ARG A 877 5.61 54.07 -9.39
CA ARG A 877 5.73 54.08 -10.85
C ARG A 877 5.96 55.48 -11.38
N GLU A 878 5.25 56.48 -10.84
CA GLU A 878 5.30 57.83 -11.38
C GLU A 878 6.61 58.52 -11.08
N ASN A 879 7.30 58.09 -10.02
CA ASN A 879 8.56 58.71 -9.59
C ASN A 879 9.70 57.70 -9.55
N TRP A 880 9.72 56.71 -10.43
CA TRP A 880 10.82 55.77 -10.35
C TRP A 880 12.12 56.42 -10.78
N THR A 881 12.05 57.48 -11.60
CA THR A 881 13.27 58.21 -11.90
C THR A 881 13.81 58.89 -10.66
N HIS A 882 12.91 59.41 -9.81
CA HIS A 882 13.36 60.18 -8.66
C HIS A 882 13.85 59.27 -7.56
N LEU A 883 13.25 58.09 -7.41
CA LEU A 883 13.77 57.14 -6.42
C LEU A 883 15.16 56.67 -6.78
N LEU A 884 15.48 56.57 -8.09
CA LEU A 884 16.83 56.11 -8.45
C LEU A 884 17.88 57.16 -8.17
N LYS A 885 17.48 58.44 -8.15
CA LYS A 885 18.46 59.47 -7.84
C LYS A 885 18.78 59.46 -6.35
N LYS A 886 17.84 59.02 -5.52
CA LYS A 886 18.05 59.11 -4.09
C LYS A 886 18.73 57.86 -3.54
N PHE A 887 18.57 56.73 -4.21
CA PHE A 887 18.94 55.43 -3.66
C PHE A 887 19.60 54.60 -4.73
N ASP A 888 20.62 53.85 -4.34
CA ASP A 888 21.28 52.95 -5.27
C ASP A 888 20.36 51.79 -5.64
N LEU A 889 20.47 51.36 -6.91
CA LEU A 889 19.57 50.30 -7.40
C LEU A 889 19.71 49.02 -6.59
N GLY A 890 20.90 48.76 -6.06
CA GLY A 890 21.15 47.61 -5.22
C GLY A 890 20.85 47.82 -3.76
N SER A 891 20.41 49.00 -3.38
CA SER A 891 20.16 49.30 -1.97
C SER A 891 19.04 48.41 -1.44
N TYR A 892 19.07 48.21 -0.12
CA TYR A 892 17.94 47.60 0.56
C TYR A 892 16.72 48.51 0.48
N ASP A 893 16.93 49.84 0.40
CA ASP A 893 15.80 50.75 0.28
C ASP A 893 14.99 50.45 -0.98
N ILE A 894 15.67 50.34 -2.12
CA ILE A 894 14.99 50.15 -3.40
C ILE A 894 14.34 48.78 -3.45
N ARG A 895 15.07 47.75 -3.04
CA ARG A 895 14.49 46.42 -2.99
C ARG A 895 13.25 46.43 -2.10
N MET A 896 13.29 47.16 -0.99
CA MET A 896 12.11 47.13 -0.12
C MET A 896 10.98 47.91 -0.77
N ILE A 897 11.30 49.01 -1.46
CA ILE A 897 10.24 49.80 -2.10
C ILE A 897 9.48 48.96 -3.12
N ILE A 898 10.21 48.27 -4.00
CA ILE A 898 9.70 47.35 -5.00
C ILE A 898 8.76 46.29 -4.42
N SER A 899 9.30 45.43 -3.56
CA SER A 899 8.49 44.36 -2.98
C SER A 899 7.51 44.92 -1.96
N GLY A 900 7.84 46.06 -1.35
CA GLY A 900 6.93 46.67 -0.39
C GLY A 900 5.59 47.05 -0.98
N THR A 901 5.56 47.43 -2.26
CA THR A 901 4.33 47.90 -2.87
C THR A 901 3.71 46.88 -3.83
N THR A 902 4.40 45.77 -4.14
CA THR A 902 3.86 44.84 -5.13
C THR A 902 3.66 43.42 -4.65
N ALA A 903 4.51 42.91 -3.76
CA ALA A 903 4.50 41.49 -3.40
C ALA A 903 3.21 41.05 -2.70
N HIS A 904 2.41 41.97 -2.20
CA HIS A 904 1.14 41.58 -1.62
C HIS A 904 0.02 41.45 -2.66
N PHE A 905 0.26 41.80 -3.93
CA PHE A 905 -0.78 41.73 -4.93
C PHE A 905 -1.14 40.28 -5.13
N SER A 906 -2.43 40.00 -5.41
CA SER A 906 -2.94 38.64 -5.52
C SER A 906 -3.96 38.54 -6.65
N SER A 907 -3.84 39.41 -7.64
CA SER A 907 -4.67 39.43 -8.84
C SER A 907 -3.85 39.27 -10.12
N LYS A 908 -4.39 38.53 -11.07
CA LYS A 908 -3.78 38.48 -12.39
C LYS A 908 -3.64 39.88 -13.01
N ASP A 909 -4.58 40.79 -12.75
CA ASP A 909 -4.47 42.13 -13.33
C ASP A 909 -3.27 42.89 -12.78
N LYS A 910 -3.08 42.90 -11.46
CA LYS A 910 -1.90 43.57 -10.90
C LYS A 910 -0.62 42.86 -11.28
N LEU A 911 -0.67 41.54 -11.52
CA LEU A 911 0.56 40.89 -11.96
C LEU A 911 1.00 41.45 -13.30
N GLN A 912 0.04 41.69 -14.21
CA GLN A 912 0.39 42.22 -15.52
C GLN A 912 1.07 43.57 -15.36
N GLU A 913 0.46 44.48 -14.58
CA GLU A 913 1.06 45.79 -14.37
C GLU A 913 2.46 45.66 -13.78
N VAL A 914 2.68 44.63 -12.98
CA VAL A 914 3.99 44.48 -12.34
C VAL A 914 5.00 43.97 -13.34
N LYS A 915 4.61 42.94 -14.08
CA LYS A 915 5.47 42.48 -15.16
C LYS A 915 5.79 43.61 -16.11
N LEU A 916 4.78 44.40 -16.47
CA LEU A 916 4.99 45.51 -17.40
C LEU A 916 5.97 46.52 -16.83
N PHE A 917 5.81 46.87 -15.55
CA PHE A 917 6.72 47.81 -14.91
C PHE A 917 8.15 47.27 -14.92
N PHE A 918 8.33 46.01 -14.48
CA PHE A 918 9.67 45.44 -14.40
C PHE A 918 10.30 45.35 -15.78
N GLU A 919 9.49 45.03 -16.80
CA GLU A 919 9.99 45.06 -18.18
C GLU A 919 10.59 46.42 -18.51
N SER A 920 9.82 47.50 -18.30
CA SER A 920 10.34 48.84 -18.56
C SER A 920 11.67 49.04 -17.83
N LEU A 921 11.78 48.54 -16.59
CA LEU A 921 13.02 48.68 -15.84
C LEU A 921 14.15 47.94 -16.53
N GLU A 922 13.92 46.68 -16.92
CA GLU A 922 14.96 45.93 -17.60
C GLU A 922 15.38 46.61 -18.89
N ALA A 923 14.45 47.32 -19.54
CA ALA A 923 14.78 47.96 -20.82
C ALA A 923 15.79 49.08 -20.61
N GLN A 924 15.71 49.78 -19.48
CA GLN A 924 16.73 50.75 -19.06
C GLN A 924 17.85 49.99 -18.33
N GLY A 925 18.77 50.72 -17.68
CA GLY A 925 19.91 50.05 -17.08
C GLY A 925 19.56 49.04 -16.00
N SER A 926 18.39 49.18 -15.37
CA SER A 926 18.09 48.52 -14.10
C SER A 926 17.82 47.03 -14.27
N HIS A 927 18.47 46.21 -13.47
CA HIS A 927 18.15 44.79 -13.40
C HIS A 927 18.38 44.28 -11.99
N LEU A 928 17.33 43.78 -11.35
CA LEU A 928 17.43 43.23 -10.01
C LEU A 928 16.88 41.81 -9.98
N ASP A 929 17.44 40.99 -9.10
CA ASP A 929 16.93 39.64 -8.93
C ASP A 929 15.58 39.63 -8.27
N ILE A 930 15.23 40.73 -7.58
CA ILE A 930 13.97 40.85 -6.86
C ILE A 930 12.78 40.82 -7.80
N PHE A 931 12.96 41.32 -9.04
CA PHE A 931 11.84 41.40 -9.97
C PHE A 931 11.20 40.03 -10.14
N GLN A 932 12.01 39.01 -10.41
CA GLN A 932 11.49 37.64 -10.52
C GLN A 932 10.81 37.20 -9.22
N THR A 933 11.49 37.38 -8.08
CA THR A 933 10.95 36.94 -6.78
C THR A 933 9.59 37.57 -6.50
N VAL A 934 9.42 38.86 -6.79
CA VAL A 934 8.11 39.50 -6.69
C VAL A 934 7.11 38.79 -7.59
N LEU A 935 7.46 38.56 -8.86
CA LEU A 935 6.47 37.96 -9.74
C LEU A 935 6.12 36.53 -9.30
N GLU A 936 7.12 35.75 -8.86
CA GLU A 936 6.82 34.42 -8.36
C GLU A 936 6.00 34.47 -7.08
N THR A 937 6.14 35.55 -6.30
CA THR A 937 5.32 35.72 -5.10
C THR A 937 3.89 36.07 -5.45
N ILE A 938 3.70 36.98 -6.40
CA ILE A 938 2.34 37.34 -6.79
C ILE A 938 1.66 36.13 -7.39
N THR A 939 2.43 35.36 -8.14
CA THR A 939 1.88 34.20 -8.81
C THR A 939 1.48 33.16 -7.80
N LYS A 940 2.26 33.04 -6.72
CA LYS A 940 1.91 32.08 -5.70
C LYS A 940 0.63 32.50 -4.97
N ASN A 941 0.42 33.81 -4.81
CA ASN A 941 -0.79 34.36 -4.20
C ASN A 941 -2.02 34.17 -5.07
N ILE A 942 -1.86 34.29 -6.38
CA ILE A 942 -2.96 34.04 -7.29
C ILE A 942 -3.34 32.56 -7.26
N LYS A 943 -2.36 31.67 -7.29
CA LYS A 943 -2.67 30.26 -7.29
C LYS A 943 -3.25 29.81 -5.96
N TRP A 944 -2.67 30.28 -4.84
CA TRP A 944 -3.20 29.94 -3.52
C TRP A 944 -4.63 30.44 -3.33
N LEU A 945 -4.93 31.62 -3.87
CA LEU A 945 -6.31 32.12 -3.89
C LEU A 945 -7.22 31.23 -4.71
N GLU A 946 -6.74 30.82 -5.89
CA GLU A 946 -7.58 30.03 -6.75
C GLU A 946 -7.90 28.67 -6.12
N LYS A 947 -6.91 27.98 -5.56
CA LYS A 947 -7.20 26.65 -5.03
C LYS A 947 -7.93 26.68 -3.70
N ASN A 948 -7.78 27.75 -2.92
CA ASN A 948 -8.13 27.65 -1.51
C ASN A 948 -9.23 28.59 -1.06
N LEU A 949 -9.45 29.73 -1.72
CA LEU A 949 -10.47 30.68 -1.26
C LEU A 949 -11.82 30.02 -0.97
N PRO A 950 -12.40 29.19 -1.86
CA PRO A 950 -13.70 28.63 -1.51
C PRO A 950 -13.63 27.71 -0.30
N THR A 951 -12.47 27.06 -0.07
CA THR A 951 -12.34 26.29 1.15
C THR A 951 -12.34 27.19 2.38
N LEU A 952 -11.72 28.36 2.27
CA LEU A 952 -11.76 29.27 3.41
C LEU A 952 -13.17 29.81 3.65
N ARG A 953 -14.00 29.89 2.59
CA ARG A 953 -15.33 30.47 2.80
C ARG A 953 -16.25 29.46 3.46
N THR A 954 -16.22 28.22 2.98
CA THR A 954 -17.03 27.16 3.56
C THR A 954 -16.54 26.81 4.96
N TRP A 955 -15.22 26.77 5.18
CA TRP A 955 -14.72 26.45 6.50
C TRP A 955 -15.29 27.40 7.54
N LEU A 956 -15.23 28.69 7.22
CA LEU A 956 -15.64 29.73 8.18
C LEU A 956 -17.16 29.75 8.36
N MET A 957 -17.90 29.54 7.27
CA MET A 957 -19.35 29.42 7.40
C MET A 957 -19.72 28.17 8.17
N VAL A 958 -18.95 27.10 8.02
CA VAL A 958 -19.20 25.91 8.81
C VAL A 958 -19.03 26.20 10.30
N ASN A 959 -17.98 26.94 10.63
CA ASN A 959 -17.72 27.24 12.02
C ASN A 959 -18.87 28.05 12.63
N THR A 960 -19.34 29.06 11.90
CA THR A 960 -20.51 29.82 12.34
C THR A 960 -21.69 28.91 12.60
N ARG A 961 -21.82 27.89 11.77
CA ARG A 961 -22.99 27.05 11.82
C ARG A 961 -22.97 26.14 13.04
N HIS A 962 -21.78 25.84 13.56
CA HIS A 962 -21.68 24.98 14.73
C HIS A 962 -21.92 25.76 16.00
N HIS A 963 -21.48 27.01 16.05
CA HIS A 963 -21.65 27.81 17.24
C HIS A 963 -21.82 29.28 16.93
N GLY B 51 -73.86 10.73 28.97
CA GLY B 51 -72.45 10.41 28.97
C GLY B 51 -72.12 9.09 28.28
N ALA B 52 -72.58 8.91 27.04
CA ALA B 52 -72.53 7.63 26.34
C ALA B 52 -71.94 7.81 24.94
N PHE B 53 -70.58 7.80 24.88
CA PHE B 53 -69.62 8.10 23.82
C PHE B 53 -69.35 6.91 22.90
N PRO B 54 -68.26 6.88 22.11
CA PRO B 54 -67.88 5.63 21.43
C PRO B 54 -67.03 4.74 22.31
N VAL B 55 -66.95 3.49 21.90
CA VAL B 55 -66.25 2.45 22.67
C VAL B 55 -64.77 2.50 22.35
N ALA B 56 -63.95 2.04 23.29
CA ALA B 56 -62.53 1.87 23.09
C ALA B 56 -62.24 0.39 22.93
N THR B 57 -60.96 0.08 22.72
CA THR B 57 -60.54 -1.28 22.35
C THR B 57 -60.72 -2.28 23.49
N ASN B 58 -60.77 -1.79 24.73
CA ASN B 58 -61.00 -2.70 25.84
C ASN B 58 -62.47 -2.71 26.27
N GLY B 59 -63.19 -1.61 26.06
CA GLY B 59 -64.60 -1.61 26.38
C GLY B 59 -65.08 -0.42 27.20
N GLU B 60 -64.20 0.48 27.55
CA GLU B 60 -64.67 1.68 28.20
C GLU B 60 -64.98 2.71 27.13
N ARG B 61 -65.84 3.66 27.49
CA ARG B 61 -66.23 4.70 26.55
C ARG B 61 -65.07 5.66 26.34
N PHE B 62 -64.89 6.17 25.06
CA PHE B 62 -63.74 6.99 24.67
C PHE B 62 -64.03 8.46 24.88
N PRO B 63 -63.17 9.18 25.59
CA PRO B 63 -63.48 10.58 25.95
C PRO B 63 -63.75 11.49 24.78
N TRP B 64 -63.09 11.28 23.65
CA TRP B 64 -63.15 12.20 22.52
C TRP B 64 -63.81 11.51 21.34
N GLN B 65 -64.40 12.28 20.44
CA GLN B 65 -65.02 11.69 19.27
C GLN B 65 -64.99 12.57 18.03
N GLU B 66 -64.37 13.74 18.07
CA GLU B 66 -64.13 14.54 16.87
C GLU B 66 -62.83 14.13 16.21
N LEU B 67 -62.80 14.21 14.89
CA LEU B 67 -61.71 13.56 14.15
C LEU B 67 -60.39 14.30 14.28
N ARG B 68 -60.46 15.61 14.53
CA ARG B 68 -59.29 16.42 14.82
C ARG B 68 -58.90 16.34 16.31
N LEU B 69 -57.67 16.75 16.59
CA LEU B 69 -57.22 16.72 17.97
C LEU B 69 -57.58 18.03 18.68
N PRO B 70 -57.85 17.97 19.98
CA PRO B 70 -58.29 19.17 20.69
C PRO B 70 -57.16 20.15 20.87
N SER B 71 -57.53 21.38 21.18
CA SER B 71 -56.63 22.52 21.15
C SER B 71 -56.04 22.86 22.51
N VAL B 72 -56.31 22.07 23.54
CA VAL B 72 -55.96 22.48 24.90
C VAL B 72 -54.52 22.15 25.22
N VAL B 73 -54.01 21.04 24.70
CA VAL B 73 -52.66 20.59 25.01
C VAL B 73 -51.80 20.83 23.77
N ILE B 74 -50.63 21.39 24.00
CA ILE B 74 -49.73 21.83 22.93
C ILE B 74 -48.40 21.11 23.12
N PRO B 75 -47.94 20.32 22.15
CA PRO B 75 -46.60 19.70 22.29
C PRO B 75 -45.51 20.73 22.07
N LEU B 76 -44.58 20.79 23.01
CA LEU B 76 -43.47 21.73 22.88
C LEU B 76 -42.20 21.07 22.38
N HIS B 77 -41.87 19.87 22.85
CA HIS B 77 -40.61 19.21 22.49
C HIS B 77 -40.77 17.71 22.70
N TYR B 78 -40.57 16.94 21.64
CA TYR B 78 -40.58 15.48 21.74
C TYR B 78 -39.17 14.96 22.04
N ASP B 79 -39.10 13.98 22.93
CA ASP B 79 -37.85 13.27 23.22
C ASP B 79 -38.09 11.81 22.86
N LEU B 80 -37.47 11.34 21.80
CA LEU B 80 -37.89 10.12 21.13
C LEU B 80 -36.75 9.13 21.04
N PHE B 81 -36.97 7.91 21.53
CA PHE B 81 -35.97 6.85 21.54
C PHE B 81 -36.52 5.66 20.77
N VAL B 82 -35.74 5.17 19.81
CA VAL B 82 -36.14 4.08 18.95
C VAL B 82 -35.04 3.05 18.95
N HIS B 83 -35.43 1.78 19.07
CA HIS B 83 -34.51 0.65 19.15
C HIS B 83 -34.98 -0.40 18.14
N PRO B 84 -34.79 -0.15 16.85
CA PRO B 84 -35.18 -1.15 15.87
C PRO B 84 -34.11 -2.21 15.77
N ASN B 85 -34.58 -3.45 15.73
CA ASN B 85 -33.74 -4.59 15.43
C ASN B 85 -34.14 -5.08 14.05
N LEU B 86 -33.16 -5.15 13.14
CA LEU B 86 -33.41 -5.37 11.72
C LEU B 86 -33.48 -6.85 11.34
N THR B 87 -33.19 -7.77 12.26
CA THR B 87 -33.37 -9.19 12.00
C THR B 87 -34.54 -9.80 12.75
N SER B 88 -34.99 -9.15 13.82
CA SER B 88 -36.30 -9.44 14.41
C SER B 88 -37.43 -8.75 13.65
N LEU B 89 -37.11 -7.70 12.89
CA LEU B 89 -38.06 -6.91 12.10
C LEU B 89 -39.12 -6.24 12.95
N ASP B 90 -38.82 -6.09 14.22
CA ASP B 90 -39.63 -5.31 15.14
C ASP B 90 -38.79 -4.16 15.65
N PHE B 91 -39.44 -3.28 16.41
CA PHE B 91 -38.75 -2.21 17.12
C PHE B 91 -39.37 -2.06 18.50
N VAL B 92 -38.53 -1.78 19.48
CA VAL B 92 -38.93 -1.33 20.81
C VAL B 92 -38.63 0.16 20.88
N ALA B 93 -39.45 0.91 21.63
CA ALA B 93 -39.32 2.36 21.60
C ALA B 93 -39.88 2.96 22.89
N SER B 94 -39.73 4.29 22.99
CA SER B 94 -40.22 5.09 24.12
C SER B 94 -40.01 6.57 23.83
N GLU B 95 -40.86 7.40 24.44
CA GLU B 95 -40.91 8.82 24.13
C GLU B 95 -41.37 9.61 25.34
N LYS B 96 -40.84 10.84 25.45
CA LYS B 96 -41.20 11.78 26.51
C LYS B 96 -41.52 13.13 25.84
N ILE B 97 -42.82 13.43 25.72
CA ILE B 97 -43.26 14.69 25.11
C ILE B 97 -43.37 15.76 26.18
N GLU B 98 -42.85 16.96 25.88
CA GLU B 98 -42.99 18.10 26.79
C GLU B 98 -44.18 18.94 26.35
N VAL B 99 -45.23 18.95 27.15
CA VAL B 99 -46.50 19.47 26.70
C VAL B 99 -46.91 20.65 27.56
N LEU B 100 -47.61 21.61 26.97
CA LEU B 100 -48.17 22.74 27.68
C LEU B 100 -49.69 22.66 27.58
N VAL B 101 -50.35 22.50 28.74
CA VAL B 101 -51.81 22.42 28.85
C VAL B 101 -52.39 23.81 29.08
N SER B 102 -53.41 24.17 28.29
CA SER B 102 -53.92 25.53 28.30
C SER B 102 -55.22 25.68 29.06
N ASN B 103 -56.18 24.80 28.83
CA ASN B 103 -57.43 24.78 29.57
C ASN B 103 -57.47 23.49 30.37
N ALA B 104 -57.91 23.57 31.62
CA ALA B 104 -57.84 22.41 32.52
C ALA B 104 -58.57 21.21 31.96
N THR B 105 -57.94 20.04 32.01
CA THR B 105 -58.48 18.82 31.42
C THR B 105 -58.15 17.58 32.27
N GLN B 106 -59.07 16.63 32.26
CA GLN B 106 -58.88 15.34 32.90
C GLN B 106 -58.56 14.26 31.87
N PHE B 107 -58.26 14.65 30.63
CA PHE B 107 -58.11 13.72 29.52
C PHE B 107 -57.01 14.21 28.59
N ILE B 108 -56.17 13.29 28.12
CA ILE B 108 -55.18 13.55 27.07
C ILE B 108 -55.53 12.70 25.87
N ILE B 109 -55.55 13.29 24.68
CA ILE B 109 -55.66 12.43 23.52
C ILE B 109 -54.66 12.85 22.46
N LEU B 110 -54.12 11.86 21.75
CA LEU B 110 -53.14 12.03 20.67
C LEU B 110 -53.35 10.89 19.68
N HIS B 111 -52.52 10.86 18.64
CA HIS B 111 -52.64 9.88 17.59
C HIS B 111 -51.67 8.74 17.82
N SER B 112 -52.11 7.52 17.48
CA SER B 112 -51.28 6.30 17.45
C SER B 112 -52.04 5.24 16.66
N LYS B 113 -51.35 4.50 15.81
CA LYS B 113 -52.03 3.49 15.02
C LYS B 113 -51.16 2.25 14.97
N ASP B 114 -51.77 1.10 15.28
CA ASP B 114 -51.07 -0.19 15.27
C ASP B 114 -49.75 -0.12 16.03
N LEU B 115 -49.76 0.61 17.16
CA LEU B 115 -48.66 0.67 18.10
C LEU B 115 -49.14 0.17 19.46
N GLU B 116 -48.30 -0.63 20.10
CA GLU B 116 -48.65 -1.34 21.33
C GLU B 116 -48.00 -0.58 22.49
N ILE B 117 -48.81 0.01 23.35
CA ILE B 117 -48.32 0.84 24.45
C ILE B 117 -48.31 0.04 25.73
N THR B 118 -47.22 0.14 26.49
CA THR B 118 -47.03 -0.72 27.65
C THR B 118 -46.90 0.04 28.96
N ASN B 119 -46.23 1.18 28.94
CA ASN B 119 -46.12 2.08 30.07
C ASN B 119 -46.69 3.44 29.67
N ALA B 120 -47.37 4.11 30.59
CA ALA B 120 -47.85 5.47 30.30
C ALA B 120 -47.85 6.28 31.60
N THR B 121 -46.83 7.15 31.75
CA THR B 121 -46.69 7.98 32.95
C THR B 121 -46.66 9.47 32.58
N LEU B 122 -47.21 10.26 33.48
CA LEU B 122 -47.24 11.71 33.37
C LEU B 122 -46.51 12.31 34.57
N GLN B 123 -45.40 13.01 34.30
CA GLN B 123 -44.61 13.76 35.27
C GLN B 123 -44.78 15.25 35.02
N SER B 124 -44.51 16.07 36.03
CA SER B 124 -44.47 17.52 35.83
C SER B 124 -43.41 18.16 36.72
N GLU B 125 -42.77 19.20 36.20
CA GLU B 125 -41.88 19.96 37.06
C GLU B 125 -42.63 21.06 37.78
N GLU B 126 -43.56 21.72 37.08
CA GLU B 126 -44.26 22.92 37.56
C GLU B 126 -45.50 22.57 38.38
N ASP B 127 -46.19 21.50 38.01
CA ASP B 127 -47.27 20.94 38.81
C ASP B 127 -46.67 19.83 39.65
N SER B 128 -46.40 20.10 40.92
CA SER B 128 -45.61 19.17 41.71
C SER B 128 -46.40 17.98 42.23
N ARG B 129 -47.71 17.92 42.01
CA ARG B 129 -48.45 16.69 42.26
C ARG B 129 -47.82 15.53 41.50
N TYR B 130 -47.36 15.79 40.29
CA TYR B 130 -46.76 14.78 39.44
C TYR B 130 -45.23 14.91 39.46
N MET B 131 -44.66 15.01 40.64
CA MET B 131 -43.21 15.07 40.69
C MET B 131 -42.62 13.70 40.37
N LYS B 132 -41.36 13.73 39.88
CA LYS B 132 -40.57 12.54 39.57
C LYS B 132 -40.78 11.51 40.66
N PRO B 133 -41.26 10.29 40.32
CA PRO B 133 -41.53 9.76 38.98
C PRO B 133 -42.95 9.91 38.44
N GLY B 134 -43.82 10.66 39.12
CA GLY B 134 -45.10 10.98 38.54
C GLY B 134 -46.10 9.85 38.76
N LYS B 135 -47.04 9.73 37.83
CA LYS B 135 -48.16 8.80 38.03
C LYS B 135 -48.37 7.93 36.79
N GLU B 136 -48.96 6.74 36.99
CA GLU B 136 -49.37 5.88 35.90
C GLU B 136 -50.61 6.42 35.21
N LEU B 137 -50.70 6.24 33.90
CA LEU B 137 -51.86 6.68 33.14
C LEU B 137 -52.57 5.51 32.48
N LYS B 138 -53.90 5.50 32.58
CA LYS B 138 -54.70 4.53 31.83
C LYS B 138 -54.70 4.94 30.35
N VAL B 139 -54.51 3.96 29.47
CA VAL B 139 -54.46 4.15 28.03
C VAL B 139 -55.68 3.49 27.39
N LEU B 140 -56.40 4.24 26.59
CA LEU B 140 -57.51 3.70 25.83
C LEU B 140 -57.17 3.81 24.35
N SER B 141 -57.50 2.78 23.58
CA SER B 141 -57.22 2.81 22.15
C SER B 141 -58.54 2.84 21.41
N TYR B 142 -58.62 3.70 20.41
CA TYR B 142 -59.81 3.83 19.56
C TYR B 142 -59.35 3.79 18.11
N PRO B 143 -58.98 2.62 17.60
CA PRO B 143 -58.29 2.56 16.30
C PRO B 143 -59.06 3.21 15.16
N ALA B 144 -60.38 3.23 15.26
CA ALA B 144 -61.21 3.77 14.18
C ALA B 144 -60.87 5.22 13.85
N HIS B 145 -60.22 5.94 14.77
CA HIS B 145 -59.85 7.33 14.57
C HIS B 145 -58.36 7.56 14.69
N GLU B 146 -57.57 6.48 14.71
CA GLU B 146 -56.13 6.56 14.92
C GLU B 146 -55.84 7.44 16.14
N GLN B 147 -56.68 7.32 17.14
CA GLN B 147 -56.59 8.11 18.35
C GLN B 147 -56.51 7.20 19.58
N ILE B 148 -55.70 7.61 20.56
CA ILE B 148 -55.63 6.96 21.84
C ILE B 148 -55.77 8.02 22.91
N ALA B 149 -56.28 7.62 24.07
CA ALA B 149 -56.65 8.52 25.16
C ALA B 149 -55.88 8.15 26.42
N LEU B 150 -55.07 9.09 26.91
CA LEU B 150 -54.40 8.94 28.20
C LEU B 150 -55.29 9.52 29.28
N LEU B 151 -55.68 8.70 30.25
CA LEU B 151 -56.55 9.14 31.33
C LEU B 151 -55.72 9.50 32.56
N VAL B 152 -55.77 10.78 32.97
CA VAL B 152 -54.99 11.20 34.14
C VAL B 152 -55.78 10.95 35.43
N PRO B 153 -55.11 10.55 36.51
CA PRO B 153 -55.83 10.47 37.79
C PRO B 153 -56.53 11.76 38.14
N GLU B 154 -55.83 12.89 38.07
CA GLU B 154 -56.42 14.13 38.56
C GLU B 154 -56.27 15.27 37.58
N LYS B 155 -57.31 16.11 37.56
CA LYS B 155 -57.46 17.18 36.58
C LYS B 155 -56.25 18.10 36.57
N LEU B 156 -55.83 18.48 35.37
CA LEU B 156 -54.62 19.28 35.18
C LEU B 156 -54.90 20.75 35.45
N THR B 157 -53.84 21.56 35.38
CA THR B 157 -53.95 22.97 35.68
C THR B 157 -53.54 23.80 34.48
N PRO B 158 -54.32 24.81 34.14
CA PRO B 158 -53.97 25.69 33.02
C PRO B 158 -52.56 26.25 33.14
N HIS B 159 -51.94 26.45 31.99
CA HIS B 159 -50.70 27.19 31.82
C HIS B 159 -49.48 26.49 32.38
N LEU B 160 -49.52 25.18 32.59
CA LEU B 160 -48.42 24.44 33.20
C LEU B 160 -47.86 23.36 32.27
N LYS B 161 -46.55 23.11 32.36
CA LYS B 161 -45.89 22.17 31.47
C LYS B 161 -45.77 20.81 32.15
N TYR B 162 -46.20 19.76 31.44
CA TYR B 162 -46.11 18.41 31.93
C TYR B 162 -45.27 17.60 30.96
N TYR B 163 -44.85 16.42 31.41
CA TYR B 163 -44.06 15.49 30.61
C TYR B 163 -44.80 14.16 30.51
N VAL B 164 -45.17 13.79 29.28
CA VAL B 164 -45.87 12.55 28.98
C VAL B 164 -44.86 11.54 28.48
N ALA B 165 -44.78 10.40 29.14
CA ALA B 165 -43.86 9.35 28.70
C ALA B 165 -44.63 8.10 28.34
N MET B 166 -44.19 7.42 27.27
CA MET B 166 -44.83 6.19 26.84
C MET B 166 -43.79 5.17 26.39
N ASP B 167 -43.99 3.90 26.80
CA ASP B 167 -43.20 2.77 26.35
C ASP B 167 -44.10 1.93 25.45
N PHE B 168 -43.66 1.70 24.20
CA PHE B 168 -44.52 1.12 23.17
C PHE B 168 -43.68 0.37 22.14
N GLN B 169 -44.35 -0.39 21.28
CA GLN B 169 -43.63 -1.30 20.38
C GLN B 169 -44.52 -1.70 19.20
N ALA B 170 -43.87 -2.13 18.11
CA ALA B 170 -44.57 -2.72 16.98
C ALA B 170 -43.57 -3.47 16.11
N LYS B 171 -44.08 -4.23 15.14
CA LYS B 171 -43.20 -4.76 14.13
C LYS B 171 -43.01 -3.71 13.06
N LEU B 172 -41.94 -3.84 12.30
CA LEU B 172 -41.73 -2.93 11.18
C LEU B 172 -42.81 -3.18 10.13
N GLY B 173 -43.27 -2.10 9.51
CA GLY B 173 -44.38 -2.21 8.60
C GLY B 173 -44.13 -3.19 7.45
N ASP B 174 -45.19 -3.84 7.01
CA ASP B 174 -45.06 -4.73 5.85
C ASP B 174 -45.17 -3.95 4.56
N GLY B 175 -45.80 -2.78 4.58
CA GLY B 175 -46.08 -1.92 3.46
C GLY B 175 -45.03 -0.86 3.25
N PHE B 176 -45.46 0.34 2.84
CA PHE B 176 -44.54 1.46 2.58
C PHE B 176 -44.92 2.71 3.37
N GLU B 177 -45.58 2.54 4.52
CA GLU B 177 -46.00 3.64 5.36
C GLU B 177 -45.48 3.42 6.77
N GLY B 178 -45.31 4.51 7.49
CA GLY B 178 -44.87 4.43 8.86
C GLY B 178 -43.41 4.04 8.90
N PHE B 179 -43.06 3.27 9.93
CA PHE B 179 -41.71 2.75 10.12
C PHE B 179 -41.67 1.36 9.49
N TYR B 180 -41.17 1.28 8.25
CA TYR B 180 -41.26 0.07 7.45
C TYR B 180 -39.89 -0.38 6.93
N LYS B 181 -39.72 -1.69 6.86
CA LYS B 181 -38.53 -2.27 6.22
C LYS B 181 -38.68 -2.26 4.71
N SER B 182 -37.56 -2.08 4.02
CA SER B 182 -37.47 -2.37 2.59
C SER B 182 -36.11 -3.03 2.33
N THR B 183 -35.90 -3.46 1.09
CA THR B 183 -34.76 -4.28 0.71
C THR B 183 -34.01 -3.67 -0.46
N TYR B 184 -32.86 -4.26 -0.76
CA TYR B 184 -32.18 -4.05 -2.03
C TYR B 184 -31.19 -5.17 -2.28
N ARG B 185 -30.68 -5.22 -3.51
CA ARG B 185 -29.77 -6.27 -3.96
C ARG B 185 -28.40 -5.67 -4.24
N THR B 186 -27.35 -6.21 -3.60
CA THR B 186 -25.98 -5.80 -3.88
C THR B 186 -25.60 -6.24 -5.28
N LEU B 187 -24.46 -5.72 -5.76
CA LEU B 187 -23.92 -6.24 -7.01
C LEU B 187 -23.62 -7.74 -6.90
N GLY B 188 -23.24 -8.20 -5.71
CA GLY B 188 -23.07 -9.63 -5.53
C GLY B 188 -24.36 -10.42 -5.64
N GLY B 189 -25.49 -9.79 -5.35
CA GLY B 189 -26.74 -10.51 -5.24
C GLY B 189 -27.24 -10.61 -3.81
N GLU B 190 -26.38 -10.34 -2.84
CA GLU B 190 -26.82 -10.17 -1.45
C GLU B 190 -28.04 -9.28 -1.45
N THR B 191 -29.07 -9.69 -0.72
CA THR B 191 -30.20 -8.80 -0.45
C THR B 191 -30.08 -8.33 0.99
N ARG B 192 -30.11 -7.01 1.21
CA ARG B 192 -29.93 -6.46 2.55
C ARG B 192 -31.20 -5.73 3.01
N ILE B 193 -31.31 -5.51 4.32
CA ILE B 193 -32.49 -4.90 4.92
C ILE B 193 -32.12 -3.56 5.55
N LEU B 194 -33.04 -2.61 5.44
CA LEU B 194 -32.96 -1.29 6.07
C LEU B 194 -34.36 -0.87 6.50
N ALA B 195 -34.45 -0.06 7.53
CA ALA B 195 -35.74 0.47 7.98
C ALA B 195 -35.76 1.95 7.69
N VAL B 196 -36.86 2.43 7.13
CA VAL B 196 -36.91 3.80 6.68
C VAL B 196 -38.28 4.34 7.05
N THR B 197 -38.44 5.66 7.04
CA THR B 197 -39.69 6.28 7.43
C THR B 197 -40.32 7.02 6.26
N ASP B 198 -41.64 6.84 6.11
CA ASP B 198 -42.47 7.78 5.35
C ASP B 198 -43.72 8.10 6.15
N PHE B 199 -43.95 9.39 6.43
CA PHE B 199 -45.02 9.84 7.31
C PHE B 199 -46.03 10.76 6.67
N GLU B 200 -45.61 11.67 5.78
CA GLU B 200 -46.59 12.52 5.12
C GLU B 200 -47.61 11.61 4.44
N PRO B 201 -48.93 11.79 4.70
CA PRO B 201 -49.41 12.89 5.55
C PRO B 201 -49.77 12.53 7.00
N THR B 202 -50.18 11.29 7.28
CA THR B 202 -50.68 10.95 8.60
C THR B 202 -50.04 9.70 9.20
N GLN B 203 -48.93 9.22 8.67
CA GLN B 203 -48.46 7.91 9.09
C GLN B 203 -47.46 7.95 10.22
N ALA B 204 -46.99 9.16 10.60
CA ALA B 204 -46.09 9.35 11.72
C ALA B 204 -46.61 8.73 13.00
N ARG B 205 -47.92 8.57 13.11
CA ARG B 205 -48.58 7.93 14.23
C ARG B 205 -48.42 6.42 14.19
N MET B 206 -47.90 5.86 13.12
CA MET B 206 -47.68 4.42 13.08
C MET B 206 -46.32 4.04 13.62
N ALA B 207 -45.49 5.02 13.96
CA ALA B 207 -44.14 4.81 14.48
C ALA B 207 -43.94 5.33 15.88
N PHE B 208 -44.67 6.37 16.27
CA PHE B 208 -44.70 6.74 17.67
C PHE B 208 -46.01 7.48 17.90
N PRO B 209 -46.62 7.32 19.07
CA PRO B 209 -47.80 8.12 19.38
C PRO B 209 -47.40 9.58 19.43
N CYS B 210 -48.26 10.44 18.89
CA CYS B 210 -47.88 11.84 18.77
C CYS B 210 -49.10 12.64 18.34
N PHE B 211 -48.93 13.97 18.33
CA PHE B 211 -49.95 14.90 17.85
C PHE B 211 -49.75 15.09 16.34
N ASP B 212 -50.40 14.23 15.55
CA ASP B 212 -50.18 14.09 14.12
C ASP B 212 -50.97 15.09 13.28
N GLU B 213 -51.19 16.32 13.77
CA GLU B 213 -51.64 17.35 12.83
C GLU B 213 -50.54 18.39 12.67
N PRO B 214 -50.40 18.96 11.47
CA PRO B 214 -49.15 19.67 11.14
C PRO B 214 -49.04 21.04 11.81
N LEU B 215 -50.09 21.51 12.45
CA LEU B 215 -50.02 22.74 13.22
C LEU B 215 -49.28 22.52 14.55
N PHE B 216 -49.58 21.43 15.24
CA PHE B 216 -48.75 20.95 16.34
C PHE B 216 -47.31 20.81 15.87
N LYS B 217 -46.52 21.88 15.99
CA LYS B 217 -45.11 21.82 15.67
C LYS B 217 -44.30 21.67 16.96
N ALA B 218 -43.14 21.01 16.86
CA ALA B 218 -42.36 20.78 18.06
C ALA B 218 -40.90 20.55 17.71
N ASN B 219 -40.06 20.65 18.73
CA ASN B 219 -38.67 20.24 18.64
C ASN B 219 -38.58 18.75 18.89
N PHE B 220 -37.80 18.04 18.06
CA PHE B 220 -37.66 16.59 18.16
C PHE B 220 -36.23 16.22 18.45
N SER B 221 -36.02 15.56 19.58
CA SER B 221 -34.71 15.05 19.94
C SER B 221 -34.73 13.54 19.85
N ILE B 222 -34.01 12.98 18.88
CA ILE B 222 -34.11 11.57 18.53
C ILE B 222 -32.80 10.85 18.88
N LYS B 223 -32.91 9.59 19.32
CA LYS B 223 -31.78 8.71 19.57
C LYS B 223 -32.11 7.31 19.09
N ILE B 224 -31.13 6.65 18.44
CA ILE B 224 -31.31 5.39 17.72
C ILE B 224 -30.24 4.42 18.15
N ARG B 225 -30.61 3.16 18.32
CA ARG B 225 -29.66 2.14 18.71
C ARG B 225 -29.46 1.13 17.58
N ARG B 226 -28.20 0.76 17.33
CA ARG B 226 -27.84 0.11 16.09
C ARG B 226 -26.69 -0.86 16.33
N GLU B 227 -26.58 -1.85 15.43
CA GLU B 227 -25.46 -2.77 15.46
C GLU B 227 -24.21 -2.14 14.83
N SER B 228 -23.07 -2.79 15.08
CA SER B 228 -21.80 -2.45 14.45
C SER B 228 -21.96 -2.09 12.98
N ARG B 229 -22.79 -2.84 12.26
CA ARG B 229 -22.77 -2.90 10.80
C ARG B 229 -23.79 -1.98 10.13
N HIS B 230 -24.65 -1.32 10.88
CA HIS B 230 -25.55 -0.31 10.35
C HIS B 230 -25.11 1.08 10.77
N ILE B 231 -25.55 2.07 10.01
CA ILE B 231 -25.55 3.45 10.45
C ILE B 231 -27.02 3.87 10.61
N ALA B 232 -27.21 4.96 11.33
CA ALA B 232 -28.52 5.55 11.53
C ALA B 232 -28.45 7.00 11.10
N LEU B 233 -29.40 7.42 10.29
CA LEU B 233 -29.54 8.83 9.92
C LEU B 233 -30.92 9.31 10.38
N SER B 234 -30.97 10.55 10.86
CA SER B 234 -32.23 11.21 11.17
C SER B 234 -32.16 12.62 10.60
N ASN B 235 -33.14 13.45 10.98
CA ASN B 235 -33.20 14.80 10.41
C ASN B 235 -31.92 15.55 10.67
N MET B 236 -31.35 15.40 11.84
CA MET B 236 -30.22 16.24 12.14
C MET B 236 -28.93 15.45 12.30
N PRO B 237 -27.79 16.11 12.51
CA PRO B 237 -26.53 15.38 12.58
C PRO B 237 -26.31 14.63 13.90
N LYS B 238 -25.47 13.59 13.80
CA LYS B 238 -25.04 12.76 14.92
C LYS B 238 -24.11 13.59 15.80
N VAL B 239 -24.53 13.82 17.04
CA VAL B 239 -23.73 14.57 18.00
C VAL B 239 -22.74 13.66 18.71
N LYS B 240 -23.21 12.54 19.19
CA LYS B 240 -22.47 11.70 20.09
C LYS B 240 -22.75 10.27 19.64
N THR B 241 -21.74 9.41 19.67
CA THR B 241 -21.98 7.98 19.50
C THR B 241 -21.41 7.25 20.70
N ILE B 242 -22.23 6.44 21.35
CA ILE B 242 -21.89 5.78 22.61
C ILE B 242 -21.83 4.28 22.39
N GLU B 243 -20.80 3.63 22.95
CA GLU B 243 -20.81 2.17 22.95
C GLU B 243 -21.45 1.68 24.24
N LEU B 244 -21.96 0.46 24.21
CA LEU B 244 -22.82 -0.03 25.29
C LEU B 244 -22.32 -1.37 25.80
N GLU B 245 -22.83 -1.75 26.97
CA GLU B 245 -22.43 -3.00 27.62
C GLU B 245 -22.68 -4.21 26.72
N GLY B 246 -23.71 -4.15 25.88
CA GLY B 246 -23.98 -5.27 25.01
C GLY B 246 -23.12 -5.36 23.77
N GLY B 247 -22.56 -4.24 23.33
CA GLY B 247 -21.85 -4.15 22.08
C GLY B 247 -22.51 -3.23 21.10
N LEU B 248 -23.79 -2.93 21.30
CA LEU B 248 -24.54 -2.00 20.46
C LEU B 248 -24.08 -0.56 20.67
N LEU B 249 -24.20 0.23 19.60
CA LEU B 249 -23.96 1.66 19.65
C LEU B 249 -25.28 2.41 19.71
N GLU B 250 -25.27 3.59 20.30
CA GLU B 250 -26.46 4.42 20.42
C GLU B 250 -26.13 5.81 19.90
N ASP B 251 -26.87 6.25 18.90
CA ASP B 251 -26.56 7.49 18.20
C ASP B 251 -27.46 8.62 18.72
N HIS B 252 -26.82 9.72 19.15
CA HIS B 252 -27.51 10.93 19.60
C HIS B 252 -27.55 11.95 18.45
N PHE B 253 -28.67 12.67 18.35
CA PHE B 253 -28.89 13.63 17.28
C PHE B 253 -29.24 14.98 17.86
N GLU B 254 -28.72 16.02 17.22
CA GLU B 254 -29.06 17.38 17.58
C GLU B 254 -30.57 17.48 17.67
N THR B 255 -31.05 18.22 18.67
CA THR B 255 -32.47 18.47 18.80
C THR B 255 -32.94 19.24 17.58
N THR B 256 -34.08 18.88 17.02
CA THR B 256 -34.49 19.60 15.83
C THR B 256 -35.00 20.97 16.20
N VAL B 257 -34.97 21.88 15.21
CA VAL B 257 -35.69 23.15 15.31
C VAL B 257 -37.16 22.80 15.26
N LYS B 258 -38.04 23.78 15.36
CA LYS B 258 -39.45 23.46 15.44
C LYS B 258 -39.97 23.03 14.07
N MET B 259 -40.52 21.81 13.99
CA MET B 259 -40.99 21.24 12.74
C MET B 259 -42.26 20.43 12.99
N SER B 260 -42.99 20.15 11.90
CA SER B 260 -44.21 19.35 12.00
C SER B 260 -43.85 17.88 12.21
N THR B 261 -44.78 17.14 12.80
CA THR B 261 -44.52 15.71 13.00
C THR B 261 -44.26 15.00 11.69
N TYR B 262 -44.93 15.38 10.62
CA TYR B 262 -44.81 14.56 9.42
C TYR B 262 -43.44 14.65 8.78
N LEU B 263 -42.59 15.58 9.23
CA LEU B 263 -41.26 15.76 8.66
C LEU B 263 -40.16 15.02 9.42
N VAL B 264 -40.41 14.60 10.66
CA VAL B 264 -39.49 13.70 11.35
C VAL B 264 -39.14 12.56 10.42
N ALA B 265 -37.89 12.11 10.49
CA ALA B 265 -37.47 10.89 9.83
C ALA B 265 -36.37 10.25 10.65
N TYR B 266 -36.16 8.96 10.43
CA TYR B 266 -34.94 8.27 10.87
C TYR B 266 -34.82 6.98 10.07
N ILE B 267 -33.59 6.55 9.84
CA ILE B 267 -33.30 5.43 8.94
C ILE B 267 -32.19 4.63 9.57
N VAL B 268 -32.26 3.32 9.46
CA VAL B 268 -31.16 2.43 9.77
C VAL B 268 -30.87 1.62 8.52
N CYS B 269 -29.61 1.64 8.09
CA CYS B 269 -29.23 0.99 6.87
C CYS B 269 -27.73 0.82 6.89
N ASP B 270 -27.16 0.44 5.73
CA ASP B 270 -25.72 0.29 5.56
C ASP B 270 -25.26 0.91 4.25
N PHE B 271 -25.60 2.17 4.03
CA PHE B 271 -25.28 2.83 2.78
C PHE B 271 -23.93 3.54 2.86
N HIS B 272 -23.47 3.97 1.69
CA HIS B 272 -22.24 4.73 1.50
C HIS B 272 -22.59 6.13 1.02
N SER B 273 -21.83 7.11 1.48
CA SER B 273 -22.11 8.49 1.22
C SER B 273 -21.08 9.07 0.25
N LEU B 274 -21.52 10.09 -0.47
CA LEU B 274 -20.65 11.07 -1.09
C LEU B 274 -21.04 12.40 -0.49
N SER B 275 -20.05 13.15 0.01
CA SER B 275 -20.31 14.39 0.73
C SER B 275 -19.67 15.60 0.03
N GLY B 276 -20.23 16.77 0.28
CA GLY B 276 -19.76 18.02 -0.27
C GLY B 276 -20.27 19.14 0.61
N PHE B 277 -19.90 20.38 0.24
CA PHE B 277 -20.20 21.57 1.03
C PHE B 277 -20.75 22.70 0.18
N THR B 278 -21.68 23.46 0.76
CA THR B 278 -22.30 24.63 0.15
C THR B 278 -21.43 25.86 0.33
N SER B 279 -21.81 26.94 -0.36
CA SER B 279 -21.16 28.22 -0.09
C SER B 279 -21.48 28.69 1.32
N SER B 280 -22.63 28.29 1.85
CA SER B 280 -23.10 28.67 3.17
C SER B 280 -22.67 27.70 4.24
N GLY B 281 -22.01 26.61 3.89
CA GLY B 281 -21.47 25.69 4.86
C GLY B 281 -22.40 24.58 5.27
N VAL B 282 -23.23 24.11 4.37
CA VAL B 282 -24.04 22.94 4.61
C VAL B 282 -23.35 21.73 4.02
N LYS B 283 -23.41 20.59 4.71
CA LYS B 283 -22.78 19.35 4.22
C LYS B 283 -23.86 18.50 3.53
N VAL B 284 -23.84 18.51 2.21
CA VAL B 284 -24.73 17.70 1.42
C VAL B 284 -24.10 16.34 1.23
N SER B 285 -24.85 15.29 1.53
CA SER B 285 -24.34 13.94 1.39
C SER B 285 -25.39 13.10 0.67
N ILE B 286 -24.97 12.45 -0.41
CA ILE B 286 -25.82 11.53 -1.14
C ILE B 286 -25.53 10.11 -0.64
N TYR B 287 -26.55 9.50 -0.02
CA TYR B 287 -26.48 8.14 0.45
C TYR B 287 -27.14 7.22 -0.58
N ALA B 288 -26.59 6.00 -0.72
CA ALA B 288 -27.04 5.01 -1.69
C ALA B 288 -26.47 3.64 -1.35
N SER B 289 -27.17 2.59 -1.79
CA SER B 289 -26.62 1.24 -1.87
C SER B 289 -25.12 1.31 -2.14
N PRO B 290 -24.30 0.44 -1.54
CA PRO B 290 -22.86 0.63 -1.66
C PRO B 290 -22.33 0.39 -3.06
N ASP B 291 -22.79 -0.66 -3.73
CA ASP B 291 -22.33 -0.90 -5.09
C ASP B 291 -22.87 0.13 -6.07
N LYS B 292 -23.50 1.23 -5.59
CA LYS B 292 -24.07 2.26 -6.45
C LYS B 292 -23.62 3.66 -6.08
N ARG B 293 -22.47 3.80 -5.37
CA ARG B 293 -22.02 5.14 -5.01
C ARG B 293 -21.67 5.91 -6.25
N ASN B 294 -21.07 5.22 -7.21
CA ASN B 294 -20.83 5.63 -8.58
C ASN B 294 -21.82 6.67 -9.09
N GLN B 295 -23.11 6.42 -8.84
CA GLN B 295 -24.22 7.10 -9.50
C GLN B 295 -24.72 8.30 -8.71
N THR B 296 -24.14 8.56 -7.54
CA THR B 296 -24.55 9.74 -6.80
C THR B 296 -23.78 10.97 -7.21
N HIS B 297 -22.79 10.84 -8.09
CA HIS B 297 -21.92 11.97 -8.42
C HIS B 297 -22.69 13.17 -8.94
N TYR B 298 -23.59 12.97 -9.91
CA TYR B 298 -24.31 14.11 -10.46
C TYR B 298 -25.17 14.77 -9.41
N ALA B 299 -25.84 13.98 -8.56
CA ALA B 299 -26.79 14.54 -7.61
C ALA B 299 -26.14 15.46 -6.59
N LEU B 300 -24.98 15.06 -6.08
CA LEU B 300 -24.22 15.94 -5.18
C LEU B 300 -23.86 17.25 -5.87
N GLN B 301 -23.45 17.17 -7.14
CA GLN B 301 -23.18 18.37 -7.94
C GLN B 301 -24.43 19.27 -7.99
N ALA B 302 -25.57 18.68 -8.33
CA ALA B 302 -26.82 19.41 -8.52
C ALA B 302 -27.34 20.01 -7.23
N SER B 303 -27.35 19.18 -6.16
CA SER B 303 -27.77 19.59 -4.82
C SER B 303 -27.06 20.86 -4.36
N LEU B 304 -25.71 20.82 -4.33
CA LEU B 304 -24.92 22.00 -3.97
C LEU B 304 -25.36 23.23 -4.75
N LYS B 305 -25.37 23.13 -6.08
CA LYS B 305 -25.72 24.26 -6.93
C LYS B 305 -27.09 24.84 -6.54
N LEU B 306 -28.10 23.97 -6.41
CA LEU B 306 -29.44 24.44 -6.15
C LEU B 306 -29.57 24.99 -4.74
N LEU B 307 -29.16 24.22 -3.74
CA LEU B 307 -29.15 24.75 -2.37
C LEU B 307 -28.50 26.13 -2.31
N ASP B 308 -27.36 26.31 -3.01
CA ASP B 308 -26.79 27.64 -3.14
C ASP B 308 -27.84 28.62 -3.62
N PHE B 309 -28.40 28.34 -4.81
CA PHE B 309 -29.39 29.22 -5.43
C PHE B 309 -30.52 29.54 -4.49
N TYR B 310 -31.15 28.49 -3.94
CA TYR B 310 -32.31 28.65 -3.05
C TYR B 310 -32.01 29.57 -1.88
N GLU B 311 -30.83 29.41 -1.26
CA GLU B 311 -30.48 30.32 -0.17
C GLU B 311 -30.34 31.75 -0.67
N LYS B 312 -29.73 31.95 -1.83
CA LYS B 312 -29.64 33.30 -2.37
C LYS B 312 -31.01 33.87 -2.73
N TYR B 313 -31.86 33.06 -3.39
CA TYR B 313 -33.12 33.55 -3.95
C TYR B 313 -34.08 33.93 -2.85
N PHE B 314 -34.27 33.04 -1.87
CA PHE B 314 -35.15 33.31 -0.73
C PHE B 314 -34.54 34.32 0.23
N ASP B 315 -33.20 34.40 0.29
CA ASP B 315 -32.49 35.20 1.30
C ASP B 315 -32.78 34.68 2.72
N ILE B 316 -32.75 33.35 2.86
CA ILE B 316 -32.88 32.67 4.14
C ILE B 316 -31.97 31.47 4.10
N TYR B 317 -30.94 31.47 4.94
CA TYR B 317 -30.11 30.28 5.05
C TYR B 317 -30.97 29.07 5.40
N TYR B 318 -30.76 27.97 4.65
CA TYR B 318 -31.17 26.64 5.07
C TYR B 318 -30.68 26.40 6.48
N PRO B 319 -31.56 26.20 7.45
CA PRO B 319 -31.18 26.44 8.86
C PRO B 319 -30.43 25.30 9.51
N LEU B 320 -30.19 24.19 8.80
CA LEU B 320 -29.54 23.03 9.39
C LEU B 320 -28.02 23.07 9.17
N SER B 321 -27.33 22.02 9.62
CA SER B 321 -25.89 21.89 9.44
C SER B 321 -25.53 20.87 8.38
N LYS B 322 -26.34 19.84 8.19
CA LYS B 322 -26.26 18.91 7.07
C LYS B 322 -27.61 18.81 6.40
N LEU B 323 -27.55 18.35 5.14
CA LEU B 323 -28.71 17.93 4.36
C LEU B 323 -28.29 16.67 3.62
N ASP B 324 -28.84 15.52 4.00
CA ASP B 324 -28.52 14.23 3.40
C ASP B 324 -29.64 13.87 2.45
N LEU B 325 -29.27 13.42 1.24
CA LEU B 325 -30.21 12.88 0.27
C LEU B 325 -29.92 11.40 0.08
N ILE B 326 -30.90 10.54 0.38
CA ILE B 326 -30.69 9.09 0.29
C ILE B 326 -31.59 8.53 -0.80
N ALA B 327 -31.09 7.51 -1.51
CA ALA B 327 -31.86 6.82 -2.55
C ALA B 327 -32.38 5.49 -2.01
N ILE B 328 -33.66 5.46 -1.66
CA ILE B 328 -34.30 4.27 -1.11
C ILE B 328 -34.78 3.40 -2.27
N PRO B 329 -34.43 2.13 -2.31
CA PRO B 329 -34.74 1.31 -3.47
C PRO B 329 -36.22 1.03 -3.63
N ASP B 330 -36.85 0.50 -2.57
CA ASP B 330 -38.30 0.31 -2.52
C ASP B 330 -38.90 1.50 -1.78
N PHE B 331 -39.25 2.53 -2.54
CA PHE B 331 -39.80 3.77 -1.99
C PHE B 331 -41.07 4.13 -2.74
N ALA B 332 -42.21 4.08 -2.05
CA ALA B 332 -43.49 4.27 -2.71
C ALA B 332 -43.65 5.67 -3.29
N PRO B 333 -43.36 6.74 -2.57
CA PRO B 333 -43.44 8.07 -3.18
C PRO B 333 -42.22 8.32 -4.08
N GLY B 334 -42.35 9.32 -4.96
CA GLY B 334 -41.22 9.69 -5.82
C GLY B 334 -40.03 10.18 -5.01
N ALA B 335 -40.30 11.05 -4.03
CA ALA B 335 -39.38 11.49 -2.99
C ALA B 335 -40.21 12.19 -1.92
N MET B 336 -39.84 11.98 -0.64
CA MET B 336 -40.39 12.69 0.51
C MET B 336 -39.33 13.65 1.06
N GLU B 337 -39.76 14.85 1.50
CA GLU B 337 -38.86 15.97 1.71
C GLU B 337 -38.43 16.13 3.15
N ASN B 338 -38.27 15.06 3.88
CA ASN B 338 -37.98 15.20 5.31
C ASN B 338 -36.81 16.15 5.57
N TRP B 339 -37.06 17.18 6.38
CA TRP B 339 -36.03 18.18 6.70
C TRP B 339 -34.76 17.49 7.08
N GLY B 340 -33.69 17.77 6.34
CA GLY B 340 -32.37 17.22 6.59
C GLY B 340 -32.11 15.83 6.03
N LEU B 341 -33.15 15.04 5.76
CA LEU B 341 -32.99 13.65 5.38
C LEU B 341 -34.06 13.37 4.34
N ILE B 342 -33.76 13.78 3.12
CA ILE B 342 -34.70 13.72 2.02
C ILE B 342 -34.49 12.40 1.30
N THR B 343 -35.58 11.64 1.17
CA THR B 343 -35.64 10.31 0.58
C THR B 343 -36.06 10.33 -0.89
N TYR B 344 -35.49 9.40 -1.68
CA TYR B 344 -35.73 9.33 -3.12
C TYR B 344 -35.81 7.90 -3.58
N ARG B 345 -36.71 7.64 -4.53
CA ARG B 345 -36.57 6.49 -5.41
C ARG B 345 -35.28 6.61 -6.20
N GLU B 346 -34.60 5.48 -6.41
CA GLU B 346 -33.33 5.53 -7.14
C GLU B 346 -33.52 6.25 -8.50
N THR B 347 -34.68 6.07 -9.12
CA THR B 347 -35.03 6.73 -10.37
C THR B 347 -34.99 8.26 -10.27
N SER B 348 -35.15 8.82 -9.07
CA SER B 348 -35.31 10.26 -8.91
C SER B 348 -34.02 10.95 -8.53
N LEU B 349 -33.00 10.20 -8.17
CA LEU B 349 -31.76 10.75 -7.60
C LEU B 349 -30.52 10.26 -8.30
N LEU B 350 -30.43 8.97 -8.62
CA LEU B 350 -29.20 8.39 -9.16
C LEU B 350 -29.03 8.72 -10.63
N PHE B 351 -27.78 8.78 -11.08
CA PHE B 351 -27.55 9.02 -12.50
C PHE B 351 -26.28 8.35 -12.94
N ASP B 352 -26.37 7.57 -14.02
CA ASP B 352 -25.21 6.97 -14.66
C ASP B 352 -25.29 7.27 -16.15
N PRO B 353 -24.28 7.93 -16.74
CA PRO B 353 -24.39 8.30 -18.16
C PRO B 353 -24.36 7.11 -19.12
N LYS B 354 -23.94 5.91 -18.70
CA LYS B 354 -23.92 4.82 -19.65
C LYS B 354 -25.34 4.42 -20.05
N THR B 355 -26.35 4.85 -19.29
CA THR B 355 -27.70 4.34 -19.48
C THR B 355 -28.80 5.33 -19.10
N SER B 356 -28.50 6.34 -18.29
CA SER B 356 -29.52 7.34 -18.01
C SER B 356 -29.64 8.29 -19.20
N SER B 357 -30.88 8.58 -19.58
CA SER B 357 -31.21 9.44 -20.72
C SER B 357 -30.95 10.91 -20.40
N ALA B 358 -31.04 11.75 -21.44
CA ALA B 358 -30.95 13.20 -21.20
C ALA B 358 -32.18 13.71 -20.47
N SER B 359 -33.35 13.20 -20.84
CA SER B 359 -34.55 13.47 -20.08
C SER B 359 -34.42 12.97 -18.65
N ASP B 360 -33.86 11.77 -18.46
CA ASP B 360 -33.63 11.26 -17.11
C ASP B 360 -32.88 12.29 -16.26
N LYS B 361 -31.80 12.84 -16.79
CA LYS B 361 -31.07 13.85 -16.04
C LYS B 361 -32.00 14.99 -15.69
N LEU B 362 -32.85 15.35 -16.64
CA LEU B 362 -33.81 16.41 -16.41
C LEU B 362 -34.74 16.06 -15.25
N TRP B 363 -35.21 14.80 -15.22
CA TRP B 363 -36.05 14.34 -14.13
C TRP B 363 -35.31 14.42 -12.79
N VAL B 364 -34.12 13.84 -12.68
CA VAL B 364 -33.39 13.90 -11.43
C VAL B 364 -33.17 15.34 -10.97
N THR B 365 -32.80 16.24 -11.89
CA THR B 365 -32.57 17.62 -11.48
C THR B 365 -33.85 18.26 -10.97
N ARG B 366 -34.99 17.97 -11.62
CA ARG B 366 -36.26 18.56 -11.20
C ARG B 366 -36.66 18.12 -9.81
N VAL B 367 -36.61 16.80 -9.55
CA VAL B 367 -36.97 16.26 -8.25
C VAL B 367 -36.08 16.87 -7.18
N ILE B 368 -34.75 16.84 -7.40
CA ILE B 368 -33.79 17.43 -6.47
C ILE B 368 -34.07 18.91 -6.28
N ALA B 369 -34.35 19.63 -7.36
CA ALA B 369 -34.84 21.00 -7.25
C ALA B 369 -36.13 21.04 -6.45
N HIS B 370 -37.10 20.19 -6.83
CA HIS B 370 -38.40 20.12 -6.16
C HIS B 370 -38.24 19.95 -4.65
N GLU B 371 -37.61 18.85 -4.24
CA GLU B 371 -37.56 18.52 -2.82
C GLU B 371 -36.82 19.58 -2.02
N LEU B 372 -35.77 20.17 -2.61
CA LEU B 372 -35.05 21.21 -1.89
C LEU B 372 -35.94 22.41 -1.64
N ALA B 373 -36.71 22.83 -2.66
CA ALA B 373 -37.68 23.90 -2.48
C ALA B 373 -38.63 23.65 -1.31
N HIS B 374 -38.86 22.38 -0.95
CA HIS B 374 -39.68 22.08 0.21
C HIS B 374 -39.02 22.53 1.51
N GLN B 375 -37.68 22.42 1.62
CA GLN B 375 -36.97 22.82 2.82
C GLN B 375 -37.44 24.14 3.36
N TRP B 376 -37.79 25.08 2.46
CA TRP B 376 -38.47 26.31 2.80
C TRP B 376 -39.98 26.16 2.72
N PHE B 377 -40.50 25.75 1.56
CA PHE B 377 -41.94 25.65 1.35
C PHE B 377 -42.35 24.26 1.80
N GLY B 378 -42.78 24.19 3.05
CA GLY B 378 -43.34 22.96 3.57
C GLY B 378 -42.79 22.55 4.90
N ASN B 379 -41.53 22.94 5.16
CA ASN B 379 -40.82 22.62 6.38
C ASN B 379 -40.50 23.87 7.18
N LEU B 380 -39.90 24.87 6.54
CA LEU B 380 -39.76 26.16 7.21
C LEU B 380 -41.13 26.76 7.49
N VAL B 381 -41.88 27.06 6.43
CA VAL B 381 -43.29 27.38 6.53
C VAL B 381 -44.07 26.10 6.22
N THR B 382 -45.10 25.81 7.02
CA THR B 382 -45.93 24.64 6.79
C THR B 382 -47.37 25.11 6.68
N MET B 383 -48.14 24.45 5.82
CA MET B 383 -49.54 24.81 5.65
C MET B 383 -50.29 24.61 6.95
N GLU B 384 -51.24 25.50 7.24
CA GLU B 384 -52.03 25.35 8.46
C GLU B 384 -52.61 23.94 8.54
N TRP B 385 -53.17 23.47 7.45
CA TRP B 385 -53.85 22.19 7.45
C TRP B 385 -53.97 21.70 6.00
N TRP B 386 -54.36 20.44 5.85
CA TRP B 386 -54.26 19.75 4.56
C TRP B 386 -55.14 20.35 3.46
N ASN B 387 -56.09 21.21 3.81
CA ASN B 387 -56.85 21.88 2.77
C ASN B 387 -55.97 22.75 1.90
N ASP B 388 -54.92 23.32 2.46
CA ASP B 388 -54.01 24.17 1.70
C ASP B 388 -52.67 23.49 1.44
N ILE B 389 -52.67 22.16 1.29
CA ILE B 389 -51.46 21.41 0.90
C ILE B 389 -50.78 22.03 -0.30
N TRP B 390 -51.55 22.67 -1.20
CA TRP B 390 -50.95 23.33 -2.36
C TRP B 390 -49.90 24.35 -1.95
N LEU B 391 -49.96 24.89 -0.72
CA LEU B 391 -48.96 25.87 -0.31
C LEU B 391 -47.57 25.25 -0.19
N ASN B 392 -47.51 23.92 -0.02
CA ASN B 392 -46.29 23.12 -0.10
C ASN B 392 -45.98 22.79 -1.56
N GLU B 393 -46.81 21.90 -2.12
CA GLU B 393 -46.54 21.30 -3.42
C GLU B 393 -46.72 22.29 -4.56
N GLY B 394 -47.71 23.18 -4.44
CA GLY B 394 -47.84 24.23 -5.44
C GLY B 394 -46.55 25.01 -5.64
N PHE B 395 -45.89 25.38 -4.55
CA PHE B 395 -44.66 26.17 -4.69
C PHE B 395 -43.48 25.28 -5.11
N ALA B 396 -43.33 24.10 -4.50
CA ALA B 396 -42.14 23.31 -4.80
C ALA B 396 -42.19 22.72 -6.20
N LYS B 397 -43.38 22.48 -6.74
CA LYS B 397 -43.46 22.19 -8.16
C LYS B 397 -43.10 23.41 -8.98
N TYR B 398 -43.23 24.61 -8.40
CA TYR B 398 -43.02 25.83 -9.18
C TYR B 398 -41.58 26.30 -9.12
N MET B 399 -40.95 26.23 -7.95
CA MET B 399 -39.53 26.53 -7.87
C MET B 399 -38.69 25.57 -8.72
N GLU B 400 -39.19 24.36 -8.98
CA GLU B 400 -38.59 23.50 -9.98
C GLU B 400 -38.23 24.36 -11.18
N LEU B 401 -39.21 25.10 -11.69
CA LEU B 401 -39.01 25.90 -12.88
C LEU B 401 -37.95 26.97 -12.65
N ILE B 402 -38.12 27.81 -11.63
CA ILE B 402 -37.20 28.92 -11.44
C ILE B 402 -35.79 28.42 -11.15
N ALA B 403 -35.68 27.43 -10.26
CA ALA B 403 -34.37 27.02 -9.78
C ALA B 403 -33.60 26.26 -10.85
N VAL B 404 -34.22 25.27 -11.49
CA VAL B 404 -33.54 24.58 -12.57
C VAL B 404 -33.20 25.55 -13.69
N ASN B 405 -34.13 26.46 -14.01
CA ASN B 405 -33.86 27.48 -15.03
C ASN B 405 -32.69 28.37 -14.66
N ALA B 406 -32.60 28.78 -13.39
CA ALA B 406 -31.51 29.64 -12.96
C ALA B 406 -30.19 28.88 -12.92
N THR B 407 -30.19 27.61 -12.56
CA THR B 407 -28.94 26.89 -12.29
C THR B 407 -28.52 25.93 -13.40
N TYR B 408 -29.45 25.46 -14.23
CA TYR B 408 -29.16 24.52 -15.31
C TYR B 408 -29.85 24.96 -16.60
N PRO B 409 -29.60 26.17 -17.07
CA PRO B 409 -30.28 26.61 -18.30
C PRO B 409 -29.93 25.73 -19.49
N GLU B 410 -28.78 25.08 -19.42
CA GLU B 410 -28.44 24.01 -20.35
C GLU B 410 -29.56 22.99 -20.48
N LEU B 411 -30.38 22.83 -19.44
CA LEU B 411 -31.42 21.82 -19.41
C LEU B 411 -32.71 22.29 -20.06
N GLN B 412 -32.87 23.60 -20.27
CA GLN B 412 -33.97 24.13 -21.06
C GLN B 412 -35.30 23.61 -20.53
N PHE B 413 -35.46 23.68 -19.22
CA PHE B 413 -36.73 23.30 -18.61
C PHE B 413 -37.84 24.32 -18.88
N ASP B 414 -37.51 25.58 -19.19
CA ASP B 414 -38.53 26.60 -19.46
C ASP B 414 -39.45 26.22 -20.63
N ASP B 415 -38.89 25.63 -21.70
CA ASP B 415 -39.72 25.21 -22.82
C ASP B 415 -40.49 23.91 -22.53
N TYR B 416 -40.28 23.28 -21.37
CA TYR B 416 -41.04 22.11 -20.98
C TYR B 416 -42.14 22.42 -19.99
N PHE B 417 -42.06 23.56 -19.30
CA PHE B 417 -42.97 23.81 -18.17
C PHE B 417 -44.44 23.92 -18.57
N LEU B 418 -44.76 24.47 -19.74
CA LEU B 418 -46.16 24.57 -20.17
C LEU B 418 -46.91 23.22 -20.14
N ASN B 419 -46.18 22.10 -20.25
CA ASN B 419 -46.76 20.76 -20.12
C ASN B 419 -47.37 20.54 -18.74
N VAL B 420 -46.73 21.06 -17.68
CA VAL B 420 -47.29 21.02 -16.33
C VAL B 420 -48.69 21.60 -16.34
N CYS B 421 -48.89 22.66 -17.10
CA CYS B 421 -50.19 23.32 -17.11
C CYS B 421 -51.14 22.61 -18.04
N PHE B 422 -50.71 22.31 -19.26
CA PHE B 422 -51.59 21.66 -20.20
C PHE B 422 -52.11 20.35 -19.64
N GLU B 423 -51.29 19.62 -18.88
CA GLU B 423 -51.70 18.30 -18.44
C GLU B 423 -52.87 18.38 -17.48
N VAL B 424 -52.91 19.40 -16.61
CA VAL B 424 -54.05 19.57 -15.71
C VAL B 424 -55.11 20.47 -16.31
N ILE B 425 -54.79 21.26 -17.33
CA ILE B 425 -55.87 21.93 -18.02
C ILE B 425 -56.86 20.90 -18.53
N THR B 426 -56.38 19.71 -18.91
CA THR B 426 -57.31 18.68 -19.38
C THR B 426 -58.24 18.22 -18.26
N LYS B 427 -57.74 18.11 -17.04
CA LYS B 427 -58.61 17.61 -15.98
C LYS B 427 -59.42 18.73 -15.35
N ASP B 428 -58.92 19.97 -15.36
CA ASP B 428 -59.69 21.11 -14.90
C ASP B 428 -60.84 21.45 -15.85
N SER B 429 -60.81 20.95 -17.08
CA SER B 429 -61.91 21.14 -18.01
C SER B 429 -63.11 20.25 -17.69
N LEU B 430 -63.09 19.56 -16.57
CA LEU B 430 -64.12 18.57 -16.27
C LEU B 430 -64.92 19.03 -15.06
N ASN B 431 -66.27 18.85 -15.13
CA ASN B 431 -67.06 19.12 -13.93
C ASN B 431 -66.46 18.43 -12.73
N SER B 432 -65.84 17.26 -12.96
CA SER B 432 -65.28 16.43 -11.92
C SER B 432 -64.28 17.17 -11.05
N SER B 433 -63.69 18.26 -11.57
CA SER B 433 -62.56 18.86 -10.88
C SER B 433 -63.00 19.58 -9.61
N ARG B 434 -62.01 19.85 -8.76
CA ARG B 434 -62.14 20.50 -7.47
C ARG B 434 -61.39 21.83 -7.45
N PRO B 435 -61.65 22.68 -6.45
CA PRO B 435 -60.81 23.87 -6.27
C PRO B 435 -59.42 23.47 -5.79
N ILE B 436 -58.49 24.41 -5.84
CA ILE B 436 -57.16 24.14 -5.32
C ILE B 436 -57.21 23.88 -3.82
N SER B 437 -57.95 24.70 -3.10
CA SER B 437 -58.14 24.54 -1.66
C SER B 437 -59.50 23.92 -1.43
N LYS B 438 -59.51 22.69 -0.96
CA LYS B 438 -60.77 22.02 -0.71
C LYS B 438 -60.67 21.40 0.68
N PRO B 439 -61.76 21.45 1.45
CA PRO B 439 -61.77 20.82 2.77
C PRO B 439 -61.56 19.31 2.69
N ALA B 440 -60.85 18.77 3.68
CA ALA B 440 -60.46 17.36 3.71
C ALA B 440 -60.30 16.91 5.16
N GLU B 441 -60.85 15.74 5.50
CA GLU B 441 -60.68 15.33 6.90
C GLU B 441 -60.26 13.86 7.08
N THR B 442 -60.84 12.94 6.31
CA THR B 442 -60.46 11.52 6.37
C THR B 442 -58.99 11.37 5.99
N PRO B 443 -58.29 10.39 6.56
CA PRO B 443 -56.97 10.07 6.03
C PRO B 443 -56.95 9.87 4.53
N THR B 444 -57.94 9.20 3.95
CA THR B 444 -57.81 8.96 2.52
C THR B 444 -58.17 10.19 1.71
N GLN B 445 -59.10 11.01 2.19
CA GLN B 445 -59.35 12.34 1.61
C GLN B 445 -58.10 13.20 1.56
N ILE B 446 -57.37 13.25 2.67
CA ILE B 446 -56.10 13.99 2.71
C ILE B 446 -55.13 13.46 1.66
N GLN B 447 -55.01 12.14 1.54
CA GLN B 447 -54.17 11.59 0.48
C GLN B 447 -54.63 12.10 -0.87
N GLU B 448 -55.93 11.95 -1.16
CA GLU B 448 -56.55 12.48 -2.37
C GLU B 448 -56.20 13.95 -2.66
N MET B 449 -55.85 14.75 -1.64
CA MET B 449 -55.51 16.14 -1.86
C MET B 449 -54.23 16.29 -2.67
N PHE B 450 -53.37 15.26 -2.69
CA PHE B 450 -52.16 15.28 -3.51
C PHE B 450 -52.54 14.82 -4.92
N ASP B 451 -53.06 15.76 -5.72
CA ASP B 451 -53.50 15.43 -7.06
C ASP B 451 -53.02 16.50 -8.03
N GLU B 452 -53.32 16.29 -9.31
CA GLU B 452 -52.78 17.18 -10.33
C GLU B 452 -53.15 18.64 -10.11
N VAL B 453 -54.21 18.90 -9.35
CA VAL B 453 -54.62 20.27 -9.05
C VAL B 453 -53.68 20.91 -8.03
N SER B 454 -53.34 20.18 -6.97
CA SER B 454 -52.55 20.75 -5.89
C SER B 454 -51.17 21.16 -6.35
N TYR B 455 -50.56 20.37 -7.24
CA TYR B 455 -49.22 20.63 -7.73
C TYR B 455 -49.23 21.58 -8.92
N ASN B 456 -49.85 21.17 -10.03
CA ASN B 456 -49.68 21.91 -11.28
C ASN B 456 -50.50 23.19 -11.30
N LYS B 457 -51.83 23.08 -11.15
CA LYS B 457 -52.65 24.28 -11.15
C LYS B 457 -52.08 25.30 -10.16
N GLY B 458 -51.74 24.86 -8.96
CA GLY B 458 -51.04 25.74 -8.06
C GLY B 458 -49.79 26.33 -8.68
N ALA B 459 -49.04 25.53 -9.42
CA ALA B 459 -47.76 26.02 -9.92
C ALA B 459 -47.94 26.96 -11.10
N CYS B 460 -48.99 26.75 -11.90
CA CYS B 460 -49.22 27.61 -13.04
C CYS B 460 -49.81 28.95 -12.63
N ILE B 461 -50.81 28.95 -11.73
CA ILE B 461 -51.39 30.22 -11.33
C ILE B 461 -50.36 31.05 -10.58
N LEU B 462 -49.39 30.39 -9.95
CA LEU B 462 -48.22 31.10 -9.46
C LEU B 462 -47.44 31.73 -10.62
N ASN B 463 -47.17 30.97 -11.69
CA ASN B 463 -46.49 31.56 -12.83
C ASN B 463 -47.35 32.60 -13.54
N MET B 464 -48.66 32.51 -13.43
CA MET B 464 -49.48 33.64 -13.83
C MET B 464 -49.18 34.85 -12.98
N LEU B 465 -49.23 34.67 -11.66
CA LEU B 465 -49.01 35.79 -10.76
C LEU B 465 -47.63 36.38 -10.94
N LYS B 466 -46.61 35.53 -11.10
CA LYS B 466 -45.25 36.03 -11.31
C LYS B 466 -45.20 36.98 -12.49
N ASP B 467 -45.76 36.58 -13.64
CA ASP B 467 -45.68 37.46 -14.80
C ASP B 467 -46.44 38.75 -14.57
N PHE B 468 -47.60 38.66 -13.91
CA PHE B 468 -48.36 39.86 -13.66
C PHE B 468 -47.59 40.84 -12.77
N LEU B 469 -46.84 40.33 -11.79
CA LEU B 469 -46.11 41.19 -10.87
C LEU B 469 -44.65 41.42 -11.24
N GLY B 470 -44.06 40.58 -12.09
CA GLY B 470 -42.65 40.63 -12.43
C GLY B 470 -41.74 39.99 -11.39
N GLU B 471 -40.67 39.31 -11.81
CA GLU B 471 -39.93 38.47 -10.88
C GLU B 471 -39.41 39.27 -9.69
N GLU B 472 -39.02 40.53 -9.91
CA GLU B 472 -38.43 41.28 -8.82
C GLU B 472 -39.45 41.57 -7.72
N LYS B 473 -40.73 41.68 -8.06
CA LYS B 473 -41.77 41.90 -7.04
C LYS B 473 -42.30 40.60 -6.49
N PHE B 474 -42.39 39.58 -7.34
CA PHE B 474 -42.83 38.25 -6.94
C PHE B 474 -41.85 37.62 -5.96
N GLN B 475 -40.56 37.85 -6.17
CA GLN B 475 -39.55 37.30 -5.27
C GLN B 475 -39.54 38.03 -3.93
N LYS B 476 -39.56 39.36 -3.96
CA LYS B 476 -39.59 40.12 -2.70
C LYS B 476 -40.85 39.81 -1.89
N GLY B 477 -41.95 39.50 -2.56
CA GLY B 477 -43.14 39.05 -1.88
C GLY B 477 -43.01 37.68 -1.27
N ILE B 478 -42.23 36.79 -1.91
CA ILE B 478 -42.00 35.48 -1.31
C ILE B 478 -41.16 35.62 -0.05
N ILE B 479 -40.09 36.41 -0.13
CA ILE B 479 -39.19 36.53 1.01
C ILE B 479 -39.94 37.02 2.25
N GLN B 480 -40.84 37.98 2.08
CA GLN B 480 -41.64 38.40 3.23
C GLN B 480 -42.44 37.23 3.80
N TYR B 481 -43.01 36.38 2.93
CA TYR B 481 -43.88 35.30 3.39
C TYR B 481 -43.10 34.24 4.17
N LEU B 482 -41.90 33.91 3.70
CA LEU B 482 -41.13 32.86 4.35
C LEU B 482 -40.52 33.35 5.64
N LYS B 483 -40.13 34.62 5.66
CA LYS B 483 -39.63 35.16 6.92
C LYS B 483 -40.76 35.36 7.93
N LYS B 484 -41.96 35.76 7.46
CA LYS B 484 -43.10 36.09 8.34
C LYS B 484 -43.76 34.83 8.91
N PHE B 485 -43.43 33.67 8.40
CA PHE B 485 -43.98 32.44 8.93
C PHE B 485 -42.90 31.38 9.15
N SER B 486 -41.63 31.79 9.24
CA SER B 486 -40.57 30.87 9.64
C SER B 486 -40.97 30.11 10.91
N TYR B 487 -40.89 28.79 10.85
CA TYR B 487 -41.14 27.90 11.97
C TYR B 487 -42.60 27.92 12.44
N ARG B 488 -43.54 28.24 11.56
CA ARG B 488 -44.95 28.21 11.92
C ARG B 488 -45.75 27.67 10.74
N ASN B 489 -47.03 28.05 10.70
CA ASN B 489 -47.96 27.61 9.68
C ASN B 489 -48.76 28.79 9.13
N ALA B 490 -48.96 28.78 7.82
CA ALA B 490 -49.75 29.78 7.12
C ALA B 490 -50.90 29.07 6.41
N LYS B 491 -52.06 29.72 6.37
CA LYS B 491 -53.15 29.22 5.55
C LYS B 491 -53.18 29.97 4.21
N ASN B 492 -54.07 29.48 3.34
CA ASN B 492 -54.25 30.06 2.02
C ASN B 492 -54.22 31.57 2.02
N ASP B 493 -55.06 32.19 2.86
CA ASP B 493 -55.16 33.63 2.88
C ASP B 493 -53.88 34.30 3.39
N ASP B 494 -53.05 33.57 4.13
CA ASP B 494 -51.80 34.14 4.60
C ASP B 494 -50.86 34.44 3.44
N LEU B 495 -50.95 33.66 2.38
CA LEU B 495 -50.05 33.87 1.26
C LEU B 495 -50.44 35.15 0.54
N TRP B 496 -51.65 35.17 0.00
CA TRP B 496 -52.08 36.29 -0.83
C TRP B 496 -51.90 37.62 -0.11
N SER B 497 -52.04 37.62 1.21
CA SER B 497 -51.84 38.89 1.89
C SER B 497 -50.36 39.24 1.93
N SER B 498 -49.50 38.24 1.84
CA SER B 498 -48.08 38.55 1.85
C SER B 498 -47.53 38.88 0.47
N LEU B 499 -48.16 38.37 -0.59
CA LEU B 499 -47.73 38.66 -1.95
C LEU B 499 -48.47 39.86 -2.56
N SER B 500 -49.52 40.34 -1.90
CA SER B 500 -50.07 41.63 -2.29
C SER B 500 -49.25 42.76 -1.71
N ASN B 501 -48.80 42.61 -0.47
CA ASN B 501 -48.01 43.63 0.21
C ASN B 501 -46.51 43.35 0.03
N SER B 502 -46.09 43.44 -1.23
CA SER B 502 -44.75 43.08 -1.68
C SER B 502 -44.02 44.31 -2.24
N CYS B 503 -42.73 44.43 -1.92
CA CYS B 503 -41.97 45.66 -2.12
C CYS B 503 -40.96 45.53 -3.25
N LEU B 504 -40.84 46.59 -4.06
CA LEU B 504 -39.95 46.62 -5.23
C LEU B 504 -38.50 46.90 -4.82
N GLU B 505 -38.05 48.15 -4.92
CA GLU B 505 -36.71 48.56 -4.48
C GLU B 505 -36.86 49.09 -3.05
N SER B 506 -36.46 48.27 -2.07
CA SER B 506 -36.81 48.46 -0.66
C SER B 506 -36.23 49.74 -0.06
N ASP B 507 -35.33 50.43 -0.75
CA ASP B 507 -34.69 51.60 -0.18
C ASP B 507 -35.66 52.77 -0.08
N PHE B 508 -35.16 53.85 0.53
CA PHE B 508 -35.83 55.10 0.92
C PHE B 508 -36.27 55.09 2.38
N THR B 509 -36.36 53.90 2.99
CA THR B 509 -36.48 53.72 4.44
C THR B 509 -37.68 54.44 5.03
N SER B 510 -38.85 54.25 4.39
CA SER B 510 -40.15 54.87 4.71
C SER B 510 -40.30 56.25 4.06
N GLY B 511 -39.18 56.84 3.65
CA GLY B 511 -39.16 58.03 2.81
C GLY B 511 -39.35 57.61 1.36
N GLY B 512 -40.13 56.57 1.16
CA GLY B 512 -40.43 56.01 -0.15
C GLY B 512 -41.45 54.89 0.02
N VAL B 513 -41.89 54.34 -1.12
CA VAL B 513 -42.92 53.32 -1.07
C VAL B 513 -42.47 52.17 -0.18
N CYS B 514 -43.41 51.63 0.59
CA CYS B 514 -43.34 50.42 1.45
C CYS B 514 -42.85 50.68 2.87
N HIS B 515 -42.59 51.93 3.26
CA HIS B 515 -42.19 52.26 4.63
C HIS B 515 -40.95 51.53 5.14
N THR B 521 -47.84 59.78 -0.63
CA THR B 521 -47.98 59.94 -2.08
C THR B 521 -49.18 59.14 -2.63
N SER B 522 -49.58 59.48 -3.85
CA SER B 522 -50.82 58.99 -4.44
C SER B 522 -50.60 57.81 -5.38
N ASN B 523 -49.36 57.40 -5.63
CA ASN B 523 -49.14 56.06 -6.16
C ASN B 523 -49.12 55.01 -5.06
N MET B 524 -49.03 55.43 -3.79
CA MET B 524 -49.26 54.49 -2.70
C MET B 524 -50.74 54.11 -2.62
N LEU B 525 -51.64 55.09 -2.84
CA LEU B 525 -53.07 54.83 -2.97
C LEU B 525 -53.42 53.98 -4.20
N ALA B 526 -52.58 54.02 -5.24
CA ALA B 526 -52.68 53.02 -6.29
C ALA B 526 -51.99 51.72 -5.89
N PHE B 527 -50.78 51.80 -5.32
CA PHE B 527 -50.09 50.61 -4.83
C PHE B 527 -50.94 49.88 -3.78
N LEU B 528 -51.37 50.60 -2.73
CA LEU B 528 -52.30 50.00 -1.77
C LEU B 528 -53.64 49.66 -2.39
N GLY B 529 -53.94 50.23 -3.56
CA GLY B 529 -55.10 49.85 -4.33
C GLY B 529 -54.83 48.65 -5.21
N GLU B 530 -53.63 48.55 -5.80
CA GLU B 530 -53.29 47.38 -6.60
C GLU B 530 -53.21 46.13 -5.73
N ASN B 531 -52.70 46.27 -4.51
CA ASN B 531 -52.60 45.11 -3.61
C ASN B 531 -53.97 44.57 -3.27
N ALA B 532 -54.92 45.45 -2.91
CA ALA B 532 -56.28 45.01 -2.65
C ALA B 532 -56.95 44.46 -3.92
N GLU B 533 -56.38 44.73 -5.09
CA GLU B 533 -56.88 44.18 -6.35
C GLU B 533 -56.32 42.79 -6.61
N VAL B 534 -55.13 42.52 -6.07
CA VAL B 534 -54.43 41.27 -6.37
C VAL B 534 -54.93 40.14 -5.47
N LYS B 535 -54.92 40.35 -4.15
CA LYS B 535 -55.35 39.29 -3.23
C LYS B 535 -56.78 38.86 -3.48
N GLU B 536 -57.65 39.79 -3.90
CA GLU B 536 -58.99 39.42 -4.34
C GLU B 536 -58.92 38.58 -5.60
N MET B 537 -58.12 39.03 -6.57
CA MET B 537 -57.94 38.29 -7.82
C MET B 537 -57.53 36.85 -7.56
N MET B 538 -56.45 36.67 -6.79
CA MET B 538 -55.89 35.33 -6.64
C MET B 538 -56.81 34.40 -5.86
N THR B 539 -57.67 34.95 -5.00
CA THR B 539 -58.55 34.05 -4.25
C THR B 539 -59.59 33.42 -5.16
N THR B 540 -60.01 34.11 -6.23
CA THR B 540 -60.97 33.47 -7.15
C THR B 540 -60.34 32.31 -7.92
N TRP B 541 -59.03 32.38 -8.20
CA TRP B 541 -58.36 31.21 -8.76
C TRP B 541 -58.21 30.07 -7.74
N THR B 542 -58.35 30.34 -6.45
CA THR B 542 -58.06 29.30 -5.46
C THR B 542 -59.31 28.64 -4.89
N LEU B 543 -60.50 29.11 -5.24
CA LEU B 543 -61.71 28.58 -4.64
C LEU B 543 -62.82 28.33 -5.63
N GLN B 544 -62.59 28.63 -6.91
CA GLN B 544 -63.40 28.12 -8.01
C GLN B 544 -62.64 27.01 -8.73
N LYS B 545 -63.35 25.94 -9.07
CA LYS B 545 -62.73 24.89 -9.86
C LYS B 545 -62.65 25.35 -11.31
N GLY B 546 -62.05 24.50 -12.13
CA GLY B 546 -62.11 24.71 -13.56
C GLY B 546 -61.24 25.86 -14.02
N ILE B 547 -61.35 26.13 -15.31
CA ILE B 547 -60.39 26.94 -16.05
C ILE B 547 -61.16 27.89 -16.96
N PRO B 548 -60.78 29.16 -17.07
CA PRO B 548 -61.56 30.10 -17.89
C PRO B 548 -61.27 30.03 -19.39
N LEU B 549 -62.34 30.04 -20.18
CA LEU B 549 -62.30 30.18 -21.62
C LEU B 549 -62.64 31.62 -22.02
N LEU B 550 -61.68 32.29 -22.67
CA LEU B 550 -61.84 33.65 -23.14
C LEU B 550 -62.25 33.63 -24.61
N VAL B 551 -63.45 34.13 -24.92
CA VAL B 551 -63.86 34.33 -26.30
C VAL B 551 -63.53 35.76 -26.70
N VAL B 552 -62.88 35.94 -27.85
CA VAL B 552 -62.58 37.26 -28.38
C VAL B 552 -63.12 37.39 -29.80
N LYS B 553 -63.67 38.57 -30.12
CA LYS B 553 -64.14 38.89 -31.46
C LYS B 553 -63.51 40.19 -31.91
N GLN B 554 -62.72 40.13 -32.99
CA GLN B 554 -62.01 41.29 -33.54
C GLN B 554 -62.97 42.06 -34.45
N ASP B 555 -63.85 42.83 -33.80
CA ASP B 555 -64.95 43.54 -34.49
C ASP B 555 -64.44 44.89 -34.97
N GLY B 556 -63.91 44.92 -36.19
CA GLY B 556 -63.33 46.13 -36.73
C GLY B 556 -62.24 46.72 -35.87
N CYS B 557 -62.58 47.81 -35.16
CA CYS B 557 -61.62 48.55 -34.35
C CYS B 557 -61.90 48.42 -32.85
N SER B 558 -62.45 47.27 -32.44
CA SER B 558 -62.74 47.06 -31.03
C SER B 558 -62.97 45.57 -30.82
N LEU B 559 -62.33 45.02 -29.79
CA LEU B 559 -62.30 43.57 -29.54
C LEU B 559 -63.17 43.27 -28.33
N ARG B 560 -64.26 42.54 -28.55
CA ARG B 560 -65.17 42.22 -27.46
C ARG B 560 -64.74 40.91 -26.82
N LEU B 561 -64.61 40.93 -25.50
CA LEU B 561 -64.21 39.79 -24.70
C LEU B 561 -65.41 39.23 -23.93
N GLN B 562 -65.52 37.91 -23.92
CA GLN B 562 -66.40 37.24 -22.97
C GLN B 562 -65.56 36.33 -22.09
N GLN B 563 -66.22 35.68 -21.14
CA GLN B 563 -65.52 34.76 -20.24
C GLN B 563 -66.48 33.68 -19.77
N GLU B 564 -66.13 32.42 -20.03
CA GLU B 564 -66.99 31.30 -19.65
C GLU B 564 -66.12 30.25 -18.97
N ARG B 565 -66.77 29.29 -18.31
CA ARG B 565 -66.06 28.17 -17.70
C ARG B 565 -65.77 27.14 -18.78
N PHE B 566 -64.49 26.89 -19.04
CA PHE B 566 -64.14 25.91 -20.06
C PHE B 566 -64.57 24.53 -19.64
N LEU B 567 -65.16 23.79 -20.58
CA LEU B 567 -65.83 22.54 -20.29
C LEU B 567 -65.71 21.65 -21.49
N GLN B 568 -65.32 20.39 -21.28
CA GLN B 568 -65.24 19.43 -22.36
C GLN B 568 -66.25 18.31 -22.16
N GLY B 569 -66.79 17.79 -23.26
CA GLY B 569 -67.86 16.83 -23.20
C GLY B 569 -69.22 17.46 -23.45
N VAL B 570 -69.46 18.60 -22.81
CA VAL B 570 -70.68 19.37 -23.03
C VAL B 570 -70.37 20.47 -24.04
N PHE B 571 -71.25 20.63 -25.03
CA PHE B 571 -70.98 21.51 -26.17
C PHE B 571 -71.45 22.93 -25.83
N GLN B 572 -71.74 23.73 -26.87
CA GLN B 572 -72.13 25.13 -26.66
C GLN B 572 -73.51 25.28 -26.03
N GLU B 573 -74.44 24.35 -26.34
CA GLU B 573 -75.76 24.41 -25.76
C GLU B 573 -76.28 22.99 -25.49
N ASP B 574 -75.61 22.31 -24.54
CA ASP B 574 -76.10 21.10 -23.90
C ASP B 574 -77.15 21.47 -22.86
N PRO B 575 -78.04 20.55 -22.50
CA PRO B 575 -79.01 20.85 -21.42
C PRO B 575 -78.33 21.13 -20.10
N GLU B 576 -77.17 20.55 -19.84
CA GLU B 576 -76.43 20.80 -18.60
C GLU B 576 -75.18 21.63 -18.82
N TRP B 577 -75.15 22.47 -19.87
CA TRP B 577 -74.02 23.39 -20.06
C TRP B 577 -74.26 24.73 -19.35
N ARG B 578 -75.34 25.43 -19.71
CA ARG B 578 -75.65 26.72 -19.09
C ARG B 578 -76.04 26.57 -17.63
N ALA B 579 -76.37 25.36 -17.19
CA ALA B 579 -76.64 25.12 -15.77
C ALA B 579 -75.37 25.01 -14.94
N LEU B 580 -74.28 24.47 -15.50
CA LEU B 580 -73.01 24.28 -14.78
C LEU B 580 -72.17 25.55 -14.68
N GLN B 581 -72.68 26.70 -15.15
CA GLN B 581 -72.07 28.00 -14.86
C GLN B 581 -72.83 28.65 -13.70
N GLU B 582 -72.52 28.19 -12.48
CA GLU B 582 -72.99 28.92 -11.31
C GLU B 582 -72.07 30.11 -11.12
N ARG B 583 -72.44 31.24 -11.72
CA ARG B 583 -71.88 32.52 -11.29
C ARG B 583 -70.41 32.64 -11.66
N TYR B 584 -69.83 31.57 -12.24
CA TYR B 584 -68.38 31.47 -12.40
C TYR B 584 -67.84 32.72 -13.08
N LEU B 585 -66.89 33.37 -12.43
CA LEU B 585 -66.31 34.60 -12.95
C LEU B 585 -64.90 34.71 -12.39
N TRP B 586 -63.92 34.88 -13.26
CA TRP B 586 -62.52 34.92 -12.86
C TRP B 586 -61.93 36.32 -13.03
N HIS B 587 -60.93 36.64 -12.21
CA HIS B 587 -60.16 37.87 -12.35
C HIS B 587 -58.92 37.54 -13.18
N ILE B 588 -59.10 37.64 -14.49
CA ILE B 588 -58.13 37.12 -15.46
C ILE B 588 -57.28 38.28 -15.95
N PRO B 589 -55.96 38.28 -15.73
CA PRO B 589 -55.13 39.37 -16.22
C PRO B 589 -54.70 39.13 -17.65
N LEU B 590 -55.46 39.66 -18.61
CA LEU B 590 -55.21 39.29 -19.99
C LEU B 590 -53.91 39.91 -20.49
N THR B 591 -53.47 39.43 -21.63
CA THR B 591 -52.24 39.92 -22.22
C THR B 591 -52.25 39.53 -23.69
N TYR B 592 -51.73 40.42 -24.53
CA TYR B 592 -51.84 40.20 -25.97
C TYR B 592 -50.93 41.15 -26.72
N SER B 593 -50.67 40.80 -27.97
CA SER B 593 -49.95 41.60 -28.93
C SER B 593 -50.74 41.55 -30.24
N THR B 594 -50.31 42.34 -31.22
CA THR B 594 -51.04 42.42 -32.48
C THR B 594 -50.10 42.14 -33.64
N SER B 595 -50.71 41.98 -34.82
CA SER B 595 -49.95 41.69 -36.02
C SER B 595 -48.90 42.75 -36.30
N SER B 596 -49.16 44.00 -35.90
CA SER B 596 -48.21 45.07 -36.20
C SER B 596 -47.14 45.17 -35.11
N SER B 597 -47.53 45.62 -33.92
CA SER B 597 -46.58 45.96 -32.88
C SER B 597 -46.33 44.80 -31.92
N ASN B 598 -45.09 44.73 -31.42
CA ASN B 598 -44.71 43.73 -30.42
C ASN B 598 -44.92 44.22 -29.00
N VAL B 599 -45.34 45.48 -28.82
CA VAL B 599 -45.78 45.94 -27.51
C VAL B 599 -46.78 44.93 -26.94
N ILE B 600 -46.57 44.55 -25.70
CA ILE B 600 -47.44 43.63 -25.01
C ILE B 600 -48.38 44.47 -24.15
N HIS B 601 -49.64 44.59 -24.56
CA HIS B 601 -50.62 45.26 -23.72
C HIS B 601 -51.10 44.32 -22.62
N ARG B 602 -51.76 44.90 -21.62
CA ARG B 602 -52.11 44.18 -20.40
C ARG B 602 -53.35 44.80 -19.77
N HIS B 603 -54.34 43.97 -19.46
CA HIS B 603 -55.58 44.47 -18.88
C HIS B 603 -56.22 43.34 -18.09
N ILE B 604 -56.61 43.62 -16.85
CA ILE B 604 -57.43 42.70 -16.08
C ILE B 604 -58.88 42.80 -16.54
N LEU B 605 -59.48 41.67 -16.85
CA LEU B 605 -60.94 41.57 -16.99
C LEU B 605 -61.50 41.07 -15.67
N LYS B 606 -62.48 41.79 -15.12
CA LYS B 606 -63.05 41.45 -13.81
C LYS B 606 -64.57 41.29 -13.89
N SER B 607 -65.07 40.86 -15.05
CA SER B 607 -66.50 40.81 -15.33
C SER B 607 -66.77 39.68 -16.31
N LYS B 608 -68.05 39.27 -16.41
CA LYS B 608 -68.41 38.26 -17.42
C LYS B 608 -68.16 38.77 -18.84
N THR B 609 -68.50 40.04 -19.11
CA THR B 609 -68.36 40.63 -20.43
C THR B 609 -67.62 41.97 -20.32
N ASP B 610 -66.80 42.25 -21.32
CA ASP B 610 -66.05 43.49 -21.37
C ASP B 610 -65.63 43.73 -22.80
N THR B 611 -65.13 44.93 -23.07
CA THR B 611 -64.73 45.30 -24.42
C THR B 611 -63.47 46.14 -24.35
N LEU B 612 -62.71 46.12 -25.45
CA LEU B 612 -61.46 46.86 -25.57
C LEU B 612 -61.45 47.66 -26.87
N ASP B 613 -60.96 48.89 -26.80
CA ASP B 613 -60.74 49.70 -28.00
C ASP B 613 -59.45 49.26 -28.68
N LEU B 614 -59.29 49.68 -29.93
CA LEU B 614 -58.21 49.15 -30.76
C LEU B 614 -57.41 50.27 -31.41
N PRO B 615 -56.10 50.20 -31.36
CA PRO B 615 -55.29 51.17 -32.11
C PRO B 615 -54.36 50.50 -33.12
N GLU B 616 -54.85 50.28 -34.35
CA GLU B 616 -54.11 49.83 -35.55
C GLU B 616 -55.06 49.14 -36.53
N LYS B 617 -55.93 48.26 -36.02
CA LYS B 617 -56.87 47.47 -36.82
C LYS B 617 -56.11 46.52 -37.77
N THR B 618 -55.17 45.77 -37.21
CA THR B 618 -54.27 44.95 -38.03
C THR B 618 -54.81 43.54 -38.13
N SER B 619 -53.98 42.61 -38.61
CA SER B 619 -54.49 41.37 -39.19
C SER B 619 -55.09 40.46 -38.14
N TRP B 620 -54.36 40.23 -37.05
CA TRP B 620 -54.79 39.37 -35.96
C TRP B 620 -54.29 39.98 -34.65
N VAL B 621 -54.82 39.48 -33.54
CA VAL B 621 -54.23 39.74 -32.23
C VAL B 621 -54.09 38.41 -31.51
N LYS B 622 -52.96 38.23 -30.83
CA LYS B 622 -52.64 36.99 -30.13
C LYS B 622 -52.82 37.23 -28.65
N PHE B 623 -53.97 36.83 -28.12
CA PHE B 623 -54.18 36.93 -26.69
C PHE B 623 -53.43 35.83 -25.95
N ASN B 624 -53.21 36.08 -24.64
CA ASN B 624 -52.44 35.22 -23.74
C ASN B 624 -51.04 35.03 -24.28
N VAL B 625 -50.27 36.12 -24.25
CA VAL B 625 -48.98 36.14 -24.91
C VAL B 625 -47.98 35.33 -24.09
N ASP B 626 -47.21 34.48 -24.78
CA ASP B 626 -46.35 33.43 -24.26
C ASP B 626 -47.10 32.37 -23.45
N SER B 627 -48.43 32.42 -23.40
CA SER B 627 -49.29 31.45 -22.73
C SER B 627 -49.03 31.33 -21.23
N ASN B 628 -48.47 32.35 -20.58
CA ASN B 628 -48.32 32.32 -19.14
C ASN B 628 -49.66 32.33 -18.41
N GLY B 629 -50.72 32.83 -19.04
CA GLY B 629 -52.02 32.92 -18.40
C GLY B 629 -52.76 31.58 -18.38
N TYR B 630 -53.42 31.32 -17.24
CA TYR B 630 -54.20 30.08 -17.04
C TYR B 630 -55.59 30.28 -17.61
N TYR B 631 -55.64 30.33 -18.93
CA TYR B 631 -56.90 30.51 -19.62
C TYR B 631 -56.76 30.04 -21.05
N ILE B 632 -57.92 29.88 -21.70
CA ILE B 632 -58.01 29.47 -23.09
C ILE B 632 -58.58 30.66 -23.86
N VAL B 633 -57.96 30.97 -25.02
CA VAL B 633 -58.49 31.98 -25.93
C VAL B 633 -59.14 31.26 -27.10
N HIS B 634 -60.33 31.72 -27.48
CA HIS B 634 -61.00 31.30 -28.71
C HIS B 634 -61.30 32.54 -29.54
N TYR B 635 -61.00 32.50 -30.83
CA TYR B 635 -61.18 33.64 -31.72
C TYR B 635 -62.44 33.43 -32.58
N GLU B 636 -63.44 34.30 -32.37
CA GLU B 636 -64.58 34.39 -33.26
C GLU B 636 -64.23 35.31 -34.43
N GLY B 637 -65.19 35.50 -35.33
CA GLY B 637 -64.74 36.10 -36.57
C GLY B 637 -63.77 35.16 -37.28
N HIS B 638 -62.91 35.74 -38.11
CA HIS B 638 -61.88 34.97 -38.78
C HIS B 638 -60.54 35.03 -38.03
N GLY B 639 -60.59 35.19 -36.70
CA GLY B 639 -59.38 35.30 -35.93
C GLY B 639 -58.62 34.01 -35.88
N TRP B 640 -59.32 32.88 -35.89
CA TRP B 640 -58.66 31.58 -35.99
C TRP B 640 -58.11 31.36 -37.38
N ASP B 641 -58.91 31.65 -38.41
CA ASP B 641 -58.46 31.53 -39.79
C ASP B 641 -57.25 32.43 -40.04
N GLN B 642 -57.28 33.65 -39.50
CA GLN B 642 -56.18 34.60 -39.71
C GLN B 642 -54.89 34.03 -39.15
N LEU B 643 -54.91 33.69 -37.85
CA LEU B 643 -53.73 33.17 -37.19
C LEU B 643 -53.18 31.93 -37.89
N ILE B 644 -54.06 31.00 -38.31
CA ILE B 644 -53.58 29.75 -38.93
C ILE B 644 -52.72 30.06 -40.14
N THR B 645 -53.24 30.86 -41.07
CA THR B 645 -52.43 31.12 -42.27
C THR B 645 -51.24 32.04 -41.99
N GLN B 646 -51.17 32.67 -40.79
CA GLN B 646 -49.93 33.30 -40.35
C GLN B 646 -48.86 32.24 -40.08
N LEU B 647 -49.24 31.18 -39.38
CA LEU B 647 -48.31 30.08 -39.15
C LEU B 647 -47.91 29.40 -40.45
N ASN B 648 -48.84 29.26 -41.40
CA ASN B 648 -48.49 28.57 -42.63
C ASN B 648 -47.52 29.39 -43.47
N GLN B 649 -47.79 30.69 -43.63
CA GLN B 649 -46.95 31.47 -44.51
C GLN B 649 -45.62 31.86 -43.86
N ASN B 650 -45.65 32.57 -42.73
CA ASN B 650 -44.41 33.01 -42.06
C ASN B 650 -44.71 32.95 -40.56
N HIS B 651 -44.42 31.79 -39.95
CA HIS B 651 -44.86 31.59 -38.58
C HIS B 651 -43.96 32.26 -37.57
N THR B 652 -42.77 32.71 -37.98
CA THR B 652 -41.82 33.22 -37.01
C THR B 652 -42.31 34.51 -36.36
N LEU B 653 -43.28 35.19 -36.97
CA LEU B 653 -43.84 36.39 -36.39
C LEU B 653 -44.72 36.12 -35.17
N LEU B 654 -45.09 34.86 -34.94
CA LEU B 654 -45.63 34.45 -33.65
C LEU B 654 -44.48 33.89 -32.82
N ARG B 655 -44.42 34.30 -31.56
CA ARG B 655 -43.34 33.88 -30.66
C ARG B 655 -43.41 32.37 -30.54
N PRO B 656 -42.38 31.69 -30.07
CA PRO B 656 -42.46 30.22 -30.03
C PRO B 656 -43.40 29.72 -28.97
N LYS B 657 -43.23 30.19 -27.71
CA LYS B 657 -44.16 29.77 -26.67
C LYS B 657 -45.59 30.08 -27.09
N ASP B 658 -45.80 31.18 -27.84
CA ASP B 658 -47.09 31.48 -28.45
C ASP B 658 -47.59 30.30 -29.27
N ARG B 659 -46.78 29.84 -30.22
CA ARG B 659 -47.24 28.82 -31.17
C ARG B 659 -47.63 27.57 -30.41
N VAL B 660 -46.74 27.11 -29.52
CA VAL B 660 -47.04 26.03 -28.57
C VAL B 660 -48.40 26.23 -27.94
N GLY B 661 -48.79 27.49 -27.70
CA GLY B 661 -50.06 27.77 -27.05
C GLY B 661 -51.24 27.56 -27.95
N LEU B 662 -51.14 28.02 -29.20
CA LEU B 662 -52.23 27.83 -30.14
C LEU B 662 -52.39 26.36 -30.48
N ILE B 663 -51.29 25.68 -30.79
CA ILE B 663 -51.31 24.24 -31.03
C ILE B 663 -52.10 23.53 -29.95
N HIS B 664 -51.90 23.92 -28.68
CA HIS B 664 -52.69 23.34 -27.61
C HIS B 664 -54.12 23.82 -27.66
N ASP B 665 -54.32 25.10 -28.01
CA ASP B 665 -55.63 25.70 -27.82
C ASP B 665 -56.65 25.24 -28.86
N VAL B 666 -56.23 24.94 -30.10
CA VAL B 666 -57.24 24.55 -31.09
C VAL B 666 -57.72 23.13 -30.81
N PHE B 667 -56.81 22.23 -30.50
CA PHE B 667 -57.22 20.87 -30.25
C PHE B 667 -58.13 20.77 -29.03
N GLN B 668 -57.81 21.52 -27.97
CA GLN B 668 -58.75 21.57 -26.86
C GLN B 668 -60.07 22.22 -27.26
N LEU B 669 -60.06 23.08 -28.29
CA LEU B 669 -61.32 23.69 -28.68
C LEU B 669 -62.15 22.80 -29.60
N VAL B 670 -61.55 21.78 -30.23
CA VAL B 670 -62.44 20.81 -30.85
C VAL B 670 -63.03 19.88 -29.78
N GLY B 671 -62.26 19.58 -28.73
CA GLY B 671 -62.85 18.93 -27.57
C GLY B 671 -63.95 19.77 -26.93
N ALA B 672 -63.79 21.09 -26.96
CA ALA B 672 -64.83 21.95 -26.40
C ALA B 672 -66.06 21.95 -27.27
N GLY B 673 -65.90 21.62 -28.55
CA GLY B 673 -66.98 21.68 -29.51
C GLY B 673 -67.15 23.02 -30.18
N ARG B 674 -66.37 24.03 -29.80
CA ARG B 674 -66.40 25.35 -30.43
C ARG B 674 -65.47 25.45 -31.66
N LEU B 675 -64.99 24.31 -32.19
CA LEU B 675 -64.22 24.24 -33.44
C LEU B 675 -64.39 22.86 -34.07
N THR B 676 -64.31 22.83 -35.40
CA THR B 676 -64.34 21.58 -36.15
C THR B 676 -62.93 21.00 -36.24
N LEU B 677 -62.85 19.69 -36.39
CA LEU B 677 -61.53 19.06 -36.38
C LEU B 677 -60.70 19.52 -37.56
N ASP B 678 -61.31 19.69 -38.74
CA ASP B 678 -60.54 20.06 -39.92
C ASP B 678 -59.84 21.39 -39.76
N LYS B 679 -60.20 22.18 -38.75
CA LYS B 679 -59.46 23.41 -38.52
C LYS B 679 -58.17 23.14 -37.77
N ALA B 680 -58.21 22.24 -36.79
CA ALA B 680 -57.05 22.03 -35.94
C ALA B 680 -55.96 21.22 -36.65
N LEU B 681 -56.36 20.22 -37.45
CA LEU B 681 -55.38 19.51 -38.27
C LEU B 681 -54.78 20.42 -39.33
N ASP B 682 -55.60 21.31 -39.90
CA ASP B 682 -55.10 22.25 -40.90
C ASP B 682 -53.95 23.06 -40.36
N MET B 683 -53.92 23.28 -39.04
CA MET B 683 -52.79 24.02 -38.53
C MET B 683 -51.53 23.15 -38.51
N THR B 684 -51.68 21.84 -38.26
CA THR B 684 -50.53 20.96 -38.20
C THR B 684 -49.74 20.92 -39.50
N TYR B 685 -50.27 21.49 -40.59
CA TYR B 685 -49.49 21.58 -41.81
C TYR B 685 -48.23 22.39 -41.58
N TYR B 686 -48.34 23.53 -40.88
CA TYR B 686 -47.19 24.41 -40.74
C TYR B 686 -46.00 23.69 -40.06
N LEU B 687 -46.28 22.76 -39.13
CA LEU B 687 -45.27 21.94 -38.45
C LEU B 687 -44.11 21.46 -39.32
N GLN B 688 -44.30 21.36 -40.63
CA GLN B 688 -43.17 20.98 -41.46
C GLN B 688 -42.12 22.07 -41.52
N HIS B 689 -42.44 23.26 -41.04
CA HIS B 689 -41.47 24.34 -40.95
C HIS B 689 -41.08 24.66 -39.52
N GLU B 690 -41.61 23.97 -38.52
CA GLU B 690 -41.46 24.44 -37.15
C GLU B 690 -40.04 24.17 -36.69
N THR B 691 -39.27 25.25 -36.49
CA THR B 691 -37.92 25.12 -35.98
C THR B 691 -37.90 24.76 -34.50
N SER B 692 -38.87 25.25 -33.72
CA SER B 692 -38.82 25.12 -32.26
C SER B 692 -39.36 23.76 -31.85
N SER B 693 -38.47 22.89 -31.38
CA SER B 693 -38.84 21.53 -31.05
C SER B 693 -40.07 21.44 -30.14
N PRO B 694 -40.27 22.31 -29.14
CA PRO B 694 -41.49 22.22 -28.33
C PRO B 694 -42.79 22.30 -29.12
N ALA B 695 -42.92 23.26 -30.03
CA ALA B 695 -44.11 23.28 -30.85
C ALA B 695 -44.28 21.96 -31.60
N LEU B 696 -43.23 21.56 -32.33
CA LEU B 696 -43.27 20.34 -33.14
C LEU B 696 -43.77 19.14 -32.36
N LEU B 697 -43.28 18.95 -31.14
CA LEU B 697 -43.68 17.77 -30.38
C LEU B 697 -45.09 17.91 -29.85
N GLU B 698 -45.49 19.13 -29.48
CA GLU B 698 -46.88 19.37 -29.10
C GLU B 698 -47.80 19.00 -30.25
N GLY B 699 -47.58 19.59 -31.42
CA GLY B 699 -48.32 19.17 -32.59
C GLY B 699 -48.35 17.66 -32.78
N LEU B 700 -47.19 17.07 -33.09
CA LEU B 700 -47.09 15.63 -33.27
C LEU B 700 -47.85 14.87 -32.19
N SER B 701 -47.64 15.24 -30.92
CA SER B 701 -48.28 14.47 -29.84
C SER B 701 -49.79 14.38 -30.05
N TYR B 702 -50.44 15.48 -30.44
CA TYR B 702 -51.85 15.35 -30.76
C TYR B 702 -52.03 14.30 -31.85
N LEU B 703 -51.28 14.44 -32.96
CA LEU B 703 -51.39 13.49 -34.05
C LEU B 703 -51.10 12.07 -33.57
N GLU B 704 -50.11 11.92 -32.67
CA GLU B 704 -49.80 10.58 -32.17
C GLU B 704 -50.94 10.02 -31.33
N SER B 705 -51.62 10.88 -30.58
CA SER B 705 -52.74 10.47 -29.75
C SER B 705 -53.87 9.86 -30.58
N PHE B 706 -54.19 10.50 -31.69
CA PHE B 706 -55.25 10.01 -32.56
C PHE B 706 -54.93 8.62 -33.08
N TYR B 707 -53.66 8.38 -33.40
CA TYR B 707 -53.29 7.06 -33.90
C TYR B 707 -53.43 6.01 -32.82
N HIS B 708 -53.12 6.35 -31.57
CA HIS B 708 -53.23 5.36 -30.51
C HIS B 708 -54.69 5.05 -30.24
N MET B 709 -55.53 6.09 -30.25
CA MET B 709 -56.94 5.86 -30.00
C MET B 709 -57.58 5.12 -31.18
N MET B 710 -57.16 5.41 -32.40
CA MET B 710 -57.61 4.61 -33.53
C MET B 710 -57.13 3.16 -33.46
N ASP B 711 -56.11 2.86 -32.65
CA ASP B 711 -55.64 1.49 -32.65
C ASP B 711 -56.22 0.68 -31.51
N ARG B 712 -56.63 1.35 -30.42
CA ARG B 712 -57.32 0.65 -29.34
C ARG B 712 -58.73 0.25 -29.76
N ARG B 713 -59.43 1.11 -30.49
CA ARG B 713 -60.55 0.67 -31.31
C ARG B 713 -59.98 0.06 -32.57
N ASN B 714 -60.74 -0.79 -33.25
CA ASN B 714 -59.95 -1.36 -34.35
C ASN B 714 -60.10 -0.59 -35.65
N ILE B 715 -60.19 0.73 -35.60
CA ILE B 715 -60.40 1.52 -36.82
C ILE B 715 -59.13 1.58 -37.66
N SER B 716 -58.84 0.49 -38.38
CA SER B 716 -57.53 0.34 -39.01
C SER B 716 -57.34 1.30 -40.18
N ASP B 717 -58.39 1.52 -40.98
CA ASP B 717 -58.24 2.30 -42.20
C ASP B 717 -57.70 3.69 -41.88
N ILE B 718 -58.40 4.38 -40.99
CA ILE B 718 -57.95 5.72 -40.65
C ILE B 718 -56.74 5.65 -39.74
N SER B 719 -56.56 4.54 -38.99
CA SER B 719 -55.31 4.35 -38.26
C SER B 719 -54.15 4.07 -39.22
N GLU B 720 -54.38 3.27 -40.26
CA GLU B 720 -53.28 3.01 -41.17
C GLU B 720 -53.00 4.20 -42.07
N ASN B 721 -53.97 5.11 -42.24
CA ASN B 721 -53.70 6.36 -42.97
C ASN B 721 -52.93 7.34 -42.09
N LEU B 722 -53.37 7.50 -40.85
CA LEU B 722 -52.61 8.24 -39.85
C LEU B 722 -51.16 7.79 -39.83
N LYS B 723 -50.94 6.48 -39.81
CA LYS B 723 -49.57 5.97 -39.89
C LYS B 723 -48.86 6.50 -41.13
N ARG B 724 -49.54 6.53 -42.27
CA ARG B 724 -48.84 7.00 -43.46
C ARG B 724 -48.56 8.50 -43.39
N TYR B 725 -49.52 9.30 -42.89
CA TYR B 725 -49.35 10.75 -42.93
C TYR B 725 -48.19 11.20 -42.06
N LEU B 726 -48.06 10.58 -40.88
CA LEU B 726 -46.93 10.80 -39.99
C LEU B 726 -45.59 10.40 -40.63
N LEU B 727 -45.58 9.47 -41.58
CA LEU B 727 -44.30 9.03 -42.11
C LEU B 727 -43.85 9.79 -43.37
N GLN B 728 -44.75 10.27 -44.25
CA GLN B 728 -44.20 11.05 -45.36
C GLN B 728 -44.19 12.53 -45.06
N TYR B 729 -45.30 13.05 -44.54
CA TYR B 729 -45.16 14.31 -43.85
C TYR B 729 -44.32 14.06 -42.61
N PHE B 730 -43.40 14.96 -42.33
CA PHE B 730 -42.38 14.83 -41.29
C PHE B 730 -41.31 13.80 -41.65
N LYS B 731 -41.27 13.34 -42.92
CA LYS B 731 -40.19 12.44 -43.36
C LYS B 731 -38.83 13.14 -43.35
N PRO B 732 -38.70 14.38 -43.86
CA PRO B 732 -37.41 15.08 -43.68
C PRO B 732 -36.88 15.02 -42.27
N VAL B 733 -37.73 15.36 -41.29
CA VAL B 733 -37.26 15.51 -39.92
C VAL B 733 -36.87 14.17 -39.32
N ILE B 734 -37.55 13.08 -39.69
CA ILE B 734 -37.18 11.75 -39.21
C ILE B 734 -35.85 11.32 -39.81
N ASP B 735 -35.70 11.49 -41.13
CA ASP B 735 -34.56 10.88 -41.80
C ASP B 735 -33.21 11.45 -41.37
N ARG B 736 -33.19 12.56 -40.62
CA ARG B 736 -31.92 13.20 -40.26
C ARG B 736 -31.58 13.06 -38.78
N GLN B 737 -32.42 12.39 -38.00
CA GLN B 737 -32.10 12.13 -36.61
C GLN B 737 -31.00 11.08 -36.51
N SER B 738 -29.96 11.42 -35.74
CA SER B 738 -28.88 10.48 -35.47
C SER B 738 -29.34 9.40 -34.50
N TRP B 739 -28.69 8.24 -34.56
CA TRP B 739 -28.88 7.22 -33.53
C TRP B 739 -27.77 7.33 -32.49
N SER B 740 -27.71 8.49 -31.83
CA SER B 740 -26.68 8.82 -30.86
C SER B 740 -27.27 9.62 -29.71
N ASP B 741 -26.43 9.99 -28.74
CA ASP B 741 -26.81 10.93 -27.70
C ASP B 741 -26.24 12.31 -27.96
N LYS B 742 -26.05 12.68 -29.22
CA LYS B 742 -25.37 13.93 -29.57
C LYS B 742 -26.38 15.06 -29.69
N GLY B 743 -26.00 16.23 -29.23
CA GLY B 743 -26.79 17.43 -29.40
C GLY B 743 -27.38 17.95 -28.10
N SER B 744 -28.08 19.08 -28.23
CA SER B 744 -28.77 19.79 -27.15
C SER B 744 -29.65 18.88 -26.31
N VAL B 745 -30.34 19.47 -25.33
CA VAL B 745 -31.30 18.70 -24.55
C VAL B 745 -32.59 18.47 -25.33
N TRP B 746 -33.05 19.51 -26.04
CA TRP B 746 -34.27 19.39 -26.81
C TRP B 746 -34.05 18.58 -28.07
N ASP B 747 -32.93 18.80 -28.74
CA ASP B 747 -32.61 18.00 -29.92
C ASP B 747 -32.59 16.51 -29.57
N ARG B 748 -32.07 16.17 -28.38
CA ARG B 748 -32.05 14.77 -27.94
C ARG B 748 -33.45 14.27 -27.62
N MET B 749 -34.23 15.06 -26.88
CA MET B 749 -35.62 14.69 -26.64
C MET B 749 -36.34 14.42 -27.96
N LEU B 750 -36.10 15.27 -28.96
CA LEU B 750 -36.78 15.12 -30.24
C LEU B 750 -36.33 13.86 -30.97
N ARG B 751 -35.04 13.51 -30.83
CA ARG B 751 -34.49 12.32 -31.48
C ARG B 751 -35.11 11.05 -30.93
N SER B 752 -35.25 10.96 -29.62
CA SER B 752 -35.96 9.83 -29.04
C SER B 752 -37.44 9.88 -29.40
N ALA B 753 -38.04 11.08 -29.34
CA ALA B 753 -39.45 11.24 -29.66
C ALA B 753 -39.75 10.71 -31.05
N LEU B 754 -38.92 11.09 -32.01
CA LEU B 754 -39.20 10.77 -33.40
C LEU B 754 -38.91 9.29 -33.69
N LEU B 755 -37.66 8.87 -33.50
CA LEU B 755 -37.30 7.47 -33.72
C LEU B 755 -38.33 6.53 -33.08
N LYS B 756 -38.74 6.80 -31.84
CA LYS B 756 -39.77 5.95 -31.22
C LYS B 756 -41.05 5.95 -32.05
N LEU B 757 -41.47 7.12 -32.52
CA LEU B 757 -42.70 7.18 -33.29
C LEU B 757 -42.60 6.35 -34.55
N ALA B 758 -41.51 6.50 -35.31
CA ALA B 758 -41.37 5.75 -36.55
C ALA B 758 -41.39 4.25 -36.28
N CYS B 759 -40.59 3.81 -35.31
CA CYS B 759 -40.54 2.39 -34.99
CA CYS B 759 -40.53 2.40 -34.97
C CYS B 759 -41.87 1.89 -34.46
N ASP B 760 -42.64 2.74 -33.78
CA ASP B 760 -43.96 2.35 -33.33
C ASP B 760 -44.95 2.24 -34.49
N LEU B 761 -44.56 2.68 -35.68
CA LEU B 761 -45.36 2.58 -36.89
C LEU B 761 -44.79 1.54 -37.84
N ASN B 762 -43.86 0.74 -37.36
CA ASN B 762 -43.16 -0.23 -38.18
C ASN B 762 -42.65 0.42 -39.45
N HIS B 763 -41.88 1.50 -39.27
CA HIS B 763 -41.09 2.10 -40.34
C HIS B 763 -39.92 1.18 -40.59
N ALA B 764 -40.04 0.33 -41.62
CA ALA B 764 -39.05 -0.70 -41.95
C ALA B 764 -37.61 -0.32 -41.66
N PRO B 765 -37.09 0.88 -42.01
CA PRO B 765 -35.64 1.14 -41.73
C PRO B 765 -35.29 1.17 -40.26
N CYS B 766 -35.99 2.00 -39.47
CA CYS B 766 -35.63 2.16 -38.06
CA CYS B 766 -35.60 2.17 -38.08
C CYS B 766 -35.79 0.87 -37.29
N ILE B 767 -36.77 0.06 -37.65
CA ILE B 767 -36.95 -1.22 -36.98
C ILE B 767 -35.74 -2.12 -37.26
N GLN B 768 -35.12 -1.99 -38.43
CA GLN B 768 -34.01 -2.88 -38.67
C GLN B 768 -32.72 -2.37 -38.02
N LYS B 769 -32.56 -1.06 -37.86
CA LYS B 769 -31.42 -0.53 -37.09
C LYS B 769 -31.53 -0.92 -35.63
N ALA B 770 -32.70 -0.68 -35.03
CA ALA B 770 -32.93 -1.05 -33.65
C ALA B 770 -32.82 -2.56 -33.45
N ALA B 771 -33.25 -3.34 -34.44
CA ALA B 771 -33.13 -4.79 -34.32
C ALA B 771 -31.67 -5.22 -34.41
N GLU B 772 -30.93 -4.62 -35.35
CA GLU B 772 -29.50 -4.90 -35.44
C GLU B 772 -28.76 -4.40 -34.22
N LEU B 773 -29.03 -3.15 -33.81
CA LEU B 773 -28.42 -2.63 -32.59
C LEU B 773 -28.77 -3.50 -31.38
N PHE B 774 -29.95 -4.11 -31.38
CA PHE B 774 -30.35 -4.94 -30.25
C PHE B 774 -29.56 -6.24 -30.21
N SER B 775 -29.44 -6.92 -31.35
CA SER B 775 -28.75 -8.20 -31.34
C SER B 775 -27.27 -8.01 -31.02
N GLN B 776 -26.65 -6.94 -31.51
CA GLN B 776 -25.27 -6.66 -31.13
C GLN B 776 -25.13 -6.56 -29.62
N TRP B 777 -26.10 -5.90 -28.97
CA TRP B 777 -26.12 -5.84 -27.52
C TRP B 777 -26.29 -7.22 -26.92
N MET B 778 -27.14 -8.05 -27.52
CA MET B 778 -27.43 -9.36 -26.95
C MET B 778 -26.27 -10.33 -27.17
N GLU B 779 -25.77 -10.42 -28.41
CA GLU B 779 -24.57 -11.21 -28.70
C GLU B 779 -23.40 -10.86 -27.77
N SER B 780 -23.37 -9.62 -27.26
CA SER B 780 -22.35 -9.12 -26.36
C SER B 780 -22.67 -9.32 -24.89
N SER B 781 -23.69 -10.12 -24.57
CA SER B 781 -24.06 -10.48 -23.21
C SER B 781 -24.35 -9.26 -22.33
N GLY B 782 -24.82 -8.18 -22.96
CA GLY B 782 -25.18 -6.96 -22.28
C GLY B 782 -24.06 -5.95 -22.19
N LYS B 783 -22.87 -6.30 -22.66
CA LYS B 783 -21.69 -5.48 -22.42
C LYS B 783 -21.43 -4.47 -23.52
N LEU B 784 -22.27 -4.44 -24.55
CA LEU B 784 -22.21 -3.37 -25.54
C LEU B 784 -22.91 -2.12 -25.01
N ASN B 785 -22.50 -0.97 -25.55
CA ASN B 785 -22.98 0.34 -25.12
C ASN B 785 -23.86 0.92 -26.22
N ILE B 786 -25.18 0.84 -26.01
CA ILE B 786 -26.19 1.47 -26.88
C ILE B 786 -26.37 2.91 -26.43
N PRO B 787 -26.60 3.84 -27.36
CA PRO B 787 -26.92 5.23 -26.98
C PRO B 787 -28.17 5.31 -26.13
N THR B 788 -28.09 6.11 -25.05
CA THR B 788 -29.18 6.13 -24.09
C THR B 788 -30.48 6.60 -24.72
N ASP B 789 -30.40 7.49 -25.69
CA ASP B 789 -31.62 8.10 -26.21
C ASP B 789 -32.45 7.09 -27.00
N VAL B 790 -31.80 6.17 -27.71
CA VAL B 790 -32.53 5.15 -28.45
C VAL B 790 -32.83 3.92 -27.59
N LEU B 791 -32.45 3.94 -26.30
CA LEU B 791 -32.33 2.72 -25.52
C LEU B 791 -33.69 2.04 -25.34
N LYS B 792 -34.72 2.80 -24.97
CA LYS B 792 -36.05 2.21 -24.86
C LYS B 792 -36.50 1.62 -26.20
N ILE B 793 -36.10 2.22 -27.32
CA ILE B 793 -36.51 1.70 -28.61
C ILE B 793 -35.78 0.40 -28.90
N VAL B 794 -34.46 0.39 -28.71
CA VAL B 794 -33.69 -0.81 -29.01
C VAL B 794 -34.26 -2.01 -28.27
N TYR B 795 -34.73 -1.78 -27.04
CA TYR B 795 -35.24 -2.88 -26.22
C TYR B 795 -36.67 -3.24 -26.62
N SER B 796 -37.48 -2.26 -26.98
CA SER B 796 -38.85 -2.57 -27.39
C SER B 796 -38.85 -3.41 -28.66
N VAL B 797 -38.08 -3.00 -29.66
CA VAL B 797 -37.88 -3.81 -30.85
C VAL B 797 -37.47 -5.24 -30.47
N GLY B 798 -36.50 -5.37 -29.55
CA GLY B 798 -36.05 -6.70 -29.16
C GLY B 798 -37.15 -7.56 -28.53
N ALA B 799 -37.98 -6.97 -27.66
CA ALA B 799 -38.93 -7.76 -26.90
C ALA B 799 -40.01 -8.34 -27.77
N GLN B 800 -40.11 -7.92 -29.02
CA GLN B 800 -41.12 -8.48 -29.92
C GLN B 800 -40.92 -9.97 -30.07
N THR B 801 -39.70 -10.40 -30.35
CA THR B 801 -39.41 -11.81 -30.33
C THR B 801 -39.23 -12.33 -28.91
N THR B 802 -39.47 -13.63 -28.75
CA THR B 802 -39.39 -14.22 -27.42
C THR B 802 -37.96 -14.23 -26.92
N ALA B 803 -37.01 -14.42 -27.83
CA ALA B 803 -35.60 -14.45 -27.45
C ALA B 803 -35.18 -13.12 -26.82
N GLY B 804 -35.43 -12.02 -27.51
CA GLY B 804 -35.21 -10.72 -26.91
C GLY B 804 -35.97 -10.56 -25.60
N TRP B 805 -37.26 -10.87 -25.61
CA TRP B 805 -38.07 -10.66 -24.42
C TRP B 805 -37.52 -11.43 -23.22
N ASN B 806 -37.29 -12.73 -23.43
CA ASN B 806 -36.76 -13.59 -22.38
C ASN B 806 -35.41 -13.10 -21.88
N TYR B 807 -34.54 -12.69 -22.79
CA TYR B 807 -33.25 -12.18 -22.37
C TYR B 807 -33.38 -10.86 -21.64
N LEU B 808 -34.37 -10.03 -22.01
CA LEU B 808 -34.55 -8.77 -21.29
C LEU B 808 -34.97 -9.05 -19.85
N LEU B 809 -35.99 -9.91 -19.67
CA LEU B 809 -36.45 -10.23 -18.33
C LEU B 809 -35.36 -10.87 -17.49
N GLU B 810 -34.58 -11.77 -18.07
CA GLU B 810 -33.34 -12.20 -17.43
C GLU B 810 -32.55 -10.99 -16.94
N GLN B 811 -32.16 -10.11 -17.86
CA GLN B 811 -31.22 -9.06 -17.54
C GLN B 811 -31.83 -7.93 -16.76
N TYR B 812 -33.14 -7.95 -16.52
CA TYR B 812 -33.77 -6.94 -15.66
C TYR B 812 -33.24 -7.03 -14.24
N GLU B 813 -33.31 -8.21 -13.62
CA GLU B 813 -32.83 -8.32 -12.26
C GLU B 813 -31.32 -8.36 -12.16
N LEU B 814 -30.62 -8.28 -13.27
CA LEU B 814 -29.17 -8.23 -13.26
C LEU B 814 -28.63 -6.82 -13.48
N SER B 815 -29.46 -5.91 -13.93
CA SER B 815 -28.95 -4.59 -14.25
C SER B 815 -28.79 -3.77 -12.98
N MET B 816 -27.76 -2.91 -12.99
CA MET B 816 -27.37 -2.15 -11.83
C MET B 816 -27.80 -0.69 -11.89
N SER B 817 -28.44 -0.25 -12.97
CA SER B 817 -29.04 1.09 -13.05
C SER B 817 -30.55 0.97 -13.15
N SER B 818 -31.25 1.49 -12.13
CA SER B 818 -32.71 1.45 -12.14
C SER B 818 -33.31 2.29 -13.24
N ALA B 819 -32.50 3.16 -13.84
CA ALA B 819 -32.85 3.76 -15.12
C ALA B 819 -32.99 2.71 -16.22
N GLU B 820 -32.01 1.82 -16.34
CA GLU B 820 -32.09 0.75 -17.33
C GLU B 820 -33.27 -0.16 -17.02
N GLN B 821 -33.42 -0.49 -15.74
CA GLN B 821 -34.53 -1.34 -15.29
C GLN B 821 -35.88 -0.76 -15.71
N ASN B 822 -36.10 0.52 -15.43
CA ASN B 822 -37.28 1.21 -15.93
C ASN B 822 -37.41 1.05 -17.46
N LYS B 823 -36.33 1.28 -18.19
CA LYS B 823 -36.43 1.13 -19.65
C LYS B 823 -36.63 -0.33 -20.08
N ILE B 824 -36.09 -1.31 -19.33
CA ILE B 824 -36.29 -2.71 -19.71
C ILE B 824 -37.73 -3.13 -19.45
N LEU B 825 -38.33 -2.63 -18.37
CA LEU B 825 -39.69 -3.03 -18.08
C LEU B 825 -40.68 -2.50 -19.12
N TYR B 826 -40.46 -1.30 -19.64
CA TYR B 826 -41.33 -0.80 -20.71
C TYR B 826 -41.29 -1.73 -21.90
N ALA B 827 -40.08 -2.02 -22.39
CA ALA B 827 -39.91 -2.94 -23.50
C ALA B 827 -40.61 -4.26 -23.22
N LEU B 828 -40.32 -4.87 -22.06
CA LEU B 828 -41.01 -6.09 -21.66
C LEU B 828 -42.53 -5.95 -21.83
N SER B 829 -43.09 -4.81 -21.44
CA SER B 829 -44.51 -4.56 -21.62
C SER B 829 -44.90 -4.18 -23.06
N THR B 830 -44.07 -4.44 -24.08
CA THR B 830 -44.48 -4.21 -25.46
C THR B 830 -44.91 -5.49 -26.16
N SER B 831 -44.72 -6.62 -25.49
CA SER B 831 -44.93 -7.91 -26.14
C SER B 831 -46.38 -8.07 -26.55
N LYS B 832 -46.57 -8.70 -27.70
CA LYS B 832 -47.88 -8.95 -28.24
C LYS B 832 -48.42 -10.32 -27.84
N HIS B 833 -47.71 -11.05 -26.99
CA HIS B 833 -48.24 -12.26 -26.37
C HIS B 833 -48.83 -11.87 -25.03
N GLN B 834 -50.15 -12.03 -24.88
CA GLN B 834 -50.79 -11.74 -23.59
C GLN B 834 -50.19 -12.57 -22.47
N GLU B 835 -49.82 -13.81 -22.78
CA GLU B 835 -49.22 -14.73 -21.80
C GLU B 835 -47.90 -14.18 -21.25
N LYS B 836 -47.18 -13.36 -22.03
CA LYS B 836 -46.00 -12.66 -21.53
C LYS B 836 -46.40 -11.48 -20.66
N LEU B 837 -47.48 -10.81 -21.03
CA LEU B 837 -47.90 -9.64 -20.27
C LEU B 837 -48.29 -10.03 -18.86
N LEU B 838 -49.24 -10.94 -18.73
CA LEU B 838 -49.70 -11.38 -17.42
C LEU B 838 -48.56 -11.96 -16.59
N LYS B 839 -47.54 -12.55 -17.20
CA LYS B 839 -46.39 -12.96 -16.39
C LYS B 839 -45.75 -11.74 -15.76
N LEU B 840 -45.62 -10.65 -16.52
CA LEU B 840 -45.15 -9.40 -15.96
C LEU B 840 -46.02 -8.98 -14.78
N ILE B 841 -47.33 -8.77 -15.03
CA ILE B 841 -48.13 -8.18 -13.97
C ILE B 841 -48.27 -9.13 -12.79
N GLU B 842 -48.26 -10.44 -13.04
CA GLU B 842 -48.39 -11.28 -11.87
C GLU B 842 -47.09 -11.39 -11.10
N LEU B 843 -45.94 -11.18 -11.75
CA LEU B 843 -44.69 -11.00 -11.01
C LEU B 843 -44.73 -9.74 -10.15
N GLY B 844 -45.44 -8.71 -10.59
CA GLY B 844 -45.57 -7.51 -9.79
C GLY B 844 -46.51 -7.68 -8.62
N MET B 845 -47.46 -8.62 -8.72
CA MET B 845 -48.22 -8.98 -7.53
C MET B 845 -47.30 -9.58 -6.48
N GLU B 846 -46.63 -10.68 -6.83
CA GLU B 846 -45.64 -11.30 -5.93
C GLU B 846 -44.65 -10.26 -5.43
N GLY B 847 -44.09 -9.45 -6.31
CA GLY B 847 -43.22 -8.39 -5.87
C GLY B 847 -41.81 -8.85 -5.57
N LYS B 848 -41.42 -10.01 -6.10
CA LYS B 848 -40.07 -10.51 -5.89
C LYS B 848 -39.16 -9.95 -6.98
N VAL B 849 -39.42 -10.33 -8.22
CA VAL B 849 -38.54 -9.95 -9.33
C VAL B 849 -38.77 -8.51 -9.74
N ILE B 850 -40.04 -8.13 -9.86
CA ILE B 850 -40.49 -6.77 -10.10
C ILE B 850 -41.09 -6.25 -8.81
N LYS B 851 -40.44 -5.31 -8.15
CA LYS B 851 -40.95 -4.94 -6.85
C LYS B 851 -42.31 -4.26 -6.99
N THR B 852 -43.12 -4.28 -5.92
CA THR B 852 -44.51 -3.82 -6.05
C THR B 852 -44.62 -2.30 -6.05
N GLN B 853 -43.63 -1.56 -5.56
CA GLN B 853 -43.68 -0.11 -5.75
C GLN B 853 -43.87 0.25 -7.21
N ASN B 854 -43.59 -0.68 -8.13
CA ASN B 854 -43.65 -0.48 -9.58
C ASN B 854 -44.89 -1.09 -10.23
N LEU B 855 -45.78 -1.73 -9.47
CA LEU B 855 -46.89 -2.46 -10.06
C LEU B 855 -47.82 -1.50 -10.80
N ALA B 856 -48.22 -0.41 -10.14
CA ALA B 856 -49.13 0.56 -10.76
C ALA B 856 -48.54 1.11 -12.06
N ALA B 857 -47.24 1.44 -12.05
CA ALA B 857 -46.60 1.90 -13.28
C ALA B 857 -46.65 0.84 -14.37
N LEU B 858 -46.43 -0.42 -14.00
CA LEU B 858 -46.46 -1.50 -14.97
C LEU B 858 -47.84 -1.61 -15.62
N LEU B 859 -48.85 -2.01 -14.83
CA LEU B 859 -50.25 -2.10 -15.26
C LEU B 859 -50.64 -0.96 -16.18
N HIS B 860 -50.24 0.26 -15.86
CA HIS B 860 -50.60 1.36 -16.74
C HIS B 860 -49.88 1.26 -18.08
N ALA B 861 -48.64 0.79 -18.10
CA ALA B 861 -47.97 0.67 -19.40
C ALA B 861 -48.62 -0.40 -20.24
N ILE B 862 -49.00 -1.50 -19.60
CA ILE B 862 -49.66 -2.59 -20.29
C ILE B 862 -51.02 -2.15 -20.84
N ALA B 863 -51.82 -1.47 -20.02
CA ALA B 863 -53.18 -1.12 -20.39
C ALA B 863 -53.26 -0.23 -21.64
N ARG B 864 -52.40 0.79 -21.77
CA ARG B 864 -52.53 1.70 -22.92
C ARG B 864 -52.19 1.02 -24.25
N ARG B 865 -51.36 -0.02 -24.23
CA ARG B 865 -51.10 -0.87 -25.40
C ARG B 865 -52.38 -1.57 -25.86
N PRO B 866 -52.70 -1.58 -27.15
CA PRO B 866 -53.94 -2.25 -27.57
C PRO B 866 -53.94 -3.75 -27.27
N LYS B 867 -52.82 -4.43 -27.43
CA LYS B 867 -52.84 -5.88 -27.22
C LYS B 867 -53.07 -6.27 -25.76
N GLY B 868 -53.04 -5.32 -24.84
CA GLY B 868 -53.20 -5.69 -23.45
C GLY B 868 -54.10 -4.75 -22.65
N GLN B 869 -54.91 -3.96 -23.36
CA GLN B 869 -55.81 -3.05 -22.65
C GLN B 869 -56.90 -3.81 -21.93
N GLN B 870 -57.48 -4.86 -22.55
CA GLN B 870 -58.50 -5.64 -21.87
C GLN B 870 -57.91 -6.47 -20.74
N LEU B 871 -56.74 -7.08 -20.98
CA LEU B 871 -56.12 -7.96 -20.00
C LEU B 871 -55.89 -7.25 -18.67
N ALA B 872 -55.44 -6.00 -18.74
CA ALA B 872 -55.25 -5.20 -17.55
C ALA B 872 -56.57 -4.99 -16.83
N TRP B 873 -57.54 -4.40 -17.54
CA TRP B 873 -58.89 -4.18 -17.04
C TRP B 873 -59.46 -5.40 -16.34
N ASP B 874 -59.41 -6.55 -17.01
CA ASP B 874 -59.91 -7.76 -16.38
C ASP B 874 -59.12 -8.07 -15.13
N PHE B 875 -57.80 -7.98 -15.20
CA PHE B 875 -56.99 -8.27 -14.00
C PHE B 875 -57.44 -7.42 -12.82
N VAL B 876 -57.65 -6.13 -13.07
CA VAL B 876 -58.05 -5.21 -11.99
C VAL B 876 -59.40 -5.63 -11.43
N ARG B 877 -60.38 -5.89 -12.31
CA ARG B 877 -61.68 -6.36 -11.85
C ARG B 877 -61.58 -7.66 -11.06
N GLU B 878 -60.61 -8.52 -11.39
CA GLU B 878 -60.58 -9.84 -10.79
C GLU B 878 -59.81 -9.88 -9.48
N ASN B 879 -58.82 -9.00 -9.30
CA ASN B 879 -58.07 -8.99 -8.06
C ASN B 879 -58.19 -7.64 -7.37
N TRP B 880 -59.30 -6.95 -7.56
CA TRP B 880 -59.47 -5.66 -6.91
C TRP B 880 -59.14 -5.75 -5.43
N THR B 881 -59.60 -6.81 -4.76
CA THR B 881 -59.43 -6.88 -3.33
C THR B 881 -57.96 -7.10 -2.96
N HIS B 882 -57.29 -8.05 -3.63
CA HIS B 882 -55.84 -8.23 -3.41
C HIS B 882 -55.10 -6.91 -3.53
N LEU B 883 -55.47 -6.11 -4.54
CA LEU B 883 -54.84 -4.81 -4.71
C LEU B 883 -55.16 -3.89 -3.55
N LEU B 884 -56.34 -4.04 -2.95
CA LEU B 884 -56.59 -3.20 -1.78
C LEU B 884 -55.77 -3.62 -0.59
N LYS B 885 -55.22 -4.83 -0.58
CA LYS B 885 -54.41 -5.25 0.55
C LYS B 885 -52.94 -4.94 0.38
N LYS B 886 -52.53 -4.54 -0.83
CA LYS B 886 -51.15 -4.13 -1.08
C LYS B 886 -50.98 -2.62 -0.99
N PHE B 887 -52.04 -1.86 -1.24
CA PHE B 887 -51.97 -0.40 -1.32
C PHE B 887 -53.12 0.23 -0.54
N ASP B 888 -52.88 1.42 -0.02
CA ASP B 888 -53.98 2.14 0.61
C ASP B 888 -54.94 2.64 -0.46
N LEU B 889 -56.22 2.78 -0.07
CA LEU B 889 -57.24 3.22 -1.02
C LEU B 889 -56.90 4.60 -1.59
N GLY B 890 -56.59 5.55 -0.72
CA GLY B 890 -56.21 6.86 -1.22
C GLY B 890 -54.80 6.94 -1.74
N SER B 891 -54.07 5.84 -1.78
CA SER B 891 -52.69 5.88 -2.23
C SER B 891 -52.62 6.33 -3.68
N TYR B 892 -51.46 6.89 -4.07
CA TYR B 892 -51.22 7.19 -5.48
C TYR B 892 -51.31 5.93 -6.31
N ASP B 893 -50.66 4.85 -5.85
CA ASP B 893 -50.63 3.61 -6.59
C ASP B 893 -52.03 3.15 -6.98
N ILE B 894 -52.98 3.27 -6.06
CA ILE B 894 -54.33 2.81 -6.34
C ILE B 894 -54.98 3.70 -7.38
N ARG B 895 -54.93 5.00 -7.15
CA ARG B 895 -55.50 5.92 -8.12
C ARG B 895 -54.91 5.73 -9.51
N MET B 896 -53.60 5.53 -9.59
CA MET B 896 -53.03 5.37 -10.91
C MET B 896 -53.42 4.05 -11.53
N ILE B 897 -53.62 3.02 -10.72
CA ILE B 897 -54.15 1.78 -11.27
C ILE B 897 -55.49 2.04 -11.93
N ILE B 898 -56.37 2.78 -11.24
CA ILE B 898 -57.74 3.02 -11.71
C ILE B 898 -57.79 3.73 -13.06
N SER B 899 -57.32 4.98 -13.10
CA SER B 899 -57.37 5.71 -14.35
C SER B 899 -56.46 5.06 -15.39
N GLY B 900 -55.30 4.57 -14.95
CA GLY B 900 -54.31 4.01 -15.88
C GLY B 900 -54.82 2.84 -16.68
N THR B 901 -55.94 2.24 -16.25
CA THR B 901 -56.53 1.08 -16.90
C THR B 901 -57.85 1.40 -17.58
N THR B 902 -58.43 2.57 -17.34
CA THR B 902 -59.76 2.88 -17.83
C THR B 902 -59.84 4.18 -18.62
N ALA B 903 -59.05 5.16 -18.24
CA ALA B 903 -59.21 6.51 -18.78
C ALA B 903 -59.12 6.53 -20.31
N HIS B 904 -58.35 5.61 -20.88
CA HIS B 904 -58.16 5.52 -22.30
C HIS B 904 -59.31 4.81 -23.02
N PHE B 905 -60.37 4.42 -22.29
CA PHE B 905 -61.51 3.80 -22.95
C PHE B 905 -62.28 4.85 -23.71
N SER B 906 -62.89 4.44 -24.82
CA SER B 906 -63.63 5.41 -25.64
C SER B 906 -64.82 4.74 -26.27
N SER B 907 -65.46 3.86 -25.52
CA SER B 907 -66.51 2.99 -26.00
C SER B 907 -67.73 3.18 -25.13
N LYS B 908 -68.91 3.17 -25.74
CA LYS B 908 -70.14 3.18 -24.95
C LYS B 908 -70.27 1.93 -24.11
N ASP B 909 -69.70 0.81 -24.56
CA ASP B 909 -69.74 -0.43 -23.80
C ASP B 909 -68.75 -0.39 -22.65
N LYS B 910 -67.55 0.13 -22.90
CA LYS B 910 -66.57 0.21 -21.83
C LYS B 910 -66.92 1.31 -20.82
N LEU B 911 -67.65 2.34 -21.23
CA LEU B 911 -68.26 3.21 -20.22
C LEU B 911 -69.16 2.41 -19.28
N GLN B 912 -70.04 1.57 -19.83
CA GLN B 912 -71.02 0.91 -18.97
CA GLN B 912 -71.03 0.85 -19.02
C GLN B 912 -70.37 -0.08 -18.01
N GLU B 913 -69.31 -0.80 -18.43
CA GLU B 913 -68.70 -1.74 -17.50
C GLU B 913 -67.97 -1.02 -16.39
N VAL B 914 -67.35 0.13 -16.70
CA VAL B 914 -66.66 0.92 -15.70
C VAL B 914 -67.66 1.48 -14.71
N LYS B 915 -68.67 2.19 -15.22
CA LYS B 915 -69.73 2.75 -14.40
C LYS B 915 -70.21 1.74 -13.36
N LEU B 916 -70.32 0.45 -13.73
CA LEU B 916 -70.85 -0.52 -12.78
C LEU B 916 -69.77 -1.04 -11.81
N PHE B 917 -68.52 -1.14 -12.23
CA PHE B 917 -67.44 -1.49 -11.29
C PHE B 917 -67.24 -0.39 -10.24
N PHE B 918 -67.27 0.88 -10.67
CA PHE B 918 -67.22 2.01 -9.73
C PHE B 918 -68.41 1.98 -8.79
N GLU B 919 -69.62 1.67 -9.31
CA GLU B 919 -70.80 1.54 -8.45
C GLU B 919 -70.70 0.34 -7.53
N SER B 920 -70.07 -0.75 -8.01
CA SER B 920 -69.81 -1.89 -7.14
C SER B 920 -68.81 -1.53 -6.04
N LEU B 921 -67.78 -0.75 -6.37
CA LEU B 921 -66.80 -0.36 -5.38
C LEU B 921 -67.39 0.55 -4.32
N GLU B 922 -68.41 1.34 -4.68
CA GLU B 922 -69.10 2.12 -3.68
C GLU B 922 -69.78 1.22 -2.66
N ALA B 923 -70.31 0.08 -3.12
CA ALA B 923 -71.06 -0.82 -2.25
C ALA B 923 -70.24 -1.20 -1.02
N GLN B 924 -69.07 -1.80 -1.24
CA GLN B 924 -68.18 -2.20 -0.14
C GLN B 924 -67.58 -1.01 0.58
N GLY B 925 -67.82 0.22 0.10
CA GLY B 925 -67.56 1.44 0.84
C GLY B 925 -66.42 2.29 0.35
N SER B 926 -65.76 1.91 -0.74
CA SER B 926 -64.58 2.61 -1.22
C SER B 926 -65.02 3.77 -2.13
N HIS B 927 -64.69 5.01 -1.72
CA HIS B 927 -65.06 6.20 -2.47
C HIS B 927 -63.83 7.05 -2.77
N LEU B 928 -63.61 7.34 -4.05
CA LEU B 928 -62.58 8.28 -4.48
C LEU B 928 -63.16 9.22 -5.53
N ASP B 929 -62.74 10.48 -5.49
CA ASP B 929 -63.14 11.40 -6.55
C ASP B 929 -62.61 10.94 -7.91
N ILE B 930 -61.63 10.03 -7.91
CA ILE B 930 -61.08 9.50 -9.15
C ILE B 930 -62.17 8.84 -9.96
N PHE B 931 -63.18 8.26 -9.29
CA PHE B 931 -64.27 7.61 -9.99
C PHE B 931 -64.95 8.56 -10.97
N GLN B 932 -65.37 9.72 -10.46
CA GLN B 932 -66.06 10.67 -11.32
C GLN B 932 -65.16 11.13 -12.45
N THR B 933 -63.90 11.45 -12.13
CA THR B 933 -62.90 11.89 -13.11
C THR B 933 -62.75 10.89 -14.27
N VAL B 934 -62.65 9.60 -13.95
CA VAL B 934 -62.52 8.57 -14.99
C VAL B 934 -63.81 8.45 -15.81
N LEU B 935 -64.96 8.58 -15.16
CA LEU B 935 -66.19 8.49 -15.94
C LEU B 935 -66.33 9.67 -16.88
N GLU B 936 -65.96 10.87 -16.41
CA GLU B 936 -66.08 12.07 -17.25
C GLU B 936 -65.15 12.01 -18.45
N THR B 937 -63.97 11.39 -18.27
CA THR B 937 -63.05 11.29 -19.37
C THR B 937 -63.51 10.25 -20.41
N ILE B 938 -63.98 9.06 -19.98
CA ILE B 938 -64.50 8.13 -20.97
C ILE B 938 -65.69 8.74 -21.67
N THR B 939 -66.51 9.48 -20.92
CA THR B 939 -67.61 10.21 -21.54
C THR B 939 -67.10 11.23 -22.53
N LYS B 940 -65.95 11.86 -22.22
CA LYS B 940 -65.36 12.86 -23.10
C LYS B 940 -64.80 12.26 -24.39
N ASN B 941 -64.27 11.04 -24.33
CA ASN B 941 -63.75 10.44 -25.56
C ASN B 941 -64.86 9.85 -26.41
N ILE B 942 -65.95 9.40 -25.79
CA ILE B 942 -67.07 8.92 -26.58
C ILE B 942 -67.72 10.09 -27.30
N LYS B 943 -67.83 11.24 -26.62
CA LYS B 943 -68.38 12.43 -27.26
C LYS B 943 -67.45 12.93 -28.37
N TRP B 944 -66.16 13.02 -28.09
CA TRP B 944 -65.21 13.49 -29.09
C TRP B 944 -65.24 12.62 -30.35
N LEU B 945 -65.23 11.28 -30.16
CA LEU B 945 -65.29 10.34 -31.29
C LEU B 945 -66.57 10.51 -32.10
N GLU B 946 -67.68 10.84 -31.44
CA GLU B 946 -68.93 10.94 -32.18
C GLU B 946 -68.98 12.21 -33.01
N LYS B 947 -68.38 13.28 -32.53
CA LYS B 947 -68.46 14.57 -33.20
C LYS B 947 -67.39 14.75 -34.26
N ASN B 948 -66.30 14.00 -34.18
CA ASN B 948 -65.10 14.33 -34.93
C ASN B 948 -64.47 13.16 -35.70
N LEU B 949 -64.63 11.91 -35.28
CA LEU B 949 -64.01 10.80 -35.99
C LEU B 949 -64.27 10.88 -37.50
N PRO B 950 -65.51 11.12 -37.98
CA PRO B 950 -65.69 11.19 -39.44
C PRO B 950 -64.88 12.33 -40.07
N THR B 951 -64.82 13.48 -39.38
CA THR B 951 -63.96 14.57 -39.83
C THR B 951 -62.50 14.15 -39.90
N LEU B 952 -62.05 13.29 -39.01
CA LEU B 952 -60.65 12.85 -39.08
C LEU B 952 -60.42 11.90 -40.27
N ARG B 953 -61.38 11.01 -40.54
CA ARG B 953 -61.18 10.01 -41.60
C ARG B 953 -61.13 10.67 -42.97
N THR B 954 -61.89 11.76 -43.14
CA THR B 954 -61.93 12.45 -44.42
C THR B 954 -60.80 13.45 -44.55
N TRP B 955 -60.49 14.17 -43.47
CA TRP B 955 -59.35 15.09 -43.50
C TRP B 955 -58.08 14.38 -43.99
N LEU B 956 -57.75 13.23 -43.38
CA LEU B 956 -56.61 12.44 -43.85
C LEU B 956 -56.72 12.11 -45.33
N MET B 957 -57.93 11.80 -45.80
CA MET B 957 -58.09 11.32 -47.16
C MET B 957 -58.08 12.46 -48.16
N VAL B 958 -58.60 13.62 -47.76
CA VAL B 958 -58.40 14.83 -48.53
C VAL B 958 -56.92 15.11 -48.67
N ASN B 959 -56.20 15.07 -47.55
CA ASN B 959 -54.77 15.34 -47.63
C ASN B 959 -54.07 14.33 -48.52
N THR B 960 -54.56 13.08 -48.57
CA THR B 960 -53.90 12.07 -49.41
C THR B 960 -53.94 12.44 -50.89
N ARG B 961 -54.97 13.17 -51.31
CA ARG B 961 -55.12 13.52 -52.73
C ARG B 961 -54.22 14.68 -53.12
N HIS B 962 -54.07 15.68 -52.25
CA HIS B 962 -53.14 16.75 -52.49
C HIS B 962 -51.70 16.21 -52.40
N ALA C 52 29.71 -23.38 37.52
CA ALA C 52 29.10 -22.15 37.05
C ALA C 52 29.00 -22.08 35.52
N PHE C 53 30.13 -22.06 34.81
CA PHE C 53 30.04 -21.94 33.35
C PHE C 53 30.72 -23.12 32.63
N PRO C 54 32.03 -23.37 32.81
CA PRO C 54 32.73 -24.31 31.92
C PRO C 54 32.76 -25.76 32.40
N VAL C 55 32.82 -26.67 31.42
CA VAL C 55 32.51 -28.09 31.64
C VAL C 55 33.60 -28.83 32.42
N ALA C 56 34.77 -29.04 31.80
CA ALA C 56 36.04 -29.41 32.43
C ALA C 56 36.40 -30.88 32.35
N THR C 57 35.68 -31.67 31.54
CA THR C 57 36.03 -33.07 31.25
C THR C 57 35.77 -34.02 32.42
N ASN C 58 36.63 -33.99 33.45
CA ASN C 58 36.44 -34.83 34.63
C ASN C 58 35.22 -34.41 35.51
N GLY C 59 34.32 -33.53 35.05
CA GLY C 59 33.14 -33.19 35.81
C GLY C 59 33.26 -31.98 36.73
N GLU C 60 34.47 -31.51 37.02
CA GLU C 60 34.65 -30.39 37.94
C GLU C 60 34.31 -29.07 37.24
N ARG C 61 34.35 -27.99 38.01
CA ARG C 61 34.17 -26.65 37.43
C ARG C 61 35.54 -26.12 37.03
N PHE C 62 35.67 -25.66 35.79
CA PHE C 62 36.94 -25.10 35.38
C PHE C 62 37.08 -23.68 35.92
N PRO C 63 38.20 -23.35 36.56
CA PRO C 63 38.33 -22.05 37.26
C PRO C 63 38.56 -20.85 36.34
N TRP C 64 38.52 -21.04 35.03
CA TRP C 64 38.61 -19.95 34.06
C TRP C 64 37.58 -20.20 32.97
N GLN C 65 37.15 -19.13 32.30
CA GLN C 65 36.09 -19.25 31.31
C GLN C 65 36.39 -18.58 29.98
N GLU C 66 37.48 -17.80 29.88
CA GLU C 66 37.81 -17.02 28.69
C GLU C 66 38.85 -17.73 27.83
N LEU C 67 38.84 -17.40 26.53
CA LEU C 67 39.77 -18.00 25.59
C LEU C 67 41.18 -17.43 25.71
N ARG C 68 41.33 -16.20 26.22
CA ARG C 68 42.66 -15.66 26.45
C ARG C 68 43.11 -16.04 27.85
N LEU C 69 44.44 -16.23 28.00
CA LEU C 69 44.97 -16.67 29.28
C LEU C 69 45.01 -15.51 30.27
N PRO C 70 44.90 -15.81 31.56
CA PRO C 70 45.12 -14.78 32.58
C PRO C 70 46.48 -14.13 32.39
N SER C 71 46.56 -12.89 32.88
CA SER C 71 47.81 -12.16 32.95
C SER C 71 48.46 -12.24 34.34
N VAL C 72 47.90 -13.05 35.24
CA VAL C 72 48.31 -13.05 36.65
C VAL C 72 49.66 -13.75 36.87
N VAL C 73 49.94 -14.80 36.09
CA VAL C 73 51.18 -15.59 36.18
C VAL C 73 51.99 -15.31 34.93
N ILE C 74 53.26 -14.91 35.10
CA ILE C 74 54.10 -14.58 33.95
C ILE C 74 55.34 -15.46 33.83
N PRO C 75 55.44 -16.32 32.81
CA PRO C 75 56.69 -17.05 32.61
C PRO C 75 57.85 -16.09 32.40
N LEU C 76 58.95 -16.38 33.09
CA LEU C 76 60.22 -15.78 32.76
C LEU C 76 61.22 -16.76 32.15
N HIS C 77 61.06 -18.05 32.39
CA HIS C 77 62.09 -18.98 31.96
C HIS C 77 61.56 -20.41 31.94
N TYR C 78 61.70 -21.06 30.79
CA TYR C 78 61.32 -22.45 30.57
C TYR C 78 62.55 -23.34 30.58
N ASP C 79 62.43 -24.51 31.26
CA ASP C 79 63.41 -25.59 31.25
C ASP C 79 62.79 -26.74 30.48
N LEU C 80 63.31 -27.01 29.29
CA LEU C 80 62.70 -27.98 28.38
C LEU C 80 63.66 -29.13 28.12
N PHE C 81 63.23 -30.36 28.44
CA PHE C 81 63.97 -31.58 28.14
C PHE C 81 63.07 -32.49 27.32
N VAL C 82 63.42 -32.72 26.05
CA VAL C 82 62.62 -33.55 25.17
C VAL C 82 63.41 -34.80 24.83
N HIS C 83 62.77 -35.96 24.96
CA HIS C 83 63.40 -37.26 24.70
C HIS C 83 62.54 -37.94 23.65
N PRO C 84 62.68 -37.55 22.40
CA PRO C 84 61.90 -38.17 21.34
C PRO C 84 62.55 -39.46 20.89
N ASN C 85 61.70 -40.41 20.53
CA ASN C 85 62.14 -41.69 19.98
C ASN C 85 61.64 -41.78 18.54
N LEU C 86 62.56 -41.71 17.60
CA LEU C 86 62.22 -41.77 16.18
C LEU C 86 62.02 -43.20 15.68
N THR C 87 61.99 -44.19 16.58
CA THR C 87 61.56 -45.53 16.26
C THR C 87 60.12 -45.78 16.70
N SER C 88 59.80 -45.51 17.96
CA SER C 88 58.41 -45.61 18.40
C SER C 88 57.58 -44.38 18.02
N LEU C 89 58.23 -43.36 17.45
CA LEU C 89 57.58 -42.14 16.98
C LEU C 89 56.69 -41.53 18.07
N ASP C 90 57.19 -41.56 19.29
CA ASP C 90 56.55 -40.89 20.42
C ASP C 90 57.64 -40.09 21.12
N PHE C 91 57.24 -39.28 22.07
CA PHE C 91 58.24 -38.50 22.77
C PHE C 91 57.85 -38.37 24.22
N VAL C 92 58.83 -38.46 25.10
CA VAL C 92 58.64 -38.22 26.51
C VAL C 92 59.44 -36.98 26.86
N ALA C 93 58.88 -36.11 27.73
CA ALA C 93 59.47 -34.79 27.95
C ALA C 93 59.18 -34.31 29.39
N SER C 94 59.88 -33.25 29.80
CA SER C 94 59.76 -32.63 31.12
C SER C 94 60.02 -31.13 31.02
N GLU C 95 59.33 -30.36 31.84
CA GLU C 95 59.48 -28.92 31.81
C GLU C 95 59.34 -28.34 33.20
N LYS C 96 60.00 -27.19 33.40
CA LYS C 96 59.99 -26.47 34.67
C LYS C 96 59.95 -24.99 34.32
N ILE C 97 58.77 -24.39 34.36
CA ILE C 97 58.60 -22.97 34.01
C ILE C 97 58.91 -22.11 35.23
N GLU C 98 59.77 -21.11 35.08
CA GLU C 98 59.94 -20.11 36.13
C GLU C 98 58.89 -19.03 35.96
N VAL C 99 58.01 -18.90 36.94
CA VAL C 99 56.92 -17.92 36.86
C VAL C 99 57.09 -16.91 37.99
N LEU C 100 56.80 -15.65 37.68
CA LEU C 100 56.78 -14.57 38.66
C LEU C 100 55.31 -14.16 38.79
N VAL C 101 54.66 -14.58 39.87
CA VAL C 101 53.22 -14.39 40.04
C VAL C 101 52.96 -13.02 40.67
N SER C 102 52.07 -12.25 40.07
CA SER C 102 51.86 -10.85 40.42
C SER C 102 50.55 -10.55 41.12
N ASN C 103 49.47 -11.26 40.82
CA ASN C 103 48.25 -11.23 41.63
C ASN C 103 48.11 -12.57 42.34
N ALA C 104 47.79 -12.52 43.63
CA ALA C 104 47.54 -13.75 44.35
C ALA C 104 46.44 -14.55 43.66
N THR C 105 46.62 -15.87 43.60
CA THR C 105 45.75 -16.73 42.81
C THR C 105 45.83 -18.15 43.35
N GLN C 106 44.71 -18.86 43.20
CA GLN C 106 44.56 -20.26 43.61
C GLN C 106 44.70 -21.25 42.45
N PHE C 107 44.90 -20.77 41.22
CA PHE C 107 44.93 -21.64 40.05
C PHE C 107 45.74 -20.99 38.92
N ILE C 108 46.83 -21.65 38.53
CA ILE C 108 47.60 -21.28 37.33
C ILE C 108 46.99 -22.01 36.14
N ILE C 109 46.69 -21.28 35.06
CA ILE C 109 46.19 -21.90 33.85
C ILE C 109 47.04 -21.48 32.65
N LEU C 110 47.40 -22.46 31.83
CA LEU C 110 48.23 -22.29 30.66
C LEU C 110 47.67 -23.19 29.57
N HIS C 111 48.48 -23.42 28.52
CA HIS C 111 48.05 -24.10 27.31
C HIS C 111 48.71 -25.46 27.17
N SER C 112 47.90 -26.43 26.78
CA SER C 112 48.38 -27.75 26.45
C SER C 112 47.29 -28.39 25.61
N LYS C 113 47.68 -29.23 24.65
CA LYS C 113 46.72 -29.92 23.81
C LYS C 113 47.34 -31.24 23.35
N ASP C 114 46.58 -32.32 23.44
CA ASP C 114 47.05 -33.67 23.12
C ASP C 114 48.37 -33.98 23.81
N LEU C 115 48.50 -33.58 25.06
CA LEU C 115 49.64 -34.01 25.86
C LEU C 115 49.10 -34.74 27.08
N GLU C 116 49.77 -35.81 27.44
CA GLU C 116 49.48 -36.51 28.69
C GLU C 116 50.41 -35.92 29.73
N ILE C 117 49.84 -35.19 30.68
CA ILE C 117 50.56 -34.65 31.82
C ILE C 117 50.47 -35.68 32.94
N THR C 118 51.61 -35.96 33.58
CA THR C 118 51.79 -37.08 34.50
C THR C 118 52.32 -36.68 35.88
N ASN C 119 53.22 -35.70 36.00
CA ASN C 119 53.60 -35.15 37.29
C ASN C 119 53.48 -33.64 37.22
N ALA C 120 52.97 -33.02 38.30
CA ALA C 120 52.80 -31.57 38.36
C ALA C 120 53.19 -31.09 39.76
N THR C 121 54.40 -30.51 39.88
CA THR C 121 54.94 -30.04 41.15
C THR C 121 55.17 -28.53 41.09
N LEU C 122 54.87 -27.84 42.20
CA LEU C 122 55.11 -26.40 42.33
C LEU C 122 56.19 -26.20 43.39
N GLN C 123 57.36 -25.73 42.96
CA GLN C 123 58.46 -25.41 43.85
C GLN C 123 58.52 -23.91 44.10
N SER C 124 59.36 -23.52 45.05
CA SER C 124 59.67 -22.10 45.24
C SER C 124 61.01 -21.95 45.94
N GLU C 125 61.97 -21.32 45.27
CA GLU C 125 63.12 -20.76 45.97
C GLU C 125 62.64 -19.75 47.02
N GLU C 126 61.72 -18.87 46.64
CA GLU C 126 61.32 -17.74 47.48
C GLU C 126 60.27 -18.08 48.52
N ASP C 127 59.34 -19.00 48.27
CA ASP C 127 58.31 -19.37 49.24
C ASP C 127 58.69 -20.68 49.93
N SER C 128 58.70 -20.67 51.27
CA SER C 128 59.13 -21.84 52.03
C SER C 128 58.11 -22.98 51.95
N ARG C 129 56.83 -22.65 51.72
CA ARG C 129 55.80 -23.68 51.64
C ARG C 129 56.15 -24.73 50.60
N TYR C 130 56.91 -24.35 49.58
CA TYR C 130 57.24 -25.21 48.45
C TYR C 130 58.75 -25.29 48.28
N MET C 131 59.43 -26.14 49.06
CA MET C 131 60.85 -26.32 48.76
C MET C 131 61.03 -27.54 47.88
N LYS C 132 62.17 -28.22 47.97
CA LYS C 132 62.51 -29.23 46.96
C LYS C 132 61.52 -30.39 46.87
N PRO C 133 60.86 -30.86 47.93
CA PRO C 133 59.76 -31.82 47.72
C PRO C 133 58.50 -31.19 47.11
N GLY C 134 58.45 -29.87 46.96
CA GLY C 134 57.30 -29.13 46.48
C GLY C 134 55.99 -29.59 47.05
N LYS C 135 55.00 -29.70 46.16
CA LYS C 135 53.84 -30.53 46.43
C LYS C 135 53.17 -30.76 45.10
N GLU C 136 52.51 -31.90 44.99
CA GLU C 136 51.78 -32.22 43.77
C GLU C 136 50.61 -31.27 43.58
N LEU C 137 50.50 -30.69 42.39
CA LEU C 137 49.30 -29.96 41.95
C LEU C 137 48.38 -30.90 41.21
N LYS C 138 47.09 -30.86 41.52
CA LYS C 138 46.15 -31.63 40.70
C LYS C 138 45.79 -30.81 39.47
N VAL C 139 45.60 -31.51 38.37
CA VAL C 139 45.54 -30.92 37.04
C VAL C 139 44.12 -31.01 36.54
N LEU C 140 43.55 -29.86 36.22
CA LEU C 140 42.20 -29.76 35.69
C LEU C 140 42.32 -29.32 34.25
N SER C 141 41.61 -30.01 33.37
CA SER C 141 41.79 -29.79 31.94
C SER C 141 40.48 -29.44 31.25
N TYR C 142 40.53 -28.40 30.41
CA TYR C 142 39.42 -27.92 29.62
C TYR C 142 39.81 -27.82 28.14
N PRO C 143 39.62 -28.89 27.36
CA PRO C 143 40.12 -28.92 25.97
C PRO C 143 39.54 -27.84 25.07
N ALA C 144 38.28 -27.46 25.29
CA ALA C 144 37.59 -26.56 24.37
C ALA C 144 38.25 -25.19 24.27
N HIS C 145 39.01 -24.79 25.29
CA HIS C 145 39.87 -23.62 25.20
C HIS C 145 41.34 -24.00 25.10
N GLU C 146 41.65 -25.29 24.98
CA GLU C 146 43.02 -25.81 24.93
C GLU C 146 43.85 -25.42 26.17
N GLN C 147 43.18 -25.30 27.31
CA GLN C 147 43.84 -24.93 28.55
C GLN C 147 43.79 -26.07 29.56
N ILE C 148 44.75 -26.05 30.46
CA ILE C 148 44.70 -26.85 31.67
C ILE C 148 44.92 -25.89 32.81
N ALA C 149 44.31 -26.18 33.95
CA ALA C 149 44.53 -25.42 35.16
C ALA C 149 45.40 -26.24 36.09
N LEU C 150 46.29 -25.56 36.80
CA LEU C 150 47.14 -26.18 37.80
C LEU C 150 46.67 -25.59 39.13
N LEU C 151 45.77 -26.30 39.79
CA LEU C 151 45.15 -25.86 41.05
C LEU C 151 46.13 -26.04 42.21
N VAL C 152 46.43 -24.96 42.92
CA VAL C 152 47.36 -25.04 44.04
C VAL C 152 46.60 -25.27 45.35
N PRO C 153 47.12 -26.13 46.25
CA PRO C 153 46.39 -26.38 47.50
C PRO C 153 46.28 -25.15 48.37
N GLU C 154 47.18 -24.19 48.20
CA GLU C 154 47.12 -22.94 48.92
C GLU C 154 46.71 -21.82 47.97
N LYS C 155 47.22 -20.63 48.22
CA LYS C 155 47.07 -19.49 47.32
C LYS C 155 48.42 -18.80 47.25
N LEU C 156 48.99 -18.72 46.05
CA LEU C 156 50.33 -18.18 45.89
C LEU C 156 50.41 -16.74 46.34
N THR C 157 51.54 -16.37 46.90
CA THR C 157 51.67 -15.01 47.39
C THR C 157 52.39 -14.14 46.36
N PRO C 158 51.87 -12.93 46.13
CA PRO C 158 52.32 -12.13 44.99
C PRO C 158 53.78 -11.69 45.03
N HIS C 159 54.35 -11.47 43.84
CA HIS C 159 55.69 -10.94 43.63
C HIS C 159 56.81 -11.90 44.01
N LEU C 160 56.53 -13.20 44.04
CA LEU C 160 57.55 -14.22 44.31
C LEU C 160 57.66 -15.20 43.15
N LYS C 161 58.89 -15.48 42.71
CA LYS C 161 59.10 -16.50 41.70
C LYS C 161 58.71 -17.89 42.22
N TYR C 162 57.96 -18.64 41.40
CA TYR C 162 57.61 -20.04 41.65
C TYR C 162 57.99 -20.88 40.43
N TYR C 163 58.17 -22.18 40.65
CA TYR C 163 58.59 -23.12 39.61
C TYR C 163 57.48 -24.14 39.36
N VAL C 164 56.87 -24.06 38.18
CA VAL C 164 55.87 -25.03 37.75
C VAL C 164 56.60 -26.13 36.98
N ALA C 165 56.71 -27.30 37.58
CA ALA C 165 57.41 -28.41 36.95
C ALA C 165 56.38 -29.40 36.43
N MET C 166 56.55 -29.81 35.17
CA MET C 166 55.61 -30.74 34.55
C MET C 166 56.32 -31.88 33.83
N ASP C 167 55.66 -33.04 33.83
CA ASP C 167 56.11 -34.26 33.14
C ASP C 167 54.99 -34.66 32.19
N PHE C 168 55.34 -35.00 30.95
CA PHE C 168 54.32 -35.12 29.91
C PHE C 168 54.87 -35.91 28.73
N GLN C 169 53.96 -36.39 27.88
CA GLN C 169 54.25 -37.28 26.76
C GLN C 169 53.10 -37.29 25.77
N ALA C 170 53.42 -37.68 24.52
CA ALA C 170 52.44 -37.90 23.46
C ALA C 170 53.15 -38.54 22.27
N LYS C 171 52.36 -39.00 21.31
CA LYS C 171 52.96 -39.54 20.11
C LYS C 171 53.38 -38.40 19.21
N LEU C 172 54.48 -38.61 18.50
CA LEU C 172 54.84 -37.67 17.46
C LEU C 172 53.65 -37.49 16.53
N GLY C 173 53.24 -36.22 16.33
CA GLY C 173 52.18 -35.90 15.40
C GLY C 173 52.35 -36.48 14.02
N ASP C 174 51.24 -36.84 13.38
CA ASP C 174 51.23 -37.31 12.01
C ASP C 174 50.73 -36.25 11.03
N GLY C 175 50.50 -35.03 11.50
CA GLY C 175 49.73 -34.07 10.74
C GLY C 175 50.38 -32.72 10.49
N PHE C 176 51.71 -32.66 10.54
CA PHE C 176 52.51 -31.52 10.06
C PHE C 176 52.50 -30.33 11.01
N GLU C 177 51.93 -30.48 12.21
CA GLU C 177 51.94 -29.41 13.20
C GLU C 177 52.34 -29.94 14.57
N GLY C 178 53.01 -29.09 15.32
CA GLY C 178 53.48 -29.44 16.64
C GLY C 178 54.87 -30.00 16.58
N PHE C 179 55.10 -31.09 17.32
CA PHE C 179 56.31 -31.90 17.22
C PHE C 179 55.91 -33.15 16.43
N TYR C 180 56.20 -33.18 15.14
CA TYR C 180 55.65 -34.21 14.24
C TYR C 180 56.76 -34.87 13.44
N LYS C 181 56.43 -36.01 12.84
CA LYS C 181 57.37 -36.78 12.04
C LYS C 181 57.27 -36.44 10.55
N SER C 182 58.39 -36.58 9.87
CA SER C 182 58.49 -36.36 8.43
C SER C 182 59.58 -37.28 7.90
N THR C 183 59.56 -37.52 6.60
CA THR C 183 60.51 -38.45 6.00
C THR C 183 61.16 -37.82 4.77
N TYR C 184 62.19 -38.50 4.28
CA TYR C 184 62.72 -38.20 2.97
C TYR C 184 63.37 -39.45 2.38
N ARG C 185 63.52 -39.46 1.06
CA ARG C 185 64.06 -40.60 0.32
C ARG C 185 65.47 -40.26 -0.10
N THR C 186 66.38 -41.21 0.04
CA THR C 186 67.76 -40.96 -0.36
C THR C 186 68.01 -41.56 -1.74
N LEU C 187 69.02 -40.99 -2.41
CA LEU C 187 69.40 -41.48 -3.73
C LEU C 187 69.47 -43.01 -3.77
N GLY C 188 69.81 -43.65 -2.65
CA GLY C 188 69.75 -45.10 -2.61
C GLY C 188 68.33 -45.65 -2.60
N GLY C 189 67.36 -44.90 -2.11
CA GLY C 189 65.99 -45.37 -1.99
C GLY C 189 65.50 -45.50 -0.57
N GLU C 190 66.40 -45.39 0.41
CA GLU C 190 65.99 -45.35 1.80
C GLU C 190 65.04 -44.19 2.08
N THR C 191 64.06 -44.44 2.94
CA THR C 191 63.27 -43.41 3.59
C THR C 191 63.77 -43.29 5.01
N ARG C 192 64.02 -42.08 5.44
CA ARG C 192 64.57 -41.84 6.75
C ARG C 192 63.69 -40.88 7.49
N ILE C 193 63.66 -41.03 8.81
CA ILE C 193 62.74 -40.27 9.63
C ILE C 193 63.46 -39.07 10.23
N LEU C 194 62.73 -37.97 10.38
CA LEU C 194 63.16 -36.82 11.16
C LEU C 194 61.95 -36.31 11.95
N ALA C 195 62.21 -35.68 13.09
CA ALA C 195 61.17 -35.01 13.87
C ALA C 195 61.47 -33.53 13.84
N VAL C 196 60.42 -32.70 13.70
CA VAL C 196 60.58 -31.24 13.61
C VAL C 196 59.37 -30.54 14.24
N THR C 197 59.49 -29.21 14.43
CA THR C 197 58.46 -28.37 15.02
C THR C 197 57.96 -27.26 14.08
N ASP C 198 56.62 -27.14 13.95
CA ASP C 198 55.98 -25.92 13.44
C ASP C 198 54.95 -25.45 14.46
N PHE C 199 55.26 -24.34 15.15
CA PHE C 199 54.41 -23.84 16.21
C PHE C 199 53.62 -22.58 15.87
N GLU C 200 53.97 -21.86 14.80
CA GLU C 200 53.14 -20.73 14.41
C GLU C 200 51.79 -21.29 13.97
N PRO C 201 50.68 -20.77 14.49
CA PRO C 201 50.64 -19.76 15.56
C PRO C 201 50.46 -20.35 16.93
N THR C 202 49.42 -21.18 17.05
CA THR C 202 48.96 -21.68 18.34
C THR C 202 49.20 -23.17 18.54
N GLN C 203 50.28 -23.72 17.98
CA GLN C 203 50.58 -25.15 18.12
C GLN C 203 51.81 -25.44 18.98
N ALA C 204 52.52 -24.44 19.49
CA ALA C 204 53.49 -24.68 20.55
C ALA C 204 52.86 -25.45 21.73
N ARG C 205 51.55 -25.29 21.96
CA ARG C 205 50.80 -25.99 23.00
C ARG C 205 50.66 -27.48 22.74
N MET C 206 50.96 -27.94 21.53
CA MET C 206 50.82 -29.35 21.21
C MET C 206 52.08 -30.14 21.45
N ALA C 207 53.17 -29.44 21.73
CA ALA C 207 54.45 -30.09 21.98
C ALA C 207 54.97 -29.89 23.39
N PHE C 208 54.50 -28.88 24.11
CA PHE C 208 54.84 -28.77 25.52
C PHE C 208 53.88 -27.78 26.15
N PRO C 209 53.43 -28.02 27.38
CA PRO C 209 52.53 -27.07 28.03
C PRO C 209 53.22 -25.72 28.18
N CYS C 210 52.48 -24.65 27.92
CA CYS C 210 53.09 -23.35 28.06
C CYS C 210 52.02 -22.27 28.01
N PHE C 211 52.42 -21.06 28.38
CA PHE C 211 51.65 -19.84 28.12
C PHE C 211 51.96 -19.44 26.69
N ASP C 212 51.10 -19.89 25.76
CA ASP C 212 51.35 -19.78 24.32
C ASP C 212 50.62 -18.59 23.69
N GLU C 213 50.71 -17.43 24.31
CA GLU C 213 50.46 -16.20 23.58
C GLU C 213 51.79 -15.55 23.21
N PRO C 214 51.82 -14.76 22.13
CA PRO C 214 53.09 -14.15 21.70
C PRO C 214 53.63 -13.13 22.68
N LEU C 215 52.74 -12.61 23.55
CA LEU C 215 53.15 -11.62 24.53
C LEU C 215 54.04 -12.22 25.63
N PHE C 216 53.66 -13.39 26.15
CA PHE C 216 54.39 -14.06 27.22
C PHE C 216 55.77 -14.53 26.80
N LYS C 217 56.69 -13.59 26.60
CA LYS C 217 58.05 -13.96 26.26
C LYS C 217 58.78 -14.53 27.48
N ALA C 218 59.70 -15.43 27.20
CA ALA C 218 60.51 -16.05 28.24
C ALA C 218 61.84 -16.47 27.62
N ASN C 219 62.75 -16.92 28.49
CA ASN C 219 63.96 -17.59 28.06
C ASN C 219 63.69 -19.10 28.04
N PHE C 220 64.28 -19.78 27.06
CA PHE C 220 64.13 -21.22 26.88
C PHE C 220 65.48 -21.90 26.95
N SER C 221 65.67 -22.75 27.97
CA SER C 221 66.79 -23.68 28.03
C SER C 221 66.35 -25.05 27.52
N ILE C 222 66.81 -25.43 26.33
CA ILE C 222 66.42 -26.71 25.72
C ILE C 222 67.55 -27.73 25.86
N LYS C 223 67.22 -28.93 26.34
CA LYS C 223 68.07 -30.10 26.22
C LYS C 223 67.26 -31.22 25.59
N ILE C 224 67.87 -31.99 24.67
CA ILE C 224 67.21 -33.16 24.12
C ILE C 224 68.18 -34.35 24.06
N ARG C 225 67.61 -35.54 23.88
CA ARG C 225 68.32 -36.80 23.98
C ARG C 225 68.16 -37.57 22.67
N ARG C 226 69.27 -37.95 22.05
CA ARG C 226 69.28 -38.50 20.70
C ARG C 226 70.08 -39.79 20.69
N GLU C 227 69.97 -40.51 19.59
CA GLU C 227 70.87 -41.62 19.31
C GLU C 227 72.07 -41.07 18.56
N SER C 228 73.13 -41.87 18.53
CA SER C 228 74.35 -41.45 17.87
C SER C 228 74.14 -41.15 16.39
N ARG C 229 73.23 -41.87 15.73
CA ARG C 229 73.02 -41.70 14.29
C ARG C 229 72.27 -40.43 13.94
N HIS C 230 71.74 -39.73 14.94
CA HIS C 230 71.03 -38.47 14.75
C HIS C 230 71.82 -37.31 15.32
N ILE C 231 71.60 -36.13 14.77
CA ILE C 231 72.07 -34.89 15.33
C ILE C 231 70.87 -34.24 15.99
N ALA C 232 71.12 -33.22 16.79
CA ALA C 232 70.00 -32.47 17.32
C ALA C 232 70.28 -30.98 17.13
N LEU C 233 69.31 -30.27 16.57
CA LEU C 233 69.44 -28.85 16.28
C LEU C 233 68.29 -28.10 16.94
N SER C 234 68.57 -26.88 17.37
CA SER C 234 67.56 -26.04 18.01
C SER C 234 67.94 -24.59 17.77
N ASN C 235 67.25 -23.69 18.48
CA ASN C 235 67.41 -22.26 18.26
C ASN C 235 68.86 -21.84 18.36
N MET C 236 69.54 -22.24 19.42
CA MET C 236 70.82 -21.64 19.69
C MET C 236 71.88 -22.72 19.75
N PRO C 237 73.16 -22.37 19.71
CA PRO C 237 74.18 -23.40 19.51
C PRO C 237 74.25 -24.40 20.64
N LYS C 238 74.60 -25.61 20.27
CA LYS C 238 74.80 -26.68 21.23
C LYS C 238 76.01 -26.33 22.11
N VAL C 239 75.82 -26.29 23.42
CA VAL C 239 76.95 -26.05 24.32
C VAL C 239 77.66 -27.35 24.72
N LYS C 240 76.91 -28.41 25.04
CA LYS C 240 77.50 -29.64 25.55
C LYS C 240 76.72 -30.82 24.98
N THR C 241 77.39 -31.97 24.88
CA THR C 241 76.69 -33.23 24.68
C THR C 241 77.36 -34.27 25.57
N ILE C 242 76.57 -34.95 26.40
CA ILE C 242 77.07 -35.96 27.32
C ILE C 242 76.65 -37.34 26.82
N GLU C 243 77.57 -38.30 26.84
CA GLU C 243 77.17 -39.69 26.72
C GLU C 243 76.43 -40.11 27.98
N LEU C 244 75.54 -41.10 27.86
CA LEU C 244 74.80 -41.60 29.00
C LEU C 244 74.93 -43.12 29.08
N GLU C 245 74.30 -43.72 30.09
CA GLU C 245 74.44 -45.15 30.30
C GLU C 245 73.81 -45.98 29.18
N GLY C 246 72.92 -45.40 28.38
CA GLY C 246 72.29 -46.17 27.34
C GLY C 246 72.99 -46.20 26.00
N GLY C 247 74.23 -45.73 25.94
CA GLY C 247 74.81 -45.32 24.68
C GLY C 247 74.19 -44.06 24.09
N LEU C 248 73.18 -43.49 24.74
CA LEU C 248 72.47 -42.33 24.24
C LEU C 248 73.18 -41.04 24.60
N LEU C 249 73.09 -40.06 23.70
CA LEU C 249 73.69 -38.76 23.91
C LEU C 249 72.62 -37.73 24.25
N GLU C 250 73.00 -36.74 25.06
CA GLU C 250 72.10 -35.69 25.48
C GLU C 250 72.74 -34.36 25.11
N ASP C 251 72.10 -33.63 24.20
CA ASP C 251 72.59 -32.34 23.74
C ASP C 251 71.92 -31.23 24.55
N HIS C 252 72.73 -30.41 25.22
CA HIS C 252 72.22 -29.25 25.94
C HIS C 252 72.46 -28.03 25.07
N PHE C 253 71.53 -27.08 25.11
CA PHE C 253 71.58 -25.94 24.22
C PHE C 253 71.69 -24.66 25.03
N GLU C 254 72.29 -23.65 24.38
CA GLU C 254 72.33 -22.33 24.97
C GLU C 254 70.92 -21.84 25.24
N THR C 255 70.79 -20.95 26.22
CA THR C 255 69.51 -20.40 26.63
C THR C 255 69.11 -19.26 25.71
N THR C 256 67.83 -19.24 25.34
CA THR C 256 67.33 -18.24 24.41
C THR C 256 67.38 -16.84 25.02
N VAL C 257 67.31 -15.84 24.15
CA VAL C 257 66.97 -14.48 24.55
C VAL C 257 65.47 -14.49 24.81
N LYS C 258 64.91 -13.38 25.30
CA LYS C 258 63.46 -13.32 25.43
C LYS C 258 62.80 -13.50 24.05
N MET C 259 61.76 -14.35 24.02
CA MET C 259 61.32 -14.95 22.77
C MET C 259 59.93 -15.54 22.97
N SER C 260 59.04 -15.34 21.99
CA SER C 260 57.70 -15.90 22.07
C SER C 260 57.71 -17.39 21.75
N THR C 261 56.74 -18.11 22.34
CA THR C 261 56.79 -19.57 22.32
C THR C 261 56.66 -20.16 20.92
N TYR C 262 56.07 -19.45 19.96
CA TYR C 262 55.91 -20.09 18.66
C TYR C 262 57.21 -20.14 17.88
N LEU C 263 58.29 -19.57 18.41
CA LEU C 263 59.60 -19.56 17.77
C LEU C 263 60.53 -20.64 18.31
N VAL C 264 60.19 -21.23 19.45
CA VAL C 264 60.91 -22.40 19.92
C VAL C 264 60.91 -23.46 18.84
N ALA C 265 62.09 -24.03 18.59
CA ALA C 265 62.22 -25.11 17.64
C ALA C 265 63.24 -26.08 18.20
N TYR C 266 63.09 -27.34 17.79
CA TYR C 266 64.10 -28.38 17.97
C TYR C 266 63.87 -29.39 16.86
N ILE C 267 64.92 -30.07 16.44
CA ILE C 267 64.87 -31.01 15.33
C ILE C 267 65.72 -32.20 15.71
N VAL C 268 65.28 -33.38 15.34
CA VAL C 268 66.18 -34.51 15.40
C VAL C 268 66.12 -35.16 14.05
N CYS C 269 67.29 -35.40 13.48
CA CYS C 269 67.46 -35.76 12.07
C CYS C 269 68.95 -36.06 11.88
N ASP C 270 69.30 -36.46 10.66
CA ASP C 270 70.67 -36.80 10.29
C ASP C 270 71.10 -36.05 9.03
N PHE C 271 70.96 -34.72 9.04
CA PHE C 271 71.27 -33.89 7.89
C PHE C 271 72.73 -33.47 7.88
N HIS C 272 73.26 -33.21 6.67
CA HIS C 272 74.59 -32.65 6.46
C HIS C 272 74.49 -31.17 6.12
N SER C 273 75.46 -30.38 6.61
CA SER C 273 75.43 -28.94 6.42
C SER C 273 76.60 -28.44 5.59
N LEU C 274 76.46 -27.20 5.12
CA LEU C 274 77.54 -26.43 4.51
C LEU C 274 77.59 -25.12 5.27
N SER C 275 78.63 -24.92 6.06
CA SER C 275 78.70 -23.75 6.94
C SER C 275 79.59 -22.65 6.34
N GLY C 276 79.23 -21.42 6.68
CA GLY C 276 79.97 -20.23 6.28
C GLY C 276 79.81 -19.16 7.34
N PHE C 277 80.60 -18.09 7.21
CA PHE C 277 80.60 -17.00 8.17
C PHE C 277 80.33 -15.66 7.48
N THR C 278 79.58 -14.80 8.15
CA THR C 278 79.33 -13.45 7.70
C THR C 278 80.34 -12.49 8.32
N SER C 279 80.28 -11.23 7.90
CA SER C 279 81.29 -10.28 8.33
C SER C 279 81.14 -9.96 9.79
N SER C 280 79.92 -10.02 10.29
CA SER C 280 79.70 -9.85 11.71
C SER C 280 79.95 -11.14 12.48
N GLY C 281 80.41 -12.20 11.81
CA GLY C 281 80.84 -13.40 12.51
C GLY C 281 79.80 -14.48 12.77
N VAL C 282 78.58 -14.34 12.23
CA VAL C 282 77.55 -15.35 12.44
C VAL C 282 77.90 -16.62 11.66
N LYS C 283 77.76 -17.76 12.31
CA LYS C 283 77.88 -19.02 11.59
C LYS C 283 76.54 -19.32 10.91
N VAL C 284 76.50 -19.18 9.58
CA VAL C 284 75.35 -19.59 8.78
C VAL C 284 75.62 -21.00 8.26
N SER C 285 74.64 -21.89 8.39
CA SER C 285 74.80 -23.26 7.92
C SER C 285 73.52 -23.65 7.21
N ILE C 286 73.66 -24.31 6.06
CA ILE C 286 72.51 -24.80 5.30
C ILE C 286 72.44 -26.31 5.47
N TYR C 287 71.34 -26.80 6.04
CA TYR C 287 71.27 -28.23 6.33
C TYR C 287 70.29 -28.90 5.39
N ALA C 288 70.58 -30.15 5.05
CA ALA C 288 69.76 -30.87 4.10
C ALA C 288 70.02 -32.38 4.20
N SER C 289 69.17 -33.13 3.51
CA SER C 289 69.38 -34.55 3.29
C SER C 289 70.80 -34.75 2.77
N PRO C 290 71.53 -35.78 3.24
CA PRO C 290 72.96 -35.88 2.89
C PRO C 290 73.18 -35.81 1.39
N ASP C 291 72.34 -36.50 0.62
CA ASP C 291 72.43 -36.60 -0.82
C ASP C 291 72.16 -35.29 -1.55
N LYS C 292 71.62 -34.30 -0.86
CA LYS C 292 71.27 -33.02 -1.46
C LYS C 292 72.18 -31.88 -1.03
N ARG C 293 73.29 -32.15 -0.33
CA ARG C 293 74.12 -31.07 0.19
C ARG C 293 74.71 -30.24 -0.94
N ASN C 294 75.08 -30.91 -2.04
CA ASN C 294 75.22 -30.38 -3.40
C ASN C 294 74.39 -29.11 -3.57
N GLN C 295 73.07 -29.21 -3.34
CA GLN C 295 72.06 -28.19 -3.66
C GLN C 295 72.05 -26.99 -2.69
N THR C 296 72.78 -27.02 -1.61
CA THR C 296 72.70 -25.93 -0.65
C THR C 296 73.54 -24.73 -1.03
N HIS C 297 74.06 -24.67 -2.27
CA HIS C 297 75.20 -23.79 -2.51
C HIS C 297 74.77 -22.34 -2.70
N TYR C 298 73.67 -22.13 -3.44
CA TYR C 298 73.17 -20.77 -3.60
C TYR C 298 72.55 -20.24 -2.32
N ALA C 299 71.94 -21.14 -1.53
CA ALA C 299 71.32 -20.71 -0.28
C ALA C 299 72.35 -20.12 0.69
N LEU C 300 73.59 -20.58 0.63
CA LEU C 300 74.62 -20.02 1.50
C LEU C 300 75.16 -18.72 0.96
N GLN C 301 75.59 -18.69 -0.32
CA GLN C 301 76.00 -17.44 -0.93
C GLN C 301 74.92 -16.37 -0.80
N ALA C 302 73.66 -16.79 -0.88
CA ALA C 302 72.57 -15.84 -0.75
C ALA C 302 72.30 -15.48 0.69
N SER C 303 72.13 -16.48 1.56
CA SER C 303 71.86 -16.20 2.97
C SER C 303 72.94 -15.31 3.56
N LEU C 304 74.20 -15.63 3.30
CA LEU C 304 75.29 -14.78 3.78
C LEU C 304 75.08 -13.34 3.36
N LYS C 305 74.87 -13.09 2.06
CA LYS C 305 74.82 -11.71 1.59
C LYS C 305 73.67 -10.96 2.23
N LEU C 306 72.54 -11.63 2.42
CA LEU C 306 71.34 -10.96 2.90
C LEU C 306 71.49 -10.55 4.35
N LEU C 307 71.81 -11.51 5.23
CA LEU C 307 72.06 -11.15 6.62
C LEU C 307 73.07 -10.03 6.71
N ASP C 308 74.03 -9.97 5.77
CA ASP C 308 74.95 -8.84 5.75
C ASP C 308 74.18 -7.53 5.56
N PHE C 309 73.23 -7.52 4.61
CA PHE C 309 72.47 -6.31 4.31
C PHE C 309 71.52 -5.92 5.44
N TYR C 310 70.76 -6.89 5.96
CA TYR C 310 69.79 -6.62 7.02
C TYR C 310 70.46 -6.04 8.25
N GLU C 311 71.58 -6.61 8.67
CA GLU C 311 72.33 -6.06 9.79
C GLU C 311 72.75 -4.62 9.51
N LYS C 312 73.04 -4.30 8.24
CA LYS C 312 73.41 -2.93 7.92
C LYS C 312 72.17 -2.05 7.75
N TYR C 313 71.15 -2.54 7.05
CA TYR C 313 69.96 -1.74 6.78
C TYR C 313 69.24 -1.35 8.06
N PHE C 314 69.22 -2.24 9.06
CA PHE C 314 68.60 -1.98 10.34
C PHE C 314 69.53 -1.32 11.36
N ASP C 315 70.85 -1.48 11.19
CA ASP C 315 71.84 -1.06 12.20
C ASP C 315 71.66 -1.82 13.52
N ILE C 316 71.47 -3.13 13.42
CA ILE C 316 71.27 -4.03 14.55
C ILE C 316 71.90 -5.37 14.21
N TYR C 317 72.86 -5.82 15.01
CA TYR C 317 73.47 -7.11 14.73
C TYR C 317 72.48 -8.23 15.03
N TYR C 318 72.48 -9.25 14.16
CA TYR C 318 71.82 -10.53 14.49
C TYR C 318 72.44 -11.08 15.77
N PRO C 319 71.66 -11.25 16.86
CA PRO C 319 72.27 -11.40 18.18
C PRO C 319 72.84 -12.78 18.52
N LEU C 320 72.55 -13.82 17.76
CA LEU C 320 72.99 -15.16 18.12
C LEU C 320 74.31 -15.49 17.41
N SER C 321 74.94 -16.58 17.87
CA SER C 321 76.22 -17.04 17.33
C SER C 321 76.05 -17.73 15.96
N LYS C 322 74.99 -18.51 15.81
CA LYS C 322 74.76 -19.28 14.60
C LYS C 322 73.41 -18.90 14.05
N LEU C 323 73.21 -19.23 12.79
CA LEU C 323 71.88 -19.09 12.18
C LEU C 323 71.73 -20.22 11.19
N ASP C 324 70.87 -21.17 11.50
CA ASP C 324 70.75 -22.37 10.68
C ASP C 324 69.50 -22.35 9.81
N LEU C 325 69.69 -22.73 8.55
CA LEU C 325 68.59 -22.93 7.60
C LEU C 325 68.58 -24.39 7.19
N ILE C 326 67.40 -25.02 7.26
CA ILE C 326 67.22 -26.44 7.04
C ILE C 326 66.11 -26.64 6.02
N ALA C 327 66.28 -27.62 5.12
CA ALA C 327 65.32 -27.90 4.05
C ALA C 327 64.59 -29.19 4.40
N ILE C 328 63.47 -29.05 5.10
CA ILE C 328 62.60 -30.15 5.49
C ILE C 328 61.77 -30.53 4.28
N PRO C 329 61.64 -31.81 3.94
CA PRO C 329 60.87 -32.15 2.73
C PRO C 329 59.36 -32.02 2.93
N ASP C 330 58.82 -32.68 3.97
CA ASP C 330 57.41 -32.57 4.37
C ASP C 330 57.21 -31.31 5.21
N PHE C 331 57.17 -30.16 4.55
CA PHE C 331 56.98 -28.92 5.28
C PHE C 331 55.71 -28.26 4.78
N ALA C 332 54.68 -28.22 5.61
CA ALA C 332 53.41 -27.70 5.14
C ALA C 332 53.49 -26.21 4.81
N PRO C 333 54.05 -25.36 5.65
CA PRO C 333 54.25 -23.96 5.24
C PRO C 333 55.46 -23.87 4.34
N GLY C 334 55.52 -22.79 3.57
CA GLY C 334 56.67 -22.61 2.70
C GLY C 334 57.97 -22.48 3.47
N ALA C 335 57.90 -21.97 4.70
CA ALA C 335 59.02 -21.78 5.62
C ALA C 335 58.53 -21.11 6.89
N MET C 336 59.21 -21.35 8.01
CA MET C 336 58.92 -20.60 9.23
C MET C 336 60.20 -20.11 9.88
N GLU C 337 60.13 -18.92 10.47
CA GLU C 337 61.30 -18.12 10.81
C GLU C 337 61.89 -18.43 12.18
N ASN C 338 61.60 -19.61 12.74
CA ASN C 338 62.09 -20.01 14.08
C ASN C 338 63.46 -19.40 14.33
N TRP C 339 63.59 -18.62 15.38
CA TRP C 339 64.79 -17.81 15.58
C TRP C 339 66.03 -18.68 15.69
N GLY C 340 66.91 -18.58 14.69
CA GLY C 340 68.15 -19.34 14.67
C GLY C 340 68.06 -20.71 14.04
N LEU C 341 66.83 -21.19 13.79
CA LEU C 341 66.60 -22.48 13.12
C LEU C 341 65.41 -22.33 12.17
N ILE C 342 65.70 -21.83 10.97
CA ILE C 342 64.70 -21.48 9.96
C ILE C 342 64.43 -22.67 9.05
N THR C 343 63.22 -23.21 9.14
CA THR C 343 62.80 -24.36 8.37
C THR C 343 62.24 -23.94 7.00
N TYR C 344 62.54 -24.74 5.97
CA TYR C 344 62.19 -24.43 4.59
C TYR C 344 61.63 -25.64 3.88
N ARG C 345 60.70 -25.39 2.96
CA ARG C 345 60.44 -26.40 1.94
C ARG C 345 61.67 -26.53 1.07
N GLU C 346 61.97 -27.76 0.63
CA GLU C 346 63.10 -27.95 -0.25
C GLU C 346 63.04 -26.99 -1.44
N THR C 347 61.83 -26.75 -1.96
CA THR C 347 61.65 -25.82 -3.07
C THR C 347 61.92 -24.37 -2.68
N SER C 348 62.12 -24.05 -1.41
CA SER C 348 62.35 -22.67 -1.00
C SER C 348 63.76 -22.42 -0.48
N LEU C 349 64.70 -23.35 -0.71
CA LEU C 349 66.06 -23.18 -0.22
C LEU C 349 67.06 -23.81 -1.16
N LEU C 350 66.78 -25.02 -1.59
CA LEU C 350 67.69 -25.78 -2.46
C LEU C 350 67.65 -25.26 -3.90
N PHE C 351 68.77 -25.47 -4.61
CA PHE C 351 68.93 -24.90 -5.95
C PHE C 351 69.97 -25.70 -6.73
N ASP C 352 69.55 -26.24 -7.87
CA ASP C 352 70.40 -27.02 -8.76
C ASP C 352 70.22 -26.46 -10.17
N PRO C 353 71.27 -25.93 -10.80
CA PRO C 353 71.09 -25.24 -12.08
C PRO C 353 70.67 -26.16 -13.22
N LYS C 354 70.90 -27.48 -13.15
CA LYS C 354 70.41 -28.33 -14.23
C LYS C 354 68.90 -28.26 -14.34
N THR C 355 68.21 -27.96 -13.23
CA THR C 355 66.77 -28.17 -13.13
C THR C 355 66.01 -27.02 -12.47
N SER C 356 66.69 -25.99 -11.96
CA SER C 356 65.98 -24.86 -11.38
C SER C 356 65.96 -23.67 -12.34
N SER C 357 64.80 -23.03 -12.46
CA SER C 357 64.71 -21.86 -13.31
C SER C 357 65.54 -20.70 -12.76
N ALA C 358 65.66 -19.64 -13.58
CA ALA C 358 66.00 -18.33 -13.03
C ALA C 358 64.88 -17.83 -12.12
N SER C 359 63.63 -18.07 -12.52
CA SER C 359 62.48 -17.75 -11.69
C SER C 359 62.53 -18.50 -10.38
N ASP C 360 62.86 -19.79 -10.43
CA ASP C 360 63.18 -20.52 -9.21
C ASP C 360 64.26 -19.80 -8.41
N LYS C 361 65.42 -19.55 -9.03
CA LYS C 361 66.55 -18.90 -8.33
C LYS C 361 66.14 -17.57 -7.74
N LEU C 362 65.16 -16.90 -8.35
CA LEU C 362 64.64 -15.67 -7.76
C LEU C 362 63.76 -15.97 -6.56
N TRP C 363 63.08 -17.09 -6.56
CA TRP C 363 62.18 -17.40 -5.46
C TRP C 363 62.96 -17.73 -4.20
N VAL C 364 63.81 -18.75 -4.31
CA VAL C 364 64.78 -19.11 -3.28
C VAL C 364 65.30 -17.86 -2.63
N THR C 365 65.78 -16.91 -3.42
CA THR C 365 66.38 -15.75 -2.79
C THR C 365 65.32 -14.85 -2.16
N ARG C 366 64.09 -14.89 -2.67
CA ARG C 366 63.05 -14.07 -2.07
C ARG C 366 62.74 -14.58 -0.66
N VAL C 367 62.56 -15.88 -0.55
CA VAL C 367 62.03 -16.40 0.70
C VAL C 367 63.12 -16.49 1.75
N ILE C 368 64.39 -16.63 1.36
CA ILE C 368 65.47 -16.41 2.32
C ILE C 368 65.41 -14.98 2.83
N ALA C 369 65.39 -14.02 1.89
CA ALA C 369 65.24 -12.62 2.25
C ALA C 369 64.07 -12.40 3.19
N HIS C 370 62.95 -13.04 2.89
CA HIS C 370 61.76 -12.94 3.73
C HIS C 370 62.03 -13.48 5.13
N GLU C 371 62.48 -14.74 5.20
CA GLU C 371 62.59 -15.38 6.52
C GLU C 371 63.74 -14.79 7.32
N LEU C 372 64.81 -14.36 6.65
CA LEU C 372 65.90 -13.65 7.33
C LEU C 372 65.38 -12.37 7.96
N ALA C 373 64.63 -11.58 7.19
CA ALA C 373 64.06 -10.35 7.72
C ALA C 373 63.16 -10.60 8.92
N HIS C 374 62.59 -11.78 9.05
CA HIS C 374 61.76 -12.01 10.22
C HIS C 374 62.59 -11.99 11.50
N GLN C 375 63.86 -12.38 11.43
CA GLN C 375 64.69 -12.39 12.62
C GLN C 375 64.61 -11.08 13.37
N TRP C 376 64.26 -9.99 12.67
CA TRP C 376 64.03 -8.67 13.25
C TRP C 376 62.54 -8.34 13.37
N PHE C 377 61.76 -8.66 12.34
CA PHE C 377 60.34 -8.32 12.30
C PHE C 377 59.60 -9.60 12.65
N GLY C 378 59.33 -9.76 13.95
CA GLY C 378 58.81 -11.02 14.46
C GLY C 378 59.51 -11.61 15.67
N ASN C 379 60.82 -11.79 15.60
CA ASN C 379 61.56 -12.41 16.70
C ASN C 379 62.20 -11.40 17.64
N LEU C 380 62.83 -10.37 17.07
CA LEU C 380 63.26 -9.26 17.89
C LEU C 380 62.04 -8.48 18.36
N VAL C 381 61.20 -8.06 17.44
CA VAL C 381 59.99 -7.33 17.76
C VAL C 381 58.81 -8.20 17.35
N THR C 382 57.98 -8.54 18.33
CA THR C 382 56.79 -9.33 18.04
C THR C 382 55.53 -8.50 18.28
N MET C 383 54.49 -8.79 17.50
CA MET C 383 53.20 -8.16 17.70
C MET C 383 52.64 -8.50 19.08
N GLU C 384 52.06 -7.49 19.74
CA GLU C 384 51.42 -7.74 21.04
C GLU C 384 50.49 -8.96 20.97
N TRP C 385 49.78 -9.12 19.84
CA TRP C 385 48.77 -10.15 19.64
C TRP C 385 48.43 -10.27 18.15
N TRP C 386 47.76 -11.38 17.79
CA TRP C 386 47.50 -11.78 16.41
C TRP C 386 46.69 -10.75 15.59
N ASN C 387 46.01 -9.81 16.24
CA ASN C 387 45.30 -8.81 15.45
C ASN C 387 46.26 -7.94 14.66
N ASP C 388 47.51 -7.86 15.08
CA ASP C 388 48.53 -7.10 14.37
C ASP C 388 49.59 -8.05 13.80
N ILE C 389 49.15 -9.22 13.29
CA ILE C 389 50.04 -10.19 12.66
C ILE C 389 50.73 -9.63 11.44
N TRP C 390 50.16 -8.58 10.85
CA TRP C 390 50.80 -7.97 9.69
C TRP C 390 52.07 -7.23 10.06
N LEU C 391 52.28 -6.94 11.35
CA LEU C 391 53.52 -6.31 11.80
C LEU C 391 54.73 -7.16 11.45
N ASN C 392 54.58 -8.49 11.52
CA ASN C 392 55.60 -9.43 11.10
C ASN C 392 55.53 -9.64 9.59
N GLU C 393 54.45 -10.27 9.14
CA GLU C 393 54.42 -10.77 7.78
C GLU C 393 54.36 -9.64 6.77
N GLY C 394 53.58 -8.59 7.06
CA GLY C 394 53.55 -7.44 6.17
C GLY C 394 54.91 -6.86 5.93
N PHE C 395 55.69 -6.67 7.01
CA PHE C 395 57.05 -6.12 6.88
C PHE C 395 58.00 -7.09 6.17
N ALA C 396 58.01 -8.36 6.61
CA ALA C 396 58.96 -9.32 6.02
C ALA C 396 58.71 -9.52 4.53
N LYS C 397 57.45 -9.47 4.11
CA LYS C 397 57.16 -9.55 2.68
C LYS C 397 57.59 -8.28 1.96
N TYR C 398 57.50 -7.12 2.62
CA TYR C 398 57.97 -5.89 2.01
C TYR C 398 59.49 -5.81 1.96
N MET C 399 60.17 -6.38 2.96
CA MET C 399 61.62 -6.21 3.00
C MET C 399 62.36 -7.13 2.04
N GLU C 400 61.73 -8.20 1.56
CA GLU C 400 62.24 -8.85 0.36
C GLU C 400 62.57 -7.78 -0.68
N LEU C 401 61.64 -6.86 -0.89
CA LEU C 401 61.79 -5.85 -1.93
C LEU C 401 63.00 -4.98 -1.69
N ILE C 402 63.18 -4.53 -0.47
CA ILE C 402 64.38 -3.77 -0.19
C ILE C 402 65.59 -4.68 -0.28
N ALA C 403 65.55 -5.82 0.43
CA ALA C 403 66.77 -6.59 0.65
C ALA C 403 67.24 -7.25 -0.64
N VAL C 404 66.33 -7.89 -1.37
CA VAL C 404 66.71 -8.59 -2.59
C VAL C 404 67.11 -7.59 -3.67
N ASN C 405 66.40 -6.46 -3.75
CA ASN C 405 66.79 -5.42 -4.69
C ASN C 405 68.17 -4.86 -4.41
N ALA C 406 68.58 -4.84 -3.13
CA ALA C 406 69.91 -4.34 -2.84
C ALA C 406 70.96 -5.42 -2.91
N THR C 407 70.61 -6.66 -2.59
CA THR C 407 71.62 -7.70 -2.61
C THR C 407 71.80 -8.32 -3.98
N TYR C 408 70.70 -8.50 -4.70
CA TYR C 408 70.72 -9.20 -5.98
C TYR C 408 69.96 -8.36 -7.01
N PRO C 409 70.51 -7.19 -7.38
CA PRO C 409 69.84 -6.36 -8.40
C PRO C 409 69.60 -7.10 -9.69
N GLU C 410 70.60 -7.87 -10.10
CA GLU C 410 70.53 -8.70 -11.30
C GLU C 410 69.21 -9.47 -11.39
N LEU C 411 68.64 -9.87 -10.26
CA LEU C 411 67.42 -10.65 -10.27
C LEU C 411 66.19 -9.80 -10.57
N GLN C 412 66.29 -8.48 -10.44
CA GLN C 412 65.25 -7.55 -10.88
C GLN C 412 63.93 -7.75 -10.14
N PHE C 413 63.95 -7.64 -8.82
CA PHE C 413 62.71 -7.85 -8.08
C PHE C 413 61.79 -6.65 -8.20
N ASP C 414 62.34 -5.43 -8.20
CA ASP C 414 61.50 -4.23 -8.17
C ASP C 414 60.50 -4.22 -9.31
N ASP C 415 60.89 -4.77 -10.46
CA ASP C 415 59.99 -4.81 -11.60
C ASP C 415 58.91 -5.88 -11.47
N TYR C 416 59.06 -6.82 -10.55
CA TYR C 416 58.02 -7.83 -10.30
C TYR C 416 57.08 -7.44 -9.19
N PHE C 417 57.47 -6.47 -8.35
CA PHE C 417 56.79 -6.27 -7.08
C PHE C 417 55.35 -5.84 -7.25
N LEU C 418 55.04 -5.14 -8.35
CA LEU C 418 53.66 -4.67 -8.51
C LEU C 418 52.69 -5.83 -8.59
N ASN C 419 53.18 -7.00 -9.02
CA ASN C 419 52.34 -8.19 -9.12
C ASN C 419 51.82 -8.62 -7.75
N VAL C 420 52.53 -8.27 -6.67
CA VAL C 420 52.11 -8.66 -5.32
C VAL C 420 50.99 -7.77 -4.80
N CYS C 421 50.95 -6.50 -5.24
CA CYS C 421 49.88 -5.59 -4.84
C CYS C 421 48.62 -5.85 -5.64
N PHE C 422 48.80 -6.02 -6.94
CA PHE C 422 47.73 -6.45 -7.82
C PHE C 422 47.01 -7.68 -7.27
N GLU C 423 47.76 -8.71 -6.86
CA GLU C 423 47.15 -9.93 -6.34
C GLU C 423 46.20 -9.65 -5.19
N VAL C 424 46.50 -8.65 -4.36
CA VAL C 424 45.62 -8.38 -3.22
C VAL C 424 44.53 -7.38 -3.59
N ILE C 425 44.77 -6.50 -4.57
CA ILE C 425 43.72 -5.58 -4.99
C ILE C 425 42.53 -6.34 -5.56
N THR C 426 42.79 -7.49 -6.17
CA THR C 426 41.69 -8.29 -6.68
C THR C 426 40.77 -8.77 -5.55
N LYS C 427 41.36 -9.22 -4.44
CA LYS C 427 40.57 -9.79 -3.35
C LYS C 427 40.15 -8.75 -2.31
N ASP C 428 40.76 -7.56 -2.33
CA ASP C 428 40.29 -6.42 -1.54
C ASP C 428 39.18 -5.65 -2.25
N SER C 429 38.92 -5.94 -3.52
CA SER C 429 37.83 -5.31 -4.24
C SER C 429 36.50 -5.93 -3.90
N LEU C 430 36.51 -7.16 -3.39
CA LEU C 430 35.30 -7.82 -2.92
C LEU C 430 34.94 -7.33 -1.53
N ASN C 431 33.63 -7.28 -1.24
CA ASN C 431 33.22 -6.93 0.12
C ASN C 431 33.77 -7.92 1.15
N SER C 432 34.09 -9.14 0.72
CA SER C 432 34.58 -10.20 1.60
C SER C 432 35.74 -9.76 2.49
N SER C 433 36.51 -8.76 2.06
CA SER C 433 37.82 -8.53 2.61
C SER C 433 37.76 -7.82 3.98
N ARG C 434 38.87 -7.93 4.68
CA ARG C 434 39.03 -7.49 6.04
C ARG C 434 39.99 -6.32 6.14
N PRO C 435 40.13 -5.73 7.32
CA PRO C 435 41.20 -4.77 7.55
C PRO C 435 42.54 -5.46 7.75
N ILE C 436 43.60 -4.68 7.62
CA ILE C 436 44.91 -5.25 7.88
C ILE C 436 44.99 -5.71 9.32
N SER C 437 44.61 -4.84 10.26
CA SER C 437 44.48 -5.15 11.66
C SER C 437 43.02 -5.46 11.97
N LYS C 438 42.78 -6.63 12.56
CA LYS C 438 41.42 -7.07 12.83
C LYS C 438 41.47 -8.08 13.96
N PRO C 439 40.44 -8.15 14.80
CA PRO C 439 40.46 -9.11 15.91
C PRO C 439 40.47 -10.56 15.43
N ALA C 440 41.09 -11.42 16.25
CA ALA C 440 41.00 -12.85 16.05
C ALA C 440 41.27 -13.53 17.39
N GLU C 441 40.70 -14.74 17.60
CA GLU C 441 40.85 -15.38 18.89
C GLU C 441 40.66 -16.91 18.89
N THR C 442 39.77 -17.45 18.04
CA THR C 442 39.73 -18.88 17.74
C THR C 442 41.08 -19.33 17.16
N PRO C 443 41.51 -20.57 17.43
CA PRO C 443 42.79 -20.97 16.83
C PRO C 443 42.73 -20.93 15.32
N THR C 444 41.58 -21.29 14.73
CA THR C 444 41.47 -21.20 13.28
C THR C 444 41.22 -19.79 12.80
N GLN C 445 40.66 -18.92 13.65
CA GLN C 445 40.61 -17.49 13.31
C GLN C 445 42.02 -16.95 13.11
N ILE C 446 42.88 -17.15 14.11
CA ILE C 446 44.25 -16.67 14.05
C ILE C 446 44.94 -17.20 12.81
N GLN C 447 44.59 -18.42 12.40
CA GLN C 447 45.17 -18.96 11.18
C GLN C 447 44.71 -18.16 9.96
N GLU C 448 43.43 -17.82 9.90
CA GLU C 448 42.93 -17.07 8.75
C GLU C 448 43.65 -15.72 8.59
N MET C 449 44.15 -15.14 9.69
CA MET C 449 44.81 -13.84 9.61
C MET C 449 46.02 -13.84 8.68
N PHE C 450 46.59 -15.02 8.40
CA PHE C 450 47.68 -15.17 7.44
C PHE C 450 47.08 -15.32 6.04
N ASP C 451 46.55 -14.20 5.53
CA ASP C 451 46.04 -14.11 4.17
C ASP C 451 46.76 -12.98 3.47
N GLU C 452 46.34 -12.66 2.24
CA GLU C 452 47.05 -11.67 1.45
C GLU C 452 46.97 -10.31 2.06
N VAL C 453 45.94 -10.06 2.86
CA VAL C 453 45.77 -8.73 3.40
C VAL C 453 46.90 -8.41 4.37
N SER C 454 47.23 -9.34 5.26
CA SER C 454 48.31 -9.02 6.18
C SER C 454 49.67 -9.12 5.49
N TYR C 455 49.81 -10.00 4.51
CA TYR C 455 51.09 -10.09 3.81
C TYR C 455 51.23 -9.00 2.76
N ASN C 456 50.34 -9.00 1.77
CA ASN C 456 50.52 -8.14 0.60
C ASN C 456 50.05 -6.72 0.91
N LYS C 457 48.78 -6.57 1.30
CA LYS C 457 48.27 -5.24 1.58
C LYS C 457 49.13 -4.52 2.61
N GLY C 458 49.66 -5.24 3.61
CA GLY C 458 50.58 -4.61 4.52
C GLY C 458 51.89 -4.24 3.85
N ALA C 459 52.28 -5.02 2.85
CA ALA C 459 53.56 -4.76 2.21
C ALA C 459 53.46 -3.59 1.26
N CYS C 460 52.28 -3.40 0.66
CA CYS C 460 52.14 -2.39 -0.38
C CYS C 460 51.85 -1.02 0.21
N ILE C 461 51.16 -0.97 1.34
CA ILE C 461 50.98 0.32 2.00
C ILE C 461 52.26 0.73 2.68
N LEU C 462 53.06 -0.22 3.16
CA LEU C 462 54.39 0.12 3.65
C LEU C 462 55.17 0.88 2.59
N ASN C 463 55.18 0.34 1.36
CA ASN C 463 55.87 1.01 0.27
C ASN C 463 55.21 2.34 -0.05
N MET C 464 53.87 2.38 -0.04
CA MET C 464 53.19 3.64 -0.27
C MET C 464 53.66 4.68 0.72
N LEU C 465 53.83 4.29 1.98
CA LEU C 465 54.28 5.25 2.98
C LEU C 465 55.77 5.55 2.82
N LYS C 466 56.60 4.56 2.48
CA LYS C 466 58.01 4.84 2.26
C LYS C 466 58.19 5.90 1.19
N ASP C 467 57.53 5.71 0.03
CA ASP C 467 57.55 6.73 -1.01
C ASP C 467 57.15 8.11 -0.45
N PHE C 468 56.13 8.17 0.41
CA PHE C 468 55.63 9.44 0.92
C PHE C 468 56.53 10.08 1.99
N LEU C 469 57.42 9.33 2.65
CA LEU C 469 58.29 9.92 3.66
C LEU C 469 59.75 10.04 3.21
N GLY C 470 60.14 9.34 2.15
CA GLY C 470 61.52 9.23 1.69
C GLY C 470 62.20 8.06 2.37
N GLU C 471 62.98 7.26 1.63
CA GLU C 471 63.47 6.04 2.27
C GLU C 471 64.52 6.34 3.34
N GLU C 472 65.20 7.48 3.25
CA GLU C 472 66.11 7.85 4.33
C GLU C 472 65.35 8.15 5.62
N LYS C 473 64.36 9.05 5.57
CA LYS C 473 63.54 9.31 6.74
C LYS C 473 62.81 8.05 7.18
N PHE C 474 62.43 7.19 6.22
CA PHE C 474 61.71 5.95 6.53
C PHE C 474 62.62 4.96 7.23
N GLN C 475 63.80 4.70 6.65
CA GLN C 475 64.80 3.87 7.33
C GLN C 475 65.07 4.42 8.73
N LYS C 476 65.45 5.69 8.83
CA LYS C 476 65.77 6.28 10.12
C LYS C 476 64.69 5.98 11.15
N GLY C 477 63.43 5.89 10.69
CA GLY C 477 62.33 5.61 11.60
C GLY C 477 62.16 4.15 11.89
N ILE C 478 62.50 3.29 10.92
CA ILE C 478 62.45 1.85 11.16
C ILE C 478 63.42 1.47 12.26
N ILE C 479 64.60 2.11 12.26
CA ILE C 479 65.64 1.78 13.22
C ILE C 479 65.17 2.04 14.65
N GLN C 480 64.51 3.17 14.89
CA GLN C 480 64.06 3.45 16.24
C GLN C 480 62.83 2.62 16.63
N TYR C 481 62.06 2.13 15.65
CA TYR C 481 60.99 1.16 15.96
C TYR C 481 61.56 -0.13 16.54
N LEU C 482 62.51 -0.76 15.83
CA LEU C 482 63.06 -2.04 16.28
C LEU C 482 63.74 -1.89 17.64
N LYS C 483 64.62 -0.89 17.77
CA LYS C 483 65.32 -0.68 19.04
C LYS C 483 64.35 -0.36 20.19
N LYS C 484 63.30 0.42 19.93
CA LYS C 484 62.35 0.74 20.98
C LYS C 484 61.72 -0.53 21.55
N PHE C 485 61.55 -1.56 20.72
CA PHE C 485 60.76 -2.73 21.10
C PHE C 485 61.57 -4.02 21.05
N SER C 486 62.90 -3.93 21.10
CA SER C 486 63.74 -5.13 21.07
C SER C 486 63.40 -6.03 22.26
N TYR C 487 63.12 -7.30 21.98
CA TYR C 487 62.84 -8.29 23.03
C TYR C 487 61.51 -7.99 23.73
N ARG C 488 60.66 -7.21 23.06
CA ARG C 488 59.37 -6.76 23.59
C ARG C 488 58.28 -7.03 22.55
N ASN C 489 57.18 -6.30 22.68
CA ASN C 489 56.04 -6.47 21.80
C ASN C 489 55.43 -5.12 21.48
N ALA C 490 54.88 -5.01 20.25
CA ALA C 490 54.37 -3.76 19.70
C ALA C 490 52.98 -3.97 19.11
N LYS C 491 52.04 -3.12 19.50
CA LYS C 491 50.70 -3.05 18.92
C LYS C 491 50.76 -2.27 17.60
N ASN C 492 49.60 -2.14 16.92
CA ASN C 492 49.54 -1.35 15.68
C ASN C 492 50.10 0.05 15.89
N ASP C 493 49.49 0.82 16.80
CA ASP C 493 49.86 2.23 17.03
C ASP C 493 51.34 2.40 17.32
N ASP C 494 52.00 1.37 17.86
CA ASP C 494 53.40 1.50 18.21
C ASP C 494 54.24 1.78 16.97
N LEU C 495 53.88 1.16 15.84
CA LEU C 495 54.76 1.19 14.68
C LEU C 495 54.70 2.54 13.98
N TRP C 496 53.49 3.02 13.73
CA TRP C 496 53.36 4.30 13.06
C TRP C 496 53.89 5.43 13.94
N SER C 497 53.85 5.27 15.25
CA SER C 497 54.34 6.33 16.12
C SER C 497 55.86 6.44 16.13
N SER C 498 56.58 5.33 15.92
CA SER C 498 58.04 5.45 15.81
C SER C 498 58.45 5.92 14.42
N LEU C 499 57.75 5.45 13.38
CA LEU C 499 58.08 5.80 12.01
C LEU C 499 58.12 7.31 11.82
N SER C 500 57.03 7.99 12.14
CA SER C 500 56.86 9.39 11.73
C SER C 500 57.60 10.35 12.65
N ASN C 501 57.68 10.06 13.94
CA ASN C 501 58.38 10.93 14.88
C ASN C 501 59.89 10.75 14.70
N SER C 502 60.35 11.12 13.51
CA SER C 502 61.75 10.98 13.10
C SER C 502 62.05 11.95 11.95
N GLY C 529 50.12 19.57 13.21
CA GLY C 529 51.21 18.68 13.57
C GLY C 529 51.31 17.45 12.70
N GLU C 530 52.52 17.15 12.19
CA GLU C 530 52.70 16.12 11.17
C GLU C 530 52.98 14.72 11.75
N ASN C 531 53.64 14.62 12.89
CA ASN C 531 53.75 13.31 13.55
C ASN C 531 52.38 12.69 13.81
N ALA C 532 51.32 13.48 13.68
CA ALA C 532 49.93 13.07 13.79
C ALA C 532 49.16 13.12 12.47
N GLU C 533 49.68 13.82 11.45
CA GLU C 533 49.09 13.70 10.12
C GLU C 533 49.28 12.30 9.58
N VAL C 534 50.44 11.71 9.83
CA VAL C 534 50.76 10.42 9.25
C VAL C 534 49.91 9.33 9.89
N LYS C 535 49.78 9.36 11.22
CA LYS C 535 49.00 8.29 11.85
C LYS C 535 47.49 8.45 11.65
N GLU C 536 46.99 9.67 11.48
CA GLU C 536 45.61 9.82 11.03
C GLU C 536 45.43 9.17 9.66
N MET C 537 46.23 9.58 8.69
CA MET C 537 46.12 8.96 7.38
C MET C 537 46.42 7.47 7.39
N MET C 538 46.99 6.89 8.46
CA MET C 538 47.27 5.45 8.45
C MET C 538 46.32 4.61 9.30
N THR C 539 45.56 5.23 10.22
CA THR C 539 44.30 4.63 10.68
C THR C 539 43.46 4.24 9.48
N THR C 540 43.41 5.13 8.50
CA THR C 540 42.71 4.92 7.25
C THR C 540 42.94 3.53 6.68
N TRP C 541 44.20 3.12 6.62
CA TRP C 541 44.61 1.97 5.82
C TRP C 541 44.73 0.66 6.58
N THR C 542 44.63 0.69 7.91
CA THR C 542 44.88 -0.49 8.70
C THR C 542 43.65 -0.97 9.48
N LEU C 543 42.55 -0.21 9.48
CA LEU C 543 41.31 -0.59 10.16
C LEU C 543 40.06 -0.54 9.27
N GLN C 544 40.19 -0.11 8.01
CA GLN C 544 39.13 -0.25 7.02
C GLN C 544 39.46 -1.40 6.08
N LYS C 545 38.43 -1.95 5.46
CA LYS C 545 38.64 -2.90 4.38
C LYS C 545 38.77 -2.14 3.05
N GLY C 546 39.03 -2.88 1.98
CA GLY C 546 38.83 -2.37 0.64
C GLY C 546 39.96 -1.47 0.15
N ILE C 547 39.85 -1.11 -1.12
CA ILE C 547 40.80 -0.24 -1.80
C ILE C 547 40.03 0.95 -2.37
N PRO C 548 40.49 2.18 -2.19
CA PRO C 548 39.73 3.33 -2.70
C PRO C 548 39.95 3.54 -4.18
N LEU C 549 38.88 4.02 -4.82
CA LEU C 549 38.90 4.40 -6.22
C LEU C 549 38.88 5.93 -6.29
N LEU C 550 39.69 6.49 -7.17
CA LEU C 550 39.82 7.94 -7.32
C LEU C 550 39.20 8.36 -8.64
N VAL C 551 38.14 9.16 -8.58
CA VAL C 551 37.50 9.71 -9.77
C VAL C 551 38.16 11.04 -10.12
N VAL C 552 38.66 11.16 -11.35
CA VAL C 552 39.27 12.40 -11.83
C VAL C 552 38.43 12.92 -13.00
N LYS C 553 38.04 14.20 -12.93
CA LYS C 553 37.26 14.85 -13.99
C LYS C 553 38.02 16.05 -14.51
N GLN C 554 38.05 16.20 -15.84
CA GLN C 554 38.80 17.24 -16.52
C GLN C 554 37.88 18.37 -16.97
N ASP C 555 38.14 19.59 -16.48
CA ASP C 555 37.45 20.83 -16.83
C ASP C 555 38.48 21.95 -16.94
N GLY C 556 38.88 22.26 -18.16
CA GLY C 556 39.93 23.26 -18.32
C GLY C 556 41.13 22.81 -17.51
N CYS C 557 41.59 23.64 -16.59
CA CYS C 557 42.75 23.27 -15.80
C CYS C 557 42.50 23.52 -14.32
N SER C 558 41.42 22.92 -13.85
CA SER C 558 41.36 22.42 -12.48
C SER C 558 40.50 21.15 -12.51
N LEU C 559 41.07 20.06 -11.99
CA LEU C 559 40.45 18.74 -11.99
C LEU C 559 39.76 18.47 -10.65
N ARG C 560 38.59 17.83 -10.71
CA ARG C 560 37.71 17.61 -9.56
C ARG C 560 37.76 16.15 -9.14
N LEU C 561 38.28 15.90 -7.94
CA LEU C 561 38.54 14.55 -7.46
C LEU C 561 37.42 14.08 -6.54
N GLN C 562 36.98 12.85 -6.75
CA GLN C 562 36.03 12.19 -5.88
C GLN C 562 36.68 10.90 -5.43
N GLN C 563 36.15 10.29 -4.40
CA GLN C 563 36.73 9.03 -3.93
C GLN C 563 35.64 8.14 -3.36
N GLU C 564 35.67 6.84 -3.69
CA GLU C 564 34.70 5.85 -3.22
C GLU C 564 35.43 4.55 -2.98
N ARG C 565 34.70 3.60 -2.39
CA ARG C 565 35.28 2.28 -2.15
C ARG C 565 35.17 1.44 -3.41
N PHE C 566 36.32 1.08 -3.97
CA PHE C 566 36.35 0.28 -5.20
C PHE C 566 35.77 -1.11 -4.96
N LEU C 567 34.88 -1.52 -5.88
CA LEU C 567 34.20 -2.81 -5.81
C LEU C 567 34.09 -3.42 -7.20
N GLN C 568 34.13 -4.74 -7.24
CA GLN C 568 33.92 -5.55 -8.43
C GLN C 568 32.86 -6.58 -8.12
N GLY C 569 31.86 -6.68 -8.98
CA GLY C 569 30.72 -7.53 -8.77
C GLY C 569 29.42 -6.78 -8.54
N VAL C 570 29.50 -5.48 -8.29
CA VAL C 570 28.33 -4.61 -8.19
C VAL C 570 28.66 -3.25 -8.80
N PHE C 571 27.70 -2.69 -9.54
CA PHE C 571 27.96 -1.67 -10.53
C PHE C 571 27.61 -0.28 -9.99
N GLN C 572 27.89 0.76 -10.79
CA GLN C 572 27.58 2.14 -10.37
C GLN C 572 26.10 2.32 -10.08
N GLU C 573 25.24 1.81 -10.95
CA GLU C 573 23.80 2.04 -10.92
C GLU C 573 23.05 1.09 -10.01
N ASP C 574 23.73 0.42 -9.09
CA ASP C 574 23.16 -0.72 -8.39
C ASP C 574 22.76 -0.37 -6.97
N PRO C 575 21.77 -1.08 -6.40
CA PRO C 575 21.27 -0.65 -5.07
C PRO C 575 22.29 -0.77 -3.96
N GLU C 576 22.96 -1.92 -3.85
CA GLU C 576 23.88 -2.12 -2.74
C GLU C 576 25.30 -1.64 -3.06
N TRP C 577 25.50 -0.90 -4.16
CA TRP C 577 26.71 -0.07 -4.23
C TRP C 577 26.65 1.04 -3.20
N ARG C 578 25.51 1.71 -3.07
CA ARG C 578 25.41 2.81 -2.10
C ARG C 578 25.71 2.30 -0.69
N ALA C 579 24.95 1.30 -0.24
CA ALA C 579 25.01 0.83 1.14
C ALA C 579 26.32 0.14 1.47
N LEU C 580 27.14 -0.24 0.48
CA LEU C 580 28.49 -0.69 0.79
C LEU C 580 29.46 0.48 0.98
N GLN C 581 29.01 1.71 0.76
CA GLN C 581 29.75 2.92 1.15
C GLN C 581 29.23 3.43 2.50
N GLU C 582 29.28 2.56 3.51
CA GLU C 582 28.70 2.87 4.82
C GLU C 582 29.36 4.12 5.42
N ARG C 583 30.68 4.13 5.48
CA ARG C 583 31.45 5.27 5.97
C ARG C 583 32.90 5.07 5.54
N TYR C 584 33.16 5.18 4.24
CA TYR C 584 34.44 4.83 3.64
C TYR C 584 35.07 6.10 3.11
N LEU C 585 35.83 6.77 3.98
CA LEU C 585 36.73 7.84 3.57
C LEU C 585 38.16 7.34 3.74
N TRP C 586 38.98 7.53 2.70
CA TRP C 586 40.40 7.26 2.77
C TRP C 586 41.18 8.58 2.76
N HIS C 587 42.23 8.66 3.57
CA HIS C 587 43.20 9.76 3.46
C HIS C 587 44.27 9.39 2.43
N ILE C 588 43.85 9.33 1.17
CA ILE C 588 44.75 8.89 0.11
C ILE C 588 45.86 9.90 -0.15
N PRO C 589 47.13 9.52 -0.02
CA PRO C 589 48.21 10.42 -0.47
C PRO C 589 48.41 10.25 -1.97
N LEU C 590 48.38 11.35 -2.70
CA LEU C 590 48.40 11.24 -4.16
C LEU C 590 49.79 11.51 -4.71
N THR C 591 49.96 11.12 -5.97
CA THR C 591 51.17 11.45 -6.71
C THR C 591 50.82 11.36 -8.20
N TYR C 592 51.20 12.38 -8.96
CA TYR C 592 50.83 12.43 -10.37
C TYR C 592 51.79 13.32 -11.14
N SER C 593 51.87 13.04 -12.44
CA SER C 593 52.64 13.87 -13.35
C SER C 593 51.77 14.11 -14.57
N THR C 594 52.18 15.07 -15.38
CA THR C 594 51.45 15.48 -16.58
C THR C 594 52.28 15.18 -17.82
N SER C 595 51.73 15.54 -18.98
CA SER C 595 52.43 15.32 -20.24
C SER C 595 53.55 16.33 -20.42
N SER C 596 53.30 17.58 -20.07
CA SER C 596 54.34 18.60 -20.18
C SER C 596 55.55 18.24 -19.34
N SER C 597 55.37 18.11 -18.03
CA SER C 597 56.51 18.04 -17.13
C SER C 597 56.50 16.75 -16.35
N ASN C 598 57.72 16.25 -16.08
CA ASN C 598 57.95 15.14 -15.17
C ASN C 598 57.89 15.54 -13.71
N VAL C 599 57.43 16.76 -13.41
CA VAL C 599 57.08 17.14 -12.04
C VAL C 599 56.22 16.02 -11.45
N ILE C 600 56.49 15.64 -10.22
CA ILE C 600 55.54 14.86 -9.46
C ILE C 600 54.99 15.77 -8.37
N HIS C 601 53.78 16.25 -8.58
CA HIS C 601 53.07 17.00 -7.56
C HIS C 601 52.49 16.04 -6.52
N ARG C 602 52.13 16.58 -5.35
CA ARG C 602 51.71 15.74 -4.23
C ARG C 602 50.62 16.44 -3.41
N HIS C 603 49.57 15.67 -3.07
CA HIS C 603 48.40 16.19 -2.38
C HIS C 603 47.72 15.07 -1.60
N ILE C 604 47.52 15.29 -0.30
CA ILE C 604 46.82 14.31 0.53
C ILE C 604 45.32 14.53 0.43
N LEU C 605 44.60 13.55 -0.13
CA LEU C 605 43.16 13.62 -0.26
C LEU C 605 42.50 13.15 1.03
N LYS C 606 41.82 14.05 1.77
CA LYS C 606 41.26 13.70 3.07
C LYS C 606 39.76 13.97 3.18
N SER C 607 39.08 14.22 2.07
CA SER C 607 37.65 14.42 2.07
C SER C 607 37.07 13.78 0.82
N LYS C 608 35.75 13.56 0.83
CA LYS C 608 35.11 12.78 -0.23
C LYS C 608 35.41 13.37 -1.59
N THR C 609 35.23 14.67 -1.73
CA THR C 609 35.55 15.35 -2.97
C THR C 609 36.43 16.56 -2.72
N ASP C 610 37.28 16.85 -3.70
CA ASP C 610 38.35 17.81 -3.57
C ASP C 610 38.79 18.20 -4.98
N THR C 611 39.61 19.24 -5.06
CA THR C 611 40.13 19.74 -6.33
C THR C 611 41.62 20.07 -6.20
N LEU C 612 42.27 20.28 -7.34
CA LEU C 612 43.72 20.48 -7.45
C LEU C 612 44.00 21.62 -8.43
N ASP C 613 45.01 22.42 -8.11
CA ASP C 613 45.43 23.57 -8.92
C ASP C 613 46.65 23.17 -9.75
N LEU C 614 46.49 23.18 -11.07
CA LEU C 614 47.44 22.65 -12.03
C LEU C 614 47.82 23.69 -13.08
N PRO C 615 48.92 23.49 -13.80
CA PRO C 615 49.33 24.49 -14.80
C PRO C 615 49.47 23.96 -16.23
N GLU C 616 49.44 24.89 -17.19
CA GLU C 616 49.82 24.75 -18.61
C GLU C 616 48.72 24.26 -19.55
N LYS C 617 47.67 23.60 -19.05
CA LYS C 617 46.55 23.13 -19.88
C LYS C 617 47.01 22.18 -20.98
N THR C 618 47.56 21.04 -20.57
CA THR C 618 48.17 20.15 -21.55
C THR C 618 47.50 18.77 -21.56
N SER C 619 48.18 17.84 -22.22
CA SER C 619 47.57 16.67 -22.84
C SER C 619 46.86 15.76 -21.83
N TRP C 620 47.62 15.10 -20.96
CA TRP C 620 47.08 14.19 -19.99
C TRP C 620 47.84 14.29 -18.67
N VAL C 621 47.26 13.68 -17.64
CA VAL C 621 47.92 13.56 -16.34
C VAL C 621 47.75 12.13 -15.84
N LYS C 622 48.87 11.45 -15.59
CA LYS C 622 48.86 10.11 -14.99
C LYS C 622 48.95 10.30 -13.49
N PHE C 623 47.81 10.17 -12.81
CA PHE C 623 47.82 9.95 -11.38
C PHE C 623 48.43 8.58 -11.11
N ASN C 624 48.85 8.38 -9.86
CA ASN C 624 49.49 7.14 -9.44
C ASN C 624 50.78 6.92 -10.25
N VAL C 625 51.79 7.71 -9.88
CA VAL C 625 53.08 7.65 -10.55
C VAL C 625 53.81 6.40 -10.07
N ASP C 626 54.23 5.56 -11.03
CA ASP C 626 54.84 4.25 -10.78
C ASP C 626 53.91 3.31 -10.03
N SER C 627 52.63 3.66 -9.91
CA SER C 627 51.61 2.87 -9.20
C SER C 627 52.02 2.56 -7.75
N ASN C 628 52.67 3.53 -7.09
CA ASN C 628 53.15 3.38 -5.72
C ASN C 628 52.05 3.51 -4.67
N GLY C 629 50.95 4.17 -5.00
CA GLY C 629 49.85 4.34 -4.07
C GLY C 629 48.79 3.26 -4.23
N TYR C 630 48.32 2.75 -3.11
CA TYR C 630 47.37 1.63 -3.09
C TYR C 630 45.97 2.12 -3.44
N TYR C 631 45.81 2.52 -4.70
CA TYR C 631 44.51 2.99 -5.19
C TYR C 631 44.38 2.74 -6.68
N ILE C 632 43.15 2.89 -7.15
CA ILE C 632 42.79 2.79 -8.56
C ILE C 632 42.34 4.17 -9.02
N VAL C 633 43.04 4.72 -10.01
CA VAL C 633 42.66 6.00 -10.59
C VAL C 633 41.76 5.74 -11.78
N HIS C 634 40.67 6.49 -11.86
CA HIS C 634 39.79 6.45 -13.00
C HIS C 634 39.52 7.87 -13.48
N TYR C 635 39.59 8.09 -14.80
CA TYR C 635 39.43 9.42 -15.37
C TYR C 635 38.12 9.50 -16.14
N GLU C 636 37.30 10.52 -15.81
CA GLU C 636 36.09 10.86 -16.55
C GLU C 636 36.43 11.76 -17.73
N GLY C 637 35.40 12.08 -18.51
CA GLY C 637 35.68 12.60 -19.82
C GLY C 637 36.39 11.52 -20.58
N HIS C 638 37.20 11.92 -21.56
CA HIS C 638 38.05 10.92 -22.17
C HIS C 638 39.50 11.17 -21.82
N GLY C 639 39.73 11.45 -20.53
CA GLY C 639 41.07 11.36 -20.00
C GLY C 639 41.67 9.97 -20.10
N TRP C 640 40.83 8.93 -20.20
CA TRP C 640 41.30 7.59 -20.52
C TRP C 640 41.72 7.49 -21.98
N ASP C 641 40.85 7.95 -22.89
CA ASP C 641 41.23 7.95 -24.30
C ASP C 641 42.44 8.84 -24.57
N GLN C 642 42.62 9.90 -23.76
CA GLN C 642 43.84 10.71 -23.84
C GLN C 642 45.08 9.84 -23.63
N LEU C 643 45.10 9.08 -22.54
CA LEU C 643 46.23 8.19 -22.26
C LEU C 643 46.33 7.05 -23.29
N ILE C 644 45.19 6.47 -23.68
CA ILE C 644 45.19 5.29 -24.53
C ILE C 644 45.94 5.56 -25.83
N THR C 645 45.61 6.65 -26.52
CA THR C 645 46.31 6.88 -27.77
C THR C 645 47.71 7.47 -27.55
N GLN C 646 48.11 7.76 -26.31
CA GLN C 646 49.49 8.14 -26.04
C GLN C 646 50.41 6.91 -26.04
N LEU C 647 49.93 5.79 -25.48
CA LEU C 647 50.67 4.53 -25.55
C LEU C 647 50.86 4.08 -26.99
N ASN C 648 49.86 4.35 -27.83
CA ASN C 648 49.95 3.99 -29.25
C ASN C 648 51.01 4.83 -29.95
N GLN C 649 50.97 6.15 -29.76
CA GLN C 649 51.89 7.08 -30.41
C GLN C 649 53.33 6.90 -29.96
N ASN C 650 53.62 7.20 -28.68
CA ASN C 650 54.96 7.06 -28.07
C ASN C 650 54.75 6.56 -26.64
N HIS C 651 54.71 5.24 -26.46
CA HIS C 651 54.53 4.72 -25.11
C HIS C 651 55.73 5.02 -24.23
N THR C 652 56.91 5.15 -24.81
CA THR C 652 58.14 5.34 -24.04
C THR C 652 58.14 6.65 -23.26
N LEU C 653 57.31 7.62 -23.64
CA LEU C 653 57.19 8.86 -22.86
C LEU C 653 56.59 8.59 -21.49
N LEU C 654 55.65 7.66 -21.39
CA LEU C 654 55.12 7.21 -20.11
C LEU C 654 56.07 6.22 -19.45
N ARG C 655 56.37 6.46 -18.17
CA ARG C 655 57.24 5.58 -17.40
C ARG C 655 56.78 4.13 -17.51
N PRO C 656 57.71 3.16 -17.55
CA PRO C 656 57.27 1.75 -17.64
C PRO C 656 56.29 1.36 -16.55
N LYS C 657 56.61 1.65 -15.27
CA LYS C 657 55.72 1.32 -14.17
C LYS C 657 54.37 2.01 -14.31
N ASP C 658 54.36 3.24 -14.85
CA ASP C 658 53.11 3.90 -15.18
C ASP C 658 52.31 3.05 -16.17
N ARG C 659 52.95 2.58 -17.23
CA ARG C 659 52.28 1.71 -18.20
C ARG C 659 51.65 0.51 -17.51
N VAL C 660 52.47 -0.30 -16.82
CA VAL C 660 51.97 -1.49 -16.12
C VAL C 660 50.78 -1.13 -15.23
N GLY C 661 50.87 0.01 -14.56
CA GLY C 661 49.74 0.49 -13.78
C GLY C 661 48.50 0.73 -14.62
N LEU C 662 48.63 1.53 -15.69
CA LEU C 662 47.47 1.83 -16.52
C LEU C 662 46.85 0.57 -17.11
N ILE C 663 47.68 -0.40 -17.51
CA ILE C 663 47.15 -1.68 -17.97
C ILE C 663 46.27 -2.29 -16.89
N HIS C 664 46.77 -2.38 -15.66
CA HIS C 664 46.03 -3.04 -14.60
C HIS C 664 44.75 -2.30 -14.24
N ASP C 665 44.77 -0.97 -14.31
CA ASP C 665 43.63 -0.20 -13.85
C ASP C 665 42.44 -0.32 -14.79
N VAL C 666 42.67 -0.46 -16.09
CA VAL C 666 41.54 -0.46 -17.02
C VAL C 666 40.74 -1.75 -16.89
N PHE C 667 41.43 -2.90 -16.88
CA PHE C 667 40.72 -4.18 -16.87
C PHE C 667 39.91 -4.37 -15.59
N GLN C 668 40.42 -3.85 -14.47
CA GLN C 668 39.69 -3.93 -13.21
C GLN C 668 38.44 -3.06 -13.25
N LEU C 669 38.51 -1.90 -13.91
CA LEU C 669 37.37 -1.00 -14.03
C LEU C 669 36.30 -1.50 -14.99
N VAL C 670 36.65 -2.40 -15.91
CA VAL C 670 35.62 -3.16 -16.61
C VAL C 670 34.95 -4.15 -15.66
N GLY C 671 35.74 -4.75 -14.76
CA GLY C 671 35.16 -5.53 -13.67
C GLY C 671 34.38 -4.69 -12.69
N ALA C 672 34.79 -3.43 -12.47
CA ALA C 672 34.02 -2.50 -11.67
C ALA C 672 32.73 -2.09 -12.36
N GLY C 673 32.64 -2.30 -13.67
CA GLY C 673 31.49 -1.83 -14.40
C GLY C 673 31.50 -0.35 -14.73
N ARG C 674 32.61 0.35 -14.52
CA ARG C 674 32.69 1.78 -14.86
C ARG C 674 33.27 2.03 -16.26
N LEU C 675 33.83 1.02 -16.93
CA LEU C 675 34.18 1.08 -18.34
C LEU C 675 33.69 -0.19 -19.03
N THR C 676 33.50 -0.09 -20.34
CA THR C 676 33.09 -1.22 -21.16
C THR C 676 34.33 -2.01 -21.58
N LEU C 677 34.12 -3.28 -21.94
CA LEU C 677 35.22 -4.05 -22.47
C LEU C 677 35.61 -3.63 -23.89
N ASP C 678 34.84 -2.72 -24.51
CA ASP C 678 35.25 -2.13 -25.78
C ASP C 678 36.62 -1.48 -25.66
N LYS C 679 36.90 -0.82 -24.52
CA LYS C 679 38.09 0.00 -24.41
C LYS C 679 39.30 -0.86 -24.07
N ALA C 680 39.17 -1.72 -23.05
CA ALA C 680 40.31 -2.49 -22.56
C ALA C 680 40.84 -3.43 -23.63
N LEU C 681 39.95 -4.13 -24.32
CA LEU C 681 40.37 -4.91 -25.48
C LEU C 681 40.93 -3.99 -26.55
N ASP C 682 40.38 -2.78 -26.67
CA ASP C 682 40.82 -1.85 -27.71
C ASP C 682 42.20 -1.29 -27.41
N MET C 683 42.57 -1.18 -26.13
CA MET C 683 43.89 -0.65 -25.83
C MET C 683 44.97 -1.69 -26.11
N THR C 684 44.67 -2.98 -25.95
CA THR C 684 45.59 -4.06 -26.27
C THR C 684 46.50 -3.78 -27.47
N TYR C 685 46.00 -3.06 -28.46
CA TYR C 685 46.71 -2.82 -29.70
C TYR C 685 48.04 -2.07 -29.54
N TYR C 686 48.42 -1.65 -28.32
CA TYR C 686 49.74 -1.05 -28.13
C TYR C 686 50.77 -2.02 -27.58
N LEU C 687 50.36 -3.13 -26.93
CA LEU C 687 51.34 -4.14 -26.52
C LEU C 687 52.21 -4.55 -27.70
N GLN C 688 51.67 -4.47 -28.91
CA GLN C 688 52.35 -4.40 -30.20
C GLN C 688 53.79 -3.88 -30.15
N HIS C 689 54.03 -2.81 -29.40
CA HIS C 689 55.32 -2.12 -29.38
C HIS C 689 56.06 -2.21 -28.06
N GLU C 690 55.52 -2.91 -27.07
CA GLU C 690 55.92 -2.68 -25.68
C GLU C 690 57.42 -2.89 -25.47
N THR C 691 58.04 -1.94 -24.74
CA THR C 691 59.47 -1.97 -24.47
C THR C 691 59.79 -2.84 -23.24
N SER C 692 59.00 -2.69 -22.16
CA SER C 692 59.27 -3.38 -20.90
C SER C 692 58.43 -4.63 -20.84
N SER C 693 59.11 -5.79 -20.84
CA SER C 693 58.53 -7.09 -20.61
C SER C 693 57.42 -7.09 -19.57
N PRO C 694 57.54 -6.35 -18.41
CA PRO C 694 56.46 -6.44 -17.41
C PRO C 694 55.13 -6.05 -17.97
N ALA C 695 55.02 -4.83 -18.49
CA ALA C 695 53.82 -4.40 -19.16
C ALA C 695 53.31 -5.46 -20.15
N LEU C 696 54.19 -5.94 -21.04
CA LEU C 696 53.76 -6.93 -22.03
C LEU C 696 53.18 -8.18 -21.35
N LEU C 697 53.85 -8.67 -20.31
CA LEU C 697 53.34 -9.84 -19.62
C LEU C 697 52.02 -9.55 -18.92
N GLU C 698 51.97 -8.43 -18.18
CA GLU C 698 50.73 -8.04 -17.52
C GLU C 698 49.59 -7.97 -18.52
N GLY C 699 49.82 -7.34 -19.66
CA GLY C 699 48.76 -7.19 -20.65
C GLY C 699 48.42 -8.52 -21.29
N LEU C 700 49.44 -9.23 -21.79
CA LEU C 700 49.26 -10.59 -22.26
C LEU C 700 48.44 -11.39 -21.27
N SER C 701 48.89 -11.41 -20.01
CA SER C 701 48.18 -12.09 -18.93
C SER C 701 46.66 -11.95 -19.05
N TYR C 702 46.15 -10.72 -19.05
CA TYR C 702 44.70 -10.51 -19.03
C TYR C 702 44.01 -11.17 -20.22
N LEU C 703 44.61 -11.10 -21.40
CA LEU C 703 44.01 -11.75 -22.57
C LEU C 703 44.01 -13.26 -22.41
N GLU C 704 45.08 -13.80 -21.82
CA GLU C 704 45.20 -15.24 -21.64
C GLU C 704 44.09 -15.79 -20.74
N SER C 705 43.79 -15.06 -19.66
CA SER C 705 42.79 -15.54 -18.71
C SER C 705 41.40 -15.49 -19.32
N PHE C 706 41.17 -14.58 -20.27
CA PHE C 706 39.92 -14.58 -21.02
C PHE C 706 39.76 -15.88 -21.81
N TYR C 707 40.82 -16.32 -22.49
CA TYR C 707 40.76 -17.62 -23.15
C TYR C 707 40.49 -18.71 -22.13
N HIS C 708 41.33 -18.76 -21.08
CA HIS C 708 41.19 -19.81 -20.07
C HIS C 708 39.81 -19.81 -19.44
N MET C 709 39.23 -18.63 -19.24
CA MET C 709 37.94 -18.56 -18.58
C MET C 709 36.83 -19.15 -19.44
N MET C 710 36.91 -18.96 -20.76
CA MET C 710 35.84 -19.40 -21.67
C MET C 710 36.03 -20.82 -22.17
N ASP C 711 37.13 -21.48 -21.81
CA ASP C 711 37.32 -22.89 -22.17
C ASP C 711 36.55 -23.79 -21.22
N ARG C 712 36.72 -23.58 -19.91
CA ARG C 712 35.98 -24.33 -18.90
C ARG C 712 34.47 -24.07 -18.96
N ARG C 713 34.05 -22.95 -19.58
CA ARG C 713 32.67 -22.70 -19.99
C ARG C 713 32.39 -23.19 -21.40
N ASN C 714 33.42 -23.51 -22.19
CA ASN C 714 33.33 -24.11 -23.54
C ASN C 714 32.59 -23.22 -24.54
N ILE C 715 32.89 -21.91 -24.51
CA ILE C 715 32.41 -20.98 -25.54
C ILE C 715 33.54 -20.88 -26.56
N SER C 716 33.52 -21.79 -27.53
CA SER C 716 34.71 -22.04 -28.35
C SER C 716 34.87 -21.05 -29.51
N ASP C 717 33.83 -20.29 -29.86
CA ASP C 717 34.00 -19.26 -30.89
C ASP C 717 34.81 -18.08 -30.34
N ILE C 718 34.43 -17.60 -29.16
CA ILE C 718 35.22 -16.55 -28.51
C ILE C 718 36.59 -17.10 -28.13
N SER C 719 36.64 -18.36 -27.68
CA SER C 719 37.92 -19.00 -27.38
C SER C 719 38.80 -19.06 -28.62
N GLU C 720 38.23 -19.49 -29.76
CA GLU C 720 39.04 -19.67 -30.96
C GLU C 720 39.52 -18.33 -31.52
N ASN C 721 38.67 -17.30 -31.46
CA ASN C 721 39.12 -15.99 -31.91
C ASN C 721 40.15 -15.39 -30.96
N LEU C 722 39.96 -15.60 -29.65
CA LEU C 722 40.98 -15.20 -28.69
C LEU C 722 42.29 -15.92 -28.97
N LYS C 723 42.22 -17.24 -29.20
CA LYS C 723 43.37 -17.98 -29.71
C LYS C 723 43.94 -17.32 -30.96
N ARG C 724 43.09 -17.15 -31.98
CA ARG C 724 43.53 -16.55 -33.25
C ARG C 724 44.18 -15.20 -33.04
N TYR C 725 43.49 -14.30 -32.33
CA TYR C 725 44.02 -12.96 -32.13
C TYR C 725 45.34 -13.00 -31.37
N LEU C 726 45.38 -13.76 -30.27
CA LEU C 726 46.61 -13.86 -29.47
C LEU C 726 47.72 -14.56 -30.23
N LEU C 727 47.39 -15.38 -31.22
CA LEU C 727 48.40 -16.05 -32.04
C LEU C 727 48.84 -15.20 -33.23
N GLN C 728 47.90 -14.52 -33.92
CA GLN C 728 48.28 -13.69 -35.06
C GLN C 728 48.98 -12.41 -34.59
N TYR C 729 48.30 -11.59 -33.82
CA TYR C 729 48.99 -10.61 -33.02
C TYR C 729 50.03 -11.33 -32.18
N PHE C 730 51.15 -10.66 -31.91
CA PHE C 730 52.22 -11.26 -31.10
C PHE C 730 52.88 -12.48 -31.74
N LYS C 731 52.49 -12.87 -32.95
CA LYS C 731 53.28 -13.87 -33.67
C LYS C 731 54.71 -13.40 -33.93
N PRO C 732 54.99 -12.10 -34.14
CA PRO C 732 56.39 -11.67 -34.13
C PRO C 732 57.06 -11.83 -32.78
N VAL C 733 56.32 -11.67 -31.67
CA VAL C 733 56.94 -11.75 -30.35
C VAL C 733 57.12 -13.19 -29.89
N ILE C 734 56.25 -14.11 -30.33
CA ILE C 734 56.37 -15.53 -30.00
C ILE C 734 57.55 -16.16 -30.73
N ASP C 735 57.75 -15.80 -32.00
CA ASP C 735 58.79 -16.37 -32.86
C ASP C 735 60.15 -15.73 -32.65
N ARG C 736 60.25 -14.69 -31.82
CA ARG C 736 61.53 -14.03 -31.56
C ARG C 736 62.31 -14.68 -30.44
N GLN C 737 61.65 -15.47 -29.59
CA GLN C 737 62.32 -16.05 -28.43
C GLN C 737 63.05 -17.31 -28.82
N SER C 738 64.20 -17.55 -28.18
CA SER C 738 64.95 -18.79 -28.36
C SER C 738 64.44 -19.88 -27.41
N TRP C 739 65.12 -21.02 -27.41
CA TRP C 739 64.84 -22.10 -26.46
C TRP C 739 66.09 -22.37 -25.62
N SER C 740 66.61 -21.37 -24.91
CA SER C 740 67.78 -21.56 -24.05
C SER C 740 67.56 -20.88 -22.70
N ASP C 741 68.56 -20.98 -21.84
CA ASP C 741 68.53 -20.32 -20.54
C ASP C 741 69.30 -19.00 -20.54
N LYS C 742 69.55 -18.43 -21.72
CA LYS C 742 70.43 -17.27 -21.83
C LYS C 742 69.64 -15.96 -21.77
N GLY C 743 70.30 -14.91 -21.34
CA GLY C 743 69.68 -13.61 -21.24
C GLY C 743 69.50 -13.19 -19.79
N SER C 744 68.86 -12.04 -19.65
CA SER C 744 68.59 -11.45 -18.36
C SER C 744 67.53 -12.27 -17.61
N VAL C 745 67.32 -11.91 -16.35
CA VAL C 745 66.35 -12.61 -15.54
C VAL C 745 64.93 -12.32 -16.01
N TRP C 746 64.68 -11.10 -16.48
CA TRP C 746 63.35 -10.78 -17.01
C TRP C 746 63.19 -11.23 -18.45
N ASP C 747 64.27 -11.23 -19.24
CA ASP C 747 64.20 -11.85 -20.55
C ASP C 747 63.92 -13.35 -20.44
N ARG C 748 64.47 -14.01 -19.42
CA ARG C 748 64.27 -15.45 -19.25
C ARG C 748 62.81 -15.77 -18.92
N MET C 749 62.18 -14.95 -18.08
CA MET C 749 60.79 -15.17 -17.74
C MET C 749 59.87 -15.06 -18.96
N LEU C 750 60.08 -14.02 -19.78
CA LEU C 750 59.26 -13.88 -20.99
C LEU C 750 59.40 -15.07 -21.93
N ARG C 751 60.59 -15.68 -21.97
CA ARG C 751 60.76 -16.92 -22.71
C ARG C 751 59.76 -17.97 -22.26
N SER C 752 59.77 -18.31 -20.97
CA SER C 752 58.85 -19.31 -20.45
C SER C 752 57.41 -18.91 -20.74
N ALA C 753 57.06 -17.65 -20.45
CA ALA C 753 55.68 -17.22 -20.56
C ALA C 753 55.18 -17.36 -22.00
N LEU C 754 55.97 -16.88 -22.95
CA LEU C 754 55.54 -16.92 -24.34
C LEU C 754 55.48 -18.36 -24.86
N LEU C 755 56.52 -19.14 -24.63
CA LEU C 755 56.55 -20.49 -25.21
C LEU C 755 55.48 -21.37 -24.61
N LYS C 756 55.23 -21.25 -23.30
CA LYS C 756 54.05 -21.89 -22.71
C LYS C 756 52.79 -21.45 -23.44
N LEU C 757 52.58 -20.13 -23.52
CA LEU C 757 51.38 -19.60 -24.18
C LEU C 757 51.23 -20.14 -25.60
N ALA C 758 52.35 -20.30 -26.31
CA ALA C 758 52.29 -20.87 -27.65
C ALA C 758 51.79 -22.32 -27.63
N CYS C 759 52.25 -23.15 -26.70
CA CYS C 759 51.81 -24.55 -26.69
C CYS C 759 50.46 -24.71 -26.00
N ASP C 760 50.07 -23.78 -25.12
CA ASP C 760 48.76 -23.82 -24.46
C ASP C 760 47.61 -23.71 -25.44
N LEU C 761 47.88 -23.22 -26.64
CA LEU C 761 46.85 -23.08 -27.66
C LEU C 761 47.05 -24.07 -28.79
N ASN C 762 47.84 -25.11 -28.55
CA ASN C 762 48.08 -26.17 -29.52
C ASN C 762 48.69 -25.60 -30.81
N HIS C 763 49.70 -24.74 -30.65
CA HIS C 763 50.38 -24.19 -31.82
C HIS C 763 51.35 -25.24 -32.34
N ALA C 764 51.04 -25.82 -33.50
CA ALA C 764 51.86 -26.90 -34.04
C ALA C 764 53.37 -26.66 -34.04
N PRO C 765 53.90 -25.41 -34.20
CA PRO C 765 55.37 -25.27 -34.21
C PRO C 765 56.07 -25.69 -32.93
N CYS C 766 55.69 -25.07 -31.80
CA CYS C 766 56.38 -25.38 -30.54
C CYS C 766 56.09 -26.81 -30.08
N ILE C 767 54.85 -27.26 -30.24
CA ILE C 767 54.49 -28.63 -29.87
C ILE C 767 55.44 -29.61 -30.55
N GLN C 768 55.84 -29.31 -31.80
CA GLN C 768 56.90 -30.09 -32.43
C GLN C 768 58.20 -29.99 -31.63
N LYS C 769 58.71 -28.76 -31.44
CA LYS C 769 60.01 -28.59 -30.79
C LYS C 769 60.00 -29.17 -29.39
N ALA C 770 58.93 -28.96 -28.66
CA ALA C 770 58.81 -29.53 -27.31
C ALA C 770 58.77 -31.05 -27.35
N ALA C 771 57.96 -31.62 -28.25
CA ALA C 771 57.88 -33.08 -28.36
C ALA C 771 59.19 -33.68 -28.86
N GLU C 772 59.83 -33.01 -29.83
CA GLU C 772 61.19 -33.40 -30.23
C GLU C 772 62.16 -33.25 -29.08
N LEU C 773 61.94 -32.28 -28.20
CA LEU C 773 62.80 -32.12 -27.03
C LEU C 773 62.44 -33.09 -25.91
N PHE C 774 61.17 -33.47 -25.81
CA PHE C 774 60.76 -34.44 -24.81
C PHE C 774 61.24 -35.85 -25.18
N SER C 775 61.23 -36.17 -26.48
CA SER C 775 61.61 -37.51 -26.93
C SER C 775 63.13 -37.69 -26.97
N GLN C 776 63.86 -36.66 -27.40
CA GLN C 776 65.29 -36.62 -27.15
C GLN C 776 65.58 -37.04 -25.72
N TRP C 777 65.02 -36.31 -24.76
CA TRP C 777 65.24 -36.58 -23.34
C TRP C 777 64.96 -38.04 -23.02
N MET C 778 63.72 -38.48 -23.28
CA MET C 778 63.22 -39.78 -22.78
C MET C 778 64.10 -40.93 -23.26
N GLU C 779 64.37 -41.02 -24.57
CA GLU C 779 65.31 -42.03 -25.05
C GLU C 779 66.72 -41.83 -24.48
N SER C 780 67.08 -40.62 -24.06
CA SER C 780 68.38 -40.37 -23.47
C SER C 780 68.40 -40.63 -21.97
N SER C 781 67.44 -41.41 -21.46
CA SER C 781 67.36 -41.89 -20.08
C SER C 781 67.20 -40.79 -19.04
N GLY C 782 66.87 -39.57 -19.44
CA GLY C 782 66.83 -38.44 -18.53
C GLY C 782 68.14 -37.70 -18.38
N LYS C 783 69.23 -38.27 -18.87
CA LYS C 783 70.53 -37.66 -18.72
C LYS C 783 70.67 -36.42 -19.61
N LEU C 784 69.98 -36.39 -20.74
CA LEU C 784 69.99 -35.23 -21.61
C LEU C 784 69.66 -33.97 -20.80
N ASN C 785 70.17 -32.85 -21.25
CA ASN C 785 69.98 -31.62 -20.50
C ASN C 785 69.04 -30.71 -21.28
N ILE C 786 67.80 -30.61 -20.80
CA ILE C 786 66.78 -29.68 -21.27
C ILE C 786 67.03 -28.31 -20.64
N PRO C 787 66.81 -27.20 -21.37
CA PRO C 787 66.94 -25.88 -20.76
C PRO C 787 65.90 -25.64 -19.69
N THR C 788 66.35 -25.12 -18.54
CA THR C 788 65.50 -25.02 -17.36
C THR C 788 64.18 -24.32 -17.68
N ASP C 789 64.20 -23.35 -18.59
CA ASP C 789 63.04 -22.49 -18.78
C ASP C 789 61.92 -23.19 -19.53
N VAL C 790 62.27 -24.00 -20.54
CA VAL C 790 61.25 -24.75 -21.25
C VAL C 790 60.98 -26.10 -20.60
N LEU C 791 61.64 -26.38 -19.47
CA LEU C 791 61.57 -27.71 -18.86
C LEU C 791 60.15 -28.07 -18.48
N LYS C 792 59.40 -27.13 -17.89
CA LYS C 792 57.99 -27.35 -17.59
C LYS C 792 57.20 -27.67 -18.85
N ILE C 793 57.36 -26.86 -19.90
CA ILE C 793 56.57 -27.03 -21.11
C ILE C 793 56.91 -28.34 -21.79
N VAL C 794 58.20 -28.68 -21.85
CA VAL C 794 58.62 -29.90 -22.53
C VAL C 794 58.04 -31.11 -21.82
N TYR C 795 58.08 -31.13 -20.48
CA TYR C 795 57.48 -32.26 -19.79
C TYR C 795 55.97 -32.26 -19.93
N SER C 796 55.36 -31.08 -20.13
CA SER C 796 53.91 -31.02 -20.29
C SER C 796 53.48 -31.58 -21.64
N VAL C 797 54.17 -31.15 -22.71
CA VAL C 797 53.90 -31.68 -24.04
C VAL C 797 53.99 -33.20 -24.02
N GLY C 798 55.06 -33.73 -23.43
CA GLY C 798 55.30 -35.16 -23.45
C GLY C 798 54.32 -35.97 -22.64
N ALA C 799 53.63 -35.31 -21.69
CA ALA C 799 52.61 -35.96 -20.87
C ALA C 799 51.30 -36.14 -21.62
N GLN C 800 51.24 -35.69 -22.87
CA GLN C 800 50.01 -35.84 -23.64
C GLN C 800 49.83 -37.27 -24.11
N THR C 801 50.91 -37.94 -24.48
CA THR C 801 50.87 -39.38 -24.79
C THR C 801 50.86 -40.21 -23.51
N THR C 802 50.08 -41.30 -23.52
CA THR C 802 50.04 -42.17 -22.35
C THR C 802 51.44 -42.61 -21.95
N ALA C 803 52.26 -42.94 -22.94
CA ALA C 803 53.60 -43.48 -22.68
C ALA C 803 54.49 -42.47 -21.97
N GLY C 804 54.40 -41.20 -22.37
CA GLY C 804 55.24 -40.19 -21.74
C GLY C 804 54.77 -39.86 -20.33
N TRP C 805 53.45 -39.84 -20.12
CA TRP C 805 52.88 -39.64 -18.80
C TRP C 805 53.36 -40.69 -17.82
N ASN C 806 53.39 -41.95 -18.24
CA ASN C 806 53.82 -43.00 -17.35
C ASN C 806 55.32 -42.89 -17.05
N TYR C 807 56.14 -42.54 -18.05
CA TYR C 807 57.56 -42.32 -17.79
C TYR C 807 57.80 -41.14 -16.85
N LEU C 808 56.97 -40.11 -16.89
CA LEU C 808 57.21 -38.95 -16.03
C LEU C 808 56.83 -39.26 -14.58
N LEU C 809 55.72 -39.98 -14.38
CA LEU C 809 55.42 -40.56 -13.06
C LEU C 809 56.61 -41.34 -12.53
N GLU C 810 57.18 -42.23 -13.36
CA GLU C 810 58.33 -42.99 -12.92
C GLU C 810 59.51 -42.10 -12.58
N GLN C 811 59.72 -41.02 -13.35
CA GLN C 811 60.84 -40.12 -13.09
C GLN C 811 60.61 -39.26 -11.86
N TYR C 812 59.35 -39.04 -11.46
CA TYR C 812 59.08 -38.23 -10.28
C TYR C 812 59.58 -38.90 -9.01
N GLU C 813 59.16 -40.16 -8.76
CA GLU C 813 59.69 -40.91 -7.62
C GLU C 813 61.23 -40.91 -7.62
N LEU C 814 61.84 -40.91 -8.80
CA LEU C 814 63.28 -41.07 -8.89
C LEU C 814 64.05 -39.78 -8.66
N SER C 815 63.51 -38.65 -9.11
CA SER C 815 64.30 -37.42 -9.22
C SER C 815 64.72 -36.87 -7.87
N MET C 816 65.94 -36.35 -7.82
CA MET C 816 66.57 -35.80 -6.63
C MET C 816 66.46 -34.28 -6.50
N SER C 817 65.96 -33.58 -7.53
CA SER C 817 65.74 -32.14 -7.47
C SER C 817 64.27 -31.88 -7.22
N SER C 818 63.97 -31.24 -6.10
CA SER C 818 62.58 -31.01 -5.71
C SER C 818 61.92 -29.98 -6.62
N ALA C 819 62.69 -29.07 -7.20
CA ALA C 819 62.15 -28.24 -8.27
C ALA C 819 61.74 -29.09 -9.46
N GLU C 820 62.68 -29.86 -10.01
CA GLU C 820 62.35 -30.72 -11.13
C GLU C 820 61.12 -31.58 -10.85
N GLN C 821 61.05 -32.20 -9.67
CA GLN C 821 59.86 -32.95 -9.28
C GLN C 821 58.61 -32.12 -9.46
N ASN C 822 58.67 -30.86 -9.02
CA ASN C 822 57.48 -30.02 -9.02
C ASN C 822 56.97 -29.80 -10.43
N LYS C 823 57.89 -29.57 -11.37
CA LYS C 823 57.50 -29.37 -12.76
C LYS C 823 56.86 -30.63 -13.34
N ILE C 824 57.44 -31.80 -13.05
CA ILE C 824 56.84 -33.05 -13.50
C ILE C 824 55.41 -33.17 -12.99
N LEU C 825 55.17 -32.78 -11.73
CA LEU C 825 53.83 -32.83 -11.16
C LEU C 825 52.89 -31.86 -11.89
N TYR C 826 53.35 -30.64 -12.16
CA TYR C 826 52.56 -29.77 -13.05
C TYR C 826 52.31 -30.47 -14.38
N ALA C 827 53.38 -30.97 -15.00
CA ALA C 827 53.27 -31.60 -16.30
C ALA C 827 52.32 -32.79 -16.25
N LEU C 828 52.36 -33.56 -15.17
CA LEU C 828 51.42 -34.67 -15.01
C LEU C 828 49.97 -34.19 -14.92
N SER C 829 49.72 -33.02 -14.32
CA SER C 829 48.32 -32.59 -14.20
C SER C 829 47.74 -31.99 -15.49
N THR C 830 48.47 -32.00 -16.59
CA THR C 830 47.93 -31.55 -17.87
C THR C 830 47.42 -32.70 -18.74
N SER C 831 47.23 -33.89 -18.18
CA SER C 831 46.74 -35.02 -18.98
C SER C 831 45.27 -34.89 -19.31
N LYS C 832 44.87 -35.44 -20.45
CA LYS C 832 43.48 -35.40 -20.90
C LYS C 832 42.75 -36.73 -20.67
N HIS C 833 43.36 -37.68 -19.96
CA HIS C 833 42.65 -38.83 -19.42
C HIS C 833 42.31 -38.52 -17.96
N GLN C 834 41.02 -38.29 -17.68
CA GLN C 834 40.60 -38.10 -16.30
C GLN C 834 40.92 -39.32 -15.45
N GLU C 835 41.07 -40.48 -16.07
CA GLU C 835 41.59 -41.64 -15.36
C GLU C 835 42.96 -41.34 -14.74
N LYS C 836 43.87 -40.75 -15.51
CA LYS C 836 45.20 -40.45 -15.00
C LYS C 836 45.19 -39.27 -14.02
N LEU C 837 44.34 -38.27 -14.29
CA LEU C 837 44.20 -37.12 -13.39
C LEU C 837 43.76 -37.55 -12.01
N LEU C 838 42.83 -38.50 -11.92
CA LEU C 838 42.34 -38.96 -10.63
C LEU C 838 43.35 -39.88 -9.91
N LYS C 839 44.17 -40.63 -10.64
CA LYS C 839 45.25 -41.38 -9.99
C LYS C 839 46.19 -40.43 -9.26
N LEU C 840 46.63 -39.37 -9.94
CA LEU C 840 47.47 -38.36 -9.31
C LEU C 840 46.88 -37.89 -7.98
N ILE C 841 45.59 -37.56 -8.00
CA ILE C 841 44.90 -37.13 -6.79
C ILE C 841 44.97 -38.23 -5.74
N GLU C 842 44.69 -39.46 -6.13
CA GLU C 842 44.64 -40.52 -5.13
C GLU C 842 46.02 -40.83 -4.57
N LEU C 843 47.09 -40.57 -5.31
CA LEU C 843 48.44 -40.75 -4.79
C LEU C 843 48.84 -39.61 -3.84
N GLY C 844 48.22 -38.44 -3.96
CA GLY C 844 48.41 -37.42 -2.95
C GLY C 844 47.66 -37.76 -1.68
N MET C 845 46.45 -38.32 -1.80
CA MET C 845 45.71 -38.76 -0.62
C MET C 845 46.48 -39.83 0.14
N GLU C 846 47.01 -40.81 -0.57
CA GLU C 846 47.80 -41.81 0.12
C GLU C 846 49.06 -41.20 0.68
N GLY C 847 49.55 -40.12 0.08
CA GLY C 847 50.78 -39.50 0.52
C GLY C 847 52.06 -40.33 0.46
N LYS C 848 52.10 -41.46 -0.26
CA LYS C 848 53.38 -42.17 -0.44
C LYS C 848 54.16 -41.64 -1.65
N VAL C 849 53.61 -41.84 -2.86
CA VAL C 849 54.28 -41.38 -4.09
C VAL C 849 54.43 -39.87 -4.08
N ILE C 850 53.31 -39.18 -3.93
CA ILE C 850 53.23 -37.73 -3.92
C ILE C 850 52.90 -37.34 -2.49
N LYS C 851 53.84 -36.64 -1.85
CA LYS C 851 53.67 -36.22 -0.48
C LYS C 851 52.36 -35.47 -0.30
N THR C 852 51.68 -35.72 0.83
CA THR C 852 50.42 -35.02 1.11
C THR C 852 50.59 -33.50 1.07
N GLN C 853 51.75 -32.96 1.43
CA GLN C 853 51.88 -31.50 1.44
C GLN C 853 51.58 -30.91 0.07
N ASN C 854 51.81 -31.68 -0.99
CA ASN C 854 51.64 -31.22 -2.36
C ASN C 854 50.22 -31.31 -2.85
N LEU C 855 49.32 -31.89 -2.05
CA LEU C 855 47.97 -32.20 -2.53
C LEU C 855 47.18 -30.95 -2.90
N ALA C 856 47.28 -29.89 -2.10
CA ALA C 856 46.62 -28.65 -2.47
C ALA C 856 47.18 -28.14 -3.77
N ALA C 857 48.51 -28.09 -3.88
CA ALA C 857 49.14 -27.72 -5.14
C ALA C 857 48.61 -28.55 -6.30
N LEU C 858 48.58 -29.87 -6.12
CA LEU C 858 48.14 -30.73 -7.20
C LEU C 858 46.69 -30.44 -7.57
N LEU C 859 45.77 -30.58 -6.60
CA LEU C 859 44.34 -30.35 -6.88
C LEU C 859 44.11 -29.03 -7.59
N HIS C 860 44.87 -28.01 -7.24
CA HIS C 860 44.56 -26.73 -7.85
C HIS C 860 45.05 -26.66 -9.29
N ALA C 861 46.13 -27.37 -9.62
CA ALA C 861 46.61 -27.42 -11.00
C ALA C 861 45.63 -28.16 -11.88
N ILE C 862 45.05 -29.23 -11.33
CA ILE C 862 44.04 -30.01 -12.04
C ILE C 862 42.80 -29.17 -12.31
N ALA C 863 42.20 -28.62 -11.24
CA ALA C 863 40.99 -27.81 -11.39
C ALA C 863 41.20 -26.63 -12.32
N ARG C 864 42.43 -26.12 -12.40
CA ARG C 864 42.72 -25.02 -13.32
C ARG C 864 42.46 -25.42 -14.77
N ARG C 865 42.99 -26.56 -15.18
CA ARG C 865 42.73 -27.03 -16.53
C ARG C 865 41.23 -27.30 -16.70
N PRO C 866 40.66 -27.01 -17.86
CA PRO C 866 39.21 -27.22 -18.02
C PRO C 866 38.81 -28.67 -17.99
N LYS C 867 39.73 -29.57 -18.38
CA LYS C 867 39.40 -30.98 -18.59
C LYS C 867 39.35 -31.78 -17.29
N GLY C 868 39.90 -31.26 -16.21
CA GLY C 868 39.72 -31.88 -14.91
C GLY C 868 39.05 -30.94 -13.93
N GLN C 869 38.33 -29.93 -14.44
CA GLN C 869 37.79 -28.88 -13.60
C GLN C 869 36.70 -29.41 -12.65
N GLN C 870 35.81 -30.26 -13.16
CA GLN C 870 34.71 -30.81 -12.37
C GLN C 870 35.15 -32.00 -11.54
N LEU C 871 35.85 -32.95 -12.19
CA LEU C 871 36.40 -34.12 -11.50
C LEU C 871 36.92 -33.77 -10.11
N ALA C 872 37.76 -32.74 -10.04
CA ALA C 872 38.27 -32.25 -8.76
C ALA C 872 37.14 -31.73 -7.89
N TRP C 873 36.28 -30.89 -8.46
CA TRP C 873 35.20 -30.33 -7.67
C TRP C 873 34.30 -31.43 -7.10
N ASP C 874 34.19 -32.56 -7.81
CA ASP C 874 33.51 -33.71 -7.24
C ASP C 874 34.31 -34.27 -6.07
N PHE C 875 35.63 -34.38 -6.25
CA PHE C 875 36.49 -35.02 -5.26
C PHE C 875 36.39 -34.35 -3.90
N VAL C 876 36.57 -33.02 -3.87
CA VAL C 876 36.53 -32.27 -2.62
C VAL C 876 35.21 -32.49 -1.90
N ARG C 877 34.11 -32.42 -2.65
CA ARG C 877 32.79 -32.67 -2.07
C ARG C 877 32.68 -34.08 -1.50
N GLU C 878 33.22 -35.08 -2.22
CA GLU C 878 33.08 -36.48 -1.82
C GLU C 878 34.06 -36.91 -0.72
N ASN C 879 35.21 -36.24 -0.59
CA ASN C 879 36.22 -36.63 0.37
C ASN C 879 36.44 -35.56 1.43
N TRP C 880 35.46 -34.66 1.59
CA TRP C 880 35.68 -33.48 2.42
C TRP C 880 36.16 -33.86 3.80
N THR C 881 35.54 -34.87 4.38
CA THR C 881 35.83 -35.19 5.77
C THR C 881 37.23 -35.81 5.89
N HIS C 882 37.59 -36.73 4.99
CA HIS C 882 38.94 -37.29 5.00
C HIS C 882 39.98 -36.23 4.71
N LEU C 883 39.66 -35.24 3.86
CA LEU C 883 40.55 -34.11 3.67
C LEU C 883 40.72 -33.30 4.95
N LEU C 884 39.70 -33.31 5.82
CA LEU C 884 39.81 -32.50 7.03
C LEU C 884 40.48 -33.25 8.17
N LYS C 885 40.77 -34.54 8.00
CA LYS C 885 41.64 -35.22 8.95
C LYS C 885 43.12 -35.11 8.58
N LYS C 886 43.43 -34.91 7.30
CA LYS C 886 44.81 -34.68 6.88
C LYS C 886 45.26 -33.24 7.18
N PHE C 887 44.32 -32.30 7.27
CA PHE C 887 44.63 -30.89 7.44
C PHE C 887 43.75 -30.26 8.49
N ASP C 888 44.32 -29.29 9.22
CA ASP C 888 43.48 -28.41 10.01
C ASP C 888 42.61 -27.58 9.08
N LEU C 889 41.52 -27.06 9.62
CA LEU C 889 40.55 -26.34 8.79
C LEU C 889 41.07 -24.96 8.39
N GLY C 890 41.58 -24.19 9.35
CA GLY C 890 42.18 -22.92 9.01
C GLY C 890 43.54 -22.99 8.34
N SER C 891 43.93 -24.19 7.93
CA SER C 891 45.22 -24.35 7.29
C SER C 891 45.18 -23.71 5.93
N TYR C 892 46.33 -23.25 5.47
CA TYR C 892 46.40 -22.78 4.09
C TYR C 892 45.96 -23.87 3.13
N ASP C 893 46.41 -25.11 3.34
CA ASP C 893 46.08 -26.20 2.43
C ASP C 893 44.57 -26.31 2.18
N ILE C 894 43.79 -26.26 3.26
CA ILE C 894 42.35 -26.28 3.10
C ILE C 894 41.88 -25.02 2.40
N ARG C 895 42.47 -23.88 2.75
CA ARG C 895 42.08 -22.66 2.06
C ARG C 895 42.25 -22.83 0.56
N MET C 896 43.40 -23.38 0.15
CA MET C 896 43.71 -23.47 -1.27
C MET C 896 42.88 -24.53 -1.96
N ILE C 897 42.69 -25.68 -1.32
CA ILE C 897 41.84 -26.74 -1.88
C ILE C 897 40.45 -26.19 -2.16
N ILE C 898 39.82 -25.60 -1.14
CA ILE C 898 38.49 -25.01 -1.27
C ILE C 898 38.47 -24.02 -2.43
N SER C 899 39.31 -23.00 -2.35
CA SER C 899 39.30 -21.97 -3.38
C SER C 899 39.79 -22.51 -4.70
N GLY C 900 40.78 -23.41 -4.67
CA GLY C 900 41.39 -23.88 -5.90
C GLY C 900 40.44 -24.64 -6.79
N THR C 901 39.45 -25.31 -6.20
CA THR C 901 38.52 -26.09 -6.99
C THR C 901 37.29 -25.30 -7.41
N THR C 902 36.99 -24.18 -6.75
CA THR C 902 35.74 -23.47 -7.01
C THR C 902 35.91 -22.05 -7.50
N ALA C 903 37.06 -21.41 -7.25
CA ALA C 903 37.15 -19.98 -7.50
C ALA C 903 37.00 -19.64 -8.97
N HIS C 904 37.23 -20.59 -9.86
CA HIS C 904 37.17 -20.30 -11.28
C HIS C 904 35.77 -20.44 -11.88
N PHE C 905 34.80 -20.89 -11.08
CA PHE C 905 33.43 -21.09 -11.55
C PHE C 905 32.81 -19.78 -12.00
N SER C 906 31.89 -19.88 -12.97
CA SER C 906 31.34 -18.71 -13.68
C SER C 906 29.83 -18.78 -13.88
N SER C 907 29.14 -19.81 -13.37
CA SER C 907 27.72 -20.06 -13.66
C SER C 907 26.86 -20.01 -12.42
N LYS C 908 25.62 -19.56 -12.62
CA LYS C 908 24.64 -19.64 -11.55
C LYS C 908 24.36 -21.10 -11.18
N ASP C 909 24.54 -22.04 -12.12
CA ASP C 909 24.35 -23.44 -11.78
C ASP C 909 25.43 -23.90 -10.80
N LYS C 910 26.71 -23.69 -11.15
CA LYS C 910 27.80 -24.06 -10.25
C LYS C 910 27.72 -23.30 -8.93
N LEU C 911 27.30 -22.04 -8.97
CA LEU C 911 27.24 -21.27 -7.74
C LEU C 911 26.25 -21.87 -6.75
N GLN C 912 25.02 -22.15 -7.19
CA GLN C 912 24.03 -22.69 -6.26
C GLN C 912 24.48 -24.01 -5.66
N GLU C 913 25.40 -24.74 -6.30
CA GLU C 913 25.93 -25.96 -5.68
C GLU C 913 27.19 -25.70 -4.86
N VAL C 914 28.02 -24.73 -5.25
CA VAL C 914 29.08 -24.27 -4.38
C VAL C 914 28.51 -23.56 -3.15
N LYS C 915 27.39 -22.85 -3.33
CA LYS C 915 26.81 -22.14 -2.20
C LYS C 915 26.22 -23.10 -1.18
N LEU C 916 25.77 -24.28 -1.62
CA LEU C 916 25.19 -25.24 -0.68
C LEU C 916 26.24 -26.13 -0.04
N PHE C 917 27.34 -26.41 -0.75
CA PHE C 917 28.45 -27.15 -0.14
C PHE C 917 28.97 -26.43 1.10
N PHE C 918 29.03 -25.09 1.07
CA PHE C 918 29.43 -24.33 2.24
C PHE C 918 28.37 -24.36 3.34
N GLU C 919 27.09 -24.45 2.94
CA GLU C 919 26.04 -24.56 3.95
C GLU C 919 25.94 -25.97 4.50
N SER C 920 26.32 -26.99 3.70
CA SER C 920 26.47 -28.34 4.22
C SER C 920 27.53 -28.41 5.31
N LEU C 921 28.67 -27.73 5.10
CA LEU C 921 29.79 -27.85 6.02
C LEU C 921 29.53 -27.14 7.34
N GLU C 922 28.78 -26.05 7.32
CA GLU C 922 28.59 -25.32 8.55
C GLU C 922 27.36 -25.76 9.33
N ALA C 923 26.69 -26.84 8.90
CA ALA C 923 25.91 -27.61 9.85
C ALA C 923 26.80 -28.13 10.97
N GLN C 924 28.00 -28.59 10.60
CA GLN C 924 29.07 -28.85 11.55
C GLN C 924 29.83 -27.55 11.82
N GLY C 925 30.47 -27.49 12.98
CA GLY C 925 31.29 -26.32 13.26
C GLY C 925 32.40 -26.17 12.25
N SER C 926 32.16 -25.38 11.19
CA SER C 926 33.14 -25.23 10.11
C SER C 926 32.81 -23.96 9.32
N HIS C 927 33.39 -22.84 9.75
CA HIS C 927 33.26 -21.58 9.02
C HIS C 927 34.62 -21.00 8.72
N LEU C 928 34.83 -20.66 7.46
CA LEU C 928 35.93 -19.80 7.10
C LEU C 928 35.39 -18.54 6.41
N ASP C 929 36.20 -17.49 6.41
CA ASP C 929 35.86 -16.33 5.60
C ASP C 929 36.00 -16.66 4.12
N ILE C 930 36.85 -17.65 3.81
CA ILE C 930 37.06 -18.08 2.43
C ILE C 930 35.75 -18.53 1.80
N PHE C 931 34.83 -19.11 2.60
CA PHE C 931 33.54 -19.55 2.10
C PHE C 931 32.84 -18.42 1.33
N GLN C 932 32.65 -17.29 2.02
CA GLN C 932 32.03 -16.13 1.40
C GLN C 932 32.88 -15.62 0.24
N THR C 933 34.19 -15.47 0.46
CA THR C 933 35.07 -14.87 -0.54
C THR C 933 34.98 -15.59 -1.88
N VAL C 934 34.89 -16.93 -1.88
CA VAL C 934 34.80 -17.63 -3.16
C VAL C 934 33.40 -17.48 -3.75
N LEU C 935 32.38 -17.30 -2.90
CA LEU C 935 31.05 -16.97 -3.40
C LEU C 935 31.02 -15.59 -4.05
N GLU C 936 31.56 -14.58 -3.36
CA GLU C 936 31.68 -13.25 -3.92
C GLU C 936 32.41 -13.29 -5.26
N THR C 937 33.29 -14.29 -5.43
CA THR C 937 34.09 -14.41 -6.64
C THR C 937 33.44 -15.27 -7.72
N ILE C 938 32.59 -16.23 -7.34
CA ILE C 938 31.74 -16.85 -8.35
C ILE C 938 30.74 -15.84 -8.87
N THR C 939 30.09 -15.10 -7.96
CA THR C 939 29.16 -14.03 -8.36
C THR C 939 29.86 -12.93 -9.14
N LYS C 940 31.15 -12.68 -8.82
CA LYS C 940 31.92 -11.64 -9.49
C LYS C 940 32.25 -12.00 -10.93
N ASN C 941 32.39 -13.31 -11.23
CA ASN C 941 32.61 -13.77 -12.59
C ASN C 941 31.32 -13.82 -13.40
N ILE C 942 30.23 -14.32 -12.81
CA ILE C 942 28.95 -14.40 -13.52
C ILE C 942 28.53 -13.01 -13.96
N LYS C 943 28.49 -12.06 -13.02
CA LYS C 943 28.07 -10.71 -13.35
C LYS C 943 29.16 -9.92 -14.07
N TRP C 944 30.41 -10.39 -14.08
CA TRP C 944 31.36 -9.87 -15.05
C TRP C 944 31.02 -10.38 -16.45
N LEU C 945 30.62 -11.65 -16.55
CA LEU C 945 30.11 -12.19 -17.81
C LEU C 945 28.90 -11.43 -18.30
N GLU C 946 27.96 -11.14 -17.39
CA GLU C 946 26.64 -10.66 -17.77
C GLU C 946 26.71 -9.40 -18.60
N LYS C 947 27.56 -8.44 -18.22
CA LYS C 947 27.60 -7.17 -18.95
C LYS C 947 28.83 -7.00 -19.84
N ASN C 948 29.76 -7.96 -19.86
CA ASN C 948 30.93 -7.83 -20.70
C ASN C 948 31.08 -8.95 -21.71
N LEU C 949 30.47 -10.10 -21.49
CA LEU C 949 30.56 -11.18 -22.48
C LEU C 949 30.02 -10.76 -23.85
N PRO C 950 28.91 -10.02 -23.98
CA PRO C 950 28.48 -9.62 -25.33
C PRO C 950 29.45 -8.70 -26.03
N THR C 951 29.96 -7.66 -25.35
CA THR C 951 30.97 -6.80 -25.96
C THR C 951 32.31 -7.52 -26.13
N LEU C 952 32.45 -8.71 -25.56
CA LEU C 952 33.68 -9.48 -25.74
C LEU C 952 33.76 -10.07 -27.13
N ARG C 953 32.72 -10.79 -27.57
CA ARG C 953 32.76 -11.36 -28.91
C ARG C 953 32.56 -10.30 -29.98
N THR C 954 31.83 -9.22 -29.66
CA THR C 954 31.71 -8.08 -30.57
C THR C 954 33.09 -7.53 -30.95
N TRP C 955 33.95 -7.35 -29.96
CA TRP C 955 35.29 -6.85 -30.26
C TRP C 955 36.10 -7.87 -31.03
N LEU C 956 36.02 -9.15 -30.61
CA LEU C 956 36.93 -10.17 -31.10
C LEU C 956 36.68 -10.51 -32.56
N MET C 957 35.47 -10.26 -33.04
CA MET C 957 35.15 -10.62 -34.42
C MET C 957 35.90 -9.74 -35.41
N VAL C 958 36.16 -8.48 -35.03
CA VAL C 958 36.67 -7.50 -35.99
C VAL C 958 38.08 -7.87 -36.44
N ASN C 959 38.98 -8.13 -35.49
CA ASN C 959 40.35 -8.52 -35.82
C ASN C 959 40.39 -10.04 -36.08
N THR C 960 40.25 -10.41 -37.35
CA THR C 960 40.38 -11.79 -37.78
C THR C 960 40.56 -11.90 -39.29
N GLY D 51 4.84 -38.48 -36.51
CA GLY D 51 3.43 -38.82 -36.33
C GLY D 51 2.50 -37.61 -36.18
N ALA D 52 1.26 -37.87 -35.76
CA ALA D 52 0.23 -36.83 -35.69
C ALA D 52 -0.55 -36.97 -34.39
N PHE D 53 -0.57 -35.88 -33.60
CA PHE D 53 -1.20 -35.72 -32.28
C PHE D 53 -2.47 -34.87 -32.42
N PRO D 54 -3.18 -34.53 -31.33
CA PRO D 54 -4.38 -33.69 -31.48
C PRO D 54 -4.07 -32.20 -31.56
N VAL D 55 -5.11 -31.41 -31.88
CA VAL D 55 -4.95 -29.99 -32.20
C VAL D 55 -5.48 -29.14 -31.05
N ALA D 56 -4.63 -28.26 -30.53
CA ALA D 56 -4.96 -27.38 -29.42
C ALA D 56 -5.66 -26.12 -29.94
N THR D 57 -6.05 -25.24 -29.01
CA THR D 57 -6.98 -24.18 -29.34
C THR D 57 -6.34 -23.06 -30.15
N ASN D 58 -5.03 -22.89 -30.09
CA ASN D 58 -4.37 -21.85 -30.87
C ASN D 58 -3.88 -22.35 -32.23
N GLY D 59 -4.36 -23.51 -32.69
CA GLY D 59 -4.02 -24.03 -34.00
C GLY D 59 -2.78 -24.90 -34.05
N GLU D 60 -1.99 -24.93 -32.99
CA GLU D 60 -0.83 -25.83 -32.90
C GLU D 60 -1.26 -27.16 -32.33
N ARG D 61 -0.51 -28.20 -32.65
CA ARG D 61 -0.86 -29.52 -32.20
C ARG D 61 -0.45 -29.70 -30.74
N PHE D 62 -1.24 -30.48 -30.00
CA PHE D 62 -1.03 -30.68 -28.57
C PHE D 62 -0.06 -31.83 -28.35
N PRO D 63 1.03 -31.63 -27.60
CA PRO D 63 2.06 -32.68 -27.50
C PRO D 63 1.57 -34.02 -26.95
N TRP D 64 0.53 -34.05 -26.15
CA TRP D 64 0.09 -35.28 -25.52
C TRP D 64 -1.31 -35.62 -26.00
N GLN D 65 -1.60 -36.91 -26.12
CA GLN D 65 -2.83 -37.32 -26.78
C GLN D 65 -3.79 -38.09 -25.91
N GLU D 66 -3.45 -38.44 -24.69
CA GLU D 66 -4.36 -39.27 -23.93
C GLU D 66 -4.69 -38.67 -22.57
N LEU D 67 -5.71 -39.25 -21.94
CA LEU D 67 -6.45 -38.67 -20.83
C LEU D 67 -5.70 -38.67 -19.51
N ARG D 68 -4.89 -39.69 -19.25
CA ARG D 68 -4.13 -39.69 -18.03
C ARG D 68 -2.82 -38.95 -18.23
N LEU D 69 -2.44 -38.16 -17.24
CA LEU D 69 -1.25 -37.32 -17.30
C LEU D 69 0.01 -38.15 -17.46
N PRO D 70 1.03 -37.59 -18.10
CA PRO D 70 2.34 -38.24 -18.11
C PRO D 70 2.85 -38.52 -16.69
N SER D 71 3.51 -39.66 -16.53
CA SER D 71 4.18 -39.98 -15.28
C SER D 71 5.57 -39.33 -15.18
N VAL D 72 5.94 -38.45 -16.12
CA VAL D 72 7.33 -38.01 -16.19
C VAL D 72 7.62 -36.87 -15.22
N VAL D 73 6.61 -36.07 -14.84
CA VAL D 73 6.78 -34.94 -13.94
C VAL D 73 5.92 -35.19 -12.71
N ILE D 74 6.50 -35.03 -11.53
CA ILE D 74 5.77 -35.29 -10.28
C ILE D 74 5.71 -34.04 -9.42
N PRO D 75 4.53 -33.44 -9.22
CA PRO D 75 4.46 -32.30 -8.31
C PRO D 75 4.86 -32.72 -6.90
N LEU D 76 5.73 -31.93 -6.30
CA LEU D 76 6.02 -32.13 -4.88
C LEU D 76 5.24 -31.18 -4.00
N HIS D 77 4.92 -30.00 -4.49
CA HIS D 77 4.47 -28.94 -3.61
C HIS D 77 3.85 -27.81 -4.38
N TYR D 78 2.66 -27.39 -3.95
CA TYR D 78 1.93 -26.30 -4.54
C TYR D 78 2.02 -25.10 -3.61
N ASP D 79 2.45 -23.96 -4.13
CA ASP D 79 2.22 -22.68 -3.46
C ASP D 79 1.01 -22.07 -4.15
N LEU D 80 0.00 -21.73 -3.37
CA LEU D 80 -1.29 -21.34 -3.90
C LEU D 80 -1.76 -20.06 -3.23
N PHE D 81 -1.92 -18.99 -4.00
CA PHE D 81 -2.54 -17.74 -3.53
C PHE D 81 -3.79 -17.46 -4.33
N VAL D 82 -4.91 -17.26 -3.64
CA VAL D 82 -6.14 -16.83 -4.32
C VAL D 82 -6.70 -15.65 -3.57
N HIS D 83 -7.35 -14.77 -4.35
CA HIS D 83 -7.93 -13.52 -3.87
C HIS D 83 -9.24 -13.38 -4.62
N PRO D 84 -10.31 -13.97 -4.09
CA PRO D 84 -11.62 -13.81 -4.70
C PRO D 84 -12.27 -12.50 -4.28
N ASN D 85 -13.30 -12.13 -5.01
CA ASN D 85 -14.14 -10.99 -4.63
C ASN D 85 -15.59 -11.48 -4.58
N LEU D 86 -16.19 -11.40 -3.41
CA LEU D 86 -17.54 -11.89 -3.19
C LEU D 86 -18.63 -10.90 -3.59
N THR D 87 -18.33 -9.88 -4.37
CA THR D 87 -19.41 -9.14 -4.97
C THR D 87 -19.29 -9.10 -6.49
N SER D 88 -18.13 -8.76 -7.04
CA SER D 88 -17.90 -8.99 -8.46
C SER D 88 -17.86 -10.50 -8.80
N LEU D 89 -17.80 -11.37 -7.79
CA LEU D 89 -18.03 -12.81 -7.95
C LEU D 89 -17.02 -13.44 -8.89
N ASP D 90 -15.76 -13.08 -8.71
CA ASP D 90 -14.69 -13.58 -9.55
C ASP D 90 -13.44 -13.71 -8.69
N PHE D 91 -12.40 -14.29 -9.26
CA PHE D 91 -11.27 -14.57 -8.41
C PHE D 91 -9.99 -14.49 -9.22
N VAL D 92 -8.98 -13.93 -8.58
CA VAL D 92 -7.66 -13.79 -9.14
C VAL D 92 -6.74 -14.69 -8.34
N ALA D 93 -5.84 -15.38 -9.05
CA ALA D 93 -5.04 -16.40 -8.38
C ALA D 93 -3.65 -16.44 -8.99
N SER D 94 -2.75 -17.09 -8.24
CA SER D 94 -1.33 -17.21 -8.54
C SER D 94 -0.85 -18.58 -8.06
N GLU D 95 0.20 -19.11 -8.68
CA GLU D 95 0.59 -20.47 -8.37
C GLU D 95 2.10 -20.68 -8.48
N LYS D 96 2.59 -21.65 -7.71
CA LYS D 96 3.93 -22.21 -7.86
C LYS D 96 3.89 -23.70 -7.59
N ILE D 97 4.03 -24.53 -8.64
CA ILE D 97 4.18 -25.97 -8.50
C ILE D 97 5.65 -26.33 -8.56
N GLU D 98 6.12 -27.08 -7.57
CA GLU D 98 7.49 -27.59 -7.56
C GLU D 98 7.47 -29.01 -8.10
N VAL D 99 8.23 -29.24 -9.17
CA VAL D 99 8.12 -30.43 -9.98
C VAL D 99 9.45 -31.16 -10.03
N LEU D 100 9.41 -32.48 -10.09
CA LEU D 100 10.60 -33.32 -10.19
C LEU D 100 10.52 -34.16 -11.46
N VAL D 101 11.50 -34.01 -12.33
CA VAL D 101 11.50 -34.67 -13.63
C VAL D 101 12.13 -36.06 -13.50
N SER D 102 11.56 -37.04 -14.20
CA SER D 102 12.03 -38.42 -14.16
C SER D 102 12.60 -38.89 -15.49
N ASN D 103 11.87 -38.69 -16.59
CA ASN D 103 12.42 -38.82 -17.94
C ASN D 103 12.40 -37.43 -18.56
N ALA D 104 13.53 -37.03 -19.15
CA ALA D 104 13.67 -35.71 -19.74
C ALA D 104 12.51 -35.40 -20.67
N THR D 105 11.92 -34.22 -20.47
CA THR D 105 10.77 -33.79 -21.24
C THR D 105 10.97 -32.36 -21.70
N GLN D 106 10.32 -32.04 -22.82
CA GLN D 106 10.26 -30.72 -23.41
C GLN D 106 8.88 -30.11 -23.21
N PHE D 107 8.02 -30.78 -22.45
CA PHE D 107 6.72 -30.18 -22.14
C PHE D 107 6.17 -30.73 -20.84
N ILE D 108 5.73 -29.83 -19.96
CA ILE D 108 4.88 -30.20 -18.83
C ILE D 108 3.43 -30.06 -19.30
N ILE D 109 2.66 -31.14 -19.17
CA ILE D 109 1.22 -31.06 -19.35
C ILE D 109 0.53 -31.42 -18.03
N LEU D 110 -0.49 -30.64 -17.70
CA LEU D 110 -1.33 -30.85 -16.53
C LEU D 110 -2.73 -30.36 -16.87
N HIS D 111 -3.62 -30.43 -15.90
CA HIS D 111 -5.05 -30.16 -16.08
C HIS D 111 -5.35 -28.70 -15.81
N SER D 112 -6.32 -28.17 -16.53
CA SER D 112 -6.92 -26.89 -16.20
C SER D 112 -8.20 -26.76 -17.00
N LYS D 113 -9.28 -26.38 -16.32
CA LYS D 113 -10.58 -26.23 -16.95
C LYS D 113 -11.19 -24.89 -16.56
N ASP D 114 -11.71 -24.20 -17.58
CA ASP D 114 -12.42 -22.94 -17.41
C ASP D 114 -11.56 -21.87 -16.77
N LEU D 115 -10.24 -21.98 -16.84
CA LEU D 115 -9.35 -21.00 -16.21
C LEU D 115 -8.55 -20.26 -17.26
N GLU D 116 -8.55 -18.92 -17.19
CA GLU D 116 -7.74 -18.06 -18.05
C GLU D 116 -6.32 -17.99 -17.48
N ILE D 117 -5.32 -18.45 -18.26
CA ILE D 117 -3.93 -18.48 -17.84
C ILE D 117 -3.16 -17.40 -18.58
N THR D 118 -2.66 -16.42 -17.81
CA THR D 118 -2.05 -15.18 -18.31
C THR D 118 -0.52 -15.21 -18.28
N ASN D 119 0.11 -15.57 -17.17
CA ASN D 119 1.56 -15.68 -17.07
C ASN D 119 1.97 -17.09 -16.67
N ALA D 120 2.84 -17.72 -17.47
CA ALA D 120 3.36 -19.07 -17.22
C ALA D 120 4.88 -18.99 -17.20
N THR D 121 5.47 -18.93 -16.00
CA THR D 121 6.92 -18.78 -15.81
C THR D 121 7.52 -20.02 -15.16
N LEU D 122 8.60 -20.53 -15.75
CA LEU D 122 9.38 -21.63 -15.18
C LEU D 122 10.72 -21.10 -14.67
N GLN D 123 10.94 -21.18 -13.36
CA GLN D 123 12.22 -20.93 -12.71
C GLN D 123 12.68 -22.21 -12.02
N SER D 124 14.00 -22.33 -11.84
CA SER D 124 14.56 -23.47 -11.14
C SER D 124 15.83 -23.05 -10.40
N GLU D 125 15.85 -23.30 -9.10
CA GLU D 125 17.05 -23.01 -8.35
C GLU D 125 18.20 -23.90 -8.79
N GLU D 126 17.91 -25.11 -9.27
CA GLU D 126 18.92 -26.14 -9.50
C GLU D 126 19.56 -26.09 -10.89
N ASP D 127 18.85 -25.60 -11.89
CA ASP D 127 19.32 -25.64 -13.27
C ASP D 127 19.76 -24.26 -13.75
N SER D 128 20.69 -24.27 -14.70
CA SER D 128 21.05 -23.05 -15.40
C SER D 128 19.93 -22.63 -16.34
N ARG D 129 20.03 -21.40 -16.83
CA ARG D 129 19.15 -20.79 -17.83
C ARG D 129 17.70 -20.68 -17.34
N TYR D 130 17.44 -21.08 -16.09
CA TYR D 130 16.13 -20.87 -15.48
C TYR D 130 16.18 -20.22 -14.11
N MET D 131 17.33 -20.14 -13.45
CA MET D 131 17.32 -19.65 -12.09
C MET D 131 17.21 -18.13 -12.00
N LYS D 132 17.36 -17.43 -13.12
CA LYS D 132 17.12 -15.99 -13.22
C LYS D 132 15.68 -15.70 -12.81
N PRO D 133 15.13 -14.49 -13.06
CA PRO D 133 13.68 -14.31 -12.90
C PRO D 133 12.82 -15.34 -13.61
N GLY D 134 13.40 -16.08 -14.54
CA GLY D 134 12.72 -17.17 -15.20
C GLY D 134 12.26 -16.78 -16.60
N LYS D 135 12.02 -17.80 -17.42
CA LYS D 135 11.58 -17.60 -18.79
C LYS D 135 10.06 -17.76 -18.90
N GLU D 136 9.50 -17.12 -19.92
CA GLU D 136 8.08 -17.25 -20.23
C GLU D 136 7.84 -18.57 -20.95
N LEU D 137 6.76 -19.24 -20.57
CA LEU D 137 6.38 -20.51 -21.16
C LEU D 137 5.18 -20.31 -22.07
N LYS D 138 5.27 -20.88 -23.26
CA LYS D 138 4.10 -20.98 -24.11
C LYS D 138 3.14 -21.97 -23.49
N VAL D 139 1.85 -21.63 -23.48
CA VAL D 139 0.86 -22.52 -22.92
C VAL D 139 -0.13 -22.85 -24.03
N LEU D 140 -0.50 -24.13 -24.10
CA LEU D 140 -1.46 -24.67 -25.07
C LEU D 140 -2.59 -25.35 -24.33
N SER D 141 -3.80 -25.26 -24.87
CA SER D 141 -5.00 -25.77 -24.20
C SER D 141 -5.74 -26.73 -25.10
N TYR D 142 -6.15 -27.87 -24.52
CA TYR D 142 -6.85 -28.95 -25.22
C TYR D 142 -8.07 -29.30 -24.38
N PRO D 143 -9.21 -28.67 -24.63
CA PRO D 143 -10.37 -28.86 -23.74
C PRO D 143 -10.94 -30.27 -23.70
N ALA D 144 -10.91 -31.02 -24.80
CA ALA D 144 -11.55 -32.33 -24.80
C ALA D 144 -10.97 -33.25 -23.73
N HIS D 145 -9.73 -33.01 -23.29
CA HIS D 145 -9.09 -33.77 -22.24
C HIS D 145 -8.84 -32.95 -20.98
N GLU D 146 -9.33 -31.70 -20.94
CA GLU D 146 -9.20 -30.82 -19.79
C GLU D 146 -7.73 -30.66 -19.41
N GLN D 147 -6.85 -30.75 -20.40
CA GLN D 147 -5.41 -30.59 -20.24
C GLN D 147 -4.94 -29.27 -20.83
N ILE D 148 -3.75 -28.85 -20.37
CA ILE D 148 -2.96 -27.79 -20.97
C ILE D 148 -1.51 -28.23 -20.92
N ALA D 149 -0.70 -27.62 -21.78
CA ALA D 149 0.69 -28.01 -21.95
C ALA D 149 1.59 -26.78 -21.91
N LEU D 150 2.66 -26.88 -21.15
CA LEU D 150 3.59 -25.77 -20.95
C LEU D 150 4.82 -26.04 -21.79
N LEU D 151 5.05 -25.21 -22.79
CA LEU D 151 6.16 -25.46 -23.72
C LEU D 151 7.40 -24.72 -23.26
N VAL D 152 8.45 -25.49 -22.96
CA VAL D 152 9.70 -24.93 -22.46
C VAL D 152 10.61 -24.59 -23.64
N PRO D 153 11.31 -23.44 -23.59
CA PRO D 153 12.26 -23.11 -24.67
C PRO D 153 13.34 -24.16 -24.87
N GLU D 154 13.87 -24.71 -23.78
CA GLU D 154 14.91 -25.72 -23.87
C GLU D 154 14.62 -26.89 -22.93
N LYS D 155 14.78 -28.11 -23.45
CA LYS D 155 14.28 -29.31 -22.79
C LYS D 155 14.86 -29.43 -21.39
N LEU D 156 14.00 -29.84 -20.45
CA LEU D 156 14.38 -29.97 -19.06
C LEU D 156 15.45 -31.06 -18.91
N THR D 157 16.03 -31.11 -17.72
CA THR D 157 17.07 -32.06 -17.40
C THR D 157 16.58 -32.99 -16.29
N PRO D 158 16.67 -34.30 -16.48
CA PRO D 158 15.97 -35.22 -15.57
C PRO D 158 16.51 -35.18 -14.15
N HIS D 159 15.64 -35.55 -13.20
CA HIS D 159 15.96 -35.69 -11.77
C HIS D 159 16.27 -34.35 -11.12
N LEU D 160 15.57 -33.30 -11.56
CA LEU D 160 15.82 -31.94 -11.11
C LEU D 160 14.52 -31.24 -10.74
N LYS D 161 14.58 -30.45 -9.67
CA LYS D 161 13.44 -29.64 -9.24
C LYS D 161 13.36 -28.37 -10.08
N TYR D 162 12.15 -28.07 -10.55
CA TYR D 162 11.85 -26.81 -11.24
C TYR D 162 10.65 -26.19 -10.54
N TYR D 163 10.40 -24.91 -10.81
CA TYR D 163 9.24 -24.24 -10.24
C TYR D 163 8.38 -23.67 -11.38
N VAL D 164 7.20 -24.25 -11.55
CA VAL D 164 6.20 -23.70 -12.47
C VAL D 164 5.46 -22.60 -11.71
N ALA D 165 5.42 -21.41 -12.27
CA ALA D 165 4.70 -20.30 -11.67
C ALA D 165 3.63 -19.81 -12.65
N MET D 166 2.38 -19.77 -12.20
CA MET D 166 1.30 -19.46 -13.11
C MET D 166 0.34 -18.50 -12.43
N ASP D 167 -0.27 -17.65 -13.25
CA ASP D 167 -1.18 -16.60 -12.81
C ASP D 167 -2.42 -16.74 -13.66
N PHE D 168 -3.58 -16.79 -12.99
CA PHE D 168 -4.79 -17.26 -13.64
C PHE D 168 -5.99 -16.67 -12.93
N GLN D 169 -7.15 -16.74 -13.59
CA GLN D 169 -8.34 -16.10 -13.08
C GLN D 169 -9.56 -16.66 -13.77
N ALA D 170 -10.73 -16.30 -13.21
CA ALA D 170 -12.04 -16.71 -13.68
C ALA D 170 -13.11 -16.10 -12.78
N LYS D 171 -14.34 -16.14 -13.25
CA LYS D 171 -15.48 -15.80 -12.44
C LYS D 171 -15.83 -17.04 -11.62
N LEU D 172 -16.40 -16.82 -10.43
CA LEU D 172 -16.76 -17.93 -9.56
C LEU D 172 -17.79 -18.82 -10.21
N GLY D 173 -17.57 -20.13 -10.18
CA GLY D 173 -18.53 -21.05 -10.78
C GLY D 173 -19.92 -20.85 -10.18
N ASP D 174 -20.96 -21.03 -11.02
CA ASP D 174 -22.36 -20.99 -10.58
C ASP D 174 -22.84 -22.37 -10.20
N GLY D 175 -22.49 -23.37 -11.00
CA GLY D 175 -22.76 -24.75 -10.65
C GLY D 175 -21.93 -25.20 -9.48
N PHE D 176 -22.27 -26.38 -8.97
CA PHE D 176 -21.73 -26.85 -7.70
C PHE D 176 -20.42 -27.61 -7.86
N GLU D 177 -19.64 -27.20 -8.87
CA GLU D 177 -18.34 -27.76 -9.18
C GLU D 177 -17.29 -26.69 -8.93
N GLY D 178 -16.15 -27.08 -8.36
CA GLY D 178 -14.97 -26.23 -8.38
C GLY D 178 -14.93 -25.20 -7.27
N PHE D 179 -14.52 -23.97 -7.60
CA PHE D 179 -14.63 -22.83 -6.71
C PHE D 179 -15.89 -22.06 -7.13
N TYR D 180 -16.87 -21.98 -6.23
CA TYR D 180 -18.18 -21.54 -6.66
C TYR D 180 -18.86 -20.69 -5.59
N LYS D 181 -19.97 -20.07 -6.01
CA LYS D 181 -20.81 -19.19 -5.23
C LYS D 181 -21.99 -19.94 -4.69
N SER D 182 -22.38 -19.58 -3.45
CA SER D 182 -23.59 -20.05 -2.79
C SER D 182 -24.08 -18.98 -1.82
N THR D 183 -25.39 -18.96 -1.60
CA THR D 183 -26.05 -17.96 -0.75
C THR D 183 -26.82 -18.65 0.40
N TYR D 184 -27.34 -17.80 1.29
CA TYR D 184 -28.21 -18.28 2.38
C TYR D 184 -29.08 -17.13 2.85
N ARG D 185 -30.18 -17.48 3.52
CA ARG D 185 -31.14 -16.51 4.06
C ARG D 185 -30.93 -16.38 5.56
N THR D 186 -30.95 -15.16 6.05
CA THR D 186 -30.83 -14.96 7.48
C THR D 186 -32.22 -14.89 8.12
N LEU D 187 -32.25 -14.94 9.46
CA LEU D 187 -33.50 -14.82 10.21
C LEU D 187 -34.26 -13.56 9.79
N GLY D 188 -33.55 -12.46 9.51
CA GLY D 188 -34.21 -11.28 8.99
C GLY D 188 -34.74 -11.47 7.59
N GLY D 189 -34.05 -12.26 6.77
CA GLY D 189 -34.39 -12.43 5.37
C GLY D 189 -33.29 -12.01 4.42
N GLU D 190 -32.17 -11.49 4.94
CA GLU D 190 -31.04 -11.11 4.11
C GLU D 190 -30.43 -12.32 3.43
N THR D 191 -29.84 -12.09 2.27
CA THR D 191 -29.08 -13.11 1.57
C THR D 191 -27.60 -12.78 1.71
N ARG D 192 -26.79 -13.78 2.06
CA ARG D 192 -25.35 -13.61 2.12
C ARG D 192 -24.68 -14.70 1.30
N ILE D 193 -23.67 -14.28 0.56
CA ILE D 193 -22.96 -15.09 -0.42
C ILE D 193 -21.72 -15.68 0.22
N LEU D 194 -21.39 -16.92 -0.11
CA LEU D 194 -20.10 -17.47 0.28
C LEU D 194 -19.46 -18.17 -0.90
N ALA D 195 -18.17 -18.40 -0.79
CA ALA D 195 -17.41 -19.14 -1.77
C ALA D 195 -16.88 -20.39 -1.09
N VAL D 196 -17.05 -21.55 -1.74
CA VAL D 196 -16.73 -22.85 -1.18
C VAL D 196 -16.17 -23.71 -2.31
N THR D 197 -15.47 -24.78 -1.97
CA THR D 197 -14.98 -25.71 -3.00
C THR D 197 -15.56 -27.13 -2.86
N ASP D 198 -15.87 -27.73 -4.01
CA ASP D 198 -15.98 -29.18 -4.10
C ASP D 198 -15.19 -29.63 -5.31
N PHE D 199 -14.16 -30.41 -5.06
CA PHE D 199 -13.31 -30.88 -6.12
C PHE D 199 -13.54 -32.33 -6.51
N GLU D 200 -13.96 -33.19 -5.57
CA GLU D 200 -14.10 -34.58 -5.94
C GLU D 200 -15.12 -34.70 -7.07
N PRO D 201 -14.80 -35.42 -8.16
CA PRO D 201 -13.51 -36.11 -8.28
C PRO D 201 -12.48 -35.40 -9.15
N THR D 202 -12.97 -34.75 -10.21
CA THR D 202 -12.12 -34.22 -11.25
C THR D 202 -12.17 -32.70 -11.36
N GLN D 203 -12.88 -32.03 -10.48
CA GLN D 203 -13.11 -30.58 -10.58
C GLN D 203 -12.09 -29.75 -9.82
N ALA D 204 -11.16 -30.37 -9.09
CA ALA D 204 -10.07 -29.60 -8.49
C ALA D 204 -9.37 -28.74 -9.52
N ARG D 205 -9.26 -29.24 -10.77
CA ARG D 205 -8.62 -28.56 -11.89
C ARG D 205 -9.40 -27.34 -12.36
N MET D 206 -10.65 -27.19 -11.96
CA MET D 206 -11.40 -26.00 -12.31
C MET D 206 -11.07 -24.81 -11.41
N ALA D 207 -10.24 -25.01 -10.39
CA ALA D 207 -9.90 -23.99 -9.43
C ALA D 207 -8.45 -23.56 -9.49
N PHE D 208 -7.57 -24.42 -9.93
CA PHE D 208 -6.18 -24.10 -10.18
C PHE D 208 -5.61 -25.19 -11.07
N PRO D 209 -4.84 -24.84 -12.10
CA PRO D 209 -4.18 -25.87 -12.89
C PRO D 209 -3.30 -26.70 -12.00
N CYS D 210 -3.28 -28.00 -12.25
CA CYS D 210 -2.66 -28.91 -11.31
C CYS D 210 -2.64 -30.31 -11.91
N PHE D 211 -1.77 -31.14 -11.36
CA PHE D 211 -1.78 -32.55 -11.69
C PHE D 211 -2.93 -33.14 -10.88
N ASP D 212 -4.14 -33.09 -11.48
CA ASP D 212 -5.39 -33.45 -10.84
C ASP D 212 -5.68 -34.95 -10.92
N GLU D 213 -4.67 -35.75 -10.87
CA GLU D 213 -4.90 -37.17 -10.68
C GLU D 213 -4.52 -37.56 -9.26
N PRO D 214 -5.28 -38.49 -8.67
CA PRO D 214 -5.17 -38.71 -7.22
C PRO D 214 -3.86 -39.34 -6.80
N LEU D 215 -3.03 -39.76 -7.75
CA LEU D 215 -1.71 -40.29 -7.45
C LEU D 215 -0.69 -39.17 -7.19
N PHE D 216 -0.83 -38.03 -7.87
CA PHE D 216 0.02 -36.86 -7.65
C PHE D 216 -0.39 -36.17 -6.35
N LYS D 217 0.31 -36.52 -5.29
CA LYS D 217 0.13 -35.94 -3.96
C LYS D 217 1.23 -34.91 -3.70
N ALA D 218 0.85 -33.79 -3.11
CA ALA D 218 1.82 -32.74 -2.81
C ALA D 218 1.45 -32.07 -1.50
N ASN D 219 2.35 -31.22 -1.01
CA ASN D 219 2.04 -30.32 0.09
C ASN D 219 1.37 -29.06 -0.48
N PHE D 220 0.48 -28.45 0.31
CA PHE D 220 -0.29 -27.30 -0.14
C PHE D 220 -0.18 -26.14 0.86
N SER D 221 0.56 -25.10 0.48
CA SER D 221 0.67 -23.86 1.24
C SER D 221 -0.23 -22.81 0.60
N ILE D 222 -1.27 -22.40 1.34
CA ILE D 222 -2.36 -21.60 0.80
C ILE D 222 -2.38 -20.22 1.48
N LYS D 223 -2.70 -19.18 0.70
CA LYS D 223 -2.91 -17.80 1.16
C LYS D 223 -4.21 -17.30 0.54
N ILE D 224 -5.03 -16.61 1.34
CA ILE D 224 -6.34 -16.15 0.88
C ILE D 224 -6.57 -14.70 1.31
N ARG D 225 -7.23 -13.94 0.44
CA ARG D 225 -7.44 -12.50 0.60
C ARG D 225 -8.92 -12.22 0.78
N ARG D 226 -9.26 -11.44 1.81
CA ARG D 226 -10.66 -11.36 2.21
C ARG D 226 -10.97 -9.95 2.70
N GLU D 227 -12.25 -9.57 2.59
CA GLU D 227 -12.70 -8.35 3.24
C GLU D 227 -12.71 -8.54 4.75
N SER D 228 -12.55 -7.42 5.46
CA SER D 228 -12.63 -7.44 6.92
C SER D 228 -13.90 -8.14 7.38
N ARG D 229 -14.99 -7.93 6.65
CA ARG D 229 -16.32 -8.45 6.95
C ARG D 229 -16.46 -9.94 6.73
N HIS D 230 -15.45 -10.63 6.20
CA HIS D 230 -15.48 -12.08 6.03
C HIS D 230 -14.40 -12.74 6.89
N ILE D 231 -14.53 -14.05 7.06
CA ILE D 231 -13.47 -14.93 7.57
C ILE D 231 -13.09 -15.91 6.46
N ALA D 232 -12.02 -16.68 6.68
CA ALA D 232 -11.51 -17.55 5.62
C ALA D 232 -10.92 -18.85 6.15
N LEU D 233 -11.54 -20.00 5.80
CA LEU D 233 -11.11 -21.33 6.22
C LEU D 233 -10.48 -22.10 5.07
N SER D 234 -9.63 -23.05 5.41
CA SER D 234 -9.09 -24.03 4.48
C SER D 234 -8.61 -25.23 5.30
N ASN D 235 -7.85 -26.13 4.66
CA ASN D 235 -7.58 -27.45 5.23
C ASN D 235 -6.95 -27.36 6.63
N MET D 236 -5.93 -26.52 6.79
CA MET D 236 -5.14 -26.40 8.02
C MET D 236 -5.59 -25.20 8.82
N PRO D 237 -5.09 -25.06 10.06
CA PRO D 237 -5.31 -23.80 10.79
C PRO D 237 -4.59 -22.64 10.12
N LYS D 238 -5.12 -21.46 10.33
CA LYS D 238 -4.47 -20.27 9.85
C LYS D 238 -3.39 -19.87 10.85
N VAL D 239 -2.18 -19.62 10.36
CA VAL D 239 -1.08 -19.19 11.23
C VAL D 239 -1.01 -17.66 11.29
N LYS D 240 -0.81 -17.03 10.14
CA LYS D 240 -0.59 -15.60 10.01
C LYS D 240 -1.79 -14.99 9.32
N THR D 241 -2.25 -13.84 9.81
CA THR D 241 -3.21 -13.02 9.06
C THR D 241 -2.76 -11.56 9.12
N ILE D 242 -2.22 -11.09 7.99
CA ILE D 242 -1.62 -9.77 7.86
C ILE D 242 -2.65 -8.81 7.30
N GLU D 243 -2.70 -7.60 7.86
CA GLU D 243 -3.42 -6.53 7.20
C GLU D 243 -2.66 -6.09 5.95
N LEU D 244 -3.36 -5.41 5.04
CA LEU D 244 -2.78 -4.84 3.84
C LEU D 244 -3.28 -3.41 3.67
N GLU D 245 -2.66 -2.65 2.76
CA GLU D 245 -2.93 -1.21 2.70
C GLU D 245 -4.38 -0.91 2.33
N GLY D 246 -5.04 -1.81 1.58
CA GLY D 246 -6.40 -1.54 1.16
C GLY D 246 -7.48 -1.71 2.20
N GLY D 247 -7.13 -2.04 3.43
CA GLY D 247 -8.09 -2.51 4.41
C GLY D 247 -8.46 -3.99 4.25
N LEU D 248 -7.90 -4.66 3.26
CA LEU D 248 -8.09 -6.08 3.06
C LEU D 248 -7.12 -6.85 3.93
N LEU D 249 -7.40 -8.14 4.11
CA LEU D 249 -6.55 -9.01 4.92
C LEU D 249 -6.22 -10.23 4.10
N GLU D 250 -4.98 -10.69 4.25
CA GLU D 250 -4.47 -11.91 3.63
C GLU D 250 -4.16 -12.90 4.74
N ASP D 251 -4.73 -14.11 4.64
CA ASP D 251 -4.63 -15.15 5.66
C ASP D 251 -3.71 -16.22 5.15
N HIS D 252 -2.69 -16.58 5.93
CA HIS D 252 -1.69 -17.57 5.54
C HIS D 252 -1.91 -18.84 6.36
N PHE D 253 -1.99 -19.98 5.69
CA PHE D 253 -2.39 -21.22 6.34
C PHE D 253 -1.21 -22.17 6.46
N GLU D 254 -1.21 -22.96 7.55
CA GLU D 254 -0.21 -24.00 7.75
C GLU D 254 -0.17 -24.91 6.53
N THR D 255 1.03 -25.29 6.10
CA THR D 255 1.15 -26.11 4.90
C THR D 255 0.74 -27.56 5.19
N THR D 256 -0.12 -28.13 4.34
CA THR D 256 -0.76 -29.45 4.56
C THR D 256 0.28 -30.56 4.55
N VAL D 257 -0.16 -31.78 4.88
CA VAL D 257 0.66 -32.95 4.59
C VAL D 257 0.54 -33.27 3.10
N LYS D 258 1.35 -34.22 2.60
CA LYS D 258 1.11 -34.75 1.27
C LYS D 258 -0.33 -35.26 1.19
N MET D 259 -1.01 -34.95 0.08
CA MET D 259 -2.41 -35.30 -0.11
C MET D 259 -2.79 -35.08 -1.57
N SER D 260 -3.89 -35.72 -1.97
CA SER D 260 -4.39 -35.68 -3.35
C SER D 260 -5.12 -34.38 -3.62
N THR D 261 -4.96 -33.86 -4.85
CA THR D 261 -5.45 -32.52 -5.20
C THR D 261 -6.95 -32.34 -4.96
N TYR D 262 -7.74 -33.41 -4.93
CA TYR D 262 -9.18 -33.20 -4.80
C TYR D 262 -9.64 -32.99 -3.38
N LEU D 263 -8.71 -33.04 -2.43
CA LEU D 263 -9.02 -32.78 -1.03
C LEU D 263 -8.68 -31.36 -0.60
N VAL D 264 -8.04 -30.57 -1.47
CA VAL D 264 -7.84 -29.16 -1.18
C VAL D 264 -9.19 -28.48 -1.03
N ALA D 265 -9.29 -27.59 -0.06
CA ALA D 265 -10.52 -26.83 0.09
C ALA D 265 -10.17 -25.46 0.60
N TYR D 266 -11.05 -24.49 0.30
CA TYR D 266 -11.04 -23.19 0.96
C TYR D 266 -12.42 -22.58 0.84
N ILE D 267 -12.71 -21.67 1.78
CA ILE D 267 -14.03 -21.09 1.94
C ILE D 267 -13.87 -19.64 2.39
N VAL D 268 -14.69 -18.76 1.84
CA VAL D 268 -14.86 -17.41 2.35
C VAL D 268 -16.33 -17.25 2.70
N CYS D 269 -16.60 -16.73 3.89
CA CYS D 269 -17.98 -16.57 4.37
C CYS D 269 -17.96 -15.72 5.64
N ASP D 270 -19.10 -15.64 6.29
CA ASP D 270 -19.21 -14.98 7.57
C ASP D 270 -19.84 -15.90 8.61
N PHE D 271 -19.41 -17.16 8.64
CA PHE D 271 -20.02 -18.13 9.53
C PHE D 271 -19.47 -18.01 10.96
N HIS D 272 -20.26 -18.50 11.91
CA HIS D 272 -19.88 -18.61 13.32
C HIS D 272 -19.55 -20.05 13.69
N SER D 273 -18.81 -20.19 14.77
CA SER D 273 -18.21 -21.45 15.15
C SER D 273 -18.82 -21.99 16.43
N LEU D 274 -18.71 -23.30 16.58
CA LEU D 274 -18.89 -23.96 17.86
C LEU D 274 -17.77 -24.98 17.98
N SER D 275 -16.81 -24.71 18.87
CA SER D 275 -15.63 -25.58 18.94
C SER D 275 -15.58 -26.37 20.24
N GLY D 276 -14.78 -27.43 20.19
CA GLY D 276 -14.53 -28.31 21.31
C GLY D 276 -13.19 -28.95 21.06
N PHE D 277 -12.70 -29.68 22.07
CA PHE D 277 -11.40 -30.34 21.95
C PHE D 277 -11.58 -31.82 22.28
N THR D 278 -10.88 -32.67 21.53
CA THR D 278 -10.91 -34.11 21.71
C THR D 278 -9.92 -34.52 22.79
N SER D 279 -9.89 -35.83 23.08
CA SER D 279 -8.88 -36.36 23.98
C SER D 279 -7.47 -35.98 23.53
N SER D 280 -7.14 -36.26 22.26
CA SER D 280 -5.79 -36.01 21.77
C SER D 280 -5.47 -34.54 21.55
N GLY D 281 -6.47 -33.68 21.41
CA GLY D 281 -6.27 -32.24 21.37
C GLY D 281 -6.44 -31.56 20.01
N VAL D 282 -7.20 -32.15 19.09
CA VAL D 282 -7.51 -31.50 17.81
C VAL D 282 -8.78 -30.66 17.98
N LYS D 283 -8.73 -29.41 17.51
CA LYS D 283 -9.82 -28.46 17.74
C LYS D 283 -10.92 -28.69 16.70
N VAL D 284 -12.00 -29.31 17.13
CA VAL D 284 -13.14 -29.58 16.28
C VAL D 284 -14.13 -28.44 16.42
N SER D 285 -14.47 -27.81 15.30
CA SER D 285 -15.39 -26.69 15.30
C SER D 285 -16.46 -26.93 14.25
N ILE D 286 -17.72 -26.72 14.63
CA ILE D 286 -18.83 -26.84 13.71
C ILE D 286 -19.20 -25.44 13.23
N TYR D 287 -19.07 -25.20 11.94
CA TYR D 287 -19.43 -23.92 11.35
C TYR D 287 -20.80 -24.00 10.68
N ALA D 288 -21.52 -22.89 10.69
CA ALA D 288 -22.88 -22.82 10.18
C ALA D 288 -23.28 -21.36 10.12
N SER D 289 -24.40 -21.09 9.44
CA SER D 289 -24.90 -19.74 9.32
C SER D 289 -24.94 -19.06 10.69
N PRO D 290 -24.51 -17.78 10.81
CA PRO D 290 -24.56 -17.11 12.12
C PRO D 290 -25.89 -17.28 12.83
N ASP D 291 -27.01 -17.26 12.09
CA ASP D 291 -28.36 -17.36 12.67
C ASP D 291 -28.78 -18.78 13.00
N LYS D 292 -28.07 -19.80 12.48
CA LYS D 292 -28.35 -21.20 12.82
C LYS D 292 -27.27 -21.84 13.69
N ARG D 293 -26.35 -21.05 14.29
CA ARG D 293 -25.27 -21.62 15.10
C ARG D 293 -25.79 -22.50 16.23
N ASN D 294 -26.95 -22.12 16.79
CA ASN D 294 -27.79 -22.86 17.72
C ASN D 294 -27.89 -24.36 17.46
N GLN D 295 -27.90 -24.76 16.17
CA GLN D 295 -28.20 -26.12 15.73
C GLN D 295 -26.99 -27.05 15.71
N THR D 296 -25.77 -26.50 15.73
CA THR D 296 -24.51 -27.23 15.64
C THR D 296 -24.23 -28.09 16.83
N HIS D 297 -25.12 -28.15 17.83
CA HIS D 297 -24.71 -28.68 19.12
C HIS D 297 -24.52 -30.19 19.08
N TYR D 298 -25.48 -30.90 18.50
CA TYR D 298 -25.35 -32.35 18.39
C TYR D 298 -24.16 -32.74 17.53
N ALA D 299 -24.03 -32.12 16.36
CA ALA D 299 -22.87 -32.34 15.49
C ALA D 299 -21.55 -32.09 16.20
N LEU D 300 -21.50 -31.14 17.15
CA LEU D 300 -20.26 -30.97 17.90
C LEU D 300 -20.05 -32.14 18.86
N GLN D 301 -21.09 -32.52 19.60
CA GLN D 301 -20.93 -33.60 20.57
C GLN D 301 -20.68 -34.93 19.87
N ALA D 302 -21.43 -35.21 18.80
CA ALA D 302 -21.36 -36.51 18.14
C ALA D 302 -20.03 -36.69 17.44
N SER D 303 -19.54 -35.63 16.82
CA SER D 303 -18.30 -35.77 16.09
C SER D 303 -17.14 -36.02 17.04
N LEU D 304 -17.22 -35.50 18.26
CA LEU D 304 -16.11 -35.64 19.17
C LEU D 304 -15.90 -37.10 19.57
N LYS D 305 -16.93 -37.76 20.10
CA LYS D 305 -16.75 -39.15 20.51
C LYS D 305 -16.50 -40.05 19.30
N LEU D 306 -16.98 -39.64 18.13
CA LEU D 306 -16.69 -40.34 16.89
C LEU D 306 -15.23 -40.24 16.54
N LEU D 307 -14.79 -39.01 16.23
CA LEU D 307 -13.38 -38.73 16.04
C LEU D 307 -12.49 -39.44 17.06
N ASP D 308 -12.87 -39.38 18.34
CA ASP D 308 -12.13 -40.11 19.37
C ASP D 308 -12.11 -41.61 19.07
N PHE D 309 -13.30 -42.19 18.83
CA PHE D 309 -13.40 -43.62 18.56
C PHE D 309 -12.49 -44.04 17.42
N TYR D 310 -12.50 -43.26 16.34
CA TYR D 310 -11.64 -43.56 15.21
C TYR D 310 -10.18 -43.60 15.64
N GLU D 311 -9.72 -42.55 16.32
CA GLU D 311 -8.31 -42.48 16.70
C GLU D 311 -7.90 -43.69 17.50
N LYS D 312 -8.84 -44.29 18.24
CA LYS D 312 -8.58 -45.56 18.91
C LYS D 312 -8.65 -46.72 17.94
N TYR D 313 -9.79 -46.90 17.27
CA TYR D 313 -10.03 -48.13 16.51
C TYR D 313 -8.97 -48.35 15.46
N PHE D 314 -8.53 -47.28 14.79
CA PHE D 314 -7.41 -47.38 13.87
C PHE D 314 -6.06 -47.32 14.59
N ASP D 315 -6.00 -46.66 15.75
CA ASP D 315 -4.74 -46.42 16.48
C ASP D 315 -3.74 -45.58 15.68
N ILE D 316 -4.26 -44.59 14.98
CA ILE D 316 -3.44 -43.58 14.33
C ILE D 316 -4.12 -42.25 14.64
N TYR D 317 -3.37 -41.34 15.24
CA TYR D 317 -3.96 -40.06 15.63
C TYR D 317 -4.30 -39.25 14.37
N TYR D 318 -5.34 -38.43 14.48
CA TYR D 318 -5.70 -37.49 13.43
C TYR D 318 -4.65 -36.40 13.35
N PRO D 319 -3.97 -36.22 12.20
CA PRO D 319 -2.70 -35.48 12.21
C PRO D 319 -2.82 -33.96 12.29
N LEU D 320 -3.94 -33.37 11.92
CA LEU D 320 -4.04 -31.92 11.90
C LEU D 320 -4.41 -31.37 13.28
N SER D 321 -3.99 -30.13 13.50
CA SER D 321 -4.27 -29.42 14.74
C SER D 321 -5.74 -29.02 14.89
N LYS D 322 -6.51 -28.99 13.81
CA LYS D 322 -7.93 -28.65 13.86
C LYS D 322 -8.67 -29.48 12.81
N LEU D 323 -9.98 -29.56 12.98
CA LEU D 323 -10.82 -30.24 12.01
C LEU D 323 -12.17 -29.57 12.05
N ASP D 324 -12.53 -28.88 10.97
CA ASP D 324 -13.77 -28.13 10.93
C ASP D 324 -14.79 -28.88 10.07
N LEU D 325 -16.05 -28.85 10.52
CA LEU D 325 -17.20 -29.34 9.76
C LEU D 325 -18.13 -28.16 9.60
N ILE D 326 -18.38 -27.77 8.35
CA ILE D 326 -19.15 -26.57 8.03
C ILE D 326 -20.42 -26.94 7.26
N ALA D 327 -21.54 -26.33 7.64
CA ALA D 327 -22.85 -26.61 7.02
C ALA D 327 -23.12 -25.62 5.90
N ILE D 328 -22.73 -26.00 4.69
CA ILE D 328 -22.97 -25.21 3.48
C ILE D 328 -24.42 -25.40 3.04
N PRO D 329 -25.20 -24.32 2.91
CA PRO D 329 -26.63 -24.51 2.67
C PRO D 329 -26.93 -25.00 1.28
N ASP D 330 -26.04 -24.78 0.32
CA ASP D 330 -26.32 -25.08 -1.08
C ASP D 330 -25.22 -25.99 -1.58
N PHE D 331 -25.27 -27.24 -1.15
CA PHE D 331 -24.22 -28.20 -1.43
C PHE D 331 -24.81 -29.34 -2.24
N ALA D 332 -24.32 -29.53 -3.45
CA ALA D 332 -24.77 -30.70 -4.22
C ALA D 332 -24.47 -32.00 -3.49
N PRO D 333 -23.21 -32.36 -3.22
CA PRO D 333 -22.96 -33.67 -2.60
C PRO D 333 -23.56 -33.72 -1.20
N GLY D 334 -23.88 -34.91 -0.75
CA GLY D 334 -24.42 -35.04 0.60
C GLY D 334 -23.51 -34.42 1.63
N ALA D 335 -22.20 -34.42 1.35
CA ALA D 335 -21.15 -33.87 2.18
C ALA D 335 -19.80 -34.20 1.53
N MET D 336 -18.78 -33.35 1.73
CA MET D 336 -17.47 -33.57 1.10
C MET D 336 -16.35 -33.65 2.14
N GLU D 337 -15.51 -34.68 2.01
CA GLU D 337 -14.61 -35.12 3.07
C GLU D 337 -13.25 -34.41 3.06
N ASN D 338 -13.20 -33.13 2.68
CA ASN D 338 -11.91 -32.44 2.61
C ASN D 338 -11.18 -32.53 3.93
N TRP D 339 -9.86 -32.73 3.86
CA TRP D 339 -9.04 -32.88 5.06
C TRP D 339 -9.11 -31.65 5.96
N GLY D 340 -9.63 -31.84 7.18
CA GLY D 340 -9.71 -30.79 8.16
C GLY D 340 -10.87 -29.81 8.00
N LEU D 341 -11.44 -29.72 6.80
CA LEU D 341 -12.50 -28.77 6.50
C LEU D 341 -13.59 -29.57 5.78
N ILE D 342 -14.50 -30.15 6.55
CA ILE D 342 -15.49 -31.08 6.02
C ILE D 342 -16.75 -30.31 5.70
N THR D 343 -17.22 -30.42 4.46
CA THR D 343 -18.37 -29.67 3.97
C THR D 343 -19.62 -30.53 3.92
N TYR D 344 -20.69 -30.05 4.58
CA TYR D 344 -21.96 -30.76 4.77
C TYR D 344 -23.15 -29.94 4.33
N ARG D 345 -24.14 -30.62 3.74
CA ARG D 345 -25.47 -30.05 3.62
C ARG D 345 -26.02 -29.75 5.00
N GLU D 346 -26.75 -28.64 5.12
CA GLU D 346 -27.41 -28.34 6.39
C GLU D 346 -28.22 -29.54 6.83
N THR D 347 -28.92 -30.19 5.89
CA THR D 347 -29.71 -31.38 6.20
C THR D 347 -28.87 -32.52 6.75
N SER D 348 -27.55 -32.49 6.56
CA SER D 348 -26.71 -33.63 6.92
C SER D 348 -25.79 -33.33 8.09
N LEU D 349 -25.92 -32.18 8.74
CA LEU D 349 -25.05 -31.86 9.86
C LEU D 349 -25.76 -31.11 10.99
N LEU D 350 -26.80 -30.35 10.69
CA LEU D 350 -27.46 -29.48 11.66
C LEU D 350 -28.63 -30.20 12.33
N PHE D 351 -28.98 -29.76 13.53
CA PHE D 351 -29.99 -30.51 14.28
C PHE D 351 -30.75 -29.60 15.22
N ASP D 352 -32.08 -29.68 15.14
CA ASP D 352 -32.99 -28.90 15.98
C ASP D 352 -33.99 -29.88 16.57
N PRO D 353 -34.07 -30.02 17.89
CA PRO D 353 -34.98 -31.03 18.46
C PRO D 353 -36.45 -30.75 18.16
N LYS D 354 -36.81 -29.50 17.85
CA LYS D 354 -38.21 -29.16 17.61
C LYS D 354 -38.70 -29.69 16.26
N THR D 355 -37.79 -29.89 15.32
CA THR D 355 -38.16 -30.14 13.94
C THR D 355 -37.38 -31.27 13.27
N SER D 356 -36.37 -31.82 13.93
CA SER D 356 -35.61 -32.92 13.36
C SER D 356 -36.12 -34.23 13.96
N SER D 357 -36.34 -35.22 13.09
CA SER D 357 -36.87 -36.50 13.52
C SER D 357 -35.80 -37.31 14.23
N ALA D 358 -36.25 -38.35 14.94
CA ALA D 358 -35.35 -39.41 15.39
C ALA D 358 -34.43 -39.87 14.26
N SER D 359 -35.02 -40.20 13.11
CA SER D 359 -34.24 -40.66 11.97
C SER D 359 -33.28 -39.59 11.48
N ASP D 360 -33.68 -38.32 11.57
CA ASP D 360 -32.77 -37.25 11.17
C ASP D 360 -31.54 -37.22 12.06
N LYS D 361 -31.68 -37.53 13.36
CA LYS D 361 -30.51 -37.66 14.22
C LYS D 361 -29.66 -38.84 13.78
N LEU D 362 -30.30 -39.98 13.56
CA LEU D 362 -29.59 -41.14 13.05
C LEU D 362 -28.85 -40.82 11.77
N TRP D 363 -29.40 -39.93 10.94
CA TRP D 363 -28.77 -39.64 9.66
C TRP D 363 -27.56 -38.72 9.82
N VAL D 364 -27.73 -37.61 10.55
CA VAL D 364 -26.59 -36.75 10.84
C VAL D 364 -25.43 -37.56 11.40
N THR D 365 -25.73 -38.40 12.39
CA THR D 365 -24.72 -39.26 13.00
C THR D 365 -23.96 -40.06 11.94
N ARG D 366 -24.70 -40.72 11.05
CA ARG D 366 -24.06 -41.61 10.08
C ARG D 366 -23.11 -40.85 9.19
N VAL D 367 -23.54 -39.69 8.67
CA VAL D 367 -22.72 -38.99 7.69
C VAL D 367 -21.55 -38.25 8.37
N ILE D 368 -21.77 -37.76 9.60
CA ILE D 368 -20.64 -37.33 10.42
C ILE D 368 -19.64 -38.47 10.56
N ALA D 369 -20.13 -39.64 11.01
CA ALA D 369 -19.29 -40.82 11.09
C ALA D 369 -18.72 -41.18 9.72
N HIS D 370 -19.55 -41.10 8.68
CA HIS D 370 -19.08 -41.44 7.34
C HIS D 370 -17.94 -40.53 6.95
N GLU D 371 -18.20 -39.23 6.89
CA GLU D 371 -17.18 -38.32 6.39
C GLU D 371 -15.94 -38.30 7.29
N LEU D 372 -16.09 -38.60 8.57
CA LEU D 372 -14.90 -38.69 9.43
C LEU D 372 -14.06 -39.92 9.07
N ALA D 373 -14.69 -41.11 9.01
CA ALA D 373 -13.94 -42.31 8.62
C ALA D 373 -13.14 -42.08 7.35
N HIS D 374 -13.53 -41.10 6.53
CA HIS D 374 -12.80 -40.78 5.31
C HIS D 374 -11.42 -40.20 5.62
N GLN D 375 -11.27 -39.58 6.81
CA GLN D 375 -10.03 -38.91 7.14
C GLN D 375 -8.88 -39.89 7.15
N TRP D 376 -9.15 -41.15 7.48
CA TRP D 376 -8.22 -42.26 7.31
C TRP D 376 -8.50 -42.99 6.00
N PHE D 377 -9.70 -43.58 5.88
CA PHE D 377 -10.12 -44.26 4.67
C PHE D 377 -10.41 -43.24 3.59
N GLY D 378 -9.35 -42.70 3.02
CA GLY D 378 -9.53 -41.80 1.90
C GLY D 378 -8.53 -40.67 1.83
N ASN D 379 -8.09 -40.15 2.97
CA ASN D 379 -7.12 -39.05 3.01
C ASN D 379 -5.73 -39.51 3.40
N LEU D 380 -5.61 -40.34 4.43
CA LEU D 380 -4.32 -40.94 4.71
C LEU D 380 -3.96 -41.95 3.63
N VAL D 381 -4.78 -42.98 3.46
CA VAL D 381 -4.62 -43.93 2.38
C VAL D 381 -5.63 -43.55 1.30
N THR D 382 -5.17 -43.44 0.04
CA THR D 382 -6.04 -43.07 -1.05
C THR D 382 -5.75 -43.88 -2.31
N MET D 383 -6.82 -44.23 -3.03
CA MET D 383 -6.73 -45.16 -4.15
C MET D 383 -5.88 -44.56 -5.26
N GLU D 384 -5.02 -45.40 -5.84
CA GLU D 384 -4.19 -44.93 -6.96
C GLU D 384 -5.04 -44.34 -8.07
N TRP D 385 -6.24 -44.87 -8.27
CA TRP D 385 -7.09 -44.43 -9.36
C TRP D 385 -8.55 -44.64 -8.99
N TRP D 386 -9.42 -43.92 -9.70
CA TRP D 386 -10.85 -43.99 -9.45
C TRP D 386 -11.43 -45.36 -9.73
N ASN D 387 -10.70 -46.24 -10.42
CA ASN D 387 -11.18 -47.61 -10.64
C ASN D 387 -11.45 -48.34 -9.33
N ASP D 388 -10.79 -47.94 -8.24
CA ASP D 388 -11.01 -48.53 -6.94
C ASP D 388 -11.50 -47.48 -5.96
N ILE D 389 -12.42 -46.61 -6.44
CA ILE D 389 -13.03 -45.62 -5.58
C ILE D 389 -13.72 -46.28 -4.39
N TRP D 390 -14.01 -47.58 -4.47
CA TRP D 390 -14.66 -48.24 -3.35
C TRP D 390 -13.75 -48.33 -2.13
N LEU D 391 -12.43 -48.28 -2.31
CA LEU D 391 -11.53 -48.36 -1.15
C LEU D 391 -11.79 -47.22 -0.18
N ASN D 392 -12.19 -46.06 -0.69
CA ASN D 392 -12.61 -44.93 0.14
C ASN D 392 -14.07 -45.04 0.56
N GLU D 393 -14.98 -45.12 -0.41
CA GLU D 393 -16.39 -45.03 -0.08
C GLU D 393 -16.92 -46.33 0.53
N GLY D 394 -16.57 -47.48 -0.05
CA GLY D 394 -17.00 -48.74 0.56
C GLY D 394 -16.65 -48.82 2.03
N PHE D 395 -15.44 -48.40 2.40
CA PHE D 395 -15.01 -48.51 3.79
C PHE D 395 -15.70 -47.47 4.66
N ALA D 396 -15.65 -46.20 4.22
CA ALA D 396 -16.32 -45.13 4.96
C ALA D 396 -17.76 -45.50 5.27
N LYS D 397 -18.48 -46.01 4.29
CA LYS D 397 -19.88 -46.37 4.52
C LYS D 397 -19.97 -47.48 5.54
N TYR D 398 -19.00 -48.39 5.53
CA TYR D 398 -19.00 -49.51 6.44
C TYR D 398 -18.61 -49.08 7.84
N MET D 399 -17.75 -48.06 7.94
CA MET D 399 -17.32 -47.61 9.25
C MET D 399 -18.45 -46.93 10.02
N GLU D 400 -19.39 -46.30 9.31
CA GLU D 400 -20.63 -45.90 9.95
C GLU D 400 -21.13 -47.05 10.83
N LEU D 401 -21.27 -48.23 10.23
CA LEU D 401 -21.87 -49.36 10.94
C LEU D 401 -21.13 -49.68 12.22
N ILE D 402 -19.81 -49.66 12.17
CA ILE D 402 -19.04 -49.98 13.36
C ILE D 402 -19.04 -48.80 14.32
N ALA D 403 -18.78 -47.60 13.78
CA ALA D 403 -18.52 -46.43 14.64
C ALA D 403 -19.80 -45.91 15.30
N VAL D 404 -20.90 -45.77 14.54
CA VAL D 404 -22.16 -45.38 15.15
C VAL D 404 -22.61 -46.43 16.16
N ASN D 405 -22.37 -47.71 15.85
CA ASN D 405 -22.78 -48.81 16.73
C ASN D 405 -22.00 -48.84 18.03
N ALA D 406 -20.73 -48.43 17.99
CA ALA D 406 -19.89 -48.39 19.18
C ALA D 406 -20.00 -47.08 19.95
N THR D 407 -20.19 -45.95 19.25
CA THR D 407 -20.23 -44.64 19.91
C THR D 407 -21.61 -44.25 20.35
N TYR D 408 -22.62 -44.70 19.62
CA TYR D 408 -24.01 -44.32 19.88
C TYR D 408 -24.86 -45.57 19.78
N PRO D 409 -24.62 -46.55 20.65
CA PRO D 409 -25.49 -47.74 20.65
C PRO D 409 -26.92 -47.37 20.92
N GLU D 410 -27.13 -46.23 21.59
CA GLU D 410 -28.42 -45.58 21.76
C GLU D 410 -29.28 -45.65 20.51
N LEU D 411 -28.66 -45.49 19.34
CA LEU D 411 -29.38 -45.25 18.08
C LEU D 411 -29.73 -46.53 17.32
N GLN D 412 -29.33 -47.70 17.81
CA GLN D 412 -29.71 -48.99 17.22
C GLN D 412 -29.49 -49.03 15.71
N PHE D 413 -28.30 -48.58 15.28
CA PHE D 413 -27.98 -48.57 13.85
C PHE D 413 -27.72 -49.98 13.32
N ASP D 414 -27.11 -50.83 14.15
CA ASP D 414 -26.78 -52.18 13.71
C ASP D 414 -28.00 -52.88 13.14
N ASP D 415 -29.16 -52.63 13.73
CA ASP D 415 -30.38 -53.29 13.26
C ASP D 415 -30.80 -52.81 11.88
N TYR D 416 -30.34 -51.66 11.47
CA TYR D 416 -30.77 -51.09 10.20
C TYR D 416 -29.84 -51.45 9.05
N PHE D 417 -28.58 -51.76 9.33
CA PHE D 417 -27.59 -51.87 8.28
C PHE D 417 -27.95 -52.91 7.23
N LEU D 418 -28.88 -53.83 7.52
CA LEU D 418 -29.28 -54.78 6.49
C LEU D 418 -29.94 -54.05 5.32
N ASN D 419 -30.73 -53.01 5.63
CA ASN D 419 -31.31 -52.20 4.58
C ASN D 419 -30.25 -51.70 3.61
N VAL D 420 -29.01 -51.55 4.06
CA VAL D 420 -27.96 -51.08 3.16
C VAL D 420 -27.81 -52.02 1.98
N CYS D 421 -27.78 -53.32 2.25
CA CYS D 421 -27.45 -54.29 1.22
C CYS D 421 -28.67 -54.75 0.45
N PHE D 422 -29.81 -54.88 1.12
CA PHE D 422 -31.06 -55.15 0.42
C PHE D 422 -31.28 -54.14 -0.70
N GLU D 423 -31.05 -52.84 -0.45
CA GLU D 423 -31.30 -51.86 -1.50
C GLU D 423 -30.36 -52.03 -2.66
N VAL D 424 -29.16 -52.59 -2.42
CA VAL D 424 -28.17 -52.79 -3.48
C VAL D 424 -28.29 -54.15 -4.16
N ILE D 425 -29.02 -55.10 -3.57
CA ILE D 425 -29.34 -56.32 -4.31
C ILE D 425 -30.25 -56.00 -5.48
N THR D 426 -31.13 -55.02 -5.31
CA THR D 426 -31.92 -54.47 -6.41
C THR D 426 -31.06 -54.25 -7.66
N LYS D 427 -29.99 -53.47 -7.51
CA LYS D 427 -29.10 -53.10 -8.61
C LYS D 427 -28.17 -54.24 -9.01
N ASP D 428 -27.67 -55.02 -8.05
CA ASP D 428 -26.71 -56.09 -8.34
C ASP D 428 -27.36 -57.33 -8.96
N SER D 429 -28.69 -57.44 -8.93
CA SER D 429 -29.40 -58.59 -9.50
C SER D 429 -29.46 -58.55 -11.01
N LEU D 430 -29.53 -57.36 -11.59
CA LEU D 430 -29.68 -57.18 -13.01
C LEU D 430 -28.34 -57.32 -13.74
N ASN D 431 -28.41 -57.69 -15.03
CA ASN D 431 -27.24 -57.63 -15.89
C ASN D 431 -26.76 -56.20 -16.09
N SER D 432 -27.54 -55.21 -15.64
CA SER D 432 -27.11 -53.81 -15.73
C SER D 432 -25.95 -53.52 -14.79
N SER D 433 -25.82 -54.28 -13.70
CA SER D 433 -24.82 -54.00 -12.67
C SER D 433 -23.41 -54.16 -13.21
N ARG D 434 -22.49 -53.45 -12.57
CA ARG D 434 -21.06 -53.54 -12.80
C ARG D 434 -20.38 -54.22 -11.62
N PRO D 435 -19.11 -54.55 -11.76
CA PRO D 435 -18.35 -55.04 -10.59
C PRO D 435 -17.92 -53.90 -9.68
N ILE D 436 -17.59 -54.26 -8.43
CA ILE D 436 -17.14 -53.29 -7.43
C ILE D 436 -15.95 -52.49 -7.94
N SER D 437 -15.15 -53.08 -8.83
CA SER D 437 -14.02 -52.40 -9.46
C SER D 437 -14.09 -52.59 -10.97
N LYS D 438 -14.09 -51.48 -11.70
CA LYS D 438 -14.29 -51.35 -13.13
C LYS D 438 -13.38 -50.24 -13.61
N PRO D 439 -12.87 -50.32 -14.83
CA PRO D 439 -12.02 -49.21 -15.32
C PRO D 439 -12.87 -48.01 -15.71
N ALA D 440 -12.37 -46.82 -15.39
CA ALA D 440 -13.07 -45.61 -15.79
C ALA D 440 -12.03 -44.55 -16.10
N GLU D 441 -12.37 -43.68 -17.05
CA GLU D 441 -11.38 -42.72 -17.49
C GLU D 441 -11.97 -41.37 -17.84
N THR D 442 -13.22 -41.28 -18.34
CA THR D 442 -13.81 -39.99 -18.70
C THR D 442 -14.02 -39.16 -17.43
N PRO D 443 -14.07 -37.84 -17.53
CA PRO D 443 -14.56 -37.05 -16.40
C PRO D 443 -15.91 -37.54 -15.91
N THR D 444 -16.76 -37.94 -16.86
CA THR D 444 -18.12 -38.35 -16.58
C THR D 444 -18.23 -39.85 -16.29
N GLN D 445 -17.24 -40.65 -16.69
CA GLN D 445 -17.22 -42.05 -16.26
C GLN D 445 -16.92 -42.15 -14.77
N ILE D 446 -15.94 -41.39 -14.29
CA ILE D 446 -15.51 -41.47 -12.89
C ILE D 446 -16.66 -41.18 -11.95
N GLN D 447 -17.41 -40.10 -12.22
CA GLN D 447 -18.58 -39.80 -11.40
C GLN D 447 -19.54 -41.00 -11.31
N GLU D 448 -19.79 -41.69 -12.42
CA GLU D 448 -20.62 -42.87 -12.36
C GLU D 448 -20.09 -43.90 -11.35
N MET D 449 -18.77 -43.88 -11.08
CA MET D 449 -18.20 -44.86 -10.16
C MET D 449 -18.77 -44.70 -8.75
N PHE D 450 -19.16 -43.49 -8.36
CA PHE D 450 -19.75 -43.27 -7.04
C PHE D 450 -21.23 -43.66 -7.10
N ASP D 451 -21.50 -44.96 -7.15
CA ASP D 451 -22.86 -45.47 -7.22
C ASP D 451 -23.15 -46.33 -6.00
N GLU D 452 -24.32 -46.94 -5.96
CA GLU D 452 -24.65 -47.82 -4.85
C GLU D 452 -23.75 -49.06 -4.80
N VAL D 453 -23.07 -49.39 -5.89
CA VAL D 453 -22.22 -50.58 -5.90
C VAL D 453 -20.91 -50.29 -5.19
N SER D 454 -20.24 -49.18 -5.55
CA SER D 454 -19.04 -48.75 -4.83
C SER D 454 -19.29 -48.68 -3.32
N TYR D 455 -20.37 -48.01 -2.91
CA TYR D 455 -20.64 -47.76 -1.51
C TYR D 455 -21.21 -49.00 -0.81
N ASN D 456 -22.38 -49.45 -1.24
CA ASN D 456 -23.13 -50.48 -0.51
C ASN D 456 -22.48 -51.84 -0.64
N LYS D 457 -22.39 -52.39 -1.87
CA LYS D 457 -21.82 -53.72 -2.03
C LYS D 457 -20.36 -53.75 -1.55
N GLY D 458 -19.62 -52.67 -1.78
CA GLY D 458 -18.32 -52.54 -1.15
C GLY D 458 -18.35 -52.55 0.37
N ALA D 459 -19.44 -52.04 0.97
CA ALA D 459 -19.56 -52.09 2.43
C ALA D 459 -20.01 -53.46 2.93
N CYS D 460 -20.90 -54.14 2.20
CA CYS D 460 -21.43 -55.43 2.66
C CYS D 460 -20.45 -56.57 2.39
N ILE D 461 -19.74 -56.54 1.26
CA ILE D 461 -18.67 -57.52 1.06
C ILE D 461 -17.58 -57.28 2.08
N LEU D 462 -17.37 -56.02 2.46
CA LEU D 462 -16.50 -55.77 3.59
C LEU D 462 -17.03 -56.45 4.85
N ASN D 463 -18.34 -56.29 5.13
CA ASN D 463 -18.86 -56.87 6.36
C ASN D 463 -19.02 -58.38 6.27
N MET D 464 -19.18 -58.93 5.07
CA MET D 464 -19.15 -60.38 4.94
C MET D 464 -17.81 -60.92 5.43
N LEU D 465 -16.73 -60.19 5.15
CA LEU D 465 -15.41 -60.63 5.54
C LEU D 465 -15.18 -60.50 7.04
N LYS D 466 -15.51 -59.32 7.61
CA LYS D 466 -15.41 -59.18 9.07
C LYS D 466 -16.12 -60.33 9.79
N ASP D 467 -17.31 -60.69 9.31
CA ASP D 467 -18.02 -61.86 9.84
C ASP D 467 -17.15 -63.10 9.76
N PHE D 468 -16.43 -63.26 8.64
CA PHE D 468 -15.65 -64.46 8.32
C PHE D 468 -14.33 -64.49 9.09
N LEU D 469 -13.68 -63.35 9.25
CA LEU D 469 -12.38 -63.25 9.92
C LEU D 469 -12.57 -62.79 11.36
N GLY D 470 -11.50 -62.84 12.14
CA GLY D 470 -11.61 -62.42 13.53
C GLY D 470 -12.02 -60.96 13.68
N GLU D 471 -13.03 -60.68 14.51
CA GLU D 471 -13.48 -59.30 14.69
C GLU D 471 -12.35 -58.39 15.20
N GLU D 472 -11.44 -58.93 16.01
CA GLU D 472 -10.20 -58.24 16.31
C GLU D 472 -9.17 -58.49 15.22
N LYS D 473 -9.16 -59.69 14.65
CA LYS D 473 -8.28 -59.97 13.52
C LYS D 473 -8.62 -59.09 12.31
N PHE D 474 -9.91 -58.77 12.12
CA PHE D 474 -10.31 -57.84 11.06
C PHE D 474 -9.93 -56.41 11.43
N GLN D 475 -10.14 -56.03 12.70
CA GLN D 475 -9.62 -54.75 13.18
C GLN D 475 -8.12 -54.67 12.96
N LYS D 476 -7.39 -55.68 13.45
CA LYS D 476 -5.92 -55.67 13.38
C LYS D 476 -5.45 -55.39 11.96
N GLY D 477 -6.02 -56.08 10.97
CA GLY D 477 -5.59 -55.92 9.59
C GLY D 477 -5.90 -54.56 9.01
N ILE D 478 -6.93 -53.89 9.55
CA ILE D 478 -7.22 -52.52 9.13
C ILE D 478 -6.07 -51.59 9.48
N ILE D 479 -5.58 -51.68 10.73
CA ILE D 479 -4.51 -50.79 11.18
C ILE D 479 -3.23 -50.99 10.38
N GLN D 480 -2.85 -52.24 10.10
CA GLN D 480 -1.70 -52.50 9.23
C GLN D 480 -1.86 -51.73 7.92
N TYR D 481 -2.97 -51.96 7.23
CA TYR D 481 -3.27 -51.30 5.97
C TYR D 481 -3.12 -49.79 6.06
N LEU D 482 -3.60 -49.18 7.14
CA LEU D 482 -3.62 -47.73 7.18
C LEU D 482 -2.23 -47.17 7.43
N LYS D 483 -1.42 -47.87 8.22
CA LYS D 483 -0.05 -47.40 8.43
C LYS D 483 0.89 -47.87 7.30
N LYS D 484 0.66 -49.06 6.73
CA LYS D 484 1.45 -49.50 5.58
C LYS D 484 1.31 -48.58 4.38
N PHE D 485 0.28 -47.72 4.31
CA PHE D 485 0.09 -46.84 3.17
C PHE D 485 -0.31 -45.44 3.60
N SER D 486 0.12 -45.03 4.78
CA SER D 486 -0.13 -43.67 5.24
C SER D 486 0.55 -42.66 4.32
N TYR D 487 -0.20 -41.62 3.96
CA TYR D 487 0.28 -40.51 3.13
C TYR D 487 0.63 -40.95 1.73
N ARG D 488 0.04 -42.05 1.29
CA ARG D 488 0.46 -42.76 0.09
C ARG D 488 -0.79 -43.14 -0.70
N ASN D 489 -0.59 -44.06 -1.64
CA ASN D 489 -1.67 -44.55 -2.48
C ASN D 489 -1.64 -46.06 -2.58
N ALA D 490 -2.83 -46.65 -2.69
CA ALA D 490 -3.04 -48.09 -2.58
C ALA D 490 -4.16 -48.50 -3.54
N LYS D 491 -3.91 -49.47 -4.43
CA LYS D 491 -4.98 -49.98 -5.29
C LYS D 491 -5.63 -51.20 -4.65
N ASN D 492 -6.29 -52.03 -5.45
CA ASN D 492 -7.19 -53.04 -4.89
C ASN D 492 -6.42 -54.07 -4.06
N ASP D 493 -5.40 -54.69 -4.65
CA ASP D 493 -4.69 -55.76 -3.96
C ASP D 493 -3.72 -55.25 -2.90
N ASP D 494 -3.57 -53.94 -2.75
CA ASP D 494 -2.81 -53.41 -1.63
C ASP D 494 -3.53 -53.72 -0.31
N LEU D 495 -4.86 -53.69 -0.34
CA LEU D 495 -5.67 -53.87 0.86
C LEU D 495 -5.90 -55.33 1.19
N TRP D 496 -6.34 -56.12 0.21
CA TRP D 496 -6.60 -57.51 0.50
C TRP D 496 -5.35 -58.21 1.02
N SER D 497 -4.17 -57.78 0.59
CA SER D 497 -2.93 -58.35 1.10
C SER D 497 -2.61 -57.88 2.51
N SER D 498 -3.09 -56.70 2.92
CA SER D 498 -2.83 -56.23 4.27
C SER D 498 -3.79 -56.85 5.28
N LEU D 499 -4.87 -57.47 4.83
CA LEU D 499 -5.80 -58.15 5.73
C LEU D 499 -5.50 -59.64 5.89
N SER D 500 -4.89 -60.29 4.89
CA SER D 500 -4.60 -61.73 4.95
C SER D 500 -3.43 -62.08 5.86
N ASN D 501 -2.40 -61.22 5.92
CA ASN D 501 -1.27 -61.41 6.81
C ASN D 501 -1.49 -60.64 8.10
N SER D 502 -2.44 -61.14 8.90
CA SER D 502 -2.78 -60.54 10.18
C SER D 502 -3.10 -61.62 11.22
N ASN D 531 -3.39 -68.64 4.18
CA ASN D 531 -3.69 -67.22 4.37
C ASN D 531 -3.98 -66.54 3.05
N ALA D 532 -3.54 -67.15 1.95
CA ALA D 532 -3.81 -66.65 0.60
C ALA D 532 -5.17 -67.08 0.07
N GLU D 533 -5.98 -67.74 0.90
CA GLU D 533 -7.32 -68.17 0.50
C GLU D 533 -8.21 -66.96 0.19
N VAL D 534 -8.31 -66.03 1.14
CA VAL D 534 -9.31 -64.95 1.08
C VAL D 534 -8.95 -63.89 0.05
N LYS D 535 -7.69 -63.80 -0.38
CA LYS D 535 -7.38 -62.96 -1.53
C LYS D 535 -7.97 -63.54 -2.81
N GLU D 536 -8.01 -64.88 -2.93
CA GLU D 536 -8.73 -65.51 -4.03
C GLU D 536 -10.24 -65.36 -3.86
N MET D 537 -10.72 -65.52 -2.62
CA MET D 537 -12.16 -65.39 -2.36
C MET D 537 -12.65 -63.98 -2.65
N MET D 538 -11.87 -62.97 -2.30
CA MET D 538 -12.30 -61.59 -2.57
C MET D 538 -12.17 -61.21 -4.04
N THR D 539 -11.37 -61.94 -4.81
CA THR D 539 -11.29 -61.65 -6.23
C THR D 539 -12.60 -61.95 -6.96
N THR D 540 -13.42 -62.88 -6.44
CA THR D 540 -14.72 -63.19 -7.03
C THR D 540 -15.77 -62.13 -6.75
N TRP D 541 -15.71 -61.42 -5.62
CA TRP D 541 -16.66 -60.35 -5.29
C TRP D 541 -16.18 -58.98 -5.72
N THR D 542 -14.92 -58.84 -6.11
CA THR D 542 -14.33 -57.55 -6.42
C THR D 542 -14.09 -57.33 -7.91
N LEU D 543 -14.16 -58.36 -8.74
CA LEU D 543 -13.83 -58.20 -10.15
C LEU D 543 -14.83 -58.87 -11.08
N GLN D 544 -15.94 -59.37 -10.57
CA GLN D 544 -17.01 -59.92 -11.39
C GLN D 544 -18.30 -59.45 -10.73
N LYS D 545 -19.31 -59.20 -11.55
CA LYS D 545 -20.45 -58.45 -11.02
C LYS D 545 -21.46 -59.41 -10.42
N GLY D 546 -22.56 -58.85 -9.93
CA GLY D 546 -23.72 -59.65 -9.61
C GLY D 546 -23.69 -60.24 -8.21
N ILE D 547 -24.76 -60.98 -7.91
CA ILE D 547 -25.02 -61.56 -6.60
C ILE D 547 -25.28 -63.06 -6.73
N PRO D 548 -24.55 -63.92 -6.03
CA PRO D 548 -24.83 -65.35 -6.16
C PRO D 548 -26.13 -65.69 -5.44
N LEU D 549 -26.78 -66.72 -5.96
CA LEU D 549 -27.92 -67.35 -5.32
C LEU D 549 -27.55 -68.80 -5.07
N LEU D 550 -27.80 -69.29 -3.87
CA LEU D 550 -27.58 -70.70 -3.55
C LEU D 550 -28.90 -71.34 -3.21
N VAL D 551 -29.12 -72.51 -3.79
CA VAL D 551 -30.37 -73.25 -3.69
C VAL D 551 -30.13 -74.45 -2.77
N VAL D 552 -31.13 -74.80 -1.96
CA VAL D 552 -31.03 -75.98 -1.12
C VAL D 552 -32.26 -76.86 -1.28
N LYS D 553 -32.02 -78.17 -1.30
CA LYS D 553 -33.05 -79.19 -1.32
C LYS D 553 -32.50 -80.34 -0.50
N GLN D 554 -33.28 -80.84 0.44
CA GLN D 554 -32.80 -81.80 1.44
C GLN D 554 -33.42 -83.17 1.20
N ASP D 555 -32.58 -84.16 0.90
CA ASP D 555 -33.00 -85.58 0.78
C ASP D 555 -32.70 -86.32 2.08
N GLY D 556 -33.47 -85.99 3.11
CA GLY D 556 -33.21 -86.49 4.45
C GLY D 556 -32.17 -85.68 5.20
N CYS D 557 -30.98 -86.25 5.38
CA CYS D 557 -29.91 -85.60 6.13
C CYS D 557 -28.97 -84.81 5.23
N SER D 558 -28.66 -85.33 4.04
CA SER D 558 -27.73 -84.66 3.14
C SER D 558 -28.44 -83.49 2.47
N LEU D 559 -27.96 -82.27 2.72
CA LEU D 559 -28.39 -81.07 1.99
C LEU D 559 -27.44 -80.89 0.81
N ARG D 560 -27.98 -80.63 -0.37
CA ARG D 560 -27.15 -80.44 -1.56
C ARG D 560 -27.21 -79.01 -2.06
N LEU D 561 -26.04 -78.48 -2.41
CA LEU D 561 -25.86 -77.09 -2.79
C LEU D 561 -25.94 -76.90 -4.29
N GLN D 562 -26.39 -75.71 -4.68
CA GLN D 562 -26.19 -75.18 -6.01
C GLN D 562 -25.83 -73.72 -5.87
N GLN D 563 -25.14 -73.18 -6.87
CA GLN D 563 -24.86 -71.75 -6.91
C GLN D 563 -25.11 -71.24 -8.32
N GLU D 564 -25.81 -70.13 -8.43
CA GLU D 564 -26.17 -69.57 -9.72
C GLU D 564 -25.86 -68.09 -9.69
N ARG D 565 -26.18 -67.41 -10.79
CA ARG D 565 -26.32 -65.97 -10.77
C ARG D 565 -27.78 -65.66 -10.46
N PHE D 566 -28.02 -64.86 -9.44
CA PHE D 566 -29.37 -64.40 -9.15
C PHE D 566 -29.76 -63.34 -10.19
N LEU D 567 -30.97 -63.46 -10.74
CA LEU D 567 -31.42 -62.54 -11.79
C LEU D 567 -32.89 -62.24 -11.64
N GLN D 568 -33.27 -61.03 -12.08
CA GLN D 568 -34.63 -60.52 -11.97
C GLN D 568 -35.15 -60.01 -13.31
N GLY D 569 -36.40 -60.36 -13.60
CA GLY D 569 -37.01 -60.13 -14.88
C GLY D 569 -37.04 -61.36 -15.75
N VAL D 570 -35.99 -62.18 -15.69
CA VAL D 570 -35.79 -63.35 -16.55
C VAL D 570 -36.03 -64.62 -15.74
N PHE D 571 -36.94 -65.48 -16.23
CA PHE D 571 -37.19 -66.80 -15.67
C PHE D 571 -36.07 -67.76 -16.10
N GLN D 572 -36.05 -68.94 -15.48
CA GLN D 572 -34.94 -69.86 -15.72
C GLN D 572 -35.13 -70.69 -16.98
N GLU D 573 -36.35 -70.70 -17.55
CA GLU D 573 -36.62 -71.40 -18.79
C GLU D 573 -36.01 -70.69 -20.01
N ASP D 574 -35.60 -69.38 -19.86
CA ASP D 574 -35.08 -68.58 -20.98
C ASP D 574 -33.65 -69.01 -21.34
N PRO D 575 -33.32 -69.10 -22.63
CA PRO D 575 -31.91 -69.26 -23.00
C PRO D 575 -31.06 -68.05 -22.64
N GLU D 576 -31.66 -66.86 -22.57
CA GLU D 576 -30.96 -65.68 -22.08
C GLU D 576 -30.62 -65.76 -20.60
N TRP D 577 -31.07 -66.81 -19.91
CA TRP D 577 -30.61 -67.06 -18.56
C TRP D 577 -29.26 -67.77 -18.56
N ARG D 578 -29.12 -68.84 -19.37
CA ARG D 578 -27.92 -69.65 -19.33
CA ARG D 578 -27.92 -69.65 -19.33
C ARG D 578 -26.68 -68.86 -19.75
N ALA D 579 -26.85 -67.84 -20.60
CA ALA D 579 -25.72 -67.07 -21.10
C ALA D 579 -25.10 -66.13 -20.05
N LEU D 580 -25.78 -65.85 -18.94
CA LEU D 580 -25.24 -64.94 -17.93
C LEU D 580 -24.43 -65.64 -16.85
N GLN D 581 -24.58 -66.96 -16.69
CA GLN D 581 -23.75 -67.75 -15.76
C GLN D 581 -22.53 -68.34 -16.44
N GLU D 582 -22.08 -67.75 -17.55
CA GLU D 582 -21.04 -68.38 -18.36
C GLU D 582 -19.72 -68.48 -17.60
N ARG D 583 -19.39 -67.46 -16.82
CA ARG D 583 -18.10 -67.44 -16.12
C ARG D 583 -18.29 -66.86 -14.72
N TYR D 584 -19.41 -67.17 -14.08
CA TYR D 584 -19.81 -66.54 -12.81
C TYR D 584 -19.75 -67.57 -11.68
N LEU D 585 -18.59 -67.68 -11.06
CA LEU D 585 -18.39 -68.50 -9.87
C LEU D 585 -18.00 -67.62 -8.69
N TRP D 586 -18.60 -67.85 -7.53
CA TRP D 586 -18.25 -67.12 -6.32
C TRP D 586 -17.63 -68.03 -5.28
N HIS D 587 -16.67 -67.47 -4.53
CA HIS D 587 -16.14 -68.10 -3.32
C HIS D 587 -16.98 -67.66 -2.13
N ILE D 588 -18.21 -68.17 -2.11
CA ILE D 588 -19.21 -67.83 -1.10
C ILE D 588 -18.80 -68.42 0.24
N PRO D 589 -18.50 -67.62 1.25
CA PRO D 589 -18.31 -68.17 2.60
C PRO D 589 -19.67 -68.38 3.25
N LEU D 590 -20.08 -69.63 3.39
CA LEU D 590 -21.44 -69.91 3.81
C LEU D 590 -21.54 -70.02 5.33
N THR D 591 -22.71 -69.63 5.85
CA THR D 591 -23.11 -69.78 7.25
C THR D 591 -24.51 -70.38 7.30
N TYR D 592 -24.79 -71.26 8.26
CA TYR D 592 -26.14 -71.79 8.41
C TYR D 592 -26.29 -72.52 9.74
N SER D 593 -27.54 -72.86 10.05
CA SER D 593 -27.86 -73.58 11.27
C SER D 593 -29.27 -74.15 11.14
N THR D 594 -29.63 -74.98 12.12
CA THR D 594 -30.98 -75.51 12.28
C THR D 594 -31.45 -75.31 13.71
N SER D 595 -32.62 -75.87 14.03
CA SER D 595 -33.16 -75.73 15.39
C SER D 595 -32.29 -76.45 16.43
N SER D 596 -31.82 -77.66 16.10
CA SER D 596 -31.07 -78.42 17.10
C SER D 596 -29.65 -77.89 17.27
N SER D 597 -29.03 -77.44 16.17
CA SER D 597 -27.61 -77.08 16.18
C SER D 597 -27.35 -75.88 17.08
N ASN D 598 -28.17 -74.83 16.95
CA ASN D 598 -28.07 -73.58 17.66
C ASN D 598 -26.85 -72.74 17.27
N VAL D 599 -25.70 -73.36 17.01
CA VAL D 599 -24.50 -72.64 16.60
C VAL D 599 -24.20 -73.00 15.14
N ILE D 600 -23.26 -72.26 14.55
CA ILE D 600 -23.24 -71.99 13.12
C ILE D 600 -22.02 -72.63 12.47
N HIS D 601 -22.27 -73.52 11.51
CA HIS D 601 -21.22 -74.19 10.75
C HIS D 601 -20.66 -73.26 9.67
N ARG D 602 -19.51 -73.63 9.09
CA ARG D 602 -18.90 -72.87 8.01
C ARG D 602 -18.32 -73.81 6.96
N HIS D 603 -18.52 -73.45 5.69
CA HIS D 603 -18.05 -74.26 4.55
C HIS D 603 -17.94 -73.34 3.34
N ILE D 604 -16.71 -72.97 2.98
CA ILE D 604 -16.49 -72.00 1.92
C ILE D 604 -16.71 -72.68 0.58
N LEU D 605 -17.75 -72.27 -0.13
CA LEU D 605 -18.05 -72.88 -1.41
C LEU D 605 -17.06 -72.37 -2.44
N LYS D 606 -16.40 -73.30 -3.13
CA LYS D 606 -15.46 -72.94 -4.19
C LYS D 606 -15.81 -73.58 -5.53
N SER D 607 -16.91 -74.33 -5.63
CA SER D 607 -17.28 -74.97 -6.87
C SER D 607 -18.76 -74.76 -7.15
N LYS D 608 -19.18 -75.10 -8.38
CA LYS D 608 -20.59 -74.96 -8.76
C LYS D 608 -21.50 -75.71 -7.80
N THR D 609 -21.11 -76.90 -7.39
CA THR D 609 -21.92 -77.71 -6.49
C THR D 609 -21.04 -78.31 -5.40
N ASP D 610 -21.71 -78.64 -4.30
CA ASP D 610 -21.23 -79.58 -3.29
C ASP D 610 -22.47 -80.01 -2.50
N THR D 611 -22.27 -80.92 -1.56
CA THR D 611 -23.36 -81.33 -0.67
C THR D 611 -22.81 -81.45 0.74
N LEU D 612 -23.61 -81.04 1.71
CA LEU D 612 -23.19 -80.93 3.10
C LEU D 612 -23.80 -82.09 3.88
N ASP D 613 -22.94 -82.93 4.45
CA ASP D 613 -23.40 -84.15 5.13
C ASP D 613 -23.60 -83.86 6.63
N LEU D 614 -24.69 -83.14 6.90
CA LEU D 614 -25.11 -82.85 8.26
C LEU D 614 -25.66 -84.11 8.91
N PRO D 615 -25.55 -84.25 10.21
CA PRO D 615 -26.04 -85.49 10.85
C PRO D 615 -27.40 -85.39 11.52
N GLU D 616 -27.82 -84.19 11.95
CA GLU D 616 -28.94 -84.09 12.88
C GLU D 616 -30.31 -84.25 12.20
N LYS D 617 -30.38 -84.08 10.88
CA LYS D 617 -31.58 -84.27 10.05
C LYS D 617 -32.89 -83.83 10.73
N THR D 618 -33.11 -82.51 10.83
CA THR D 618 -34.24 -81.93 11.53
C THR D 618 -35.26 -81.35 10.54
N SER D 619 -36.24 -80.63 11.08
CA SER D 619 -37.38 -80.15 10.28
C SER D 619 -36.91 -79.26 9.13
N TRP D 620 -36.27 -78.15 9.46
CA TRP D 620 -35.80 -77.22 8.46
C TRP D 620 -34.34 -76.85 8.71
N VAL D 621 -33.74 -76.23 7.70
CA VAL D 621 -32.42 -75.65 7.81
C VAL D 621 -32.46 -74.24 7.23
N LYS D 622 -31.78 -73.30 7.88
CA LYS D 622 -31.72 -71.92 7.44
C LYS D 622 -30.27 -71.56 7.15
N PHE D 623 -29.97 -71.30 5.88
CA PHE D 623 -28.67 -70.79 5.44
C PHE D 623 -28.60 -69.29 5.62
N ASN D 624 -27.37 -68.78 5.73
CA ASN D 624 -27.09 -67.35 5.88
C ASN D 624 -27.58 -66.81 7.22
N VAL D 625 -26.82 -67.08 8.29
CA VAL D 625 -27.25 -66.67 9.63
C VAL D 625 -27.10 -65.16 9.78
N ASP D 626 -28.11 -64.53 10.39
CA ASP D 626 -28.23 -63.08 10.53
C ASP D 626 -28.31 -62.37 9.19
N SER D 627 -28.29 -63.15 8.10
CA SER D 627 -28.22 -62.65 6.73
C SER D 627 -26.97 -61.80 6.50
N ASN D 628 -25.84 -62.23 7.09
CA ASN D 628 -24.59 -61.48 7.12
C ASN D 628 -23.70 -61.75 5.93
N GLY D 629 -24.00 -62.74 5.11
CA GLY D 629 -23.25 -63.01 3.90
C GLY D 629 -24.04 -62.57 2.68
N TYR D 630 -23.34 -61.90 1.76
CA TYR D 630 -23.96 -61.27 0.59
C TYR D 630 -24.25 -62.34 -0.47
N TYR D 631 -25.30 -63.12 -0.21
CA TYR D 631 -25.83 -64.11 -1.14
C TYR D 631 -27.29 -64.32 -0.78
N ILE D 632 -28.00 -65.01 -1.65
CA ILE D 632 -29.41 -65.29 -1.43
C ILE D 632 -29.59 -66.80 -1.31
N VAL D 633 -30.41 -67.23 -0.37
CA VAL D 633 -30.71 -68.64 -0.20
C VAL D 633 -32.10 -68.92 -0.74
N HIS D 634 -32.31 -70.13 -1.25
CA HIS D 634 -33.58 -70.58 -1.81
C HIS D 634 -33.82 -72.04 -1.45
N TYR D 635 -35.03 -72.34 -0.97
CA TYR D 635 -35.39 -73.67 -0.49
C TYR D 635 -36.33 -74.34 -1.49
N GLU D 636 -35.82 -75.34 -2.21
CA GLU D 636 -36.62 -76.06 -3.20
C GLU D 636 -37.17 -77.35 -2.62
N GLY D 637 -38.03 -78.00 -3.41
CA GLY D 637 -38.94 -78.94 -2.78
C GLY D 637 -39.81 -78.17 -1.80
N HIS D 638 -40.20 -78.84 -0.73
CA HIS D 638 -41.03 -78.20 0.28
C HIS D 638 -40.21 -77.51 1.36
N GLY D 639 -39.02 -77.01 1.03
CA GLY D 639 -38.14 -76.46 2.05
C GLY D 639 -38.67 -75.17 2.64
N TRP D 640 -39.43 -74.41 1.86
CA TRP D 640 -39.90 -73.10 2.31
C TRP D 640 -41.00 -73.25 3.36
N ASP D 641 -42.02 -74.05 3.04
CA ASP D 641 -43.20 -74.14 3.89
C ASP D 641 -42.86 -74.67 5.27
N GLN D 642 -41.70 -75.32 5.41
CA GLN D 642 -41.19 -75.67 6.74
C GLN D 642 -41.03 -74.41 7.59
N LEU D 643 -40.21 -73.46 7.11
CA LEU D 643 -39.91 -72.29 7.92
C LEU D 643 -41.10 -71.34 8.02
N ILE D 644 -42.02 -71.37 7.05
CA ILE D 644 -43.21 -70.54 7.16
C ILE D 644 -44.15 -71.11 8.21
N THR D 645 -44.31 -72.45 8.24
CA THR D 645 -45.05 -73.05 9.34
C THR D 645 -44.25 -73.01 10.64
N GLN D 646 -42.96 -72.65 10.58
CA GLN D 646 -42.14 -72.37 11.76
C GLN D 646 -42.28 -70.92 12.24
N LEU D 647 -42.30 -69.96 11.30
CA LEU D 647 -42.55 -68.56 11.65
C LEU D 647 -43.94 -68.39 12.28
N ASN D 648 -44.93 -69.13 11.77
CA ASN D 648 -46.28 -69.02 12.31
C ASN D 648 -46.36 -69.64 13.70
N GLN D 649 -45.69 -70.77 13.91
CA GLN D 649 -45.74 -71.43 15.22
C GLN D 649 -45.07 -70.57 16.28
N ASN D 650 -43.74 -70.40 16.17
CA ASN D 650 -42.98 -69.65 17.17
C ASN D 650 -41.94 -68.84 16.42
N HIS D 651 -42.30 -67.60 16.07
CA HIS D 651 -41.38 -66.75 15.33
C HIS D 651 -40.12 -66.43 16.11
N THR D 652 -40.12 -66.64 17.43
CA THR D 652 -38.90 -66.42 18.20
C THR D 652 -37.82 -67.44 17.82
N LEU D 653 -38.21 -68.64 17.39
CA LEU D 653 -37.23 -69.68 17.14
C LEU D 653 -36.33 -69.35 15.97
N LEU D 654 -36.70 -68.36 15.18
CA LEU D 654 -35.83 -67.76 14.17
C LEU D 654 -35.38 -66.39 14.67
N ARG D 655 -34.07 -66.20 14.75
CA ARG D 655 -33.44 -65.01 15.30
C ARG D 655 -34.04 -63.78 14.66
N PRO D 656 -33.98 -62.62 15.31
CA PRO D 656 -34.54 -61.42 14.68
C PRO D 656 -33.89 -61.10 13.34
N LYS D 657 -32.55 -61.08 13.27
CA LYS D 657 -31.88 -60.76 12.01
C LYS D 657 -32.18 -61.81 10.93
N ASP D 658 -32.43 -63.05 11.34
CA ASP D 658 -32.77 -64.09 10.38
C ASP D 658 -34.14 -63.84 9.75
N ARG D 659 -35.12 -63.51 10.58
CA ARG D 659 -36.47 -63.28 10.08
C ARG D 659 -36.46 -62.23 8.97
N VAL D 660 -35.78 -61.09 9.21
CA VAL D 660 -35.77 -60.01 8.23
C VAL D 660 -35.16 -60.49 6.91
N GLY D 661 -34.05 -61.22 6.97
CA GLY D 661 -33.44 -61.70 5.75
C GLY D 661 -34.25 -62.77 5.06
N LEU D 662 -35.04 -63.52 5.82
CA LEU D 662 -35.95 -64.49 5.24
C LEU D 662 -37.07 -63.80 4.47
N ILE D 663 -37.72 -62.82 5.10
CA ILE D 663 -38.76 -62.03 4.43
C ILE D 663 -38.24 -61.51 3.11
N HIS D 664 -37.02 -60.97 3.13
CA HIS D 664 -36.41 -60.44 1.92
C HIS D 664 -36.27 -61.52 0.84
N ASP D 665 -35.74 -62.70 1.21
CA ASP D 665 -35.43 -63.71 0.20
C ASP D 665 -36.68 -64.32 -0.44
N VAL D 666 -37.82 -64.35 0.26
CA VAL D 666 -39.03 -64.94 -0.33
C VAL D 666 -39.58 -64.04 -1.44
N PHE D 667 -39.83 -62.77 -1.14
CA PHE D 667 -40.35 -61.84 -2.15
C PHE D 667 -39.37 -61.66 -3.31
N GLN D 668 -38.07 -61.65 -3.01
CA GLN D 668 -37.07 -61.66 -4.07
C GLN D 668 -37.32 -62.81 -5.05
N LEU D 669 -37.76 -63.96 -4.56
CA LEU D 669 -37.80 -65.14 -5.39
C LEU D 669 -39.07 -65.22 -6.23
N VAL D 670 -40.11 -64.48 -5.82
CA VAL D 670 -41.25 -64.25 -6.70
C VAL D 670 -40.86 -63.32 -7.85
N GLY D 671 -39.93 -62.37 -7.61
CA GLY D 671 -39.39 -61.57 -8.70
C GLY D 671 -38.52 -62.38 -9.63
N ALA D 672 -37.61 -63.18 -9.07
CA ALA D 672 -36.90 -64.20 -9.84
C ALA D 672 -37.86 -65.24 -10.39
N GLY D 673 -39.07 -65.33 -9.84
CA GLY D 673 -40.10 -66.20 -10.34
C GLY D 673 -40.08 -67.61 -9.80
N ARG D 674 -39.06 -68.00 -9.04
CA ARG D 674 -38.98 -69.38 -8.54
C ARG D 674 -40.00 -69.70 -7.46
N LEU D 675 -40.83 -68.74 -7.06
CA LEU D 675 -41.97 -68.96 -6.18
C LEU D 675 -43.16 -68.17 -6.69
N THR D 676 -44.35 -68.61 -6.31
CA THR D 676 -45.56 -67.85 -6.60
C THR D 676 -45.89 -66.92 -5.45
N LEU D 677 -46.50 -65.78 -5.79
CA LEU D 677 -46.73 -64.69 -4.84
C LEU D 677 -47.51 -65.16 -3.61
N ASP D 678 -48.47 -66.08 -3.76
CA ASP D 678 -49.24 -66.50 -2.60
C ASP D 678 -48.39 -67.14 -1.51
N LYS D 679 -47.18 -67.63 -1.85
CA LYS D 679 -46.26 -68.20 -0.87
C LYS D 679 -45.55 -67.13 -0.06
N ALA D 680 -45.18 -66.02 -0.69
CA ALA D 680 -44.68 -64.90 0.07
C ALA D 680 -45.76 -64.32 0.97
N LEU D 681 -46.91 -63.95 0.40
CA LEU D 681 -47.95 -63.29 1.18
C LEU D 681 -48.50 -64.19 2.27
N ASP D 682 -48.47 -65.51 2.07
CA ASP D 682 -48.82 -66.41 3.16
C ASP D 682 -47.87 -66.26 4.33
N MET D 683 -46.58 -65.96 4.06
CA MET D 683 -45.67 -65.71 5.17
C MET D 683 -46.01 -64.42 5.88
N THR D 684 -46.57 -63.44 5.17
CA THR D 684 -47.00 -62.16 5.75
C THR D 684 -48.00 -62.32 6.91
N TYR D 685 -48.72 -63.45 6.99
CA TYR D 685 -49.67 -63.67 8.09
C TYR D 685 -48.99 -63.62 9.46
N TYR D 686 -47.75 -64.10 9.57
CA TYR D 686 -47.10 -64.21 10.87
C TYR D 686 -46.74 -62.86 11.49
N LEU D 687 -46.49 -61.83 10.66
CA LEU D 687 -46.20 -60.49 11.17
C LEU D 687 -47.23 -59.98 12.18
N GLN D 688 -48.47 -60.49 12.13
CA GLN D 688 -49.48 -60.20 13.15
C GLN D 688 -48.95 -60.40 14.56
N HIS D 689 -48.01 -61.34 14.75
CA HIS D 689 -47.43 -61.62 16.06
C HIS D 689 -45.95 -61.24 16.13
N GLU D 690 -45.40 -60.58 15.11
CA GLU D 690 -43.98 -60.25 15.08
C GLU D 690 -43.65 -59.18 16.10
N THR D 691 -42.68 -59.47 16.98
CA THR D 691 -42.28 -58.50 17.99
C THR D 691 -41.21 -57.54 17.47
N SER D 692 -40.28 -58.05 16.66
CA SER D 692 -39.10 -57.29 16.24
C SER D 692 -39.50 -56.32 15.13
N SER D 693 -39.42 -55.03 15.42
CA SER D 693 -39.82 -54.03 14.43
C SER D 693 -39.15 -54.18 13.07
N PRO D 694 -37.82 -54.43 12.98
CA PRO D 694 -37.21 -54.63 11.65
C PRO D 694 -37.97 -55.58 10.75
N ALA D 695 -38.18 -56.81 11.23
CA ALA D 695 -38.85 -57.81 10.42
C ALA D 695 -40.24 -57.36 10.01
N LEU D 696 -41.02 -56.86 10.97
CA LEU D 696 -42.37 -56.38 10.65
C LEU D 696 -42.35 -55.25 9.63
N LEU D 697 -41.43 -54.29 9.76
CA LEU D 697 -41.35 -53.23 8.76
C LEU D 697 -40.89 -53.77 7.41
N GLU D 698 -39.76 -54.49 7.39
CA GLU D 698 -39.27 -55.11 6.16
C GLU D 698 -40.39 -55.82 5.43
N GLY D 699 -41.13 -56.66 6.14
CA GLY D 699 -42.33 -57.26 5.60
C GLY D 699 -43.32 -56.23 5.10
N LEU D 700 -43.74 -55.32 5.99
CA LEU D 700 -44.77 -54.36 5.60
C LEU D 700 -44.33 -53.53 4.42
N SER D 701 -43.04 -53.18 4.36
CA SER D 701 -42.51 -52.42 3.23
C SER D 701 -42.86 -53.07 1.90
N TYR D 702 -43.04 -54.38 1.89
CA TYR D 702 -43.44 -55.06 0.66
C TYR D 702 -44.92 -54.86 0.35
N LEU D 703 -45.79 -54.94 1.37
CA LEU D 703 -47.21 -54.71 1.12
C LEU D 703 -47.47 -53.29 0.64
N GLU D 704 -46.75 -52.30 1.22
CA GLU D 704 -46.88 -50.92 0.79
C GLU D 704 -46.30 -50.71 -0.61
N SER D 705 -45.26 -51.47 -0.96
CA SER D 705 -44.71 -51.37 -2.31
C SER D 705 -45.65 -51.98 -3.35
N PHE D 706 -46.52 -52.90 -2.94
CA PHE D 706 -47.51 -53.44 -3.88
C PHE D 706 -48.68 -52.47 -4.07
N TYR D 707 -49.20 -51.93 -2.95
CA TYR D 707 -50.27 -50.93 -3.05
C TYR D 707 -49.83 -49.75 -3.88
N HIS D 708 -48.60 -49.28 -3.67
CA HIS D 708 -48.14 -48.13 -4.41
C HIS D 708 -47.80 -48.50 -5.85
N MET D 709 -47.42 -49.76 -6.12
CA MET D 709 -47.27 -50.20 -7.50
C MET D 709 -48.62 -50.33 -8.19
N MET D 710 -49.57 -50.96 -7.52
CA MET D 710 -50.87 -51.21 -8.09
C MET D 710 -51.74 -49.97 -8.09
N ASP D 711 -51.45 -48.99 -7.25
CA ASP D 711 -52.10 -47.69 -7.36
C ASP D 711 -51.37 -46.77 -8.34
N ARG D 712 -50.13 -47.12 -8.74
CA ARG D 712 -49.46 -46.40 -9.82
C ARG D 712 -50.23 -46.53 -11.13
N ARG D 713 -50.89 -47.67 -11.33
CA ARG D 713 -51.84 -47.91 -12.41
C ARG D 713 -53.24 -47.96 -11.81
N ASN D 714 -54.24 -47.68 -12.62
CA ASN D 714 -55.58 -47.49 -12.05
C ASN D 714 -56.28 -48.80 -11.80
N ILE D 715 -55.57 -49.80 -11.26
CA ILE D 715 -56.13 -51.14 -11.04
C ILE D 715 -56.79 -51.19 -9.65
N SER D 716 -57.95 -50.55 -9.53
CA SER D 716 -58.58 -50.26 -8.25
C SER D 716 -59.20 -51.48 -7.55
N ASP D 717 -59.36 -52.62 -8.24
CA ASP D 717 -59.99 -53.78 -7.61
C ASP D 717 -59.09 -54.42 -6.56
N ILE D 718 -57.80 -54.56 -6.86
CA ILE D 718 -56.81 -55.06 -5.91
C ILE D 718 -56.34 -53.99 -4.91
N SER D 719 -56.36 -52.70 -5.32
CA SER D 719 -55.88 -51.61 -4.47
C SER D 719 -56.81 -51.29 -3.31
N GLU D 720 -58.13 -51.40 -3.50
CA GLU D 720 -59.08 -51.17 -2.42
C GLU D 720 -59.39 -52.44 -1.63
N ASN D 721 -58.72 -53.56 -1.96
CA ASN D 721 -58.69 -54.74 -1.08
C ASN D 721 -57.37 -54.88 -0.33
N LEU D 722 -56.25 -54.49 -0.93
CA LEU D 722 -54.98 -54.42 -0.19
C LEU D 722 -55.05 -53.41 0.94
N LYS D 723 -55.75 -52.28 0.70
CA LYS D 723 -55.91 -51.27 1.73
C LYS D 723 -56.68 -51.82 2.92
N ARG D 724 -57.85 -52.44 2.67
CA ARG D 724 -58.63 -52.98 3.78
CA ARG D 724 -58.65 -53.00 3.77
C ARG D 724 -57.93 -54.19 4.40
N TYR D 725 -57.15 -54.94 3.63
CA TYR D 725 -56.38 -56.01 4.25
C TYR D 725 -55.38 -55.45 5.24
N LEU D 726 -54.76 -54.33 4.89
CA LEU D 726 -53.74 -53.71 5.74
C LEU D 726 -54.34 -52.93 6.90
N LEU D 727 -55.61 -52.58 6.86
CA LEU D 727 -56.21 -51.79 7.94
C LEU D 727 -56.97 -52.64 8.96
N GLN D 728 -57.44 -53.84 8.58
CA GLN D 728 -57.97 -54.78 9.55
C GLN D 728 -56.92 -55.77 10.04
N TYR D 729 -56.02 -56.22 9.16
CA TYR D 729 -54.76 -56.75 9.66
C TYR D 729 -53.93 -55.57 10.14
N PHE D 730 -53.11 -55.80 11.17
CA PHE D 730 -52.32 -54.74 11.82
C PHE D 730 -53.18 -53.65 12.42
N LYS D 731 -54.48 -53.88 12.63
CA LYS D 731 -55.22 -52.83 13.33
C LYS D 731 -54.82 -52.76 14.81
N PRO D 732 -54.40 -53.86 15.46
CA PRO D 732 -53.85 -53.66 16.81
C PRO D 732 -52.61 -52.78 16.82
N VAL D 733 -51.59 -53.12 16.05
CA VAL D 733 -50.35 -52.32 16.10
C VAL D 733 -50.48 -50.96 15.45
N ILE D 734 -51.48 -50.74 14.57
CA ILE D 734 -51.67 -49.40 14.02
C ILE D 734 -52.39 -48.50 15.04
N ASP D 735 -53.22 -49.07 15.90
CA ASP D 735 -53.90 -48.28 16.92
C ASP D 735 -53.09 -48.11 18.20
N ARG D 736 -51.94 -48.76 18.32
CA ARG D 736 -51.09 -48.64 19.50
C ARG D 736 -50.08 -47.50 19.39
N GLN D 737 -50.22 -46.62 18.41
CA GLN D 737 -49.18 -45.63 18.16
C GLN D 737 -49.42 -44.33 18.93
N SER D 738 -48.34 -43.59 19.16
CA SER D 738 -48.43 -42.49 20.12
C SER D 738 -49.17 -41.31 19.51
N TRP D 739 -48.66 -40.80 18.39
CA TRP D 739 -48.89 -39.46 17.81
C TRP D 739 -48.05 -38.38 18.50
N SER D 740 -47.13 -38.76 19.38
CA SER D 740 -46.09 -37.90 19.94
C SER D 740 -44.76 -38.43 19.45
N ASP D 741 -43.67 -37.92 20.02
CA ASP D 741 -42.34 -38.31 19.61
C ASP D 741 -41.65 -39.19 20.67
N LYS D 742 -42.45 -39.91 21.47
CA LYS D 742 -41.96 -40.57 22.68
C LYS D 742 -41.62 -42.04 22.40
N GLY D 743 -40.40 -42.43 22.72
CA GLY D 743 -39.99 -43.82 22.71
C GLY D 743 -38.62 -43.99 22.08
N SER D 744 -38.25 -45.25 21.91
CA SER D 744 -36.94 -45.62 21.39
C SER D 744 -36.80 -45.22 19.92
N VAL D 745 -35.60 -45.44 19.39
CA VAL D 745 -35.32 -45.03 18.02
C VAL D 745 -36.23 -45.78 17.06
N TRP D 746 -36.32 -47.10 17.22
CA TRP D 746 -37.18 -47.89 16.35
C TRP D 746 -38.64 -47.82 16.78
N ASP D 747 -38.90 -47.57 18.06
CA ASP D 747 -40.26 -47.26 18.49
C ASP D 747 -40.80 -46.05 17.75
N ARG D 748 -39.98 -45.01 17.65
CA ARG D 748 -40.36 -43.81 16.91
C ARG D 748 -40.46 -44.08 15.40
N MET D 749 -39.47 -44.79 14.80
CA MET D 749 -39.49 -45.05 13.36
C MET D 749 -40.69 -45.92 12.96
N LEU D 750 -41.05 -46.88 13.79
CA LEU D 750 -42.24 -47.65 13.53
C LEU D 750 -43.48 -46.77 13.54
N ARG D 751 -43.52 -45.80 14.44
CA ARG D 751 -44.71 -44.96 14.59
C ARG D 751 -44.98 -44.16 13.32
N SER D 752 -43.95 -43.52 12.76
CA SER D 752 -44.09 -42.72 11.56
C SER D 752 -44.38 -43.58 10.33
N ALA D 753 -43.69 -44.73 10.24
CA ALA D 753 -43.95 -45.68 9.16
C ALA D 753 -45.41 -46.11 9.15
N LEU D 754 -45.89 -46.57 10.31
CA LEU D 754 -47.26 -47.07 10.39
C LEU D 754 -48.26 -45.94 10.19
N LEU D 755 -48.06 -44.82 10.87
CA LEU D 755 -49.03 -43.73 10.75
C LEU D 755 -49.01 -43.12 9.36
N LYS D 756 -47.90 -43.29 8.63
CA LYS D 756 -47.89 -42.90 7.22
C LYS D 756 -48.69 -43.91 6.39
N LEU D 757 -48.37 -45.20 6.51
CA LEU D 757 -49.18 -46.23 5.88
C LEU D 757 -50.67 -46.00 6.11
N ALA D 758 -51.08 -45.95 7.37
CA ALA D 758 -52.50 -45.89 7.70
C ALA D 758 -53.16 -44.66 7.09
N CYS D 759 -52.44 -43.54 7.04
CA CYS D 759 -53.01 -42.33 6.49
C CYS D 759 -52.80 -42.21 4.98
N ASP D 760 -51.91 -43.02 4.40
CA ASP D 760 -51.78 -43.07 2.95
C ASP D 760 -52.84 -43.97 2.32
N LEU D 761 -53.44 -44.87 3.10
CA LEU D 761 -54.56 -45.65 2.64
C LEU D 761 -55.89 -45.00 3.00
N ASN D 762 -55.86 -43.72 3.41
CA ASN D 762 -57.06 -42.92 3.59
C ASN D 762 -57.96 -43.50 4.70
N HIS D 763 -57.42 -43.51 5.91
CA HIS D 763 -58.09 -43.99 7.11
C HIS D 763 -58.60 -42.79 7.89
N ALA D 764 -59.90 -42.55 7.81
CA ALA D 764 -60.51 -41.35 8.35
C ALA D 764 -60.07 -40.97 9.77
N PRO D 765 -59.92 -41.91 10.73
CA PRO D 765 -59.50 -41.48 12.10
C PRO D 765 -58.11 -40.86 12.14
N CYS D 766 -57.09 -41.56 11.63
CA CYS D 766 -55.78 -40.96 11.67
CA CYS D 766 -55.74 -41.02 11.54
C CYS D 766 -55.71 -39.70 10.80
N ILE D 767 -56.56 -39.58 9.78
CA ILE D 767 -56.52 -38.40 8.91
C ILE D 767 -57.08 -37.20 9.65
N GLN D 768 -58.32 -37.29 10.15
CA GLN D 768 -58.87 -36.14 10.85
C GLN D 768 -58.11 -35.85 12.16
N LYS D 769 -57.47 -36.87 12.77
CA LYS D 769 -56.52 -36.58 13.85
C LYS D 769 -55.39 -35.69 13.36
N ALA D 770 -54.87 -35.95 12.16
CA ALA D 770 -53.77 -35.19 11.59
C ALA D 770 -54.22 -33.82 11.07
N ALA D 771 -55.47 -33.71 10.61
CA ALA D 771 -56.01 -32.40 10.25
C ALA D 771 -56.23 -31.55 11.50
N GLU D 772 -56.70 -32.18 12.58
CA GLU D 772 -56.80 -31.51 13.87
C GLU D 772 -55.48 -30.89 14.29
N LEU D 773 -54.37 -31.61 14.09
CA LEU D 773 -53.07 -31.08 14.48
C LEU D 773 -52.62 -29.96 13.56
N PHE D 774 -52.86 -30.09 12.24
CA PHE D 774 -52.31 -29.12 11.29
C PHE D 774 -53.01 -27.77 11.39
N SER D 775 -54.32 -27.78 11.56
CA SER D 775 -55.01 -26.52 11.73
C SER D 775 -54.66 -25.88 13.06
N GLN D 776 -54.56 -26.68 14.13
CA GLN D 776 -54.14 -26.17 15.42
C GLN D 776 -52.80 -25.45 15.30
N TRP D 777 -51.84 -26.09 14.64
CA TRP D 777 -50.58 -25.46 14.30
C TRP D 777 -50.81 -24.18 13.52
N MET D 778 -51.73 -24.22 12.56
CA MET D 778 -51.91 -23.09 11.66
C MET D 778 -52.70 -21.98 12.31
N GLU D 779 -53.71 -22.32 13.11
CA GLU D 779 -54.47 -21.31 13.84
C GLU D 779 -53.60 -20.56 14.83
N SER D 780 -52.46 -21.14 15.21
CA SER D 780 -51.47 -20.48 16.05
C SER D 780 -50.40 -19.76 15.23
N SER D 781 -50.49 -19.83 13.90
CA SER D 781 -49.54 -19.24 12.96
C SER D 781 -48.19 -19.93 12.98
N GLY D 782 -48.13 -21.16 13.50
CA GLY D 782 -46.90 -21.93 13.50
C GLY D 782 -46.08 -21.86 14.78
N LYS D 783 -46.55 -21.14 15.79
CA LYS D 783 -45.84 -21.11 17.06
C LYS D 783 -46.05 -22.39 17.84
N LEU D 784 -47.24 -22.99 17.77
CA LEU D 784 -47.39 -24.37 18.18
C LEU D 784 -46.37 -25.21 17.42
N ASN D 785 -45.93 -26.31 18.01
CA ASN D 785 -45.17 -27.27 17.20
C ASN D 785 -45.50 -28.68 17.62
N ILE D 786 -45.95 -29.45 16.63
CA ILE D 786 -46.42 -30.82 16.70
C ILE D 786 -45.24 -31.78 16.82
N PRO D 787 -45.45 -33.00 17.33
CA PRO D 787 -44.32 -33.89 17.59
C PRO D 787 -43.56 -34.20 16.32
N THR D 788 -42.26 -34.40 16.49
CA THR D 788 -41.39 -34.35 15.33
C THR D 788 -41.61 -35.54 14.42
N ASP D 789 -41.94 -36.71 14.98
CA ASP D 789 -42.16 -37.90 14.16
C ASP D 789 -43.42 -37.76 13.31
N VAL D 790 -44.44 -37.12 13.86
CA VAL D 790 -45.68 -36.93 13.14
C VAL D 790 -45.57 -35.85 12.06
N LEU D 791 -44.44 -35.12 12.03
CA LEU D 791 -44.39 -33.84 11.34
C LEU D 791 -44.58 -34.02 9.84
N LYS D 792 -43.83 -34.93 9.22
CA LYS D 792 -43.95 -35.08 7.77
C LYS D 792 -45.34 -35.60 7.41
N ILE D 793 -45.97 -36.39 8.29
CA ILE D 793 -47.32 -36.86 8.03
C ILE D 793 -48.30 -35.68 8.02
N VAL D 794 -48.20 -34.80 9.02
CA VAL D 794 -49.23 -33.77 9.18
C VAL D 794 -49.15 -32.74 8.05
N TYR D 795 -47.95 -32.32 7.65
CA TYR D 795 -47.88 -31.31 6.61
C TYR D 795 -48.44 -31.85 5.29
N SER D 796 -48.38 -33.18 5.09
CA SER D 796 -48.95 -33.76 3.89
C SER D 796 -50.47 -33.61 3.87
N VAL D 797 -51.12 -33.78 5.02
CA VAL D 797 -52.57 -33.60 5.07
C VAL D 797 -52.92 -32.13 4.95
N GLY D 798 -52.10 -31.26 5.55
CA GLY D 798 -52.36 -29.83 5.46
C GLY D 798 -52.47 -29.34 4.04
N ALA D 799 -51.53 -29.74 3.18
CA ALA D 799 -51.45 -29.27 1.81
C ALA D 799 -52.44 -29.92 0.86
N GLN D 800 -53.22 -30.90 1.34
CA GLN D 800 -54.23 -31.52 0.49
C GLN D 800 -55.32 -30.53 0.09
N THR D 801 -55.60 -29.55 0.95
CA THR D 801 -56.41 -28.38 0.58
C THR D 801 -55.47 -27.26 0.17
N THR D 802 -55.91 -26.43 -0.79
CA THR D 802 -55.03 -25.37 -1.28
C THR D 802 -54.88 -24.24 -0.28
N ALA D 803 -55.70 -24.23 0.77
CA ALA D 803 -55.51 -23.31 1.87
C ALA D 803 -54.21 -23.61 2.60
N GLY D 804 -54.01 -24.86 3.00
CA GLY D 804 -52.80 -25.24 3.70
C GLY D 804 -51.59 -25.30 2.79
N TRP D 805 -51.78 -25.75 1.54
CA TRP D 805 -50.68 -25.82 0.59
C TRP D 805 -50.03 -24.46 0.41
N ASN D 806 -50.84 -23.44 0.11
CA ASN D 806 -50.31 -22.10 -0.06
C ASN D 806 -49.73 -21.55 1.24
N TYR D 807 -50.25 -21.98 2.40
CA TYR D 807 -49.63 -21.60 3.67
C TYR D 807 -48.26 -22.25 3.82
N LEU D 808 -48.20 -23.58 3.62
CA LEU D 808 -46.94 -24.31 3.79
C LEU D 808 -45.84 -23.79 2.88
N LEU D 809 -46.20 -23.41 1.63
CA LEU D 809 -45.20 -22.83 0.74
C LEU D 809 -44.77 -21.45 1.20
N GLU D 810 -45.63 -20.74 1.93
CA GLU D 810 -45.15 -19.56 2.65
C GLU D 810 -44.17 -19.96 3.76
N GLN D 811 -44.55 -20.95 4.59
CA GLN D 811 -43.72 -21.34 5.73
C GLN D 811 -42.38 -21.94 5.31
N TYR D 812 -42.33 -22.65 4.18
CA TYR D 812 -41.07 -23.23 3.73
C TYR D 812 -39.99 -22.16 3.64
N GLU D 813 -40.21 -21.17 2.78
CA GLU D 813 -39.22 -20.14 2.53
C GLU D 813 -38.97 -19.24 3.73
N LEU D 814 -39.67 -19.46 4.85
CA LEU D 814 -39.48 -18.66 6.07
C LEU D 814 -38.97 -19.45 7.26
N SER D 815 -38.92 -20.78 7.19
CA SER D 815 -38.47 -21.59 8.32
C SER D 815 -36.98 -21.82 8.28
N MET D 816 -36.38 -21.86 9.47
CA MET D 816 -34.94 -21.84 9.63
C MET D 816 -34.33 -23.21 9.85
N SER D 817 -35.14 -24.27 9.89
CA SER D 817 -34.65 -25.65 9.99
C SER D 817 -34.80 -26.31 8.63
N SER D 818 -33.68 -26.51 7.94
CA SER D 818 -33.71 -27.19 6.65
C SER D 818 -34.29 -28.60 6.75
N ALA D 819 -34.41 -29.17 7.94
CA ALA D 819 -35.16 -30.41 8.13
C ALA D 819 -36.64 -30.18 7.85
N GLU D 820 -37.25 -29.28 8.61
CA GLU D 820 -38.64 -28.95 8.41
C GLU D 820 -38.88 -28.47 6.98
N GLN D 821 -38.00 -27.60 6.45
CA GLN D 821 -38.06 -27.22 5.04
C GLN D 821 -38.20 -28.44 4.15
N ASN D 822 -37.29 -29.42 4.31
CA ASN D 822 -37.27 -30.56 3.41
C ASN D 822 -38.49 -31.44 3.60
N LYS D 823 -39.04 -31.53 4.81
CA LYS D 823 -40.31 -32.21 5.02
C LYS D 823 -41.46 -31.43 4.37
N ILE D 824 -41.56 -30.12 4.63
CA ILE D 824 -42.52 -29.28 3.92
C ILE D 824 -42.46 -29.52 2.41
N LEU D 825 -41.25 -29.46 1.82
CA LEU D 825 -41.13 -29.70 0.39
C LEU D 825 -41.86 -30.97 0.02
N TYR D 826 -41.49 -32.09 0.65
CA TYR D 826 -42.24 -33.34 0.52
C TYR D 826 -43.74 -33.10 0.57
N ALA D 827 -44.23 -32.61 1.71
CA ALA D 827 -45.66 -32.41 1.91
C ALA D 827 -46.28 -31.53 0.83
N LEU D 828 -45.53 -30.55 0.32
CA LEU D 828 -46.03 -29.80 -0.83
C LEU D 828 -46.15 -30.69 -2.06
N SER D 829 -45.16 -31.57 -2.26
CA SER D 829 -45.13 -32.44 -3.42
C SER D 829 -46.33 -33.38 -3.50
N THR D 830 -46.97 -33.70 -2.37
CA THR D 830 -48.07 -34.64 -2.41
C THR D 830 -49.39 -34.04 -2.85
N SER D 831 -49.40 -32.78 -3.28
CA SER D 831 -50.65 -32.15 -3.67
C SER D 831 -51.27 -32.89 -4.85
N LYS D 832 -52.60 -32.87 -4.91
CA LYS D 832 -53.30 -33.51 -6.01
C LYS D 832 -53.84 -32.51 -7.00
N HIS D 833 -53.35 -31.28 -6.96
CA HIS D 833 -53.53 -30.33 -8.04
C HIS D 833 -52.37 -30.48 -9.00
N GLN D 834 -52.66 -30.67 -10.28
CA GLN D 834 -51.59 -30.78 -11.26
C GLN D 834 -50.79 -29.48 -11.36
N GLU D 835 -51.49 -28.33 -11.26
CA GLU D 835 -50.89 -27.01 -11.41
C GLU D 835 -50.26 -26.48 -10.12
N LYS D 836 -50.62 -27.07 -8.96
CA LYS D 836 -49.82 -26.83 -7.76
C LYS D 836 -48.52 -27.62 -7.82
N LEU D 837 -48.52 -28.78 -8.46
CA LEU D 837 -47.32 -29.61 -8.55
C LEU D 837 -46.26 -28.97 -9.43
N LEU D 838 -46.67 -28.50 -10.62
CA LEU D 838 -45.71 -27.96 -11.58
C LEU D 838 -45.06 -26.69 -11.06
N LYS D 839 -45.83 -25.81 -10.41
CA LYS D 839 -45.25 -24.64 -9.79
C LYS D 839 -44.04 -25.03 -8.95
N LEU D 840 -44.20 -26.07 -8.11
CA LEU D 840 -43.09 -26.55 -7.28
C LEU D 840 -41.88 -26.91 -8.12
N ILE D 841 -42.10 -27.60 -9.24
CA ILE D 841 -40.98 -27.94 -10.12
C ILE D 841 -40.43 -26.68 -10.75
N GLU D 842 -41.32 -25.78 -11.21
CA GLU D 842 -40.88 -24.55 -11.85
C GLU D 842 -40.09 -23.67 -10.89
N LEU D 843 -40.47 -23.65 -9.61
CA LEU D 843 -39.69 -22.92 -8.61
C LEU D 843 -38.31 -23.56 -8.38
N GLY D 844 -38.22 -24.90 -8.47
CA GLY D 844 -36.93 -25.56 -8.35
C GLY D 844 -36.03 -25.29 -9.54
N MET D 845 -36.62 -24.99 -10.69
CA MET D 845 -35.81 -24.61 -11.85
C MET D 845 -35.09 -23.30 -11.61
N GLU D 846 -35.82 -22.25 -11.20
CA GLU D 846 -35.18 -20.97 -10.98
C GLU D 846 -34.25 -20.97 -9.76
N GLY D 847 -34.37 -21.96 -8.88
CA GLY D 847 -33.46 -22.16 -7.78
C GLY D 847 -33.51 -21.12 -6.66
N LYS D 848 -34.46 -20.18 -6.69
CA LYS D 848 -34.44 -19.13 -5.70
C LYS D 848 -35.31 -19.48 -4.48
N VAL D 849 -36.58 -19.81 -4.72
CA VAL D 849 -37.46 -20.17 -3.60
C VAL D 849 -37.19 -21.59 -3.14
N ILE D 850 -37.21 -22.54 -4.07
CA ILE D 850 -36.77 -23.91 -3.82
C ILE D 850 -35.40 -24.05 -4.47
N LYS D 851 -34.41 -24.54 -3.73
CA LYS D 851 -33.05 -24.56 -4.26
C LYS D 851 -32.91 -25.58 -5.38
N THR D 852 -31.95 -25.32 -6.29
CA THR D 852 -31.67 -26.27 -7.37
C THR D 852 -31.03 -27.55 -6.84
N GLN D 853 -30.29 -27.50 -5.74
CA GLN D 853 -29.77 -28.76 -5.20
C GLN D 853 -30.91 -29.76 -4.97
N ASN D 854 -32.09 -29.27 -4.58
CA ASN D 854 -33.21 -30.15 -4.26
C ASN D 854 -34.13 -30.44 -5.45
N LEU D 855 -33.88 -29.85 -6.62
CA LEU D 855 -34.74 -30.14 -7.77
C LEU D 855 -34.75 -31.63 -8.10
N ALA D 856 -33.62 -32.32 -7.94
CA ALA D 856 -33.58 -33.75 -8.20
C ALA D 856 -34.44 -34.50 -7.21
N ALA D 857 -34.25 -34.22 -5.92
CA ALA D 857 -35.08 -34.83 -4.90
C ALA D 857 -36.54 -34.49 -5.06
N LEU D 858 -36.86 -33.31 -5.60
CA LEU D 858 -38.25 -32.90 -5.73
C LEU D 858 -38.94 -33.67 -6.83
N LEU D 859 -38.34 -33.67 -8.02
CA LEU D 859 -38.91 -34.45 -9.12
C LEU D 859 -39.10 -35.88 -8.70
N HIS D 860 -38.18 -36.40 -7.89
CA HIS D 860 -38.28 -37.79 -7.48
C HIS D 860 -39.47 -38.00 -6.57
N ALA D 861 -39.76 -37.05 -5.70
CA ALA D 861 -40.91 -37.22 -4.82
C ALA D 861 -42.21 -36.98 -5.58
N ILE D 862 -42.20 -35.99 -6.48
CA ILE D 862 -43.38 -35.70 -7.27
C ILE D 862 -43.72 -36.87 -8.19
N ALA D 863 -42.71 -37.43 -8.87
CA ALA D 863 -42.93 -38.56 -9.76
C ALA D 863 -43.31 -39.85 -9.03
N ARG D 864 -43.27 -39.87 -7.69
CA ARG D 864 -43.58 -41.09 -6.96
C ARG D 864 -45.09 -41.30 -6.82
N ARG D 865 -45.84 -40.22 -6.56
CA ARG D 865 -47.29 -40.27 -6.40
C ARG D 865 -48.00 -40.26 -7.74
N PRO D 866 -49.26 -40.72 -7.80
CA PRO D 866 -49.87 -41.00 -9.11
C PRO D 866 -50.33 -39.76 -9.85
N LYS D 867 -50.78 -38.75 -9.09
CA LYS D 867 -51.24 -37.50 -9.69
C LYS D 867 -50.12 -36.74 -10.42
N GLY D 868 -48.86 -37.02 -10.06
CA GLY D 868 -47.75 -36.28 -10.65
C GLY D 868 -46.80 -37.08 -11.53
N GLN D 869 -46.95 -38.41 -11.57
CA GLN D 869 -45.93 -39.22 -12.22
C GLN D 869 -45.89 -39.00 -13.72
N GLN D 870 -47.04 -38.69 -14.34
CA GLN D 870 -47.01 -38.33 -15.75
C GLN D 870 -46.40 -36.95 -15.94
N LEU D 871 -46.85 -35.99 -15.11
CA LEU D 871 -46.33 -34.63 -15.17
C LEU D 871 -44.81 -34.62 -15.12
N ALA D 872 -44.24 -35.33 -14.14
CA ALA D 872 -42.80 -35.40 -14.00
C ALA D 872 -42.14 -36.00 -15.25
N TRP D 873 -42.67 -37.12 -15.73
CA TRP D 873 -42.03 -37.76 -16.86
C TRP D 873 -42.07 -36.88 -18.10
N ASP D 874 -43.20 -36.21 -18.35
CA ASP D 874 -43.26 -35.23 -19.43
C ASP D 874 -42.14 -34.22 -19.27
N PHE D 875 -42.05 -33.63 -18.08
CA PHE D 875 -41.18 -32.47 -17.88
C PHE D 875 -39.72 -32.77 -18.17
N VAL D 876 -39.21 -33.86 -17.58
CA VAL D 876 -37.84 -34.30 -17.88
C VAL D 876 -37.57 -34.22 -19.39
N ARG D 877 -38.32 -34.98 -20.20
CA ARG D 877 -38.02 -34.99 -21.62
C ARG D 877 -38.43 -33.71 -22.34
N GLU D 878 -39.13 -32.81 -21.67
CA GLU D 878 -39.44 -31.52 -22.28
C GLU D 878 -38.34 -30.50 -22.07
N ASN D 879 -37.71 -30.51 -20.89
CA ASN D 879 -36.68 -29.53 -20.53
C ASN D 879 -35.32 -30.20 -20.27
N TRP D 880 -35.01 -31.30 -20.98
CA TRP D 880 -33.77 -32.04 -20.68
C TRP D 880 -32.55 -31.16 -20.86
N THR D 881 -32.43 -30.53 -22.02
CA THR D 881 -31.24 -29.72 -22.26
C THR D 881 -31.18 -28.54 -21.28
N HIS D 882 -32.33 -27.93 -21.00
CA HIS D 882 -32.40 -26.89 -19.98
C HIS D 882 -31.95 -27.43 -18.62
N LEU D 883 -32.23 -28.73 -18.36
CA LEU D 883 -31.77 -29.37 -17.14
C LEU D 883 -30.31 -29.76 -17.24
N LEU D 884 -29.84 -30.15 -18.42
CA LEU D 884 -28.43 -30.47 -18.55
C LEU D 884 -27.52 -29.25 -18.35
N LYS D 885 -28.08 -28.04 -18.46
CA LYS D 885 -27.30 -26.86 -18.09
C LYS D 885 -27.21 -26.72 -16.58
N LYS D 886 -28.25 -27.14 -15.85
CA LYS D 886 -28.21 -27.05 -14.40
C LYS D 886 -27.35 -28.13 -13.79
N PHE D 887 -27.16 -29.24 -14.48
CA PHE D 887 -26.43 -30.35 -13.92
C PHE D 887 -25.54 -30.98 -14.98
N ASP D 888 -24.46 -31.59 -14.51
CA ASP D 888 -23.61 -32.34 -15.40
C ASP D 888 -24.12 -33.76 -15.56
N LEU D 889 -23.78 -34.37 -16.69
CA LEU D 889 -24.32 -35.67 -17.06
C LEU D 889 -24.05 -36.72 -15.99
N GLY D 890 -22.78 -36.96 -15.67
CA GLY D 890 -22.48 -37.96 -14.68
C GLY D 890 -22.76 -37.56 -13.25
N SER D 891 -23.42 -36.42 -13.04
CA SER D 891 -23.77 -35.97 -11.71
C SER D 891 -24.68 -36.98 -11.03
N TYR D 892 -24.76 -36.85 -9.70
CA TYR D 892 -25.79 -37.56 -8.97
C TYR D 892 -27.17 -37.05 -9.35
N ASP D 893 -27.34 -35.72 -9.44
CA ASP D 893 -28.66 -35.15 -9.63
C ASP D 893 -29.32 -35.62 -10.94
N ILE D 894 -28.64 -35.46 -12.08
CA ILE D 894 -29.15 -36.01 -13.32
C ILE D 894 -29.42 -37.50 -13.15
N ARG D 895 -28.45 -38.23 -12.61
CA ARG D 895 -28.66 -39.65 -12.39
C ARG D 895 -29.95 -39.91 -11.63
N MET D 896 -30.35 -39.01 -10.73
CA MET D 896 -31.58 -39.23 -9.98
C MET D 896 -32.81 -38.84 -10.77
N ILE D 897 -32.73 -37.75 -11.56
CA ILE D 897 -33.90 -37.24 -12.30
C ILE D 897 -34.34 -38.23 -13.37
N ILE D 898 -33.39 -38.82 -14.08
CA ILE D 898 -33.71 -39.93 -14.98
C ILE D 898 -34.40 -41.05 -14.20
N SER D 899 -33.70 -41.64 -13.23
CA SER D 899 -34.17 -42.86 -12.59
C SER D 899 -35.42 -42.62 -11.75
N GLY D 900 -35.53 -41.44 -11.15
CA GLY D 900 -36.65 -41.17 -10.27
C GLY D 900 -37.98 -41.01 -10.98
N THR D 901 -37.97 -40.51 -12.23
CA THR D 901 -39.15 -40.26 -13.02
C THR D 901 -39.48 -41.40 -13.98
N THR D 902 -38.68 -42.48 -14.01
CA THR D 902 -38.80 -43.54 -15.00
C THR D 902 -38.92 -44.96 -14.44
N ALA D 903 -38.01 -45.36 -13.55
CA ALA D 903 -37.87 -46.76 -13.14
C ALA D 903 -39.07 -47.29 -12.34
N HIS D 904 -40.00 -46.43 -11.93
CA HIS D 904 -41.26 -46.86 -11.31
C HIS D 904 -42.32 -47.19 -12.35
N PHE D 905 -42.01 -47.06 -13.65
CA PHE D 905 -42.94 -47.42 -14.71
C PHE D 905 -43.07 -48.93 -14.80
N SER D 906 -44.29 -49.40 -15.11
CA SER D 906 -44.53 -50.83 -15.15
C SER D 906 -45.46 -51.21 -16.31
N SER D 907 -45.38 -50.48 -17.42
CA SER D 907 -46.21 -50.71 -18.60
C SER D 907 -45.34 -50.98 -19.82
N LYS D 908 -45.80 -51.90 -20.69
CA LYS D 908 -45.09 -52.09 -21.94
C LYS D 908 -45.10 -50.80 -22.76
N ASP D 909 -46.18 -50.01 -22.67
CA ASP D 909 -46.30 -48.79 -23.45
C ASP D 909 -45.35 -47.69 -22.98
N LYS D 910 -45.16 -47.55 -21.66
CA LYS D 910 -44.19 -46.58 -21.14
C LYS D 910 -42.76 -47.03 -21.42
N LEU D 911 -42.50 -48.34 -21.40
CA LEU D 911 -41.14 -48.86 -21.63
C LEU D 911 -40.56 -48.37 -22.95
N GLN D 912 -41.40 -48.22 -23.98
CA GLN D 912 -40.95 -47.64 -25.24
C GLN D 912 -40.62 -46.16 -25.06
N GLU D 913 -41.55 -45.40 -24.47
CA GLU D 913 -41.37 -43.96 -24.31
C GLU D 913 -40.06 -43.62 -23.62
N VAL D 914 -39.52 -44.55 -22.83
CA VAL D 914 -38.28 -44.33 -22.12
C VAL D 914 -37.10 -44.84 -22.94
N LYS D 915 -37.25 -45.99 -23.60
CA LYS D 915 -36.23 -46.43 -24.55
C LYS D 915 -35.99 -45.36 -25.63
N LEU D 916 -37.05 -44.68 -26.05
CA LEU D 916 -36.98 -43.72 -27.14
C LEU D 916 -36.39 -42.40 -26.68
N PHE D 917 -36.66 -42.03 -25.43
CA PHE D 917 -35.96 -40.92 -24.79
C PHE D 917 -34.46 -41.22 -24.70
N PHE D 918 -34.11 -42.44 -24.29
CA PHE D 918 -32.71 -42.77 -24.09
C PHE D 918 -31.94 -42.95 -25.40
N GLU D 919 -32.63 -43.13 -26.53
CA GLU D 919 -31.94 -43.13 -27.81
C GLU D 919 -31.71 -41.71 -28.34
N SER D 920 -32.69 -40.81 -28.18
CA SER D 920 -32.46 -39.43 -28.59
C SER D 920 -31.33 -38.80 -27.78
N LEU D 921 -31.24 -39.16 -26.49
CA LEU D 921 -30.16 -38.65 -25.63
C LEU D 921 -28.80 -39.17 -26.09
N GLU D 922 -28.73 -40.44 -26.49
CA GLU D 922 -27.55 -40.90 -27.18
C GLU D 922 -27.48 -40.24 -28.56
N ALA D 923 -26.40 -40.51 -29.29
CA ALA D 923 -26.14 -39.81 -30.54
C ALA D 923 -25.94 -38.31 -30.32
N GLN D 924 -26.73 -37.69 -29.42
CA GLN D 924 -26.38 -36.36 -28.91
C GLN D 924 -25.00 -36.36 -28.24
N GLY D 925 -24.63 -37.46 -27.58
CA GLY D 925 -23.34 -37.56 -26.92
C GLY D 925 -23.46 -37.75 -25.41
N SER D 926 -24.63 -38.21 -24.98
CA SER D 926 -24.93 -38.39 -23.56
C SER D 926 -25.10 -39.89 -23.33
N HIS D 927 -24.10 -40.55 -22.74
CA HIS D 927 -24.19 -41.99 -22.48
C HIS D 927 -23.92 -42.30 -21.02
N LEU D 928 -24.93 -42.83 -20.34
CA LEU D 928 -24.84 -43.24 -18.95
C LEU D 928 -25.30 -44.69 -18.80
N ASP D 929 -24.65 -45.44 -17.91
CA ASP D 929 -25.08 -46.81 -17.69
C ASP D 929 -26.45 -46.88 -17.06
N ILE D 930 -26.86 -45.82 -16.35
CA ILE D 930 -28.17 -45.75 -15.73
C ILE D 930 -29.31 -45.95 -16.73
N PHE D 931 -29.05 -45.71 -18.02
CA PHE D 931 -30.09 -45.86 -19.05
C PHE D 931 -30.61 -47.30 -19.10
N GLN D 932 -29.70 -48.27 -19.11
CA GLN D 932 -30.14 -49.66 -19.23
C GLN D 932 -30.75 -50.18 -17.93
N THR D 933 -30.13 -49.83 -16.79
CA THR D 933 -30.71 -50.16 -15.49
C THR D 933 -32.16 -49.71 -15.42
N VAL D 934 -32.44 -48.49 -15.89
CA VAL D 934 -33.80 -47.97 -15.84
C VAL D 934 -34.75 -48.85 -16.66
N LEU D 935 -34.34 -49.23 -17.87
CA LEU D 935 -35.21 -50.08 -18.68
C LEU D 935 -35.30 -51.51 -18.11
N GLU D 936 -34.17 -52.12 -17.76
CA GLU D 936 -34.18 -53.45 -17.14
C GLU D 936 -35.11 -53.51 -15.93
N THR D 937 -35.20 -52.41 -15.17
CA THR D 937 -36.11 -52.33 -14.04
C THR D 937 -37.55 -52.29 -14.51
N ILE D 938 -37.83 -51.54 -15.57
CA ILE D 938 -39.18 -51.45 -16.11
C ILE D 938 -39.57 -52.76 -16.80
N THR D 939 -38.63 -53.39 -17.54
CA THR D 939 -38.93 -54.72 -18.05
C THR D 939 -39.03 -55.74 -16.92
N LYS D 940 -38.34 -55.51 -15.80
CA LYS D 940 -38.60 -56.32 -14.60
C LYS D 940 -39.95 -55.98 -13.98
N ASN D 941 -40.34 -54.69 -14.01
CA ASN D 941 -41.64 -54.29 -13.47
C ASN D 941 -42.79 -54.86 -14.31
N ILE D 942 -42.66 -54.83 -15.64
CA ILE D 942 -43.63 -55.50 -16.51
C ILE D 942 -43.62 -57.02 -16.28
N LYS D 943 -42.42 -57.63 -16.24
CA LYS D 943 -42.34 -59.09 -16.14
C LYS D 943 -42.84 -59.60 -14.80
N TRP D 944 -42.55 -58.89 -13.70
CA TRP D 944 -43.12 -59.31 -12.42
C TRP D 944 -44.64 -59.19 -12.45
N LEU D 945 -45.14 -58.04 -12.90
CA LEU D 945 -46.58 -57.76 -12.87
C LEU D 945 -47.34 -58.63 -13.87
N GLU D 946 -46.71 -59.01 -14.98
CA GLU D 946 -47.41 -59.89 -15.91
C GLU D 946 -47.60 -61.29 -15.32
N LYS D 947 -46.71 -61.71 -14.39
CA LYS D 947 -46.70 -63.09 -13.94
C LYS D 947 -47.53 -63.32 -12.67
N ASN D 948 -47.55 -62.35 -11.78
CA ASN D 948 -48.03 -62.58 -10.42
C ASN D 948 -49.26 -61.77 -10.03
N LEU D 949 -49.69 -60.81 -10.86
CA LEU D 949 -50.87 -60.03 -10.50
C LEU D 949 -52.13 -60.89 -10.48
N PRO D 950 -52.39 -61.76 -11.47
CA PRO D 950 -53.46 -62.74 -11.28
C PRO D 950 -53.39 -63.48 -9.95
N THR D 951 -52.16 -63.78 -9.47
CA THR D 951 -51.96 -64.44 -8.18
C THR D 951 -52.21 -63.53 -6.99
N LEU D 952 -52.13 -62.20 -7.18
CA LEU D 952 -52.34 -61.26 -6.07
C LEU D 952 -53.82 -61.01 -5.80
N ARG D 953 -54.62 -60.77 -6.85
CA ARG D 953 -56.07 -60.64 -6.67
C ARG D 953 -56.65 -61.95 -6.11
N THR D 954 -56.25 -63.10 -6.67
CA THR D 954 -56.56 -64.41 -6.11
C THR D 954 -56.41 -64.47 -4.59
N TRP D 955 -55.22 -64.07 -4.10
CA TRP D 955 -54.87 -64.24 -2.69
C TRP D 955 -55.65 -63.29 -1.78
N LEU D 956 -55.78 -62.03 -2.19
CA LEU D 956 -56.44 -61.03 -1.34
C LEU D 956 -57.90 -61.37 -1.10
N MET D 957 -58.55 -62.00 -2.09
CA MET D 957 -59.95 -62.38 -1.99
C MET D 957 -60.15 -63.65 -1.17
N VAL D 958 -59.14 -64.51 -1.12
CA VAL D 958 -59.14 -65.57 -0.13
C VAL D 958 -59.24 -64.97 1.27
N ASN D 959 -58.37 -64.00 1.58
CA ASN D 959 -58.36 -63.41 2.92
C ASN D 959 -59.64 -62.66 3.24
N THR D 960 -60.33 -62.14 2.22
CA THR D 960 -61.56 -61.40 2.46
C THR D 960 -62.65 -62.30 3.04
N ARG D 961 -63.04 -63.33 2.30
CA ARG D 961 -64.09 -64.22 2.79
C ARG D 961 -63.61 -65.09 3.96
N HIS D 962 -62.30 -65.25 4.14
CA HIS D 962 -61.77 -66.02 5.27
C HIS D 962 -61.72 -65.20 6.55
#